data_2KLH
#
_entry.id   2KLH
#
loop_
_entity.id
_entity.type
_entity.pdbx_description
1 polymer 'c-Myc-responsive protein Rcl'
2 non-polymer "GUANOSINE-5'-MONOPHOSPHATE"
#
_entity_poly.entity_id   1
_entity_poly.type   'polypeptide(L)'
_entity_poly.pdbx_seq_one_letter_code
;MRRSVYFCGSIRGGREDQALYARIVSRLRRYGKVLTEHVADAELEPLGEEAAGGDQFIHEQALNWLQQADVVVAEVTQPS
LGVGYELGRAVALGKPILCLFRPQSGRVLSAMIRGAADGSRFQVWDYAEGEVETMLDRYFEAYLVEHHHHHH
;
_entity_poly.pdbx_strand_id   A,B
#
# COMPACT_ATOMS: atom_id res chain seq x y z
N MET A 1 -7.82 -26.75 1.09
CA MET A 1 -8.77 -27.38 2.04
C MET A 1 -9.64 -26.33 2.74
N ARG A 2 -8.98 -25.28 3.24
CA ARG A 2 -9.69 -24.19 3.93
C ARG A 2 -9.40 -22.85 3.27
N ARG A 3 -10.46 -22.15 2.87
CA ARG A 3 -10.32 -20.84 2.23
C ARG A 3 -10.49 -19.71 3.25
N SER A 4 -9.63 -18.70 3.15
CA SER A 4 -9.68 -17.56 4.06
C SER A 4 -9.69 -16.25 3.30
N VAL A 5 -10.74 -15.45 3.51
CA VAL A 5 -10.85 -14.15 2.84
C VAL A 5 -10.64 -13.01 3.84
N TYR A 6 -9.69 -12.13 3.54
CA TYR A 6 -9.39 -10.99 4.40
C TYR A 6 -10.02 -9.72 3.82
N PHE A 7 -10.83 -9.05 4.64
CA PHE A 7 -11.50 -7.82 4.22
C PHE A 7 -10.65 -6.58 4.53
N CYS A 8 -10.53 -5.68 3.57
CA CYS A 8 -9.74 -4.45 3.74
C CYS A 8 -10.63 -3.21 3.64
N GLY A 9 -10.81 -2.54 4.78
CA GLY A 9 -11.63 -1.33 4.82
C GLY A 9 -11.07 -0.29 5.76
N SER A 10 -10.98 0.95 5.29
CA SER A 10 -10.46 2.06 6.09
C SER A 10 -11.45 2.42 7.19
N ILE A 11 -11.01 2.30 8.45
CA ILE A 11 -11.83 2.61 9.57
C ILE A 11 -11.45 3.96 10.19
N ARG A 12 -10.15 4.22 10.28
CA ARG A 12 -9.63 5.46 10.84
C ARG A 12 -10.26 5.76 12.20
N GLY A 13 -10.47 4.70 12.99
CA GLY A 13 -11.08 4.85 14.30
C GLY A 13 -12.54 5.29 14.21
N GLY A 14 -13.19 5.01 13.08
CA GLY A 14 -14.58 5.41 12.91
C GLY A 14 -15.56 4.32 13.28
N ARG A 15 -16.80 4.72 13.58
CA ARG A 15 -17.85 3.78 13.95
C ARG A 15 -18.81 3.52 12.77
N GLU A 16 -18.38 3.91 11.56
CA GLU A 16 -19.19 3.71 10.36
C GLU A 16 -18.71 2.51 9.56
N ASP A 17 -17.56 1.96 9.96
CA ASP A 17 -16.97 0.81 9.30
C ASP A 17 -17.31 -0.48 10.05
N GLN A 18 -17.53 -0.37 11.36
CA GLN A 18 -17.86 -1.52 12.19
C GLN A 18 -19.14 -2.20 11.71
N ALA A 19 -20.16 -1.39 11.40
CA ALA A 19 -21.44 -1.91 10.91
C ALA A 19 -21.23 -2.71 9.61
N LEU A 20 -20.41 -2.17 8.72
CA LEU A 20 -20.11 -2.83 7.45
C LEU A 20 -19.25 -4.08 7.69
N TYR A 21 -18.34 -3.99 8.66
CA TYR A 21 -17.45 -5.09 9.00
C TYR A 21 -18.23 -6.28 9.59
N ALA A 22 -19.23 -5.99 10.41
CA ALA A 22 -20.03 -7.06 11.02
C ALA A 22 -20.84 -7.81 9.96
N ARG A 23 -21.38 -7.07 8.99
CA ARG A 23 -22.18 -7.67 7.93
C ARG A 23 -21.31 -8.39 6.91
N ILE A 24 -20.10 -7.87 6.64
CA ILE A 24 -19.19 -8.49 5.69
C ILE A 24 -18.51 -9.72 6.30
N VAL A 25 -18.31 -9.69 7.62
CA VAL A 25 -17.67 -10.79 8.33
C VAL A 25 -18.54 -12.05 8.27
N SER A 26 -19.86 -11.89 8.43
CA SER A 26 -20.78 -12.99 8.39
C SER A 26 -20.84 -13.61 6.99
N ARG A 27 -20.79 -12.77 5.96
CA ARG A 27 -20.84 -13.23 4.58
C ARG A 27 -19.55 -13.95 4.19
N LEU A 28 -18.42 -13.45 4.67
CA LEU A 28 -17.11 -14.03 4.37
C LEU A 28 -16.91 -15.35 5.12
N ARG A 29 -17.42 -15.41 6.35
CA ARG A 29 -17.30 -16.61 7.17
C ARG A 29 -18.18 -17.73 6.62
N ARG A 30 -19.32 -17.35 6.02
CA ARG A 30 -20.25 -18.31 5.45
C ARG A 30 -19.59 -19.15 4.35
N TYR A 31 -18.72 -18.51 3.56
CA TYR A 31 -18.03 -19.20 2.48
C TYR A 31 -16.93 -20.12 3.02
N GLY A 32 -16.00 -19.55 3.77
CA GLY A 32 -14.92 -20.34 4.35
C GLY A 32 -14.44 -19.78 5.67
N LYS A 33 -13.57 -18.77 5.61
CA LYS A 33 -13.04 -18.15 6.80
C LYS A 33 -12.84 -16.65 6.58
N VAL A 34 -13.18 -15.85 7.59
CA VAL A 34 -13.05 -14.40 7.50
C VAL A 34 -12.08 -13.88 8.56
N LEU A 35 -11.25 -12.89 8.20
CA LEU A 35 -10.31 -12.33 9.13
C LEU A 35 -10.85 -11.00 9.67
N THR A 36 -10.07 -9.91 9.53
CA THR A 36 -10.44 -8.58 9.98
C THR A 36 -11.46 -8.62 11.12
N GLU A 37 -11.12 -9.38 12.14
CA GLU A 37 -11.98 -9.54 13.32
C GLU A 37 -11.69 -8.48 14.37
N HIS A 38 -10.45 -7.95 14.36
CA HIS A 38 -10.04 -6.91 15.29
C HIS A 38 -10.98 -5.71 15.27
N VAL A 39 -11.54 -5.42 14.08
CA VAL A 39 -12.46 -4.30 13.90
C VAL A 39 -13.90 -4.70 14.27
N ALA A 40 -14.05 -5.49 15.34
CA ALA A 40 -15.36 -5.94 15.81
C ALA A 40 -15.24 -6.80 17.09
N ASP A 41 -14.50 -6.29 18.08
CA ASP A 41 -14.33 -7.02 19.34
C ASP A 41 -14.58 -6.12 20.55
N ALA A 42 -15.67 -6.39 21.27
CA ALA A 42 -16.02 -5.61 22.45
C ALA A 42 -15.62 -6.36 23.71
N GLU A 43 -14.32 -6.66 23.81
CA GLU A 43 -13.75 -7.38 24.94
C GLU A 43 -12.27 -7.68 24.69
N LEU A 44 -11.46 -6.62 24.65
CA LEU A 44 -10.02 -6.74 24.42
C LEU A 44 -9.40 -7.75 25.39
N GLU A 45 -9.07 -8.95 24.87
CA GLU A 45 -8.47 -10.00 25.67
C GLU A 45 -7.20 -9.54 26.37
N PRO A 46 -7.26 -9.39 27.71
CA PRO A 46 -6.12 -8.95 28.52
C PRO A 46 -5.05 -10.02 28.66
N LEU A 47 -4.16 -9.82 29.62
CA LEU A 47 -3.05 -10.75 29.89
C LEU A 47 -2.04 -10.79 28.73
N GLY A 48 -0.88 -11.38 29.00
CA GLY A 48 0.17 -11.48 28.00
C GLY A 48 1.36 -10.60 28.30
N GLU A 49 2.15 -10.30 27.26
CA GLU A 49 3.34 -9.47 27.41
C GLU A 49 2.99 -8.08 27.93
N GLU A 50 3.69 -7.63 28.97
CA GLU A 50 3.45 -6.31 29.55
C GLU A 50 4.32 -5.26 28.87
N ALA A 51 3.89 -4.83 27.69
CA ALA A 51 4.62 -3.82 26.92
C ALA A 51 3.66 -2.82 26.26
N ALA A 52 4.22 -1.77 25.66
CA ALA A 52 3.41 -0.75 25.00
C ALA A 52 3.04 -1.18 23.58
N GLY A 53 2.06 -2.10 23.48
CA GLY A 53 1.62 -2.57 22.18
C GLY A 53 0.42 -1.81 21.65
N GLY A 54 0.36 -1.66 20.32
CA GLY A 54 -0.74 -0.93 19.72
C GLY A 54 -0.65 -0.89 18.20
N ASP A 55 -0.06 0.18 17.68
CA ASP A 55 0.08 0.34 16.23
C ASP A 55 0.94 -0.78 15.64
N GLN A 56 2.08 -1.07 16.26
CA GLN A 56 2.97 -2.13 15.80
C GLN A 56 2.24 -3.47 15.76
N PHE A 57 1.38 -3.70 16.76
CA PHE A 57 0.60 -4.94 16.84
C PHE A 57 -0.42 -4.99 15.71
N ILE A 58 -1.01 -3.83 15.39
CA ILE A 58 -1.99 -3.72 14.32
C ILE A 58 -1.41 -4.22 13.00
N HIS A 59 -0.19 -3.80 12.71
CA HIS A 59 0.48 -4.19 11.48
C HIS A 59 0.86 -5.67 11.50
N GLU A 60 1.24 -6.17 12.68
CA GLU A 60 1.64 -7.56 12.84
C GLU A 60 0.43 -8.49 12.70
N GLN A 61 -0.72 -8.07 13.21
CA GLN A 61 -1.94 -8.87 13.15
C GLN A 61 -2.42 -9.04 11.71
N ALA A 62 -2.31 -7.97 10.91
CA ALA A 62 -2.74 -7.99 9.52
C ALA A 62 -1.82 -8.89 8.68
N LEU A 63 -0.52 -8.89 9.01
CA LEU A 63 0.46 -9.71 8.29
C LEU A 63 0.22 -11.20 8.52
N ASN A 64 -0.12 -11.56 9.76
CA ASN A 64 -0.36 -12.95 10.13
C ASN A 64 -1.62 -13.50 9.48
N TRP A 65 -2.65 -12.66 9.37
CA TRP A 65 -3.92 -13.06 8.77
C TRP A 65 -3.80 -13.26 7.26
N LEU A 66 -3.01 -12.41 6.61
CA LEU A 66 -2.83 -12.50 5.16
C LEU A 66 -2.08 -13.79 4.78
N GLN A 67 -1.23 -14.28 5.69
CA GLN A 67 -0.48 -15.50 5.46
C GLN A 67 -1.42 -16.67 5.12
N GLN A 68 -2.53 -16.75 5.86
CA GLN A 68 -3.51 -17.80 5.65
C GLN A 68 -4.58 -17.38 4.63
N ALA A 69 -4.84 -16.07 4.55
CA ALA A 69 -5.84 -15.53 3.62
C ALA A 69 -5.49 -15.87 2.17
N ASP A 70 -6.25 -16.80 1.60
CA ASP A 70 -6.05 -17.23 0.22
C ASP A 70 -6.48 -16.13 -0.75
N VAL A 71 -7.42 -15.29 -0.32
CA VAL A 71 -7.92 -14.19 -1.16
C VAL A 71 -8.19 -12.94 -0.32
N VAL A 72 -7.96 -11.78 -0.91
CA VAL A 72 -8.18 -10.51 -0.22
C VAL A 72 -9.25 -9.70 -0.94
N VAL A 73 -10.15 -9.09 -0.16
CA VAL A 73 -11.23 -8.28 -0.71
C VAL A 73 -11.29 -6.94 0.01
N ALA A 74 -11.35 -5.84 -0.74
CA ALA A 74 -11.39 -4.51 -0.16
C ALA A 74 -12.63 -3.72 -0.60
N GLU A 75 -13.12 -2.86 0.31
CA GLU A 75 -14.28 -2.03 0.03
C GLU A 75 -14.08 -0.61 0.57
N VAL A 76 -13.55 0.27 -0.28
CA VAL A 76 -13.28 1.65 0.09
C VAL A 76 -13.78 2.61 -0.99
N THR A 77 -14.60 3.59 -0.59
CA THR A 77 -15.15 4.56 -1.53
C THR A 77 -14.15 5.67 -1.85
N GLN A 78 -13.17 5.87 -0.97
CA GLN A 78 -12.15 6.91 -1.18
C GLN A 78 -10.75 6.35 -1.02
N PRO A 79 -9.75 7.01 -1.63
CA PRO A 79 -8.34 6.58 -1.56
C PRO A 79 -7.79 6.61 -0.12
N SER A 80 -7.67 5.43 0.48
CA SER A 80 -7.18 5.31 1.84
C SER A 80 -5.70 4.90 1.85
N LEU A 81 -4.88 5.68 2.57
CA LEU A 81 -3.45 5.40 2.67
C LEU A 81 -3.18 4.08 3.38
N GLY A 82 -3.80 3.88 4.54
CA GLY A 82 -3.60 2.65 5.29
C GLY A 82 -4.11 1.43 4.56
N VAL A 83 -5.28 1.55 3.93
CA VAL A 83 -5.87 0.45 3.18
C VAL A 83 -5.05 0.15 1.92
N GLY A 84 -4.53 1.20 1.28
CA GLY A 84 -3.71 1.04 0.09
C GLY A 84 -2.48 0.19 0.37
N TYR A 85 -1.88 0.42 1.55
CA TYR A 85 -0.69 -0.31 1.98
C TYR A 85 -1.01 -1.81 2.10
N GLU A 86 -2.16 -2.11 2.71
CA GLU A 86 -2.60 -3.50 2.89
C GLU A 86 -2.76 -4.19 1.54
N LEU A 87 -3.31 -3.47 0.57
CA LEU A 87 -3.52 -4.02 -0.78
C LEU A 87 -2.18 -4.38 -1.43
N GLY A 88 -1.18 -3.51 -1.23
CA GLY A 88 0.14 -3.76 -1.79
C GLY A 88 0.77 -5.02 -1.22
N ARG A 89 0.60 -5.22 0.09
CA ARG A 89 1.13 -6.39 0.77
C ARG A 89 0.38 -7.65 0.32
N ALA A 90 -0.92 -7.50 0.06
CA ALA A 90 -1.76 -8.61 -0.37
C ALA A 90 -1.33 -9.15 -1.73
N VAL A 91 -0.92 -8.27 -2.63
CA VAL A 91 -0.48 -8.66 -3.96
C VAL A 91 0.93 -9.27 -3.92
N ALA A 92 1.77 -8.76 -3.03
CA ALA A 92 3.13 -9.27 -2.87
C ALA A 92 3.15 -10.59 -2.11
N LEU A 93 2.25 -10.72 -1.14
CA LEU A 93 2.16 -11.93 -0.33
C LEU A 93 1.28 -12.99 -0.99
N GLY A 94 0.05 -12.60 -1.34
CA GLY A 94 -0.88 -13.53 -1.97
C GLY A 94 -0.88 -13.40 -3.48
N LYS A 95 -2.07 -13.20 -4.06
CA LYS A 95 -2.21 -13.06 -5.51
C LYS A 95 -3.59 -12.54 -5.88
N PRO A 96 -4.67 -13.31 -5.57
CA PRO A 96 -6.04 -12.90 -5.90
C PRO A 96 -6.57 -11.79 -4.98
N ILE A 97 -6.50 -10.55 -5.47
CA ILE A 97 -6.95 -9.39 -4.71
C ILE A 97 -8.21 -8.78 -5.33
N LEU A 98 -9.04 -8.19 -4.47
CA LEU A 98 -10.29 -7.55 -4.91
C LEU A 98 -10.37 -6.13 -4.35
N CYS A 99 -10.87 -5.21 -5.17
CA CYS A 99 -11.00 -3.81 -4.76
C CYS A 99 -12.37 -3.25 -5.14
N LEU A 100 -13.04 -2.62 -4.19
CA LEU A 100 -14.34 -2.02 -4.42
C LEU A 100 -14.28 -0.51 -4.22
N PHE A 101 -14.29 0.23 -5.32
CA PHE A 101 -14.23 1.69 -5.28
C PHE A 101 -15.56 2.29 -5.75
N ARG A 102 -16.06 3.27 -5.01
CA ARG A 102 -17.31 3.93 -5.35
C ARG A 102 -17.09 4.91 -6.50
N PRO A 103 -17.73 4.66 -7.67
CA PRO A 103 -17.60 5.52 -8.85
C PRO A 103 -18.38 6.83 -8.74
N GLN A 104 -18.94 7.10 -7.55
CA GLN A 104 -19.71 8.32 -7.32
C GLN A 104 -19.37 8.95 -5.97
N SER A 105 -18.26 8.52 -5.36
CA SER A 105 -17.84 9.05 -4.07
C SER A 105 -17.22 10.44 -4.21
N GLY A 106 -16.65 10.72 -5.39
CA GLY A 106 -16.03 12.00 -5.64
C GLY A 106 -14.56 11.89 -6.02
N ARG A 107 -13.85 10.99 -5.35
CA ARG A 107 -12.45 10.78 -5.61
C ARG A 107 -12.25 9.79 -6.76
N VAL A 108 -11.01 9.43 -6.98
CA VAL A 108 -10.63 8.49 -8.05
C VAL A 108 -9.39 7.69 -7.69
N LEU A 109 -9.22 6.54 -8.35
CA LEU A 109 -8.06 5.69 -8.12
C LEU A 109 -6.84 6.24 -8.86
N SER A 110 -5.72 6.37 -8.15
CA SER A 110 -4.49 6.88 -8.73
C SER A 110 -3.90 5.93 -9.78
N ALA A 111 -2.86 6.41 -10.47
CA ALA A 111 -2.18 5.63 -11.50
C ALA A 111 -1.61 4.33 -10.95
N MET A 112 -1.06 4.37 -9.74
CA MET A 112 -0.48 3.18 -9.11
C MET A 112 -1.55 2.11 -8.87
N ILE A 113 -2.72 2.54 -8.40
CA ILE A 113 -3.82 1.63 -8.13
C ILE A 113 -4.39 1.05 -9.44
N ARG A 114 -4.60 1.92 -10.43
CA ARG A 114 -5.13 1.48 -11.72
C ARG A 114 -4.17 0.48 -12.37
N GLY A 115 -2.87 0.78 -12.28
CA GLY A 115 -1.87 -0.09 -12.84
C GLY A 115 -1.83 -1.44 -12.14
N ALA A 116 -2.03 -1.43 -10.82
CA ALA A 116 -2.05 -2.64 -10.02
C ALA A 116 -3.06 -3.64 -10.57
N ALA A 117 -4.22 -3.12 -11.00
CA ALA A 117 -5.27 -3.96 -11.56
C ALA A 117 -4.94 -4.39 -12.98
N ASP A 118 -4.04 -5.36 -13.09
CA ASP A 118 -3.62 -5.89 -14.40
C ASP A 118 -4.71 -6.77 -15.01
N GLY A 119 -5.62 -7.27 -14.17
CA GLY A 119 -6.69 -8.12 -14.65
C GLY A 119 -6.43 -9.60 -14.40
N SER A 120 -5.19 -9.94 -14.04
CA SER A 120 -4.82 -11.33 -13.78
C SER A 120 -5.52 -11.86 -12.53
N ARG A 121 -5.04 -11.42 -11.37
CA ARG A 121 -5.61 -11.85 -10.09
C ARG A 121 -6.19 -10.65 -9.32
N PHE A 122 -5.93 -9.42 -9.78
CA PHE A 122 -6.44 -8.24 -9.10
C PHE A 122 -7.61 -7.63 -9.89
N GLN A 123 -8.77 -7.55 -9.24
CA GLN A 123 -9.97 -7.00 -9.87
C GLN A 123 -10.53 -5.84 -9.07
N VAL A 124 -10.72 -4.69 -9.73
CA VAL A 124 -11.24 -3.50 -9.09
C VAL A 124 -12.62 -3.15 -9.64
N TRP A 125 -13.66 -3.47 -8.87
CA TRP A 125 -15.04 -3.20 -9.28
C TRP A 125 -15.55 -1.90 -8.66
N ASP A 126 -16.42 -1.22 -9.40
CA ASP A 126 -17.00 0.04 -8.93
C ASP A 126 -18.40 -0.17 -8.36
N TYR A 127 -18.56 0.12 -7.07
CA TYR A 127 -19.85 -0.04 -6.39
C TYR A 127 -20.41 1.31 -5.92
N ALA A 128 -21.62 1.62 -6.38
CA ALA A 128 -22.27 2.88 -6.02
C ALA A 128 -23.24 2.68 -4.85
N GLU A 129 -22.75 2.93 -3.64
CA GLU A 129 -23.55 2.80 -2.41
C GLU A 129 -24.27 1.48 -2.32
N GLY A 130 -25.55 1.51 -2.61
CA GLY A 130 -26.38 0.33 -2.58
C GLY A 130 -25.92 -0.76 -3.53
N GLU A 131 -24.84 -0.49 -4.28
CA GLU A 131 -24.31 -1.48 -5.22
C GLU A 131 -23.19 -2.33 -4.60
N VAL A 132 -22.86 -2.06 -3.33
CA VAL A 132 -21.83 -2.81 -2.63
C VAL A 132 -22.22 -4.27 -2.47
N GLU A 133 -23.52 -4.51 -2.26
CA GLU A 133 -24.05 -5.86 -2.11
C GLU A 133 -23.99 -6.60 -3.44
N THR A 134 -24.26 -5.89 -4.53
CA THR A 134 -24.22 -6.47 -5.87
C THR A 134 -22.80 -6.93 -6.22
N MET A 135 -21.82 -6.09 -5.87
CA MET A 135 -20.41 -6.40 -6.13
C MET A 135 -19.94 -7.58 -5.29
N LEU A 136 -20.40 -7.65 -4.04
CA LEU A 136 -20.04 -8.74 -3.14
C LEU A 136 -20.68 -10.05 -3.57
N ASP A 137 -21.93 -9.97 -4.04
CA ASP A 137 -22.67 -11.15 -4.49
C ASP A 137 -22.08 -11.68 -5.79
N ARG A 138 -21.68 -10.76 -6.67
CA ARG A 138 -21.10 -11.14 -7.97
C ARG A 138 -19.68 -11.67 -7.79
N TYR A 139 -18.97 -11.11 -6.80
CA TYR A 139 -17.59 -11.53 -6.52
C TYR A 139 -17.55 -12.93 -5.93
N PHE A 140 -18.51 -13.24 -5.05
CA PHE A 140 -18.58 -14.55 -4.43
C PHE A 140 -19.19 -15.57 -5.39
N GLU A 141 -20.13 -15.10 -6.22
CA GLU A 141 -20.79 -15.97 -7.19
C GLU A 141 -19.84 -16.30 -8.34
N ALA A 142 -19.05 -15.31 -8.77
CA ALA A 142 -18.10 -15.50 -9.85
C ALA A 142 -16.90 -16.33 -9.40
N TYR A 143 -16.61 -16.30 -8.10
CA TYR A 143 -15.49 -17.05 -7.55
C TYR A 143 -15.83 -18.54 -7.44
N LEU A 144 -17.07 -18.82 -7.05
CA LEU A 144 -17.53 -20.20 -6.90
C LEU A 144 -17.73 -20.86 -8.27
N VAL A 145 -18.19 -20.10 -9.25
CA VAL A 145 -18.43 -20.61 -10.59
C VAL A 145 -17.10 -20.84 -11.34
N GLU A 146 -16.12 -19.96 -11.10
CA GLU A 146 -14.83 -20.07 -11.75
C GLU A 146 -13.93 -21.08 -11.02
N HIS A 147 -14.11 -21.17 -9.69
CA HIS A 147 -13.33 -22.09 -8.86
C HIS A 147 -11.83 -21.74 -8.88
N HIS A 148 -11.51 -20.51 -9.30
CA HIS A 148 -10.11 -20.06 -9.37
C HIS A 148 -10.02 -18.64 -9.92
N HIS A 149 -8.81 -18.07 -9.89
CA HIS A 149 -8.59 -16.72 -10.41
C HIS A 149 -7.50 -16.74 -11.50
N HIS A 150 -7.85 -17.30 -12.66
CA HIS A 150 -6.92 -17.39 -13.78
C HIS A 150 -7.38 -16.50 -14.94
N HIS A 151 -8.69 -16.45 -15.17
CA HIS A 151 -9.25 -15.64 -16.25
C HIS A 151 -8.93 -14.16 -16.06
N HIS A 152 -8.64 -13.47 -17.17
CA HIS A 152 -8.32 -12.05 -17.13
C HIS A 152 -9.59 -11.19 -17.09
N MET B 1 27.35 -4.68 -2.84
CA MET B 1 28.29 -4.02 -3.80
C MET B 1 27.70 -2.74 -4.36
N ARG B 2 26.44 -2.81 -4.81
CA ARG B 2 25.76 -1.65 -5.38
C ARG B 2 24.44 -1.37 -4.63
N ARG B 3 24.31 -0.15 -4.11
CA ARG B 3 23.12 0.25 -3.38
C ARG B 3 22.13 0.98 -4.30
N SER B 4 20.85 0.65 -4.16
CA SER B 4 19.80 1.27 -4.97
C SER B 4 18.66 1.79 -4.11
N VAL B 5 18.41 3.09 -4.19
CA VAL B 5 17.34 3.71 -3.43
C VAL B 5 16.18 4.11 -4.34
N TYR B 6 14.97 3.62 -4.02
CA TYR B 6 13.79 3.93 -4.80
C TYR B 6 12.96 5.00 -4.09
N PHE B 7 12.68 6.09 -4.80
CA PHE B 7 11.89 7.19 -4.25
C PHE B 7 10.39 7.00 -4.51
N CYS B 8 9.58 7.21 -3.48
CA CYS B 8 8.13 7.05 -3.60
C CYS B 8 7.41 8.39 -3.36
N GLY B 9 6.84 8.95 -4.43
CA GLY B 9 6.12 10.20 -4.33
C GLY B 9 4.89 10.25 -5.21
N SER B 10 3.76 10.66 -4.63
CA SER B 10 2.51 10.76 -5.37
C SER B 10 2.56 11.88 -6.40
N ILE B 11 2.41 11.54 -7.67
CA ILE B 11 2.45 12.51 -8.73
C ILE B 11 1.04 12.81 -9.25
N ARG B 12 0.23 11.76 -9.39
CA ARG B 12 -1.15 11.90 -9.87
C ARG B 12 -1.20 12.70 -11.17
N GLY B 13 -0.20 12.49 -12.03
CA GLY B 13 -0.13 13.21 -13.29
C GLY B 13 0.13 14.69 -13.10
N GLY B 14 0.73 15.07 -11.96
CA GLY B 14 1.00 16.46 -11.68
C GLY B 14 2.39 16.89 -12.09
N ARG B 15 2.56 18.20 -12.29
CA ARG B 15 3.86 18.77 -12.69
C ARG B 15 4.57 19.41 -11.48
N GLU B 16 4.09 19.10 -10.27
CA GLU B 16 4.70 19.63 -9.05
C GLU B 16 5.59 18.61 -8.37
N ASP B 17 5.55 17.37 -8.87
CA ASP B 17 6.35 16.29 -8.34
C ASP B 17 7.62 16.08 -9.16
N GLN B 18 7.55 16.44 -10.45
CA GLN B 18 8.69 16.30 -11.36
C GLN B 18 9.88 17.11 -10.86
N ALA B 19 9.63 18.35 -10.44
CA ALA B 19 10.70 19.22 -9.92
C ALA B 19 11.37 18.59 -8.71
N LEU B 20 10.56 18.00 -7.83
CA LEU B 20 11.09 17.35 -6.64
C LEU B 20 11.81 16.06 -7.02
N TYR B 21 11.28 15.35 -8.02
CA TYR B 21 11.86 14.10 -8.50
C TYR B 21 13.24 14.32 -9.13
N ALA B 22 13.39 15.42 -9.88
CA ALA B 22 14.66 15.71 -10.53
C ALA B 22 15.74 16.02 -9.51
N ARG B 23 15.36 16.75 -8.44
CA ARG B 23 16.32 17.11 -7.40
C ARG B 23 16.63 15.93 -6.48
N ILE B 24 15.64 15.06 -6.24
CA ILE B 24 15.84 13.90 -5.39
C ILE B 24 16.59 12.79 -6.13
N VAL B 25 16.42 12.74 -7.45
CA VAL B 25 17.09 11.74 -8.28
C VAL B 25 18.59 11.96 -8.26
N SER B 26 19.03 13.23 -8.35
CA SER B 26 20.43 13.56 -8.35
C SER B 26 21.08 13.22 -7.00
N ARG B 27 20.36 13.47 -5.92
CA ARG B 27 20.86 13.19 -4.57
C ARG B 27 20.96 11.70 -4.31
N LEU B 28 19.98 10.94 -4.81
CA LEU B 28 19.93 9.49 -4.62
C LEU B 28 20.99 8.80 -5.48
N ARG B 29 21.20 9.32 -6.68
CA ARG B 29 22.19 8.75 -7.61
C ARG B 29 23.61 9.00 -7.10
N ARG B 30 23.80 10.14 -6.43
CA ARG B 30 25.11 10.51 -5.88
C ARG B 30 25.61 9.46 -4.88
N TYR B 31 24.70 8.89 -4.09
CA TYR B 31 25.07 7.88 -3.11
C TYR B 31 25.37 6.54 -3.77
N GLY B 32 24.41 6.02 -4.53
CA GLY B 32 24.60 4.76 -5.21
C GLY B 32 23.83 4.69 -6.52
N LYS B 33 22.55 4.34 -6.42
CA LYS B 33 21.68 4.23 -7.58
C LYS B 33 20.27 4.70 -7.25
N VAL B 34 19.65 5.44 -8.17
CA VAL B 34 18.31 5.95 -7.97
C VAL B 34 17.36 5.40 -9.04
N LEU B 35 16.13 5.07 -8.63
CA LEU B 35 15.15 4.54 -9.57
C LEU B 35 14.17 5.66 -9.97
N THR B 36 12.87 5.42 -9.78
CA THR B 36 11.82 6.38 -10.10
C THR B 36 12.25 7.36 -11.18
N GLU B 37 12.73 6.80 -12.28
CA GLU B 37 13.20 7.60 -13.42
C GLU B 37 12.05 7.89 -14.40
N HIS B 38 11.05 7.02 -14.41
CA HIS B 38 9.88 7.19 -15.28
C HIS B 38 9.22 8.56 -15.10
N VAL B 39 9.27 9.08 -13.86
CA VAL B 39 8.69 10.38 -13.56
C VAL B 39 9.67 11.53 -13.89
N ALA B 40 10.38 11.39 -15.01
CA ALA B 40 11.35 12.41 -15.45
C ALA B 40 12.00 12.03 -16.79
N ASP B 41 11.17 11.67 -17.78
CA ASP B 41 11.68 11.30 -19.10
C ASP B 41 10.92 12.02 -20.21
N ALA B 42 11.62 12.93 -20.90
CA ALA B 42 11.01 13.69 -21.99
C ALA B 42 11.45 13.10 -23.33
N GLU B 43 11.14 11.82 -23.52
CA GLU B 43 11.47 11.08 -24.74
C GLU B 43 11.09 9.61 -24.58
N LEU B 44 9.78 9.34 -24.51
CA LEU B 44 9.27 7.98 -24.35
C LEU B 44 9.84 7.06 -25.43
N GLU B 45 10.79 6.20 -25.02
CA GLU B 45 11.43 5.26 -25.94
C GLU B 45 10.42 4.39 -26.67
N PRO B 46 10.24 4.62 -27.98
CA PRO B 46 9.30 3.85 -28.81
C PRO B 46 9.79 2.43 -29.09
N LEU B 47 9.16 1.80 -30.07
CA LEU B 47 9.49 0.43 -30.46
C LEU B 47 9.13 -0.58 -29.38
N GLY B 48 9.12 -1.87 -29.75
CA GLY B 48 8.80 -2.92 -28.81
C GLY B 48 7.46 -3.58 -29.10
N GLU B 49 6.90 -4.25 -28.08
CA GLU B 49 5.62 -4.93 -28.23
C GLU B 49 4.50 -3.95 -28.60
N GLU B 50 3.74 -4.31 -29.64
CA GLU B 50 2.64 -3.47 -30.11
C GLU B 50 1.35 -3.83 -29.39
N ALA B 51 1.21 -3.36 -28.15
CA ALA B 51 0.02 -3.63 -27.34
C ALA B 51 -0.41 -2.38 -26.56
N ALA B 52 -1.56 -2.47 -25.90
CA ALA B 52 -2.10 -1.35 -25.12
C ALA B 52 -1.47 -1.32 -23.73
N GLY B 53 -0.22 -0.87 -23.65
CA GLY B 53 0.48 -0.78 -22.38
C GLY B 53 0.35 0.58 -21.72
N GLY B 54 0.31 0.60 -20.40
CA GLY B 54 0.18 1.86 -19.67
C GLY B 54 0.19 1.67 -18.17
N ASP B 55 -1.01 1.57 -17.58
CA ASP B 55 -1.16 1.38 -16.14
C ASP B 55 -0.50 0.08 -15.69
N GLN B 56 -0.78 -1.01 -16.39
CA GLN B 56 -0.20 -2.32 -16.06
C GLN B 56 1.33 -2.26 -16.09
N PHE B 57 1.86 -1.50 -17.05
CA PHE B 57 3.31 -1.33 -17.20
C PHE B 57 3.87 -0.54 -16.03
N ILE B 58 3.10 0.47 -15.58
CA ILE B 58 3.50 1.31 -14.46
C ILE B 58 3.75 0.47 -13.21
N HIS B 59 2.85 -0.47 -12.95
CA HIS B 59 2.96 -1.35 -11.79
C HIS B 59 4.12 -2.33 -11.97
N GLU B 60 4.33 -2.80 -13.19
CA GLU B 60 5.40 -3.74 -13.48
C GLU B 60 6.77 -3.09 -13.36
N GLN B 61 6.88 -1.83 -13.77
CA GLN B 61 8.14 -1.10 -13.71
C GLN B 61 8.57 -0.86 -12.26
N ALA B 62 7.61 -0.55 -11.40
CA ALA B 62 7.89 -0.30 -9.98
C ALA B 62 8.33 -1.58 -9.26
N LEU B 63 7.74 -2.71 -9.66
CA LEU B 63 8.07 -4.01 -9.07
C LEU B 63 9.49 -4.43 -9.40
N ASN B 64 9.91 -4.19 -10.65
CA ASN B 64 11.24 -4.56 -11.11
C ASN B 64 12.33 -3.71 -10.44
N TRP B 65 12.03 -2.44 -10.22
CA TRP B 65 12.99 -1.53 -9.60
C TRP B 65 13.19 -1.84 -8.11
N LEU B 66 12.11 -2.23 -7.42
CA LEU B 66 12.18 -2.55 -6.01
C LEU B 66 13.02 -3.81 -5.77
N GLN B 67 13.04 -4.71 -6.76
CA GLN B 67 13.81 -5.95 -6.66
C GLN B 67 15.28 -5.65 -6.38
N GLN B 68 15.81 -4.62 -7.06
CA GLN B 68 17.20 -4.23 -6.89
C GLN B 68 17.35 -3.17 -5.78
N ALA B 69 16.29 -2.37 -5.59
CA ALA B 69 16.30 -1.32 -4.56
C ALA B 69 16.53 -1.89 -3.17
N ASP B 70 17.73 -1.67 -2.63
CA ASP B 70 18.09 -2.14 -1.30
C ASP B 70 17.35 -1.35 -0.22
N VAL B 71 16.99 -0.10 -0.54
CA VAL B 71 16.26 0.75 0.40
C VAL B 71 15.23 1.60 -0.32
N VAL B 72 14.11 1.86 0.36
CA VAL B 72 13.04 2.68 -0.21
C VAL B 72 12.83 3.94 0.62
N VAL B 73 12.65 5.07 -0.07
CA VAL B 73 12.43 6.35 0.60
C VAL B 73 11.22 7.06 -0.01
N ALA B 74 10.30 7.53 0.84
CA ALA B 74 9.10 8.21 0.36
C ALA B 74 8.96 9.61 0.92
N GLU B 75 8.37 10.50 0.12
CA GLU B 75 8.16 11.89 0.52
C GLU B 75 6.78 12.37 0.09
N VAL B 76 5.79 12.21 0.98
CA VAL B 76 4.41 12.61 0.70
C VAL B 76 3.83 13.39 1.88
N THR B 77 3.30 14.59 1.60
CA THR B 77 2.72 15.43 2.64
C THR B 77 1.30 15.00 3.01
N GLN B 78 0.64 14.29 2.10
CA GLN B 78 -0.72 13.82 2.34
C GLN B 78 -0.85 12.32 2.06
N PRO B 79 -1.87 11.66 2.68
CA PRO B 79 -2.10 10.22 2.50
C PRO B 79 -2.45 9.87 1.05
N SER B 80 -1.48 9.29 0.34
CA SER B 80 -1.66 8.90 -1.05
C SER B 80 -1.94 7.40 -1.17
N LEU B 81 -3.03 7.07 -1.85
CA LEU B 81 -3.44 5.68 -2.04
C LEU B 81 -2.41 4.90 -2.88
N GLY B 82 -2.01 5.47 -4.02
CA GLY B 82 -1.03 4.83 -4.88
C GLY B 82 0.32 4.68 -4.22
N VAL B 83 0.77 5.73 -3.53
CA VAL B 83 2.05 5.69 -2.84
C VAL B 83 2.02 4.73 -1.65
N GLY B 84 0.87 4.68 -0.96
CA GLY B 84 0.72 3.77 0.18
C GLY B 84 0.91 2.33 -0.24
N TYR B 85 0.38 1.99 -1.42
CA TYR B 85 0.49 0.64 -1.96
C TYR B 85 1.96 0.29 -2.19
N GLU B 86 2.71 1.23 -2.76
CA GLU B 86 4.13 1.02 -3.03
C GLU B 86 4.90 0.75 -1.74
N LEU B 87 4.55 1.48 -0.67
CA LEU B 87 5.20 1.32 0.63
C LEU B 87 4.96 -0.09 1.17
N GLY B 88 3.73 -0.59 0.99
CA GLY B 88 3.39 -1.93 1.46
C GLY B 88 4.21 -2.99 0.76
N ARG B 89 4.40 -2.82 -0.54
CA ARG B 89 5.18 -3.76 -1.34
C ARG B 89 6.66 -3.67 -0.97
N ALA B 90 7.12 -2.47 -0.63
CA ALA B 90 8.51 -2.24 -0.24
C ALA B 90 8.87 -2.98 1.04
N VAL B 91 7.93 -3.02 1.99
CA VAL B 91 8.15 -3.70 3.26
C VAL B 91 8.08 -5.22 3.10
N ALA B 92 7.21 -5.68 2.21
CA ALA B 92 7.04 -7.10 1.96
C ALA B 92 8.17 -7.64 1.08
N LEU B 93 8.65 -6.82 0.15
CA LEU B 93 9.73 -7.20 -0.75
C LEU B 93 11.10 -6.94 -0.13
N GLY B 94 11.32 -5.69 0.30
CA GLY B 94 12.58 -5.32 0.91
C GLY B 94 12.55 -5.38 2.43
N LYS B 95 12.93 -4.28 3.08
CA LYS B 95 12.94 -4.21 4.53
C LYS B 95 13.11 -2.78 5.02
N PRO B 96 14.25 -2.12 4.70
CA PRO B 96 14.52 -0.74 5.13
C PRO B 96 13.71 0.29 4.34
N ILE B 97 12.60 0.72 4.92
CA ILE B 97 11.72 1.71 4.28
C ILE B 97 11.77 3.05 5.00
N LEU B 98 11.57 4.12 4.24
CA LEU B 98 11.56 5.48 4.79
C LEU B 98 10.31 6.23 4.36
N CYS B 99 9.75 7.01 5.27
CA CYS B 99 8.53 7.77 4.98
C CYS B 99 8.65 9.21 5.48
N LEU B 100 8.34 10.17 4.61
CA LEU B 100 8.40 11.58 4.96
C LEU B 100 7.02 12.21 4.88
N PHE B 101 6.40 12.45 6.04
CA PHE B 101 5.08 13.05 6.12
C PHE B 101 5.14 14.45 6.69
N ARG B 102 4.46 15.39 6.05
CA ARG B 102 4.44 16.77 6.51
C ARG B 102 3.52 16.92 7.73
N PRO B 103 4.08 17.28 8.90
CA PRO B 103 3.32 17.45 10.14
C PRO B 103 2.48 18.74 10.18
N GLN B 104 2.44 19.46 9.06
CA GLN B 104 1.67 20.70 8.95
C GLN B 104 0.90 20.78 7.63
N SER B 105 0.75 19.64 6.94
CA SER B 105 0.03 19.60 5.68
C SER B 105 -1.48 19.65 5.91
N GLY B 106 -1.92 19.17 7.07
CA GLY B 106 -3.33 19.16 7.38
C GLY B 106 -3.86 17.77 7.68
N ARG B 107 -3.42 16.79 6.91
CA ARG B 107 -3.84 15.41 7.07
C ARG B 107 -2.98 14.71 8.13
N VAL B 108 -3.20 13.41 8.27
CA VAL B 108 -2.47 12.60 9.23
C VAL B 108 -2.33 11.15 8.75
N LEU B 109 -1.34 10.44 9.29
CA LEU B 109 -1.10 9.05 8.94
C LEU B 109 -2.09 8.14 9.66
N SER B 110 -2.74 7.26 8.91
CA SER B 110 -3.73 6.34 9.47
C SER B 110 -3.10 5.31 10.41
N ALA B 111 -3.95 4.52 11.07
CA ALA B 111 -3.50 3.48 12.01
C ALA B 111 -2.61 2.45 11.32
N MET B 112 -2.96 2.08 10.09
CA MET B 112 -2.19 1.09 9.34
C MET B 112 -0.77 1.59 9.08
N ILE B 113 -0.65 2.87 8.70
CA ILE B 113 0.65 3.48 8.42
C ILE B 113 1.48 3.62 9.69
N ARG B 114 0.85 4.12 10.76
CA ARG B 114 1.54 4.29 12.04
C ARG B 114 2.03 2.94 12.56
N GLY B 115 1.19 1.91 12.43
CA GLY B 115 1.55 0.58 12.86
C GLY B 115 2.70 0.02 12.05
N ALA B 116 2.71 0.32 10.76
CA ALA B 116 3.77 -0.14 9.87
C ALA B 116 5.14 0.28 10.38
N ALA B 117 5.21 1.51 10.91
CA ALA B 117 6.46 2.04 11.45
C ALA B 117 6.77 1.43 12.82
N ASP B 118 7.24 0.19 12.80
CA ASP B 118 7.58 -0.51 14.04
C ASP B 118 8.90 0.02 14.63
N GLY B 119 9.70 0.68 13.80
CA GLY B 119 10.96 1.23 14.25
C GLY B 119 12.16 0.37 13.88
N SER B 120 11.90 -0.86 13.43
CA SER B 120 12.96 -1.79 13.04
C SER B 120 13.68 -1.29 11.79
N ARG B 121 13.03 -1.44 10.65
CA ARG B 121 13.58 -1.01 9.38
C ARG B 121 12.75 0.09 8.72
N PHE B 122 11.56 0.36 9.27
CA PHE B 122 10.67 1.40 8.72
C PHE B 122 10.70 2.65 9.60
N GLN B 123 11.11 3.78 9.03
CA GLN B 123 11.18 5.04 9.76
C GLN B 123 10.35 6.12 9.09
N VAL B 124 9.44 6.73 9.85
CA VAL B 124 8.58 7.78 9.32
C VAL B 124 8.90 9.13 9.98
N TRP B 125 9.61 9.97 9.24
CA TRP B 125 10.01 11.30 9.73
C TRP B 125 9.04 12.37 9.25
N ASP B 126 8.85 13.39 10.07
CA ASP B 126 7.96 14.49 9.75
C ASP B 126 8.75 15.70 9.23
N TYR B 127 8.49 16.08 7.98
CA TYR B 127 9.17 17.22 7.36
C TYR B 127 8.19 18.34 7.03
N ALA B 128 8.46 19.54 7.56
CA ALA B 128 7.61 20.70 7.34
C ALA B 128 8.16 21.58 6.21
N GLU B 129 7.67 21.34 5.00
CA GLU B 129 8.07 22.10 3.81
C GLU B 129 9.58 22.17 3.65
N GLY B 130 10.12 23.30 4.01
CA GLY B 130 11.56 23.53 3.92
C GLY B 130 12.37 22.56 4.76
N GLU B 131 11.68 21.65 5.48
CA GLU B 131 12.38 20.67 6.31
C GLU B 131 12.61 19.35 5.56
N VAL B 132 12.16 19.28 4.30
CA VAL B 132 12.34 18.08 3.48
C VAL B 132 13.81 17.80 3.24
N GLU B 133 14.58 18.87 3.07
CA GLU B 133 16.02 18.77 2.84
C GLU B 133 16.73 18.26 4.10
N THR B 134 16.27 18.74 5.27
CA THR B 134 16.84 18.34 6.54
C THR B 134 16.62 16.84 6.78
N MET B 135 15.43 16.36 6.44
CA MET B 135 15.09 14.95 6.61
C MET B 135 15.90 14.07 5.67
N LEU B 136 16.11 14.56 4.43
CA LEU B 136 16.87 13.82 3.43
C LEU B 136 18.35 13.80 3.79
N ASP B 137 18.85 14.91 4.32
CA ASP B 137 20.26 15.01 4.71
C ASP B 137 20.55 14.15 5.94
N ARG B 138 19.59 14.13 6.88
CA ARG B 138 19.73 13.33 8.09
C ARG B 138 19.57 11.84 7.79
N TYR B 139 18.70 11.52 6.83
CA TYR B 139 18.44 10.14 6.45
C TYR B 139 19.66 9.53 5.75
N PHE B 140 20.31 10.32 4.89
CA PHE B 140 21.48 9.85 4.18
C PHE B 140 22.71 9.88 5.07
N GLU B 141 22.76 10.86 5.98
CA GLU B 141 23.87 10.99 6.92
C GLU B 141 23.81 9.90 7.98
N ALA B 142 22.59 9.60 8.45
CA ALA B 142 22.39 8.58 9.46
C ALA B 142 22.58 7.17 8.90
N TYR B 143 22.37 7.03 7.58
CA TYR B 143 22.50 5.74 6.92
C TYR B 143 23.98 5.40 6.72
N LEU B 144 24.77 6.41 6.36
CA LEU B 144 26.21 6.24 6.13
C LEU B 144 26.95 6.01 7.45
N VAL B 145 26.51 6.68 8.51
CA VAL B 145 27.14 6.55 9.81
C VAL B 145 26.80 5.22 10.47
N GLU B 146 25.57 4.75 10.26
CA GLU B 146 25.13 3.49 10.82
C GLU B 146 25.60 2.31 9.97
N HIS B 147 25.68 2.53 8.65
CA HIS B 147 26.13 1.50 7.71
C HIS B 147 25.14 0.30 7.69
N HIS B 148 23.91 0.52 8.18
CA HIS B 148 22.90 -0.53 8.21
C HIS B 148 21.62 -0.04 8.88
N HIS B 149 20.56 -0.87 8.84
CA HIS B 149 19.29 -0.52 9.45
C HIS B 149 18.88 -1.58 10.47
N HIS B 150 19.60 -1.62 11.59
CA HIS B 150 19.32 -2.58 12.66
C HIS B 150 18.78 -1.88 13.91
N HIS B 151 19.33 -0.70 14.21
CA HIS B 151 18.91 0.08 15.38
C HIS B 151 17.43 0.46 15.29
N HIS B 152 16.74 0.42 16.44
CA HIS B 152 15.33 0.76 16.49
C HIS B 152 15.12 2.26 16.60
N MET A 1 -5.48 -27.11 4.42
CA MET A 1 -6.31 -26.64 3.27
C MET A 1 -7.64 -26.05 3.76
N ARG A 2 -7.69 -24.72 3.87
CA ARG A 2 -8.89 -24.04 4.32
C ARG A 2 -9.15 -22.77 3.50
N ARG A 3 -10.42 -22.38 3.41
CA ARG A 3 -10.80 -21.18 2.66
C ARG A 3 -10.78 -19.96 3.58
N SER A 4 -10.03 -18.93 3.18
CA SER A 4 -9.91 -17.71 3.97
C SER A 4 -10.04 -16.46 3.11
N VAL A 5 -10.89 -15.54 3.54
CA VAL A 5 -11.11 -14.29 2.81
C VAL A 5 -10.95 -13.08 3.75
N TYR A 6 -9.95 -12.24 3.46
CA TYR A 6 -9.69 -11.05 4.25
C TYR A 6 -10.40 -9.83 3.66
N PHE A 7 -11.10 -9.08 4.53
CA PHE A 7 -11.82 -7.89 4.10
C PHE A 7 -11.20 -6.62 4.68
N CYS A 8 -10.75 -5.72 3.80
CA CYS A 8 -10.14 -4.46 4.22
C CYS A 8 -10.95 -3.27 3.71
N GLY A 9 -11.27 -2.33 4.60
CA GLY A 9 -12.04 -1.16 4.19
C GLY A 9 -11.73 0.10 5.00
N SER A 10 -10.48 0.22 5.47
CA SER A 10 -10.05 1.38 6.26
C SER A 10 -11.00 1.67 7.44
N ILE A 11 -10.60 1.27 8.64
CA ILE A 11 -11.41 1.50 9.81
C ILE A 11 -11.04 2.82 10.47
N ARG A 12 -9.74 3.08 10.56
CA ARG A 12 -9.22 4.31 11.16
C ARG A 12 -9.83 4.52 12.54
N GLY A 13 -9.98 3.41 13.27
CA GLY A 13 -10.58 3.45 14.59
C GLY A 13 -11.99 4.02 14.55
N GLY A 14 -12.68 3.86 13.42
CA GLY A 14 -14.02 4.38 13.28
C GLY A 14 -15.10 3.40 13.68
N ARG A 15 -16.26 3.94 14.04
CA ARG A 15 -17.40 3.11 14.43
C ARG A 15 -18.44 3.04 13.30
N GLU A 16 -18.03 3.42 12.09
CA GLU A 16 -18.92 3.39 10.93
C GLU A 16 -18.64 2.17 10.05
N ASP A 17 -17.41 1.66 10.14
CA ASP A 17 -17.01 0.49 9.38
C ASP A 17 -17.35 -0.80 10.12
N GLN A 18 -17.43 -0.71 11.46
CA GLN A 18 -17.76 -1.86 12.29
C GLN A 18 -19.08 -2.48 11.85
N ALA A 19 -20.06 -1.64 11.52
CA ALA A 19 -21.36 -2.11 11.06
C ALA A 19 -21.23 -2.85 9.74
N LEU A 20 -20.40 -2.31 8.84
CA LEU A 20 -20.17 -2.94 7.54
C LEU A 20 -19.33 -4.21 7.71
N TYR A 21 -18.37 -4.15 8.64
CA TYR A 21 -17.49 -5.28 8.93
C TYR A 21 -18.26 -6.44 9.55
N ALA A 22 -19.29 -6.13 10.35
CA ALA A 22 -20.09 -7.16 11.01
C ALA A 22 -20.97 -7.91 10.00
N ARG A 23 -21.50 -7.18 9.02
CA ARG A 23 -22.34 -7.78 8.01
C ARG A 23 -21.51 -8.54 6.97
N ILE A 24 -20.31 -8.03 6.67
CA ILE A 24 -19.44 -8.67 5.70
C ILE A 24 -18.72 -9.88 6.32
N VAL A 25 -18.42 -9.80 7.62
CA VAL A 25 -17.75 -10.89 8.31
C VAL A 25 -18.64 -12.12 8.41
N SER A 26 -19.96 -11.91 8.53
CA SER A 26 -20.90 -13.02 8.62
C SER A 26 -21.00 -13.74 7.28
N ARG A 27 -21.02 -12.98 6.19
CA ARG A 27 -21.09 -13.54 4.86
C ARG A 27 -19.77 -14.20 4.46
N LEU A 28 -18.66 -13.59 4.89
CA LEU A 28 -17.33 -14.09 4.59
C LEU A 28 -17.08 -15.42 5.32
N ARG A 29 -17.55 -15.50 6.57
CA ARG A 29 -17.39 -16.71 7.36
C ARG A 29 -18.22 -17.85 6.79
N ARG A 30 -19.39 -17.50 6.21
CA ARG A 30 -20.29 -18.47 5.60
C ARG A 30 -19.59 -19.23 4.46
N TYR A 31 -18.68 -18.56 3.75
CA TYR A 31 -17.96 -19.17 2.64
C TYR A 31 -16.83 -20.05 3.17
N GLY A 32 -15.94 -19.46 3.97
CA GLY A 32 -14.83 -20.21 4.52
C GLY A 32 -14.41 -19.68 5.88
N LYS A 33 -13.53 -18.68 5.88
CA LYS A 33 -13.03 -18.09 7.11
C LYS A 33 -12.68 -16.61 6.90
N VAL A 34 -13.18 -15.76 7.79
CA VAL A 34 -12.91 -14.33 7.71
C VAL A 34 -11.59 -13.99 8.40
N LEU A 35 -10.85 -13.03 7.84
CA LEU A 35 -9.58 -12.62 8.42
C LEU A 35 -9.66 -11.26 9.10
N THR A 36 -10.88 -10.68 9.15
CA THR A 36 -11.08 -9.39 9.79
C THR A 36 -12.26 -9.45 10.75
N GLU A 37 -12.16 -10.34 11.74
CA GLU A 37 -13.21 -10.51 12.74
C GLU A 37 -12.95 -9.58 13.93
N HIS A 38 -11.68 -9.23 14.14
CA HIS A 38 -11.28 -8.33 15.23
C HIS A 38 -11.95 -6.96 15.11
N VAL A 39 -12.20 -6.54 13.86
CA VAL A 39 -12.82 -5.24 13.59
C VAL A 39 -14.19 -5.11 14.29
N ALA A 40 -14.77 -6.23 14.70
CA ALA A 40 -16.05 -6.23 15.39
C ALA A 40 -15.99 -7.03 16.70
N ASP A 41 -14.85 -6.97 17.41
CA ASP A 41 -14.69 -7.68 18.67
C ASP A 41 -14.69 -6.72 19.87
N ALA A 42 -14.98 -7.26 21.05
CA ALA A 42 -15.02 -6.47 22.27
C ALA A 42 -14.40 -7.26 23.42
N GLU A 43 -13.21 -7.79 23.14
CA GLU A 43 -12.44 -8.59 24.10
C GLU A 43 -11.26 -9.25 23.39
N LEU A 44 -10.29 -8.43 22.97
CA LEU A 44 -9.11 -8.94 22.26
C LEU A 44 -8.50 -10.14 22.99
N GLU A 45 -8.80 -11.35 22.47
CA GLU A 45 -8.31 -12.59 23.07
C GLU A 45 -6.80 -12.55 23.34
N PRO A 46 -6.42 -12.41 24.62
CA PRO A 46 -5.01 -12.35 25.05
C PRO A 46 -4.33 -13.73 25.01
N LEU A 47 -3.86 -14.12 23.84
CA LEU A 47 -3.19 -15.42 23.67
C LEU A 47 -1.97 -15.31 22.76
N GLY A 48 -0.99 -16.18 22.98
CA GLY A 48 0.22 -16.18 22.17
C GLY A 48 1.47 -15.85 22.97
N GLU A 49 2.61 -15.86 22.31
CA GLU A 49 3.90 -15.56 22.95
C GLU A 49 3.96 -14.09 23.39
N GLU A 50 4.92 -13.79 24.26
CA GLU A 50 5.10 -12.43 24.77
C GLU A 50 5.62 -11.49 23.68
N ALA A 51 4.69 -10.90 22.94
CA ALA A 51 5.04 -9.98 21.85
C ALA A 51 3.82 -9.16 21.42
N ALA A 52 3.21 -8.47 22.38
CA ALA A 52 2.04 -7.64 22.11
C ALA A 52 2.40 -6.16 22.06
N GLY A 53 1.71 -5.42 21.21
CA GLY A 53 1.96 -3.99 21.07
C GLY A 53 0.76 -3.22 20.58
N GLY A 54 0.96 -1.94 20.25
CA GLY A 54 -0.12 -1.11 19.77
C GLY A 54 -0.29 -1.19 18.27
N ASP A 55 0.24 -0.21 17.55
CA ASP A 55 0.16 -0.16 16.10
C ASP A 55 0.96 -1.29 15.45
N GLN A 56 2.14 -1.58 16.00
CA GLN A 56 3.00 -2.65 15.48
C GLN A 56 2.28 -3.99 15.48
N PHE A 57 1.48 -4.23 16.52
CA PHE A 57 0.72 -5.48 16.64
C PHE A 57 -0.30 -5.59 15.50
N ILE A 58 -0.88 -4.46 15.12
CA ILE A 58 -1.86 -4.42 14.03
C ILE A 58 -1.23 -4.87 12.72
N HIS A 59 -0.02 -4.37 12.47
CA HIS A 59 0.70 -4.70 11.25
C HIS A 59 1.04 -6.19 11.18
N GLU A 60 1.42 -6.75 12.32
CA GLU A 60 1.79 -8.16 12.39
C GLU A 60 0.55 -9.06 12.24
N GLN A 61 -0.57 -8.62 12.81
CA GLN A 61 -1.81 -9.38 12.74
C GLN A 61 -2.40 -9.35 11.33
N ALA A 62 -2.31 -8.20 10.67
CA ALA A 62 -2.83 -8.05 9.31
C ALA A 62 -2.02 -8.86 8.31
N LEU A 63 -0.70 -8.90 8.50
CA LEU A 63 0.19 -9.65 7.62
C LEU A 63 0.03 -11.15 7.83
N ASN A 64 -0.18 -11.56 9.09
CA ASN A 64 -0.35 -12.98 9.42
C ASN A 64 -1.69 -13.51 8.90
N TRP A 65 -2.73 -12.69 8.98
CA TRP A 65 -4.06 -13.08 8.50
C TRP A 65 -4.07 -13.28 6.99
N LEU A 66 -3.36 -12.41 6.27
CA LEU A 66 -3.29 -12.49 4.81
C LEU A 66 -2.55 -13.76 4.37
N GLN A 67 -1.60 -14.21 5.19
CA GLN A 67 -0.84 -15.43 4.89
C GLN A 67 -1.77 -16.60 4.59
N GLN A 68 -2.85 -16.70 5.37
CA GLN A 68 -3.83 -17.77 5.19
C GLN A 68 -4.93 -17.35 4.22
N ALA A 69 -5.24 -16.05 4.19
CA ALA A 69 -6.27 -15.50 3.31
C ALA A 69 -5.98 -15.84 1.85
N ASP A 70 -6.74 -16.79 1.31
CA ASP A 70 -6.60 -17.21 -0.08
C ASP A 70 -6.99 -16.07 -1.02
N VAL A 71 -7.90 -15.21 -0.56
CA VAL A 71 -8.35 -14.07 -1.35
C VAL A 71 -8.55 -12.83 -0.47
N VAL A 72 -8.22 -11.66 -1.00
CA VAL A 72 -8.36 -10.42 -0.26
C VAL A 72 -9.32 -9.47 -0.97
N VAL A 73 -10.34 -9.01 -0.23
CA VAL A 73 -11.33 -8.09 -0.78
C VAL A 73 -11.22 -6.73 -0.09
N ALA A 74 -11.39 -5.66 -0.86
CA ALA A 74 -11.29 -4.30 -0.30
C ALA A 74 -12.51 -3.46 -0.66
N GLU A 75 -12.93 -2.61 0.28
CA GLU A 75 -14.07 -1.73 0.07
C GLU A 75 -13.80 -0.35 0.67
N VAL A 76 -13.34 0.58 -0.17
CA VAL A 76 -13.03 1.93 0.28
C VAL A 76 -13.53 2.97 -0.73
N THR A 77 -14.11 4.05 -0.24
CA THR A 77 -14.63 5.12 -1.10
C THR A 77 -13.67 6.32 -1.14
N GLN A 78 -12.38 6.08 -0.83
CA GLN A 78 -11.38 7.14 -0.84
C GLN A 78 -9.97 6.56 -0.74
N PRO A 79 -8.96 7.26 -1.31
CA PRO A 79 -7.56 6.82 -1.28
C PRO A 79 -7.01 6.69 0.14
N SER A 80 -7.00 5.45 0.64
CA SER A 80 -6.50 5.16 1.99
C SER A 80 -5.07 4.62 1.92
N LEU A 81 -4.16 5.26 2.66
CA LEU A 81 -2.76 4.85 2.70
C LEU A 81 -2.59 3.50 3.38
N GLY A 82 -3.23 3.33 4.54
CA GLY A 82 -3.14 2.08 5.28
C GLY A 82 -3.72 0.91 4.51
N VAL A 83 -4.89 1.12 3.92
CA VAL A 83 -5.55 0.07 3.14
C VAL A 83 -4.74 -0.24 1.88
N GLY A 84 -4.18 0.81 1.26
CA GLY A 84 -3.37 0.63 0.07
C GLY A 84 -2.16 -0.25 0.36
N TYR A 85 -1.56 -0.04 1.54
CA TYR A 85 -0.41 -0.81 1.96
C TYR A 85 -0.78 -2.29 2.10
N GLU A 86 -1.93 -2.54 2.74
CA GLU A 86 -2.44 -3.90 2.92
C GLU A 86 -2.63 -4.58 1.56
N LEU A 87 -3.09 -3.80 0.58
CA LEU A 87 -3.31 -4.32 -0.78
C LEU A 87 -1.98 -4.74 -1.41
N GLY A 88 -0.94 -3.92 -1.17
CA GLY A 88 0.38 -4.24 -1.71
C GLY A 88 0.91 -5.54 -1.16
N ARG A 89 0.72 -5.76 0.14
CA ARG A 89 1.16 -6.98 0.79
C ARG A 89 0.31 -8.16 0.35
N ALA A 90 -0.97 -7.89 0.05
CA ALA A 90 -1.90 -8.93 -0.38
C ALA A 90 -1.51 -9.48 -1.75
N VAL A 91 -1.02 -8.62 -2.63
CA VAL A 91 -0.59 -9.04 -3.96
C VAL A 91 0.75 -9.78 -3.90
N ALA A 92 1.62 -9.35 -2.99
CA ALA A 92 2.93 -9.97 -2.82
C ALA A 92 2.83 -11.35 -2.16
N LEU A 93 1.90 -11.48 -1.21
CA LEU A 93 1.70 -12.74 -0.50
C LEU A 93 0.72 -13.64 -1.24
N GLY A 94 -0.47 -13.11 -1.53
CA GLY A 94 -1.49 -13.88 -2.23
C GLY A 94 -1.48 -13.64 -3.73
N LYS A 95 -2.66 -13.37 -4.29
CA LYS A 95 -2.80 -13.12 -5.73
C LYS A 95 -4.18 -12.55 -6.06
N PRO A 96 -5.27 -13.30 -5.77
CA PRO A 96 -6.63 -12.83 -6.06
C PRO A 96 -7.07 -11.70 -5.14
N ILE A 97 -6.95 -10.47 -5.64
CA ILE A 97 -7.34 -9.29 -4.87
C ILE A 97 -8.59 -8.63 -5.44
N LEU A 98 -9.37 -8.00 -4.57
CA LEU A 98 -10.59 -7.31 -4.95
C LEU A 98 -10.59 -5.88 -4.40
N CYS A 99 -11.09 -4.95 -5.19
CA CYS A 99 -11.14 -3.54 -4.77
C CYS A 99 -12.50 -2.92 -5.09
N LEU A 100 -13.08 -2.23 -4.11
CA LEU A 100 -14.38 -1.59 -4.28
C LEU A 100 -14.27 -0.09 -4.06
N PHE A 101 -14.19 0.66 -5.17
CA PHE A 101 -14.08 2.11 -5.11
C PHE A 101 -15.32 2.78 -5.71
N ARG A 102 -15.93 3.69 -4.96
CA ARG A 102 -17.12 4.40 -5.43
C ARG A 102 -16.78 5.25 -6.66
N PRO A 103 -17.45 4.96 -7.80
CA PRO A 103 -17.22 5.69 -9.06
C PRO A 103 -17.77 7.12 -9.07
N GLN A 104 -18.21 7.62 -7.92
CA GLN A 104 -18.73 8.97 -7.81
C GLN A 104 -18.49 9.55 -6.41
N SER A 105 -17.49 9.02 -5.70
CA SER A 105 -17.16 9.50 -4.36
C SER A 105 -16.47 10.86 -4.41
N GLY A 106 -15.76 11.12 -5.51
CA GLY A 106 -15.07 12.38 -5.67
C GLY A 106 -13.56 12.20 -5.81
N ARG A 107 -13.00 11.28 -5.04
CA ARG A 107 -11.58 11.00 -5.07
C ARG A 107 -11.26 9.96 -6.13
N VAL A 108 -10.01 9.54 -6.14
CA VAL A 108 -9.52 8.54 -7.09
C VAL A 108 -8.36 7.74 -6.52
N LEU A 109 -8.06 6.60 -7.13
CA LEU A 109 -6.97 5.74 -6.68
C LEU A 109 -5.61 6.33 -7.09
N SER A 110 -5.02 5.79 -8.17
CA SER A 110 -3.72 6.27 -8.67
C SER A 110 -3.18 5.32 -9.74
N ALA A 111 -2.13 5.76 -10.44
CA ALA A 111 -1.52 4.94 -11.49
C ALA A 111 -0.98 3.63 -10.93
N MET A 112 -0.52 3.67 -9.67
CA MET A 112 0.02 2.49 -9.02
C MET A 112 -1.08 1.45 -8.78
N ILE A 113 -2.21 1.90 -8.24
CA ILE A 113 -3.35 1.03 -7.95
C ILE A 113 -3.94 0.48 -9.25
N ARG A 114 -4.15 1.36 -10.23
CA ARG A 114 -4.69 0.97 -11.52
C ARG A 114 -3.77 -0.03 -12.22
N GLY A 115 -2.46 0.20 -12.10
CA GLY A 115 -1.47 -0.70 -12.69
C GLY A 115 -1.53 -2.08 -12.08
N ALA A 116 -1.71 -2.15 -10.76
CA ALA A 116 -1.80 -3.42 -10.06
C ALA A 116 -2.93 -4.28 -10.62
N ALA A 117 -4.06 -3.64 -10.92
CA ALA A 117 -5.22 -4.34 -11.45
C ALA A 117 -5.03 -4.65 -12.94
N ASP A 118 -4.38 -5.77 -13.22
CA ASP A 118 -4.14 -6.20 -14.60
C ASP A 118 -5.34 -6.97 -15.15
N GLY A 119 -6.19 -7.47 -14.25
CA GLY A 119 -7.38 -8.20 -14.68
C GLY A 119 -7.27 -9.71 -14.46
N SER A 120 -6.07 -10.19 -14.14
CA SER A 120 -5.86 -11.63 -13.90
C SER A 120 -6.56 -12.07 -12.62
N ARG A 121 -5.97 -11.68 -11.49
CA ARG A 121 -6.51 -12.02 -10.18
C ARG A 121 -6.98 -10.79 -9.40
N PHE A 122 -6.59 -9.59 -9.87
CA PHE A 122 -6.98 -8.35 -9.20
C PHE A 122 -8.07 -7.63 -9.98
N GLN A 123 -9.20 -7.38 -9.33
CA GLN A 123 -10.33 -6.70 -9.97
C GLN A 123 -10.82 -5.53 -9.11
N VAL A 124 -10.89 -4.35 -9.73
CA VAL A 124 -11.35 -3.15 -9.03
C VAL A 124 -12.73 -2.73 -9.52
N TRP A 125 -13.77 -3.17 -8.80
CA TRP A 125 -15.15 -2.84 -9.16
C TRP A 125 -15.57 -1.51 -8.53
N ASP A 126 -16.44 -0.80 -9.24
CA ASP A 126 -16.94 0.50 -8.78
C ASP A 126 -18.36 0.39 -8.25
N TYR A 127 -18.54 0.59 -6.94
CA TYR A 127 -19.85 0.51 -6.31
C TYR A 127 -20.33 1.90 -5.87
N ALA A 128 -21.48 2.30 -6.38
CA ALA A 128 -22.06 3.61 -6.05
C ALA A 128 -23.13 3.50 -4.96
N GLU A 129 -22.70 3.69 -3.71
CA GLU A 129 -23.60 3.64 -2.56
C GLU A 129 -24.45 2.38 -2.52
N GLY A 130 -25.69 2.52 -2.91
CA GLY A 130 -26.62 1.41 -2.93
C GLY A 130 -26.17 0.28 -3.83
N GLU A 131 -25.02 0.44 -4.51
CA GLU A 131 -24.50 -0.59 -5.40
C GLU A 131 -23.45 -1.47 -4.69
N VAL A 132 -23.24 -1.21 -3.39
CA VAL A 132 -22.27 -1.98 -2.60
C VAL A 132 -22.74 -3.42 -2.42
N GLU A 133 -24.05 -3.59 -2.26
CA GLU A 133 -24.63 -4.92 -2.08
C GLU A 133 -24.60 -5.69 -3.40
N THR A 134 -24.85 -4.99 -4.50
CA THR A 134 -24.83 -5.60 -5.83
C THR A 134 -23.43 -6.07 -6.19
N MET A 135 -22.43 -5.24 -5.86
CA MET A 135 -21.04 -5.56 -6.13
C MET A 135 -20.54 -6.68 -5.22
N LEU A 136 -21.00 -6.68 -3.97
CA LEU A 136 -20.61 -7.70 -3.00
C LEU A 136 -21.22 -9.05 -3.36
N ASP A 137 -22.47 -9.03 -3.82
CA ASP A 137 -23.16 -10.26 -4.21
C ASP A 137 -22.57 -10.82 -5.50
N ARG A 138 -22.20 -9.92 -6.43
CA ARG A 138 -21.62 -10.33 -7.70
C ARG A 138 -20.22 -10.92 -7.51
N TYR A 139 -19.49 -10.39 -6.53
CA TYR A 139 -18.14 -10.88 -6.25
C TYR A 139 -18.16 -12.30 -5.68
N PHE A 140 -19.13 -12.56 -4.80
CA PHE A 140 -19.27 -13.88 -4.20
C PHE A 140 -19.89 -14.86 -5.19
N GLU A 141 -20.80 -14.36 -6.02
CA GLU A 141 -21.48 -15.18 -7.02
C GLU A 141 -20.53 -15.52 -8.17
N ALA A 142 -19.68 -14.56 -8.55
CA ALA A 142 -18.71 -14.75 -9.62
C ALA A 142 -17.57 -15.67 -9.17
N TYR A 143 -17.31 -15.69 -7.87
CA TYR A 143 -16.25 -16.52 -7.31
C TYR A 143 -16.69 -17.98 -7.25
N LEU A 144 -17.95 -18.21 -6.90
CA LEU A 144 -18.50 -19.55 -6.80
C LEU A 144 -18.69 -20.17 -8.19
N VAL A 145 -19.08 -19.35 -9.16
CA VAL A 145 -19.31 -19.81 -10.52
C VAL A 145 -17.98 -20.14 -11.23
N GLU A 146 -16.93 -19.39 -10.90
CA GLU A 146 -15.62 -19.62 -11.51
C GLU A 146 -14.88 -20.75 -10.81
N HIS A 147 -15.12 -20.89 -9.49
CA HIS A 147 -14.48 -21.93 -8.69
C HIS A 147 -12.95 -21.78 -8.70
N HIS A 148 -12.47 -20.55 -8.91
CA HIS A 148 -11.03 -20.28 -8.95
C HIS A 148 -10.75 -18.79 -8.84
N HIS A 149 -11.06 -18.05 -9.91
CA HIS A 149 -10.85 -16.61 -9.95
C HIS A 149 -11.42 -16.00 -11.23
N HIS A 150 -12.19 -14.92 -11.07
CA HIS A 150 -12.79 -14.25 -12.22
C HIS A 150 -11.75 -13.49 -13.02
N HIS A 151 -11.97 -13.38 -14.33
CA HIS A 151 -11.04 -12.69 -15.22
C HIS A 151 -11.59 -11.32 -15.63
N HIS A 152 -10.70 -10.47 -16.15
CA HIS A 152 -11.06 -9.12 -16.58
C HIS A 152 -11.33 -8.20 -15.39
N MET B 1 26.46 -6.65 -6.31
CA MET B 1 26.47 -5.80 -5.09
C MET B 1 26.51 -4.31 -5.46
N ARG B 2 25.34 -3.68 -5.46
CA ARG B 2 25.24 -2.26 -5.79
C ARG B 2 24.26 -1.54 -4.87
N ARG B 3 24.47 -0.25 -4.68
CA ARG B 3 23.61 0.56 -3.81
C ARG B 3 22.46 1.16 -4.63
N SER B 4 21.23 0.90 -4.19
CA SER B 4 20.05 1.40 -4.89
C SER B 4 19.03 1.99 -3.92
N VAL B 5 18.56 3.19 -4.23
CA VAL B 5 17.58 3.89 -3.39
C VAL B 5 16.37 4.35 -4.24
N TYR B 6 15.20 3.80 -3.92
CA TYR B 6 13.97 4.16 -4.65
C TYR B 6 13.23 5.28 -3.92
N PHE B 7 12.83 6.30 -4.68
CA PHE B 7 12.10 7.44 -4.11
C PHE B 7 10.66 7.48 -4.63
N CYS B 8 9.70 7.42 -3.70
CA CYS B 8 8.28 7.45 -4.05
C CYS B 8 7.60 8.66 -3.40
N GLY B 9 6.86 9.43 -4.20
CA GLY B 9 6.17 10.60 -3.66
C GLY B 9 4.88 10.94 -4.38
N SER B 10 4.18 9.92 -4.90
CA SER B 10 2.91 10.11 -5.62
C SER B 10 3.01 11.18 -6.71
N ILE B 11 3.13 10.74 -7.97
CA ILE B 11 3.24 11.66 -9.07
C ILE B 11 1.86 11.97 -9.64
N ARG B 12 1.04 10.92 -9.77
CA ARG B 12 -0.32 11.04 -10.30
C ARG B 12 -0.30 11.79 -11.63
N GLY B 13 0.73 11.50 -12.43
CA GLY B 13 0.89 12.16 -13.71
C GLY B 13 1.00 13.68 -13.56
N GLY B 14 1.51 14.13 -12.41
CA GLY B 14 1.64 15.54 -12.16
C GLY B 14 2.98 16.10 -12.59
N ARG B 15 3.01 17.42 -12.84
CA ARG B 15 4.23 18.11 -13.24
C ARG B 15 4.81 18.91 -12.07
N GLU B 16 4.35 18.61 -10.85
CA GLU B 16 4.82 19.29 -9.66
C GLU B 16 5.84 18.44 -8.90
N ASP B 17 5.74 17.12 -9.08
CA ASP B 17 6.65 16.19 -8.44
C ASP B 17 7.91 15.98 -9.27
N GLN B 18 7.81 16.20 -10.59
CA GLN B 18 8.94 16.06 -11.49
C GLN B 18 10.11 16.93 -11.03
N ALA B 19 9.80 18.16 -10.59
CA ALA B 19 10.82 19.08 -10.11
C ALA B 19 11.50 18.52 -8.86
N LEU B 20 10.70 17.95 -7.96
CA LEU B 20 11.21 17.36 -6.73
C LEU B 20 11.96 16.07 -7.05
N TYR B 21 11.44 15.31 -8.01
CA TYR B 21 12.05 14.05 -8.44
C TYR B 21 13.39 14.28 -9.11
N ALA B 22 13.53 15.40 -9.83
CA ALA B 22 14.77 15.72 -10.53
C ALA B 22 15.88 16.09 -9.54
N ARG B 23 15.51 16.80 -8.48
CA ARG B 23 16.48 17.21 -7.47
C ARG B 23 16.84 16.05 -6.54
N ILE B 24 15.87 15.18 -6.26
CA ILE B 24 16.10 14.03 -5.40
C ILE B 24 16.83 12.92 -6.14
N VAL B 25 16.56 12.79 -7.45
CA VAL B 25 17.21 11.76 -8.26
C VAL B 25 18.71 12.03 -8.41
N SER B 26 19.09 13.31 -8.46
CA SER B 26 20.50 13.67 -8.57
C SER B 26 21.26 13.33 -7.30
N ARG B 27 20.63 13.60 -6.15
CA ARG B 27 21.24 13.31 -4.86
C ARG B 27 21.26 11.80 -4.60
N LEU B 28 20.20 11.12 -5.03
CA LEU B 28 20.07 9.67 -4.84
C LEU B 28 21.11 8.93 -5.68
N ARG B 29 21.33 9.41 -6.91
CA ARG B 29 22.31 8.80 -7.81
C ARG B 29 23.73 9.00 -7.27
N ARG B 30 23.95 10.15 -6.61
CA ARG B 30 25.26 10.47 -6.04
C ARG B 30 25.69 9.43 -5.00
N TYR B 31 24.72 8.85 -4.29
CA TYR B 31 24.99 7.85 -3.28
C TYR B 31 25.26 6.49 -3.93
N GLY B 32 24.29 6.02 -4.72
CA GLY B 32 24.44 4.74 -5.39
C GLY B 32 23.72 4.71 -6.72
N LYS B 33 22.43 4.36 -6.68
CA LYS B 33 21.62 4.27 -7.88
C LYS B 33 20.15 4.59 -7.58
N VAL B 34 19.56 5.49 -8.36
CA VAL B 34 18.16 5.88 -8.18
C VAL B 34 17.24 4.90 -8.91
N LEU B 35 16.08 4.62 -8.32
CA LEU B 35 15.12 3.69 -8.92
C LEU B 35 13.91 4.43 -9.49
N THR B 36 13.93 5.78 -9.43
CA THR B 36 12.82 6.57 -9.95
C THR B 36 13.36 7.69 -10.85
N GLU B 37 14.07 7.28 -11.90
CA GLU B 37 14.63 8.22 -12.87
C GLU B 37 13.63 8.50 -13.99
N HIS B 38 12.74 7.55 -14.23
CA HIS B 38 11.70 7.66 -15.26
C HIS B 38 10.78 8.86 -15.00
N VAL B 39 10.57 9.16 -13.71
CA VAL B 39 9.71 10.27 -13.31
C VAL B 39 10.15 11.60 -13.92
N ALA B 40 11.40 11.66 -14.40
CA ALA B 40 11.94 12.86 -15.01
C ALA B 40 12.57 12.56 -16.39
N ASP B 41 11.95 11.63 -17.14
CA ASP B 41 12.46 11.27 -18.47
C ASP B 41 11.55 11.79 -19.58
N ALA B 42 12.10 11.92 -20.79
CA ALA B 42 11.34 12.39 -21.94
C ALA B 42 11.72 11.59 -23.18
N GLU B 43 11.68 10.27 -22.99
CA GLU B 43 12.00 9.31 -24.05
C GLU B 43 12.11 7.91 -23.46
N LEU B 44 10.98 7.36 -23.03
CA LEU B 44 10.94 6.02 -22.43
C LEU B 44 11.70 5.01 -23.28
N GLU B 45 12.93 4.70 -22.85
CA GLU B 45 13.80 3.76 -23.57
C GLU B 45 13.08 2.46 -23.91
N PRO B 46 12.72 2.27 -25.20
CA PRO B 46 12.02 1.08 -25.67
C PRO B 46 12.96 -0.13 -25.79
N LEU B 47 13.16 -0.83 -24.68
CA LEU B 47 14.02 -2.01 -24.65
C LEU B 47 13.43 -3.12 -23.80
N GLY B 48 13.77 -4.37 -24.14
CA GLY B 48 13.27 -5.51 -23.39
C GLY B 48 12.38 -6.42 -24.22
N GLU B 49 11.91 -7.50 -23.62
CA GLU B 49 11.05 -8.47 -24.30
C GLU B 49 9.68 -7.84 -24.63
N GLU B 50 8.94 -8.50 -25.51
CA GLU B 50 7.62 -8.02 -25.92
C GLU B 50 6.60 -8.16 -24.79
N ALA B 51 6.52 -7.13 -23.95
CA ALA B 51 5.60 -7.12 -22.82
C ALA B 51 5.43 -5.71 -22.26
N ALA B 52 5.03 -4.79 -23.13
CA ALA B 52 4.83 -3.39 -22.74
C ALA B 52 3.34 -3.08 -22.59
N GLY B 53 3.03 -2.19 -21.64
CA GLY B 53 1.65 -1.81 -21.40
C GLY B 53 1.52 -0.42 -20.78
N GLY B 54 0.30 -0.08 -20.37
CA GLY B 54 0.06 1.21 -19.76
C GLY B 54 0.29 1.21 -18.26
N ASP B 55 -0.79 1.11 -17.51
CA ASP B 55 -0.73 1.09 -16.05
C ASP B 55 -0.04 -0.17 -15.54
N GLN B 56 -0.34 -1.31 -16.16
CA GLN B 56 0.26 -2.59 -15.78
C GLN B 56 1.79 -2.54 -15.85
N PHE B 57 2.31 -1.85 -16.87
CA PHE B 57 3.76 -1.71 -17.05
C PHE B 57 4.36 -0.94 -15.87
N ILE B 58 3.63 0.06 -15.37
CA ILE B 58 4.09 0.85 -14.24
C ILE B 58 4.26 -0.01 -13.00
N HIS B 59 3.30 -0.90 -12.77
CA HIS B 59 3.33 -1.78 -11.62
C HIS B 59 4.52 -2.74 -11.69
N GLU B 60 4.79 -3.25 -12.89
CA GLU B 60 5.89 -4.18 -13.08
C GLU B 60 7.25 -3.49 -12.95
N GLN B 61 7.32 -2.24 -13.42
CA GLN B 61 8.56 -1.48 -13.35
C GLN B 61 8.87 -1.05 -11.91
N ALA B 62 7.82 -0.69 -11.17
CA ALA B 62 7.99 -0.26 -9.78
C ALA B 62 8.41 -1.42 -8.89
N LEU B 63 7.85 -2.60 -9.16
CA LEU B 63 8.17 -3.80 -8.38
C LEU B 63 9.57 -4.30 -8.71
N ASN B 64 9.97 -4.19 -9.98
CA ASN B 64 11.30 -4.62 -10.41
C ASN B 64 12.40 -3.71 -9.88
N TRP B 65 12.12 -2.40 -9.82
CA TRP B 65 13.08 -1.43 -9.32
C TRP B 65 13.34 -1.63 -7.83
N LEU B 66 12.28 -1.94 -7.07
CA LEU B 66 12.40 -2.16 -5.63
C LEU B 66 13.22 -3.41 -5.33
N GLN B 67 13.17 -4.40 -6.24
CA GLN B 67 13.92 -5.64 -6.07
C GLN B 67 15.40 -5.35 -5.82
N GLN B 68 15.94 -4.37 -6.55
CA GLN B 68 17.34 -3.97 -6.41
C GLN B 68 17.50 -2.87 -5.35
N ALA B 69 16.47 -2.03 -5.21
CA ALA B 69 16.49 -0.94 -4.23
C ALA B 69 16.74 -1.46 -2.82
N ASP B 70 17.95 -1.24 -2.33
CA ASP B 70 18.33 -1.66 -0.98
C ASP B 70 17.53 -0.90 0.07
N VAL B 71 17.13 0.33 -0.27
CA VAL B 71 16.36 1.18 0.63
C VAL B 71 15.30 1.97 -0.14
N VAL B 72 14.13 2.14 0.46
CA VAL B 72 13.04 2.87 -0.16
C VAL B 72 12.66 4.10 0.67
N VAL B 73 12.66 5.27 0.03
CA VAL B 73 12.31 6.51 0.69
C VAL B 73 11.02 7.08 0.11
N ALA B 74 10.16 7.64 0.97
CA ALA B 74 8.88 8.19 0.52
C ALA B 74 8.68 9.62 1.01
N GLU B 75 8.06 10.44 0.16
CA GLU B 75 7.80 11.83 0.49
C GLU B 75 6.41 12.25 -0.01
N VAL B 76 5.42 12.17 0.88
CA VAL B 76 4.04 12.53 0.53
C VAL B 76 3.38 13.34 1.65
N THR B 77 2.66 14.39 1.27
CA THR B 77 1.97 15.24 2.24
C THR B 77 0.47 14.91 2.33
N GLN B 78 0.11 13.68 1.94
CA GLN B 78 -1.29 13.24 1.98
C GLN B 78 -1.40 11.74 1.77
N PRO B 79 -2.45 11.10 2.34
CA PRO B 79 -2.68 9.66 2.21
C PRO B 79 -2.87 9.22 0.75
N SER B 80 -1.80 8.70 0.15
CA SER B 80 -1.84 8.24 -1.23
C SER B 80 -1.97 6.72 -1.29
N LEU B 81 -2.99 6.25 -2.02
CA LEU B 81 -3.25 4.83 -2.17
C LEU B 81 -2.14 4.14 -2.96
N GLY B 82 -1.77 4.73 -4.10
CA GLY B 82 -0.74 4.15 -4.94
C GLY B 82 0.61 4.10 -4.24
N VAL B 83 0.98 5.19 -3.57
CA VAL B 83 2.25 5.25 -2.84
C VAL B 83 2.22 4.29 -1.65
N GLY B 84 1.07 4.20 -0.99
CA GLY B 84 0.93 3.29 0.15
C GLY B 84 1.15 1.86 -0.27
N TYR B 85 0.65 1.50 -1.46
CA TYR B 85 0.80 0.16 -2.00
C TYR B 85 2.29 -0.13 -2.23
N GLU B 86 3.00 0.83 -2.83
CA GLU B 86 4.42 0.69 -3.10
C GLU B 86 5.19 0.46 -1.79
N LEU B 87 4.75 1.15 -0.73
CA LEU B 87 5.37 1.00 0.58
C LEU B 87 5.18 -0.42 1.12
N GLY B 88 3.99 -0.98 0.90
CA GLY B 88 3.70 -2.34 1.33
C GLY B 88 4.61 -3.34 0.66
N ARG B 89 4.82 -3.16 -0.64
CA ARG B 89 5.68 -4.05 -1.41
C ARG B 89 7.15 -3.84 -1.03
N ALA B 90 7.49 -2.60 -0.65
CA ALA B 90 8.85 -2.26 -0.25
C ALA B 90 9.24 -2.97 1.05
N VAL B 91 8.29 -3.10 1.97
CA VAL B 91 8.55 -3.77 3.24
C VAL B 91 8.61 -5.29 3.05
N ALA B 92 7.79 -5.80 2.14
CA ALA B 92 7.75 -7.24 1.85
C ALA B 92 9.00 -7.68 1.10
N LEU B 93 9.48 -6.86 0.18
CA LEU B 93 10.67 -7.17 -0.62
C LEU B 93 11.95 -6.74 0.10
N GLY B 94 12.01 -5.46 0.49
CA GLY B 94 13.18 -4.96 1.17
C GLY B 94 13.04 -4.98 2.68
N LYS B 95 13.36 -3.85 3.32
CA LYS B 95 13.26 -3.73 4.77
C LYS B 95 13.38 -2.28 5.23
N PRO B 96 14.52 -1.60 4.94
CA PRO B 96 14.72 -0.20 5.33
C PRO B 96 13.85 0.76 4.52
N ILE B 97 12.73 1.16 5.11
CA ILE B 97 11.81 2.09 4.47
C ILE B 97 11.81 3.45 5.15
N LEU B 98 11.55 4.50 4.37
CA LEU B 98 11.49 5.86 4.88
C LEU B 98 10.19 6.53 4.44
N CYS B 99 9.60 7.33 5.32
CA CYS B 99 8.35 8.02 5.02
C CYS B 99 8.42 9.48 5.46
N LEU B 100 8.00 10.38 4.57
CA LEU B 100 8.02 11.81 4.85
C LEU B 100 6.62 12.40 4.75
N PHE B 101 5.97 12.57 5.91
CA PHE B 101 4.62 13.11 5.98
C PHE B 101 4.61 14.46 6.68
N ARG B 102 4.02 15.47 6.03
CA ARG B 102 3.94 16.80 6.62
C ARG B 102 3.10 16.78 7.90
N PRO B 103 3.70 17.16 9.04
CA PRO B 103 3.01 17.16 10.35
C PRO B 103 1.97 18.29 10.50
N GLN B 104 1.67 18.99 9.41
CA GLN B 104 0.69 20.07 9.44
C GLN B 104 -0.01 20.22 8.08
N SER B 105 -0.01 19.15 7.28
CA SER B 105 -0.66 19.17 5.97
C SER B 105 -2.18 19.15 6.10
N GLY B 106 -2.67 18.54 7.18
CA GLY B 106 -4.10 18.46 7.40
C GLY B 106 -4.60 17.03 7.45
N ARG B 107 -4.06 16.17 6.58
CA ARG B 107 -4.45 14.79 6.50
C ARG B 107 -3.60 13.95 7.46
N VAL B 108 -3.78 12.64 7.38
CA VAL B 108 -3.06 11.70 8.23
C VAL B 108 -2.88 10.36 7.52
N LEU B 109 -1.96 9.54 8.04
CA LEU B 109 -1.70 8.21 7.46
C LEU B 109 -2.81 7.23 7.85
N SER B 110 -2.54 6.37 8.84
CA SER B 110 -3.52 5.38 9.31
C SER B 110 -2.87 4.40 10.28
N ALA B 111 -3.68 3.60 10.96
CA ALA B 111 -3.17 2.60 11.91
C ALA B 111 -2.27 1.59 11.22
N MET B 112 -2.57 1.29 9.95
CA MET B 112 -1.78 0.34 9.17
C MET B 112 -0.38 0.89 8.91
N ILE B 113 -0.32 2.15 8.45
CA ILE B 113 0.97 2.80 8.16
C ILE B 113 1.78 2.98 9.45
N ARG B 114 1.13 3.49 10.50
CA ARG B 114 1.79 3.69 11.79
C ARG B 114 2.31 2.37 12.34
N GLY B 115 1.52 1.30 12.17
CA GLY B 115 1.91 -0.02 12.64
C GLY B 115 3.15 -0.53 11.94
N ALA B 116 3.22 -0.28 10.62
CA ALA B 116 4.37 -0.71 9.82
C ALA B 116 5.66 -0.13 10.37
N ALA B 117 5.60 1.15 10.77
CA ALA B 117 6.77 1.83 11.32
C ALA B 117 7.05 1.41 12.75
N ASP B 118 7.77 0.30 12.90
CA ASP B 118 8.11 -0.21 14.23
C ASP B 118 9.36 0.49 14.79
N GLY B 119 10.15 1.10 13.90
CA GLY B 119 11.34 1.80 14.32
C GLY B 119 12.63 1.06 13.98
N SER B 120 12.52 -0.19 13.55
CA SER B 120 13.70 -0.99 13.19
C SER B 120 14.33 -0.46 11.91
N ARG B 121 13.68 -0.72 10.79
CA ARG B 121 14.15 -0.29 9.48
C ARG B 121 13.21 0.74 8.84
N PHE B 122 12.00 0.88 9.38
CA PHE B 122 11.03 1.82 8.83
C PHE B 122 10.91 3.06 9.73
N GLN B 123 11.16 4.24 9.15
CA GLN B 123 11.08 5.48 9.90
C GLN B 123 10.21 6.51 9.17
N VAL B 124 9.21 7.04 9.88
CA VAL B 124 8.32 8.04 9.31
C VAL B 124 8.58 9.42 9.89
N TRP B 125 9.39 10.22 9.19
CA TRP B 125 9.73 11.56 9.64
C TRP B 125 8.69 12.57 9.16
N ASP B 126 8.47 13.61 9.96
CA ASP B 126 7.52 14.65 9.63
C ASP B 126 8.22 15.93 9.17
N TYR B 127 8.05 16.27 7.89
CA TYR B 127 8.68 17.47 7.32
C TYR B 127 7.63 18.54 7.02
N ALA B 128 7.79 19.72 7.61
CA ALA B 128 6.87 20.83 7.42
C ALA B 128 7.40 21.82 6.39
N GLU B 129 6.97 21.63 5.13
CA GLU B 129 7.36 22.51 4.03
C GLU B 129 8.86 22.71 3.94
N GLY B 130 9.29 23.85 4.39
CA GLY B 130 10.71 24.20 4.38
C GLY B 130 11.57 23.21 5.15
N GLU B 131 10.94 22.21 5.79
CA GLU B 131 11.69 21.22 6.56
C GLU B 131 11.96 19.96 5.72
N VAL B 132 11.57 19.98 4.45
CA VAL B 132 11.79 18.84 3.56
C VAL B 132 13.28 18.64 3.28
N GLU B 133 14.01 19.75 3.17
CA GLU B 133 15.44 19.71 2.92
C GLU B 133 16.19 19.23 4.16
N THR B 134 15.72 19.67 5.33
CA THR B 134 16.33 19.28 6.60
C THR B 134 16.14 17.78 6.85
N MET B 135 14.94 17.29 6.54
CA MET B 135 14.62 15.87 6.72
C MET B 135 15.36 15.01 5.69
N LEU B 136 15.49 15.52 4.47
CA LEU B 136 16.18 14.80 3.40
C LEU B 136 17.69 14.73 3.68
N ASP B 137 18.25 15.82 4.21
CA ASP B 137 19.67 15.87 4.53
C ASP B 137 19.97 14.99 5.74
N ARG B 138 19.06 14.98 6.71
CA ARG B 138 19.23 14.17 7.92
C ARG B 138 19.13 12.68 7.61
N TYR B 139 18.28 12.33 6.64
CA TYR B 139 18.10 10.93 6.25
C TYR B 139 19.34 10.39 5.58
N PHE B 140 19.97 11.20 4.73
CA PHE B 140 21.18 10.79 4.03
C PHE B 140 22.39 10.84 4.97
N GLU B 141 22.39 11.81 5.89
CA GLU B 141 23.47 11.97 6.85
C GLU B 141 23.41 10.87 7.91
N ALA B 142 22.19 10.51 8.33
CA ALA B 142 22.00 9.47 9.33
C ALA B 142 22.29 8.09 8.75
N TYR B 143 22.11 7.94 7.43
CA TYR B 143 22.35 6.68 6.76
C TYR B 143 23.86 6.43 6.60
N LEU B 144 24.59 7.49 6.30
CA LEU B 144 26.05 7.40 6.13
C LEU B 144 26.75 7.19 7.47
N VAL B 145 26.24 7.82 8.52
CA VAL B 145 26.82 7.70 9.85
C VAL B 145 26.56 6.33 10.46
N GLU B 146 25.41 5.73 10.15
CA GLU B 146 25.05 4.41 10.66
C GLU B 146 25.71 3.31 9.83
N HIS B 147 25.88 3.57 8.53
CA HIS B 147 26.48 2.61 7.62
C HIS B 147 25.67 1.30 7.56
N HIS B 148 24.37 1.40 7.84
CA HIS B 148 23.50 0.23 7.83
C HIS B 148 22.02 0.64 7.83
N HIS B 149 21.55 1.16 8.96
CA HIS B 149 20.16 1.59 9.11
C HIS B 149 19.94 2.27 10.46
N HIS B 150 19.32 3.45 10.43
CA HIS B 150 19.04 4.20 11.65
C HIS B 150 17.93 3.52 12.46
N HIS B 151 18.00 3.66 13.79
CA HIS B 151 17.02 3.07 14.68
C HIS B 151 16.06 4.11 15.24
N HIS B 152 14.92 3.66 15.77
CA HIS B 152 13.89 4.54 16.33
C HIS B 152 13.14 5.28 15.23
N MET A 1 -8.69 -26.55 0.44
CA MET A 1 -8.48 -27.01 1.85
C MET A 1 -9.15 -26.06 2.85
N ARG A 2 -8.75 -24.79 2.79
CA ARG A 2 -9.30 -23.78 3.70
C ARG A 2 -9.59 -22.48 2.96
N ARG A 3 -10.81 -21.96 3.12
CA ARG A 3 -11.21 -20.71 2.47
C ARG A 3 -11.08 -19.55 3.43
N SER A 4 -10.32 -18.53 3.03
CA SER A 4 -10.10 -17.35 3.86
C SER A 4 -10.24 -16.06 3.06
N VAL A 5 -11.24 -15.26 3.41
CA VAL A 5 -11.49 -13.99 2.73
C VAL A 5 -11.20 -12.81 3.64
N TYR A 6 -10.23 -11.98 3.25
CA TYR A 6 -9.86 -10.81 4.04
C TYR A 6 -10.51 -9.55 3.48
N PHE A 7 -11.33 -8.88 4.30
CA PHE A 7 -12.02 -7.66 3.89
C PHE A 7 -11.33 -6.43 4.48
N CYS A 8 -10.81 -5.57 3.62
CA CYS A 8 -10.14 -4.35 4.05
C CYS A 8 -10.80 -3.12 3.42
N GLY A 9 -11.46 -2.31 4.26
CA GLY A 9 -12.13 -1.12 3.78
C GLY A 9 -11.67 0.16 4.47
N SER A 10 -10.53 0.11 5.16
CA SER A 10 -9.98 1.27 5.86
C SER A 10 -10.87 1.68 7.02
N ILE A 11 -10.46 1.33 8.24
CA ILE A 11 -11.23 1.67 9.41
C ILE A 11 -10.70 2.96 10.04
N ARG A 12 -9.38 3.10 10.06
CA ARG A 12 -8.70 4.26 10.63
C ARG A 12 -9.25 4.58 12.02
N GLY A 13 -9.51 3.52 12.78
CA GLY A 13 -10.04 3.67 14.12
C GLY A 13 -11.43 4.29 14.12
N GLY A 14 -12.19 4.09 13.03
CA GLY A 14 -13.51 4.65 12.94
C GLY A 14 -14.61 3.67 13.34
N ARG A 15 -15.75 4.22 13.76
CA ARG A 15 -16.89 3.43 14.17
C ARG A 15 -17.91 3.28 13.03
N GLU A 16 -17.54 3.74 11.84
CA GLU A 16 -18.43 3.65 10.68
C GLU A 16 -18.10 2.41 9.84
N ASP A 17 -16.97 1.77 10.15
CA ASP A 17 -16.54 0.58 9.45
C ASP A 17 -17.00 -0.68 10.19
N GLN A 18 -17.10 -0.59 11.52
CA GLN A 18 -17.52 -1.72 12.34
C GLN A 18 -18.87 -2.27 11.87
N ALA A 19 -19.81 -1.37 11.55
CA ALA A 19 -21.13 -1.78 11.08
C ALA A 19 -21.04 -2.46 9.72
N LEU A 20 -20.18 -1.95 8.85
CA LEU A 20 -19.99 -2.53 7.53
C LEU A 20 -19.21 -3.84 7.63
N TYR A 21 -18.24 -3.87 8.55
CA TYR A 21 -17.41 -5.05 8.77
C TYR A 21 -18.22 -6.18 9.40
N ALA A 22 -19.19 -5.83 10.24
CA ALA A 22 -20.03 -6.82 10.91
C ALA A 22 -20.91 -7.56 9.90
N ARG A 23 -21.43 -6.82 8.92
CA ARG A 23 -22.28 -7.43 7.90
C ARG A 23 -21.45 -8.20 6.87
N ILE A 24 -20.25 -7.73 6.58
CA ILE A 24 -19.37 -8.40 5.61
C ILE A 24 -18.70 -9.61 6.24
N VAL A 25 -18.42 -9.55 7.56
CA VAL A 25 -17.77 -10.64 8.26
C VAL A 25 -18.69 -11.85 8.35
N SER A 26 -20.00 -11.62 8.45
CA SER A 26 -20.97 -12.72 8.53
C SER A 26 -21.06 -13.44 7.18
N ARG A 27 -21.05 -12.66 6.09
CA ARG A 27 -21.11 -13.23 4.75
C ARG A 27 -19.79 -13.90 4.38
N LEU A 28 -18.68 -13.30 4.83
CA LEU A 28 -17.34 -13.83 4.55
C LEU A 28 -17.13 -15.17 5.26
N ARG A 29 -17.61 -15.26 6.51
CA ARG A 29 -17.47 -16.48 7.29
C ARG A 29 -18.41 -17.57 6.77
N ARG A 30 -19.56 -17.16 6.23
CA ARG A 30 -20.55 -18.09 5.68
C ARG A 30 -19.95 -18.92 4.55
N TYR A 31 -19.05 -18.31 3.76
CA TYR A 31 -18.42 -19.00 2.64
C TYR A 31 -17.24 -19.85 3.14
N GLY A 32 -16.36 -19.22 3.92
CA GLY A 32 -15.21 -19.93 4.45
C GLY A 32 -14.80 -19.40 5.81
N LYS A 33 -13.88 -18.43 5.81
CA LYS A 33 -13.38 -17.84 7.05
C LYS A 33 -12.97 -16.37 6.83
N VAL A 34 -13.40 -15.50 7.74
CA VAL A 34 -13.07 -14.09 7.65
C VAL A 34 -11.71 -13.81 8.29
N LEU A 35 -10.99 -12.81 7.77
CA LEU A 35 -9.67 -12.47 8.29
C LEU A 35 -9.65 -11.07 8.93
N THR A 36 -10.82 -10.44 9.07
CA THR A 36 -10.90 -9.12 9.66
C THR A 36 -11.97 -9.08 10.76
N GLU A 37 -11.80 -9.94 11.75
CA GLU A 37 -12.74 -10.02 12.88
C GLU A 37 -12.33 -9.08 14.02
N HIS A 38 -11.01 -8.84 14.14
CA HIS A 38 -10.48 -7.94 15.18
C HIS A 38 -11.21 -6.60 15.22
N VAL A 39 -11.50 -6.06 14.03
CA VAL A 39 -12.19 -4.76 13.93
C VAL A 39 -13.48 -4.76 14.75
N ALA A 40 -14.06 -5.94 14.98
CA ALA A 40 -15.28 -6.08 15.76
C ALA A 40 -15.14 -7.21 16.78
N ASP A 41 -14.07 -7.16 17.59
CA ASP A 41 -13.82 -8.18 18.61
C ASP A 41 -14.34 -7.74 19.98
N ALA A 42 -14.80 -8.71 20.77
CA ALA A 42 -15.31 -8.43 22.11
C ALA A 42 -14.55 -9.25 23.14
N GLU A 43 -13.24 -9.09 23.10
CA GLU A 43 -12.32 -9.79 24.01
C GLU A 43 -10.87 -9.50 23.60
N LEU A 44 -10.45 -8.24 23.76
CA LEU A 44 -9.10 -7.82 23.40
C LEU A 44 -8.05 -8.80 23.93
N GLU A 45 -7.50 -9.60 23.02
CA GLU A 45 -6.48 -10.59 23.39
C GLU A 45 -5.12 -10.27 22.76
N PRO A 46 -4.35 -9.36 23.39
CA PRO A 46 -3.03 -8.96 22.91
C PRO A 46 -1.92 -9.89 23.42
N LEU A 47 -1.75 -11.03 22.76
CA LEU A 47 -0.73 -12.00 23.15
C LEU A 47 0.52 -11.86 22.27
N GLY A 48 1.68 -11.79 22.93
CA GLY A 48 2.93 -11.65 22.20
C GLY A 48 3.34 -10.21 22.00
N GLU A 49 4.23 -9.97 21.02
CA GLU A 49 4.72 -8.63 20.71
C GLU A 49 5.66 -8.11 21.81
N GLU A 50 6.90 -7.85 21.43
CA GLU A 50 7.91 -7.34 22.38
C GLU A 50 8.07 -5.82 22.24
N ALA A 51 6.95 -5.11 22.33
CA ALA A 51 6.96 -3.65 22.22
C ALA A 51 5.64 -3.05 22.71
N ALA A 52 5.72 -1.88 23.33
CA ALA A 52 4.53 -1.19 23.84
C ALA A 52 3.79 -0.47 22.71
N GLY A 53 2.69 -1.08 22.26
CA GLY A 53 1.90 -0.50 21.19
C GLY A 53 1.12 -1.53 20.40
N GLY A 54 -0.09 -1.17 20.01
CA GLY A 54 -0.93 -2.08 19.24
C GLY A 54 -0.73 -1.97 17.74
N ASP A 55 -0.07 -0.89 17.29
CA ASP A 55 0.18 -0.68 15.86
C ASP A 55 1.02 -1.81 15.26
N GLN A 56 2.12 -2.16 15.93
CA GLN A 56 2.99 -3.25 15.47
C GLN A 56 2.20 -4.56 15.33
N PHE A 57 1.17 -4.71 16.16
CA PHE A 57 0.31 -5.89 16.12
C PHE A 57 -0.56 -5.88 14.86
N ILE A 58 -0.97 -4.67 14.44
CA ILE A 58 -1.81 -4.50 13.25
C ILE A 58 -1.09 -5.03 12.01
N HIS A 59 0.18 -4.67 11.88
CA HIS A 59 0.99 -5.10 10.74
C HIS A 59 1.25 -6.59 10.78
N GLU A 60 1.46 -7.13 11.98
CA GLU A 60 1.73 -8.55 12.15
C GLU A 60 0.46 -9.39 11.92
N GLN A 61 -0.68 -8.85 12.34
CA GLN A 61 -1.95 -9.55 12.19
C GLN A 61 -2.38 -9.61 10.73
N ALA A 62 -2.13 -8.54 9.98
CA ALA A 62 -2.50 -8.48 8.57
C ALA A 62 -1.69 -9.47 7.73
N LEU A 63 -0.41 -9.61 8.04
CA LEU A 63 0.47 -10.53 7.32
C LEU A 63 0.14 -11.99 7.65
N ASN A 64 -0.23 -12.24 8.90
CA ASN A 64 -0.57 -13.60 9.35
C ASN A 64 -1.88 -14.08 8.76
N TRP A 65 -2.85 -13.17 8.64
CA TRP A 65 -4.17 -13.53 8.10
C TRP A 65 -4.12 -13.72 6.58
N LEU A 66 -3.27 -12.94 5.90
CA LEU A 66 -3.13 -13.04 4.45
C LEU A 66 -2.32 -14.26 4.04
N GLN A 67 -1.55 -14.83 4.98
CA GLN A 67 -0.73 -16.00 4.71
C GLN A 67 -1.59 -17.17 4.19
N GLN A 68 -2.84 -17.24 4.68
CA GLN A 68 -3.77 -18.28 4.26
C GLN A 68 -4.99 -17.69 3.54
N ALA A 69 -5.01 -16.37 3.32
CA ALA A 69 -6.12 -15.70 2.65
C ALA A 69 -6.24 -16.14 1.20
N ASP A 70 -7.27 -16.94 0.93
CA ASP A 70 -7.53 -17.45 -0.42
C ASP A 70 -7.97 -16.31 -1.34
N VAL A 71 -8.54 -15.25 -0.77
CA VAL A 71 -8.98 -14.09 -1.54
C VAL A 71 -9.09 -12.85 -0.67
N VAL A 72 -8.58 -11.72 -1.19
CA VAL A 72 -8.62 -10.46 -0.46
C VAL A 72 -9.55 -9.47 -1.16
N VAL A 73 -10.50 -8.93 -0.40
CA VAL A 73 -11.47 -7.98 -0.92
C VAL A 73 -11.33 -6.63 -0.21
N ALA A 74 -11.48 -5.54 -0.95
CA ALA A 74 -11.34 -4.21 -0.38
C ALA A 74 -12.50 -3.29 -0.77
N GLU A 75 -12.85 -2.38 0.13
CA GLU A 75 -13.93 -1.43 -0.12
C GLU A 75 -13.56 -0.04 0.41
N VAL A 76 -13.14 0.84 -0.49
CA VAL A 76 -12.74 2.20 -0.11
C VAL A 76 -13.17 3.22 -1.16
N THR A 77 -13.75 4.33 -0.71
CA THR A 77 -14.20 5.39 -1.60
C THR A 77 -13.18 6.54 -1.66
N GLN A 78 -11.91 6.23 -1.44
CA GLN A 78 -10.85 7.23 -1.48
C GLN A 78 -9.47 6.59 -1.27
N PRO A 79 -8.41 7.24 -1.77
CA PRO A 79 -7.03 6.74 -1.65
C PRO A 79 -6.66 6.46 -0.19
N SER A 80 -6.74 5.18 0.20
CA SER A 80 -6.43 4.77 1.56
C SER A 80 -5.01 4.23 1.65
N LEU A 81 -4.25 4.75 2.60
CA LEU A 81 -2.87 4.33 2.82
C LEU A 81 -2.82 2.98 3.51
N GLY A 82 -3.64 2.80 4.54
CA GLY A 82 -3.67 1.55 5.28
C GLY A 82 -4.16 0.39 4.43
N VAL A 83 -5.23 0.62 3.67
CA VAL A 83 -5.80 -0.41 2.80
C VAL A 83 -4.89 -0.68 1.60
N GLY A 84 -4.28 0.38 1.06
CA GLY A 84 -3.37 0.21 -0.06
C GLY A 84 -2.17 -0.64 0.33
N TYR A 85 -1.74 -0.50 1.58
CA TYR A 85 -0.62 -1.26 2.12
C TYR A 85 -0.98 -2.75 2.19
N GLU A 86 -2.20 -3.03 2.66
CA GLU A 86 -2.67 -4.41 2.77
C GLU A 86 -2.83 -5.04 1.39
N LEU A 87 -3.30 -4.24 0.42
CA LEU A 87 -3.49 -4.70 -0.94
C LEU A 87 -2.16 -5.09 -1.59
N GLY A 88 -1.13 -4.27 -1.34
CA GLY A 88 0.19 -4.55 -1.89
C GLY A 88 0.74 -5.86 -1.38
N ARG A 89 0.56 -6.10 -0.07
CA ARG A 89 1.04 -7.34 0.54
C ARG A 89 0.16 -8.51 0.09
N ALA A 90 -1.11 -8.22 -0.20
CA ALA A 90 -2.06 -9.25 -0.63
C ALA A 90 -1.68 -9.81 -2.00
N VAL A 91 -1.21 -8.95 -2.90
CA VAL A 91 -0.82 -9.38 -4.24
C VAL A 91 0.50 -10.17 -4.19
N ALA A 92 1.40 -9.75 -3.29
CA ALA A 92 2.69 -10.41 -3.13
C ALA A 92 2.54 -11.77 -2.45
N LEU A 93 1.63 -11.85 -1.49
CA LEU A 93 1.39 -13.09 -0.75
C LEU A 93 0.40 -14.00 -1.49
N GLY A 94 -0.78 -13.45 -1.80
CA GLY A 94 -1.79 -14.23 -2.49
C GLY A 94 -1.80 -13.95 -3.98
N LYS A 95 -2.98 -13.59 -4.52
CA LYS A 95 -3.13 -13.31 -5.93
C LYS A 95 -4.50 -12.70 -6.24
N PRO A 96 -5.60 -13.42 -5.93
CA PRO A 96 -6.97 -12.93 -6.19
C PRO A 96 -7.35 -11.76 -5.29
N ILE A 97 -7.21 -10.55 -5.80
CA ILE A 97 -7.54 -9.35 -5.05
C ILE A 97 -8.77 -8.64 -5.63
N LEU A 98 -9.53 -7.97 -4.75
CA LEU A 98 -10.73 -7.25 -5.15
C LEU A 98 -10.71 -5.84 -4.56
N CYS A 99 -11.13 -4.86 -5.35
CA CYS A 99 -11.17 -3.47 -4.91
C CYS A 99 -12.50 -2.81 -5.24
N LEU A 100 -13.07 -2.11 -4.26
CA LEU A 100 -14.35 -1.43 -4.46
C LEU A 100 -14.20 0.08 -4.30
N PHE A 101 -13.99 0.77 -5.41
CA PHE A 101 -13.83 2.22 -5.40
C PHE A 101 -15.09 2.90 -5.93
N ARG A 102 -15.67 3.77 -5.12
CA ARG A 102 -16.88 4.50 -5.51
C ARG A 102 -16.56 5.49 -6.63
N PRO A 103 -17.25 5.34 -7.80
CA PRO A 103 -17.04 6.23 -8.95
C PRO A 103 -17.72 7.61 -8.78
N GLN A 104 -18.21 7.90 -7.58
CA GLN A 104 -18.85 9.18 -7.28
C GLN A 104 -18.38 9.74 -5.93
N SER A 105 -17.31 9.16 -5.38
CA SER A 105 -16.76 9.61 -4.10
C SER A 105 -16.07 10.96 -4.24
N GLY A 106 -15.50 11.20 -5.43
CA GLY A 106 -14.79 12.44 -5.66
C GLY A 106 -13.32 12.22 -5.94
N ARG A 107 -12.72 11.26 -5.24
CA ARG A 107 -11.32 10.93 -5.40
C ARG A 107 -11.12 10.00 -6.58
N VAL A 108 -9.91 9.51 -6.71
CA VAL A 108 -9.54 8.61 -7.80
C VAL A 108 -8.38 7.70 -7.42
N LEU A 109 -8.31 6.53 -8.05
CA LEU A 109 -7.23 5.56 -7.77
C LEU A 109 -5.95 5.98 -8.49
N SER A 110 -4.83 5.90 -7.77
CA SER A 110 -3.52 6.26 -8.32
C SER A 110 -3.10 5.31 -9.44
N ALA A 111 -2.01 5.66 -10.11
CA ALA A 111 -1.47 4.85 -11.21
C ALA A 111 -0.95 3.49 -10.72
N MET A 112 -0.46 3.46 -9.47
CA MET A 112 0.05 2.23 -8.88
C MET A 112 -1.06 1.19 -8.75
N ILE A 113 -2.21 1.63 -8.23
CA ILE A 113 -3.37 0.75 -8.06
C ILE A 113 -3.88 0.26 -9.41
N ARG A 114 -4.02 1.19 -10.36
CA ARG A 114 -4.48 0.86 -11.71
C ARG A 114 -3.53 -0.15 -12.35
N GLY A 115 -2.22 0.07 -12.16
CA GLY A 115 -1.23 -0.83 -12.71
C GLY A 115 -1.33 -2.23 -12.13
N ALA A 116 -1.59 -2.30 -10.82
CA ALA A 116 -1.74 -3.59 -10.14
C ALA A 116 -2.87 -4.41 -10.76
N ALA A 117 -3.97 -3.73 -11.09
CA ALA A 117 -5.13 -4.38 -11.70
C ALA A 117 -4.86 -4.71 -13.17
N ASP A 118 -4.11 -5.78 -13.40
CA ASP A 118 -3.76 -6.20 -14.75
C ASP A 118 -4.90 -7.01 -15.39
N GLY A 119 -5.85 -7.47 -14.59
CA GLY A 119 -6.97 -8.24 -15.11
C GLY A 119 -6.88 -9.72 -14.82
N SER A 120 -5.72 -10.19 -14.35
CA SER A 120 -5.52 -11.60 -14.03
C SER A 120 -6.33 -12.01 -12.81
N ARG A 121 -5.83 -11.65 -11.63
CA ARG A 121 -6.50 -11.98 -10.37
C ARG A 121 -6.93 -10.74 -9.59
N PHE A 122 -6.66 -9.55 -10.13
CA PHE A 122 -7.03 -8.31 -9.45
C PHE A 122 -8.12 -7.57 -10.21
N GLN A 123 -9.25 -7.31 -9.53
CA GLN A 123 -10.37 -6.61 -10.12
C GLN A 123 -10.79 -5.42 -9.26
N VAL A 124 -11.09 -4.29 -9.90
CA VAL A 124 -11.50 -3.09 -9.19
C VAL A 124 -12.87 -2.61 -9.67
N TRP A 125 -13.91 -2.99 -8.93
CA TRP A 125 -15.29 -2.61 -9.28
C TRP A 125 -15.65 -1.26 -8.68
N ASP A 126 -16.49 -0.53 -9.40
CA ASP A 126 -16.95 0.78 -8.95
C ASP A 126 -18.39 0.68 -8.44
N TYR A 127 -18.56 0.89 -7.14
CA TYR A 127 -19.88 0.80 -6.51
C TYR A 127 -20.39 2.18 -6.08
N ALA A 128 -21.70 2.37 -6.24
CA ALA A 128 -22.35 3.61 -5.84
C ALA A 128 -23.02 3.44 -4.49
N GLU A 129 -23.38 4.55 -3.87
CA GLU A 129 -24.03 4.53 -2.56
C GLU A 129 -25.31 3.70 -2.61
N GLY A 130 -25.22 2.48 -2.08
CA GLY A 130 -26.36 1.58 -2.09
C GLY A 130 -26.12 0.35 -2.97
N GLU A 131 -25.11 0.42 -3.83
CA GLU A 131 -24.77 -0.69 -4.73
C GLU A 131 -23.71 -1.60 -4.11
N VAL A 132 -23.02 -1.13 -3.07
CA VAL A 132 -21.99 -1.92 -2.41
C VAL A 132 -22.51 -3.29 -1.99
N GLU A 133 -23.78 -3.33 -1.57
CA GLU A 133 -24.41 -4.58 -1.17
C GLU A 133 -24.59 -5.50 -2.37
N THR A 134 -24.99 -4.91 -3.50
CA THR A 134 -25.17 -5.66 -4.74
C THR A 134 -23.83 -6.19 -5.26
N MET A 135 -22.78 -5.37 -5.11
CA MET A 135 -21.45 -5.73 -5.56
C MET A 135 -20.87 -6.87 -4.70
N LEU A 136 -21.14 -6.81 -3.40
CA LEU A 136 -20.66 -7.83 -2.47
C LEU A 136 -21.30 -9.19 -2.76
N ASP A 137 -22.59 -9.18 -3.08
CA ASP A 137 -23.32 -10.40 -3.39
C ASP A 137 -22.93 -10.95 -4.76
N ARG A 138 -22.66 -10.04 -5.70
CA ARG A 138 -22.28 -10.42 -7.06
C ARG A 138 -20.84 -10.93 -7.10
N TYR A 139 -19.98 -10.33 -6.28
CA TYR A 139 -18.57 -10.71 -6.22
C TYR A 139 -18.39 -12.08 -5.56
N PHE A 140 -19.19 -12.36 -4.53
CA PHE A 140 -19.13 -13.63 -3.82
C PHE A 140 -19.83 -14.73 -4.61
N GLU A 141 -20.90 -14.37 -5.32
CA GLU A 141 -21.66 -15.33 -6.11
C GLU A 141 -20.97 -15.64 -7.44
N ALA A 142 -20.30 -14.64 -8.01
CA ALA A 142 -19.59 -14.81 -9.28
C ALA A 142 -18.27 -15.56 -9.07
N TYR A 143 -17.71 -15.45 -7.86
CA TYR A 143 -16.45 -16.10 -7.54
C TYR A 143 -16.64 -17.62 -7.40
N LEU A 144 -17.75 -18.03 -6.76
CA LEU A 144 -18.04 -19.44 -6.57
C LEU A 144 -18.43 -20.10 -7.89
N VAL A 145 -19.14 -19.34 -8.75
CA VAL A 145 -19.58 -19.85 -10.04
C VAL A 145 -18.39 -20.06 -10.98
N GLU A 146 -17.43 -19.14 -10.94
CA GLU A 146 -16.24 -19.23 -11.77
C GLU A 146 -15.26 -20.28 -11.22
N HIS A 147 -15.22 -20.41 -9.90
CA HIS A 147 -14.32 -21.35 -9.22
C HIS A 147 -12.85 -21.01 -9.47
N HIS A 148 -12.59 -19.76 -9.89
CA HIS A 148 -11.23 -19.29 -10.16
C HIS A 148 -11.21 -17.82 -10.56
N HIS A 149 -10.01 -17.27 -10.74
CA HIS A 149 -9.86 -15.88 -11.14
C HIS A 149 -8.76 -15.73 -12.19
N HIS A 150 -9.16 -15.45 -13.43
CA HIS A 150 -8.22 -15.29 -14.53
C HIS A 150 -8.86 -14.52 -15.69
N HIS A 151 -8.05 -13.72 -16.38
CA HIS A 151 -8.51 -12.93 -17.53
C HIS A 151 -9.44 -11.79 -17.08
N HIS A 152 -9.48 -10.72 -17.88
CA HIS A 152 -10.32 -9.56 -17.57
C HIS A 152 -11.79 -9.96 -17.43
N MET B 1 27.59 -3.86 -2.15
CA MET B 1 27.84 -4.13 -3.60
C MET B 1 27.23 -3.05 -4.48
N ARG B 2 25.92 -2.84 -4.34
CA ARG B 2 25.22 -1.83 -5.13
C ARG B 2 24.21 -1.07 -4.28
N ARG B 3 24.30 0.26 -4.33
CA ARG B 3 23.39 1.13 -3.56
C ARG B 3 22.23 1.59 -4.44
N SER B 4 21.00 1.32 -3.99
CA SER B 4 19.81 1.71 -4.75
C SER B 4 18.77 2.35 -3.83
N VAL B 5 18.47 3.62 -4.06
CA VAL B 5 17.49 4.35 -3.26
C VAL B 5 16.24 4.68 -4.10
N TYR B 6 15.10 4.14 -3.69
CA TYR B 6 13.84 4.39 -4.39
C TYR B 6 13.03 5.48 -3.71
N PHE B 7 12.77 6.57 -4.43
CA PHE B 7 12.00 7.69 -3.89
C PHE B 7 10.57 7.68 -4.42
N CYS B 8 9.60 7.51 -3.51
CA CYS B 8 8.19 7.48 -3.86
C CYS B 8 7.41 8.57 -3.11
N GLY B 9 6.94 9.57 -3.85
CA GLY B 9 6.20 10.67 -3.24
C GLY B 9 4.82 10.87 -3.85
N SER B 10 4.33 9.89 -4.60
CA SER B 10 3.00 9.96 -5.23
C SER B 10 2.98 11.03 -6.31
N ILE B 11 3.05 10.62 -7.58
CA ILE B 11 3.02 11.53 -8.67
C ILE B 11 1.61 11.69 -9.22
N ARG B 12 0.90 10.56 -9.30
CA ARG B 12 -0.47 10.52 -9.80
C ARG B 12 -0.58 11.26 -11.13
N GLY B 13 0.43 11.09 -11.97
CA GLY B 13 0.46 11.75 -13.26
C GLY B 13 0.54 13.26 -13.14
N GLY B 14 1.10 13.75 -12.03
CA GLY B 14 1.20 15.18 -11.82
C GLY B 14 2.53 15.76 -12.26
N ARG B 15 2.53 17.05 -12.57
CA ARG B 15 3.74 17.76 -12.98
C ARG B 15 4.37 18.52 -11.82
N GLU B 16 3.85 18.30 -10.60
CA GLU B 16 4.38 18.95 -9.41
C GLU B 16 5.40 18.05 -8.70
N ASP B 17 5.45 16.78 -9.10
CA ASP B 17 6.36 15.82 -8.52
C ASP B 17 7.65 15.73 -9.34
N GLN B 18 7.54 15.97 -10.65
CA GLN B 18 8.71 15.92 -11.54
C GLN B 18 9.81 16.85 -11.06
N ALA B 19 9.45 18.05 -10.61
CA ALA B 19 10.42 19.01 -10.11
C ALA B 19 11.07 18.53 -8.82
N LEU B 20 10.27 17.91 -7.95
CA LEU B 20 10.77 17.38 -6.69
C LEU B 20 11.58 16.11 -6.94
N TYR B 21 11.14 15.30 -7.90
CA TYR B 21 11.81 14.06 -8.26
C TYR B 21 13.15 14.34 -8.95
N ALA B 22 13.22 15.43 -9.70
CA ALA B 22 14.45 15.80 -10.40
C ALA B 22 15.55 16.17 -9.42
N ARG B 23 15.18 16.89 -8.35
CA ARG B 23 16.14 17.29 -7.34
C ARG B 23 16.53 16.14 -6.42
N ILE B 24 15.57 15.24 -6.15
CA ILE B 24 15.85 14.09 -5.29
C ILE B 24 16.60 13.00 -6.05
N VAL B 25 16.34 12.89 -7.36
CA VAL B 25 17.00 11.89 -8.19
C VAL B 25 18.49 12.18 -8.33
N SER B 26 18.86 13.46 -8.34
CA SER B 26 20.26 13.85 -8.45
C SER B 26 21.01 13.51 -7.17
N ARG B 27 20.36 13.76 -6.03
CA ARG B 27 20.97 13.45 -4.74
C ARG B 27 21.00 11.95 -4.48
N LEU B 28 19.96 11.25 -4.94
CA LEU B 28 19.85 9.80 -4.77
C LEU B 28 20.91 9.08 -5.60
N ARG B 29 21.14 9.57 -6.82
CA ARG B 29 22.14 8.97 -7.71
C ARG B 29 23.56 9.29 -7.23
N ARG B 30 23.73 10.46 -6.60
CA ARG B 30 25.03 10.89 -6.08
C ARG B 30 25.56 9.89 -5.05
N TYR B 31 24.66 9.30 -4.26
CA TYR B 31 25.05 8.33 -3.24
C TYR B 31 25.26 6.95 -3.86
N GLY B 32 24.27 6.50 -4.63
CA GLY B 32 24.36 5.20 -5.27
C GLY B 32 23.63 5.18 -6.61
N LYS B 33 22.37 4.78 -6.58
CA LYS B 33 21.55 4.70 -7.77
C LYS B 33 20.07 4.96 -7.47
N VAL B 34 19.43 5.80 -8.29
CA VAL B 34 18.03 6.12 -8.10
C VAL B 34 17.14 5.07 -8.79
N LEU B 35 15.96 4.83 -8.22
CA LEU B 35 15.03 3.84 -8.78
C LEU B 35 13.75 4.49 -9.30
N THR B 36 13.69 5.83 -9.33
CA THR B 36 12.51 6.53 -9.80
C THR B 36 12.90 7.59 -10.85
N GLU B 37 13.54 7.14 -11.91
CA GLU B 37 13.97 8.03 -12.99
C GLU B 37 12.90 8.16 -14.07
N HIS B 38 12.09 7.11 -14.23
CA HIS B 38 11.00 7.11 -15.23
C HIS B 38 10.12 8.36 -15.12
N VAL B 39 9.81 8.76 -13.88
CA VAL B 39 8.98 9.94 -13.64
C VAL B 39 9.50 11.16 -14.39
N ALA B 40 10.82 11.17 -14.68
CA ALA B 40 11.44 12.27 -15.41
C ALA B 40 12.34 11.73 -16.53
N ASP B 41 11.77 10.86 -17.37
CA ASP B 41 12.53 10.27 -18.48
C ASP B 41 12.30 11.04 -19.79
N ALA B 42 13.33 11.09 -20.63
CA ALA B 42 13.25 11.78 -21.91
C ALA B 42 13.58 10.82 -23.05
N GLU B 43 12.86 9.70 -23.06
CA GLU B 43 13.03 8.66 -24.07
C GLU B 43 12.15 7.45 -23.71
N LEU B 44 10.83 7.65 -23.79
CA LEU B 44 9.87 6.60 -23.48
C LEU B 44 10.26 5.27 -24.12
N GLU B 45 10.77 4.34 -23.32
CA GLU B 45 11.19 3.04 -23.82
C GLU B 45 10.33 1.91 -23.24
N PRO B 46 9.14 1.67 -23.83
CA PRO B 46 8.21 0.63 -23.38
C PRO B 46 8.53 -0.73 -24.02
N LEU B 47 9.51 -1.44 -23.46
CA LEU B 47 9.91 -2.75 -23.98
C LEU B 47 9.27 -3.87 -23.17
N GLY B 48 8.65 -4.82 -23.85
CA GLY B 48 8.01 -5.94 -23.19
C GLY B 48 6.55 -5.70 -22.89
N GLU B 49 5.99 -6.46 -21.94
CA GLU B 49 4.58 -6.34 -21.56
C GLU B 49 3.65 -6.86 -22.65
N GLU B 50 2.88 -7.90 -22.32
CA GLU B 50 1.94 -8.48 -23.28
C GLU B 50 0.51 -7.98 -23.02
N ALA B 51 0.37 -6.66 -23.00
CA ALA B 51 -0.94 -6.03 -22.77
C ALA B 51 -0.91 -4.55 -23.14
N ALA B 52 -2.03 -4.05 -23.67
CA ALA B 52 -2.13 -2.64 -24.06
C ALA B 52 -2.39 -1.76 -22.85
N GLY B 53 -1.34 -1.08 -22.38
CA GLY B 53 -1.46 -0.20 -21.24
C GLY B 53 -0.15 -0.02 -20.50
N GLY B 54 0.09 1.19 -20.01
CA GLY B 54 1.31 1.48 -19.28
C GLY B 54 1.20 1.22 -17.78
N ASP B 55 -0.03 1.07 -17.28
CA ASP B 55 -0.27 0.83 -15.86
C ASP B 55 0.40 -0.47 -15.40
N GLN B 56 0.20 -1.56 -16.14
CA GLN B 56 0.81 -2.84 -15.82
C GLN B 56 2.33 -2.73 -15.74
N PHE B 57 2.89 -1.80 -16.52
CA PHE B 57 4.32 -1.56 -16.53
C PHE B 57 4.76 -0.87 -15.24
N ILE B 58 3.88 -0.01 -14.71
CA ILE B 58 4.16 0.70 -13.46
C ILE B 58 4.38 -0.27 -12.31
N HIS B 59 3.50 -1.26 -12.21
CA HIS B 59 3.58 -2.26 -11.16
C HIS B 59 4.81 -3.15 -11.33
N GLU B 60 5.13 -3.48 -12.57
CA GLU B 60 6.28 -4.32 -12.87
C GLU B 60 7.60 -3.57 -12.66
N GLN B 61 7.62 -2.28 -12.97
CA GLN B 61 8.81 -1.47 -12.81
C GLN B 61 9.13 -1.23 -11.33
N ALA B 62 8.09 -1.04 -10.52
CA ALA B 62 8.27 -0.80 -9.09
C ALA B 62 8.84 -2.02 -8.38
N LEU B 63 8.37 -3.21 -8.77
CA LEU B 63 8.85 -4.45 -8.16
C LEU B 63 10.28 -4.78 -8.59
N ASN B 64 10.61 -4.46 -9.85
CA ASN B 64 11.94 -4.72 -10.38
C ASN B 64 13.00 -3.79 -9.77
N TRP B 65 12.63 -2.54 -9.52
CA TRP B 65 13.55 -1.57 -8.94
C TRP B 65 13.77 -1.82 -7.45
N LEU B 66 12.73 -2.29 -6.76
CA LEU B 66 12.84 -2.57 -5.32
C LEU B 66 13.59 -3.88 -5.06
N GLN B 67 13.70 -4.74 -6.08
CA GLN B 67 14.40 -6.00 -5.95
C GLN B 67 15.86 -5.78 -5.48
N GLN B 68 16.45 -4.66 -5.90
CA GLN B 68 17.82 -4.32 -5.52
C GLN B 68 17.87 -3.03 -4.70
N ALA B 69 16.70 -2.45 -4.38
CA ALA B 69 16.63 -1.22 -3.60
C ALA B 69 17.16 -1.42 -2.18
N ASP B 70 18.35 -0.87 -1.93
CA ASP B 70 18.97 -0.97 -0.61
C ASP B 70 18.20 -0.15 0.41
N VAL B 71 17.47 0.87 -0.04
CA VAL B 71 16.68 1.71 0.85
C VAL B 71 15.56 2.42 0.09
N VAL B 72 14.36 2.42 0.67
CA VAL B 72 13.21 3.07 0.05
C VAL B 72 12.78 4.29 0.87
N VAL B 73 12.67 5.42 0.20
CA VAL B 73 12.28 6.67 0.85
C VAL B 73 10.98 7.20 0.24
N ALA B 74 10.10 7.75 1.08
CA ALA B 74 8.82 8.27 0.60
C ALA B 74 8.54 9.67 1.13
N GLU B 75 7.82 10.46 0.33
CA GLU B 75 7.47 11.82 0.69
C GLU B 75 6.04 12.14 0.26
N VAL B 76 5.10 12.08 1.22
CA VAL B 76 3.70 12.36 0.93
C VAL B 76 3.03 13.10 2.08
N THR B 77 2.27 14.15 1.74
CA THR B 77 1.56 14.94 2.75
C THR B 77 0.09 14.54 2.85
N GLN B 78 -0.20 13.27 2.54
CA GLN B 78 -1.58 12.76 2.60
C GLN B 78 -1.62 11.27 2.28
N PRO B 79 -2.66 10.56 2.77
CA PRO B 79 -2.83 9.12 2.54
C PRO B 79 -2.81 8.77 1.04
N SER B 80 -1.65 8.33 0.56
CA SER B 80 -1.49 7.98 -0.85
C SER B 80 -1.64 6.47 -1.05
N LEU B 81 -2.50 6.11 -2.00
CA LEU B 81 -2.75 4.71 -2.32
C LEU B 81 -1.59 4.11 -3.12
N GLY B 82 -1.12 4.86 -4.12
CA GLY B 82 -0.01 4.39 -4.95
C GLY B 82 1.28 4.25 -4.18
N VAL B 83 1.58 5.25 -3.34
CA VAL B 83 2.80 5.24 -2.53
C VAL B 83 2.70 4.21 -1.41
N GLY B 84 1.51 4.08 -0.81
CA GLY B 84 1.31 3.10 0.24
C GLY B 84 1.52 1.69 -0.27
N TYR B 85 1.14 1.46 -1.53
CA TYR B 85 1.29 0.17 -2.17
C TYR B 85 2.79 -0.15 -2.35
N GLU B 86 3.56 0.84 -2.79
CA GLU B 86 5.00 0.68 -2.98
C GLU B 86 5.69 0.43 -1.65
N LEU B 87 5.23 1.12 -0.60
CA LEU B 87 5.80 0.97 0.74
C LEU B 87 5.58 -0.43 1.27
N GLY B 88 4.39 -0.98 1.04
CA GLY B 88 4.08 -2.32 1.49
C GLY B 88 4.98 -3.36 0.85
N ARG B 89 5.21 -3.20 -0.45
CA ARG B 89 6.08 -4.11 -1.19
C ARG B 89 7.54 -3.88 -0.80
N ALA B 90 7.87 -2.64 -0.42
CA ALA B 90 9.22 -2.28 -0.02
C ALA B 90 9.63 -2.97 1.28
N VAL B 91 8.69 -3.08 2.23
CA VAL B 91 8.97 -3.74 3.50
C VAL B 91 9.08 -5.26 3.32
N ALA B 92 8.26 -5.81 2.42
CA ALA B 92 8.27 -7.24 2.14
C ALA B 92 9.52 -7.65 1.36
N LEU B 93 9.96 -6.78 0.44
CA LEU B 93 11.12 -7.06 -0.39
C LEU B 93 12.42 -6.63 0.33
N GLY B 94 12.47 -5.36 0.73
CA GLY B 94 13.64 -4.85 1.42
C GLY B 94 13.48 -4.84 2.92
N LYS B 95 13.70 -3.68 3.54
CA LYS B 95 13.58 -3.54 4.99
C LYS B 95 13.67 -2.06 5.42
N PRO B 96 14.79 -1.37 5.10
CA PRO B 96 14.97 0.04 5.46
C PRO B 96 14.05 0.98 4.68
N ILE B 97 12.92 1.34 5.29
CA ILE B 97 11.96 2.22 4.66
C ILE B 97 11.90 3.59 5.35
N LEU B 98 11.61 4.63 4.56
CA LEU B 98 11.51 6.00 5.08
C LEU B 98 10.21 6.65 4.60
N CYS B 99 9.55 7.39 5.50
CA CYS B 99 8.30 8.06 5.17
C CYS B 99 8.34 9.52 5.62
N LEU B 100 7.91 10.42 4.73
CA LEU B 100 7.88 11.86 5.05
C LEU B 100 6.45 12.39 4.99
N PHE B 101 5.79 12.41 6.15
CA PHE B 101 4.42 12.90 6.26
C PHE B 101 4.40 14.29 6.90
N ARG B 102 3.84 15.26 6.18
CA ARG B 102 3.74 16.62 6.69
C ARG B 102 2.77 16.70 7.88
N PRO B 103 3.27 17.15 9.06
CA PRO B 103 2.44 17.27 10.27
C PRO B 103 1.50 18.48 10.25
N GLN B 104 1.40 19.15 9.10
CA GLN B 104 0.53 20.30 8.94
C GLN B 104 -0.25 20.24 7.61
N SER B 105 -0.24 19.07 6.96
CA SER B 105 -0.95 18.89 5.70
C SER B 105 -2.45 18.84 5.91
N GLY B 106 -2.87 18.35 7.07
CA GLY B 106 -4.28 18.24 7.38
C GLY B 106 -4.72 16.81 7.56
N ARG B 107 -4.16 15.91 6.75
CA ARG B 107 -4.48 14.50 6.82
C ARG B 107 -3.68 13.81 7.92
N VAL B 108 -3.77 12.49 7.95
CA VAL B 108 -3.07 11.69 8.95
C VAL B 108 -2.79 10.28 8.42
N LEU B 109 -1.75 9.65 8.96
CA LEU B 109 -1.38 8.29 8.55
C LEU B 109 -2.28 7.26 9.22
N SER B 110 -2.75 6.28 8.44
CA SER B 110 -3.62 5.23 8.96
C SER B 110 -2.90 4.34 9.98
N ALA B 111 -3.66 3.46 10.62
CA ALA B 111 -3.12 2.54 11.62
C ALA B 111 -2.17 1.52 10.99
N MET B 112 -2.42 1.16 9.72
CA MET B 112 -1.58 0.21 9.02
C MET B 112 -0.16 0.76 8.85
N ILE B 113 -0.06 2.03 8.43
CA ILE B 113 1.23 2.68 8.25
C ILE B 113 1.95 2.82 9.59
N ARG B 114 1.24 3.28 10.60
CA ARG B 114 1.81 3.44 11.95
C ARG B 114 2.32 2.09 12.45
N GLY B 115 1.53 1.04 12.22
CA GLY B 115 1.92 -0.30 12.64
C GLY B 115 3.18 -0.78 11.96
N ALA B 116 3.31 -0.47 10.66
CA ALA B 116 4.49 -0.84 9.89
C ALA B 116 5.75 -0.24 10.50
N ALA B 117 5.65 1.02 10.95
CA ALA B 117 6.78 1.71 11.55
C ALA B 117 7.02 1.21 12.97
N ASP B 118 7.65 0.05 13.07
CA ASP B 118 7.96 -0.56 14.37
C ASP B 118 9.21 0.06 15.01
N GLY B 119 10.01 0.77 14.21
CA GLY B 119 11.22 1.39 14.72
C GLY B 119 12.50 0.67 14.30
N SER B 120 12.36 -0.53 13.74
CA SER B 120 13.52 -1.30 13.30
C SER B 120 14.20 -0.66 12.09
N ARG B 121 13.59 -0.85 10.93
CA ARG B 121 14.13 -0.30 9.68
C ARG B 121 13.17 0.70 9.03
N PHE B 122 12.00 0.94 9.63
CA PHE B 122 11.03 1.87 9.09
C PHE B 122 10.89 3.11 9.96
N GLN B 123 11.12 4.28 9.35
CA GLN B 123 11.02 5.56 10.07
C GLN B 123 10.10 6.52 9.32
N VAL B 124 9.26 7.23 10.07
CA VAL B 124 8.33 8.18 9.48
C VAL B 124 8.53 9.58 10.06
N TRP B 125 9.31 10.41 9.35
CA TRP B 125 9.59 11.77 9.79
C TRP B 125 8.51 12.74 9.33
N ASP B 126 8.26 13.76 10.15
CA ASP B 126 7.28 14.78 9.84
C ASP B 126 7.98 16.05 9.38
N TYR B 127 7.80 16.42 8.11
CA TYR B 127 8.43 17.61 7.55
C TYR B 127 7.41 18.70 7.25
N ALA B 128 7.83 19.95 7.49
CA ALA B 128 6.99 21.11 7.22
C ALA B 128 7.37 21.74 5.90
N GLU B 129 6.50 22.60 5.40
CA GLU B 129 6.74 23.27 4.12
C GLU B 129 8.06 24.05 4.17
N GLY B 130 9.09 23.48 3.55
CA GLY B 130 10.41 24.10 3.54
C GLY B 130 11.45 23.28 4.29
N GLU B 131 10.97 22.33 5.11
CA GLU B 131 11.85 21.47 5.90
C GLU B 131 12.17 20.17 5.16
N VAL B 132 11.39 19.85 4.13
CA VAL B 132 11.60 18.63 3.35
C VAL B 132 13.04 18.53 2.85
N GLU B 133 13.62 19.68 2.49
CA GLU B 133 14.99 19.73 2.02
C GLU B 133 15.95 19.38 3.15
N THR B 134 15.66 19.90 4.34
CA THR B 134 16.48 19.64 5.53
C THR B 134 16.38 18.17 5.93
N MET B 135 15.18 17.61 5.81
CA MET B 135 14.93 16.21 6.15
C MET B 135 15.65 15.27 5.19
N LEU B 136 15.66 15.64 3.90
CA LEU B 136 16.30 14.84 2.87
C LEU B 136 17.82 14.78 3.09
N ASP B 137 18.40 15.93 3.46
CA ASP B 137 19.83 16.00 3.71
C ASP B 137 20.21 15.31 5.01
N ARG B 138 19.33 15.40 6.01
CA ARG B 138 19.57 14.78 7.31
C ARG B 138 19.39 13.26 7.23
N TYR B 139 18.43 12.82 6.43
CA TYR B 139 18.13 11.39 6.26
C TYR B 139 19.25 10.69 5.48
N PHE B 140 19.81 11.38 4.48
CA PHE B 140 20.87 10.81 3.67
C PHE B 140 22.21 10.89 4.40
N GLU B 141 22.40 11.94 5.19
CA GLU B 141 23.64 12.15 5.94
C GLU B 141 23.66 11.28 7.20
N ALA B 142 22.51 11.07 7.82
CA ALA B 142 22.41 10.26 9.02
C ALA B 142 22.48 8.77 8.69
N TYR B 143 22.09 8.41 7.46
CA TYR B 143 22.09 7.02 7.04
C TYR B 143 23.52 6.55 6.78
N LEU B 144 24.34 7.40 6.17
CA LEU B 144 25.74 7.06 5.88
C LEU B 144 26.56 7.02 7.16
N VAL B 145 26.25 7.91 8.11
CA VAL B 145 26.95 7.97 9.39
C VAL B 145 26.66 6.74 10.23
N GLU B 146 25.41 6.29 10.22
CA GLU B 146 25.00 5.11 10.98
C GLU B 146 25.47 3.82 10.30
N HIS B 147 25.50 3.83 8.96
CA HIS B 147 25.93 2.67 8.19
C HIS B 147 24.97 1.49 8.38
N HIS B 148 23.76 1.78 8.88
CA HIS B 148 22.76 0.74 9.12
C HIS B 148 21.45 1.34 9.64
N HIS B 149 20.44 0.50 9.80
CA HIS B 149 19.13 0.94 10.30
C HIS B 149 18.57 -0.07 11.30
N HIS B 150 18.56 0.32 12.58
CA HIS B 150 18.05 -0.55 13.64
C HIS B 150 17.71 0.27 14.89
N HIS B 151 16.67 -0.16 15.61
CA HIS B 151 16.22 0.51 16.83
C HIS B 151 15.59 1.87 16.52
N HIS B 152 14.70 2.32 17.41
CA HIS B 152 14.01 3.60 17.24
C HIS B 152 15.02 4.75 17.14
N MET A 1 -7.38 -26.42 1.49
CA MET A 1 -8.00 -27.06 2.68
C MET A 1 -8.86 -26.07 3.45
N ARG A 2 -8.29 -24.92 3.81
CA ARG A 2 -9.01 -23.89 4.55
C ARG A 2 -9.13 -22.61 3.73
N ARG A 3 -10.37 -22.23 3.41
CA ARG A 3 -10.63 -21.02 2.63
C ARG A 3 -10.86 -19.82 3.55
N SER A 4 -10.14 -18.73 3.30
CA SER A 4 -10.29 -17.53 4.12
C SER A 4 -10.34 -16.27 3.25
N VAL A 5 -11.27 -15.38 3.58
CA VAL A 5 -11.44 -14.13 2.85
C VAL A 5 -11.22 -12.92 3.76
N TYR A 6 -10.31 -12.04 3.37
CA TYR A 6 -10.00 -10.84 4.17
C TYR A 6 -10.71 -9.61 3.58
N PHE A 7 -11.52 -8.96 4.41
CA PHE A 7 -12.26 -7.76 3.98
C PHE A 7 -11.64 -6.51 4.62
N CYS A 8 -11.19 -5.59 3.77
CA CYS A 8 -10.59 -4.34 4.24
C CYS A 8 -11.23 -3.12 3.58
N GLY A 9 -11.71 -2.19 4.40
CA GLY A 9 -12.34 -0.98 3.88
C GLY A 9 -11.99 0.27 4.68
N SER A 10 -10.84 0.26 5.35
CA SER A 10 -10.38 1.40 6.15
C SER A 10 -11.32 1.67 7.31
N ILE A 11 -10.88 1.31 8.52
CA ILE A 11 -11.68 1.52 9.70
C ILE A 11 -11.22 2.77 10.42
N ARG A 12 -9.90 2.91 10.49
CA ARG A 12 -9.25 4.06 11.15
C ARG A 12 -9.83 4.26 12.54
N GLY A 13 -9.98 3.14 13.26
CA GLY A 13 -10.53 3.19 14.61
C GLY A 13 -11.95 3.77 14.63
N GLY A 14 -12.69 3.61 13.54
CA GLY A 14 -14.04 4.14 13.46
C GLY A 14 -15.10 3.13 13.85
N ARG A 15 -16.25 3.63 14.27
CA ARG A 15 -17.38 2.79 14.67
C ARG A 15 -18.38 2.62 13.52
N GLU A 16 -18.02 3.12 12.32
CA GLU A 16 -18.88 3.02 11.16
C GLU A 16 -18.49 1.82 10.30
N ASP A 17 -17.34 1.22 10.60
CA ASP A 17 -16.85 0.06 9.86
C ASP A 17 -17.25 -1.24 10.55
N GLN A 18 -17.36 -1.20 11.88
CA GLN A 18 -17.73 -2.39 12.66
C GLN A 18 -19.06 -2.96 12.17
N ALA A 19 -20.03 -2.08 11.89
CA ALA A 19 -21.34 -2.52 11.41
C ALA A 19 -21.25 -3.11 10.01
N LEU A 20 -20.41 -2.53 9.16
CA LEU A 20 -20.22 -3.01 7.80
C LEU A 20 -19.39 -4.29 7.79
N TYR A 21 -18.42 -4.37 8.69
CA TYR A 21 -17.54 -5.54 8.80
C TYR A 21 -18.31 -6.74 9.37
N ALA A 22 -19.26 -6.49 10.25
CA ALA A 22 -20.05 -7.55 10.85
C ALA A 22 -20.95 -8.22 9.81
N ARG A 23 -21.55 -7.42 8.94
CA ARG A 23 -22.42 -7.92 7.89
C ARG A 23 -21.64 -8.68 6.83
N ILE A 24 -20.44 -8.18 6.50
CA ILE A 24 -19.60 -8.81 5.49
C ILE A 24 -18.93 -10.06 6.06
N VAL A 25 -18.66 -10.05 7.38
CA VAL A 25 -18.02 -11.18 8.04
C VAL A 25 -18.97 -12.38 8.07
N SER A 26 -20.26 -12.13 8.26
CA SER A 26 -21.26 -13.21 8.29
C SER A 26 -21.34 -13.90 6.94
N ARG A 27 -21.31 -13.10 5.86
CA ARG A 27 -21.38 -13.64 4.50
C ARG A 27 -20.06 -14.32 4.12
N LEU A 28 -18.95 -13.76 4.60
CA LEU A 28 -17.62 -14.31 4.30
C LEU A 28 -17.38 -15.61 5.07
N ARG A 29 -17.88 -15.67 6.31
CA ARG A 29 -17.72 -16.86 7.14
C ARG A 29 -18.52 -18.04 6.57
N ARG A 30 -19.65 -17.74 5.94
CA ARG A 30 -20.50 -18.76 5.33
C ARG A 30 -19.74 -19.57 4.28
N TYR A 31 -18.77 -18.95 3.63
CA TYR A 31 -17.97 -19.62 2.61
C TYR A 31 -16.79 -20.35 3.25
N GLY A 32 -16.04 -19.63 4.09
CA GLY A 32 -14.89 -20.21 4.76
C GLY A 32 -14.62 -19.57 6.11
N LYS A 33 -13.74 -18.57 6.12
CA LYS A 33 -13.38 -17.88 7.34
C LYS A 33 -12.93 -16.44 7.06
N VAL A 34 -13.47 -15.49 7.81
CA VAL A 34 -13.12 -14.07 7.64
C VAL A 34 -11.85 -13.74 8.44
N LEU A 35 -10.98 -12.92 7.85
CA LEU A 35 -9.74 -12.53 8.52
C LEU A 35 -9.84 -11.14 9.17
N THR A 36 -11.06 -10.57 9.18
CA THR A 36 -11.27 -9.26 9.78
C THR A 36 -12.41 -9.33 10.80
N GLU A 37 -12.23 -10.19 11.79
CA GLU A 37 -13.21 -10.38 12.86
C GLU A 37 -12.96 -9.42 14.03
N HIS A 38 -11.68 -9.05 14.22
CA HIS A 38 -11.28 -8.12 15.28
C HIS A 38 -12.02 -6.78 15.15
N VAL A 39 -12.29 -6.39 13.90
CA VAL A 39 -12.98 -5.13 13.61
C VAL A 39 -14.38 -5.11 14.20
N ALA A 40 -14.96 -6.31 14.42
CA ALA A 40 -16.30 -6.43 15.00
C ALA A 40 -16.39 -7.67 15.90
N ASP A 41 -15.55 -7.70 16.95
CA ASP A 41 -15.52 -8.83 17.88
C ASP A 41 -16.11 -8.45 19.24
N ALA A 42 -17.00 -9.30 19.74
CA ALA A 42 -17.63 -9.07 21.05
C ALA A 42 -17.30 -10.22 22.00
N GLU A 43 -15.99 -10.41 22.21
CA GLU A 43 -15.48 -11.45 23.10
C GLU A 43 -13.96 -11.57 22.94
N LEU A 44 -13.25 -10.54 23.40
CA LEU A 44 -11.79 -10.50 23.32
C LEU A 44 -11.17 -11.82 23.79
N GLU A 45 -10.66 -12.60 22.85
CA GLU A 45 -10.05 -13.89 23.17
C GLU A 45 -8.55 -13.91 22.82
N PRO A 46 -7.70 -13.41 23.73
CA PRO A 46 -6.25 -13.36 23.52
C PRO A 46 -5.57 -14.69 23.88
N LEU A 47 -5.61 -15.64 22.94
CA LEU A 47 -5.01 -16.96 23.15
C LEU A 47 -3.50 -16.91 22.98
N GLY A 48 -2.78 -17.64 23.83
CA GLY A 48 -1.33 -17.66 23.76
C GLY A 48 -0.69 -16.49 24.47
N GLU A 49 0.62 -16.31 24.27
CA GLU A 49 1.36 -15.22 24.90
C GLU A 49 0.92 -13.87 24.34
N GLU A 50 0.59 -12.94 25.24
CA GLU A 50 0.15 -11.61 24.86
C GLU A 50 0.96 -10.53 25.58
N ALA A 51 1.31 -9.47 24.86
CA ALA A 51 2.09 -8.37 25.43
C ALA A 51 1.43 -7.02 25.14
N ALA A 52 1.95 -5.96 25.76
CA ALA A 52 1.41 -4.62 25.58
C ALA A 52 1.84 -4.05 24.22
N GLY A 53 0.96 -4.20 23.22
CA GLY A 53 1.25 -3.69 21.89
C GLY A 53 0.23 -2.69 21.41
N GLY A 54 0.15 -2.51 20.10
CA GLY A 54 -0.79 -1.56 19.53
C GLY A 54 -0.77 -1.56 18.01
N ASP A 55 -0.19 -0.50 17.43
CA ASP A 55 -0.09 -0.37 15.97
C ASP A 55 0.72 -1.51 15.37
N GLN A 56 1.85 -1.85 16.01
CA GLN A 56 2.72 -2.93 15.54
C GLN A 56 1.93 -4.24 15.42
N PHE A 57 1.03 -4.48 16.38
CA PHE A 57 0.21 -5.68 16.39
C PHE A 57 -0.75 -5.70 15.20
N ILE A 58 -1.24 -4.50 14.81
CA ILE A 58 -2.16 -4.38 13.68
C ILE A 58 -1.48 -4.84 12.39
N HIS A 59 -0.22 -4.47 12.22
CA HIS A 59 0.55 -4.83 11.05
C HIS A 59 0.89 -6.32 11.04
N GLU A 60 1.17 -6.86 12.22
CA GLU A 60 1.52 -8.27 12.35
C GLU A 60 0.29 -9.17 12.19
N GLN A 61 -0.86 -8.70 12.68
CA GLN A 61 -2.10 -9.47 12.58
C GLN A 61 -2.63 -9.48 11.15
N ALA A 62 -2.48 -8.36 10.45
CA ALA A 62 -2.95 -8.25 9.07
C ALA A 62 -2.07 -9.07 8.12
N LEU A 63 -0.77 -9.09 8.39
CA LEU A 63 0.18 -9.83 7.56
C LEU A 63 0.00 -11.34 7.76
N ASN A 64 -0.27 -11.75 9.00
CA ASN A 64 -0.46 -13.17 9.31
C ASN A 64 -1.77 -13.69 8.69
N TRP A 65 -2.81 -12.86 8.73
CA TRP A 65 -4.11 -13.23 8.18
C TRP A 65 -4.06 -13.31 6.66
N LEU A 66 -3.30 -12.38 6.04
CA LEU A 66 -3.16 -12.34 4.59
C LEU A 66 -2.50 -13.62 4.06
N GLN A 67 -1.58 -14.18 4.85
CA GLN A 67 -0.88 -15.41 4.47
C GLN A 67 -1.87 -16.57 4.31
N GLN A 68 -2.89 -16.60 5.17
CA GLN A 68 -3.91 -17.65 5.13
C GLN A 68 -5.07 -17.27 4.22
N ALA A 69 -5.31 -15.96 4.07
CA ALA A 69 -6.40 -15.45 3.23
C ALA A 69 -6.19 -15.84 1.77
N ASP A 70 -7.03 -16.77 1.30
CA ASP A 70 -6.97 -17.24 -0.08
C ASP A 70 -7.46 -16.17 -1.05
N VAL A 71 -8.23 -15.21 -0.55
CA VAL A 71 -8.75 -14.13 -1.38
C VAL A 71 -8.93 -12.85 -0.55
N VAL A 72 -8.51 -11.72 -1.12
CA VAL A 72 -8.63 -10.44 -0.45
C VAL A 72 -9.68 -9.56 -1.14
N VAL A 73 -10.51 -8.92 -0.33
CA VAL A 73 -11.57 -8.06 -0.85
C VAL A 73 -11.53 -6.70 -0.14
N ALA A 74 -11.66 -5.63 -0.91
CA ALA A 74 -11.62 -4.28 -0.36
C ALA A 74 -12.83 -3.47 -0.78
N GLU A 75 -13.29 -2.59 0.12
CA GLU A 75 -14.44 -1.73 -0.15
C GLU A 75 -14.22 -0.33 0.41
N VAL A 76 -13.80 0.59 -0.47
CA VAL A 76 -13.55 1.98 -0.06
C VAL A 76 -14.03 2.97 -1.12
N THR A 77 -14.64 4.07 -0.67
CA THR A 77 -15.15 5.09 -1.58
C THR A 77 -14.16 6.25 -1.73
N GLN A 78 -12.88 5.98 -1.50
CA GLN A 78 -11.83 7.01 -1.61
C GLN A 78 -10.45 6.40 -1.39
N PRO A 79 -9.40 7.02 -1.98
CA PRO A 79 -8.01 6.55 -1.85
C PRO A 79 -7.59 6.43 -0.38
N SER A 80 -7.56 5.20 0.12
CA SER A 80 -7.18 4.94 1.51
C SER A 80 -5.73 4.46 1.59
N LEU A 81 -4.94 5.13 2.43
CA LEU A 81 -3.54 4.78 2.62
C LEU A 81 -3.38 3.43 3.32
N GLY A 82 -4.05 3.28 4.45
CA GLY A 82 -3.99 2.03 5.21
C GLY A 82 -4.51 0.84 4.43
N VAL A 83 -5.65 1.04 3.75
CA VAL A 83 -6.25 -0.02 2.96
C VAL A 83 -5.40 -0.34 1.73
N GLY A 84 -4.83 0.70 1.12
CA GLY A 84 -3.96 0.50 -0.04
C GLY A 84 -2.71 -0.28 0.33
N TYR A 85 -2.23 -0.04 1.56
CA TYR A 85 -1.06 -0.73 2.08
C TYR A 85 -1.34 -2.23 2.20
N GLU A 86 -2.51 -2.57 2.77
CA GLU A 86 -2.92 -3.96 2.94
C GLU A 86 -3.10 -4.63 1.58
N LEU A 87 -3.65 -3.88 0.62
CA LEU A 87 -3.86 -4.39 -0.73
C LEU A 87 -2.53 -4.69 -1.42
N GLY A 88 -1.55 -3.81 -1.21
CA GLY A 88 -0.23 -4.01 -1.80
C GLY A 88 0.41 -5.29 -1.30
N ARG A 89 0.28 -5.55 0.00
CA ARG A 89 0.84 -6.76 0.61
C ARG A 89 0.08 -7.99 0.12
N ALA A 90 -1.24 -7.82 -0.11
CA ALA A 90 -2.09 -8.91 -0.58
C ALA A 90 -1.66 -9.40 -1.96
N VAL A 91 -1.19 -8.48 -2.80
CA VAL A 91 -0.74 -8.83 -4.16
C VAL A 91 0.62 -9.54 -4.12
N ALA A 92 1.48 -9.10 -3.20
CA ALA A 92 2.81 -9.69 -3.07
C ALA A 92 2.74 -11.06 -2.36
N LEU A 93 1.83 -11.18 -1.39
CA LEU A 93 1.66 -12.42 -0.64
C LEU A 93 0.71 -13.38 -1.34
N GLY A 94 -0.49 -12.89 -1.67
CA GLY A 94 -1.48 -13.72 -2.33
C GLY A 94 -1.52 -13.51 -3.83
N LYS A 95 -2.71 -13.28 -4.36
CA LYS A 95 -2.88 -13.06 -5.81
C LYS A 95 -4.29 -12.54 -6.13
N PRO A 96 -5.34 -13.32 -5.81
CA PRO A 96 -6.74 -12.91 -6.09
C PRO A 96 -7.21 -11.77 -5.19
N ILE A 97 -7.13 -10.54 -5.72
CA ILE A 97 -7.55 -9.35 -4.97
C ILE A 97 -8.82 -8.74 -5.57
N LEU A 98 -9.61 -8.10 -4.70
CA LEU A 98 -10.84 -7.43 -5.11
C LEU A 98 -10.89 -6.02 -4.54
N CYS A 99 -11.35 -5.07 -5.35
CA CYS A 99 -11.45 -3.68 -4.91
C CYS A 99 -12.81 -3.08 -5.27
N LEU A 100 -13.40 -2.37 -4.31
CA LEU A 100 -14.71 -1.75 -4.52
C LEU A 100 -14.60 -0.23 -4.37
N PHE A 101 -14.49 0.46 -5.50
CA PHE A 101 -14.37 1.91 -5.51
C PHE A 101 -15.67 2.55 -5.99
N ARG A 102 -16.11 3.59 -5.30
CA ARG A 102 -17.33 4.30 -5.69
C ARG A 102 -17.05 5.24 -6.87
N PRO A 103 -17.70 5.00 -8.02
CA PRO A 103 -17.51 5.82 -9.23
C PRO A 103 -18.24 7.18 -9.14
N GLN A 104 -18.86 7.46 -7.99
CA GLN A 104 -19.57 8.72 -7.78
C GLN A 104 -19.05 9.46 -6.54
N SER A 105 -18.04 8.88 -5.85
CA SER A 105 -17.47 9.50 -4.67
C SER A 105 -16.81 10.83 -5.00
N GLY A 106 -16.22 10.92 -6.19
CA GLY A 106 -15.56 12.13 -6.62
C GLY A 106 -14.07 11.96 -6.84
N ARG A 107 -13.43 11.17 -5.98
CA ARG A 107 -12.01 10.92 -6.06
C ARG A 107 -11.72 9.81 -7.08
N VAL A 108 -10.46 9.42 -7.14
CA VAL A 108 -10.00 8.39 -8.06
C VAL A 108 -8.72 7.70 -7.56
N LEU A 109 -8.42 6.54 -8.14
CA LEU A 109 -7.23 5.79 -7.77
C LEU A 109 -6.04 6.27 -8.60
N SER A 110 -4.84 6.27 -7.99
CA SER A 110 -3.63 6.71 -8.68
C SER A 110 -3.12 5.66 -9.68
N ALA A 111 -1.99 5.95 -10.31
CA ALA A 111 -1.38 5.06 -11.29
C ALA A 111 -0.93 3.73 -10.68
N MET A 112 -0.49 3.77 -9.41
CA MET A 112 -0.03 2.57 -8.73
C MET A 112 -1.17 1.55 -8.59
N ILE A 113 -2.36 2.04 -8.25
CA ILE A 113 -3.53 1.18 -8.11
C ILE A 113 -3.99 0.63 -9.45
N ARG A 114 -4.06 1.51 -10.45
CA ARG A 114 -4.48 1.11 -11.80
C ARG A 114 -3.52 0.05 -12.35
N GLY A 115 -2.23 0.25 -12.13
CA GLY A 115 -1.22 -0.69 -12.60
C GLY A 115 -1.35 -2.05 -11.95
N ALA A 116 -1.69 -2.06 -10.66
CA ALA A 116 -1.86 -3.30 -9.90
C ALA A 116 -2.96 -4.17 -10.53
N ALA A 117 -4.02 -3.53 -11.01
CA ALA A 117 -5.13 -4.24 -11.63
C ALA A 117 -4.78 -4.71 -13.04
N ASP A 118 -4.26 -5.94 -13.13
CA ASP A 118 -3.89 -6.52 -14.43
C ASP A 118 -5.08 -7.26 -15.04
N GLY A 119 -6.08 -7.57 -14.23
CA GLY A 119 -7.25 -8.29 -14.71
C GLY A 119 -7.16 -9.79 -14.52
N SER A 120 -5.98 -10.28 -14.14
CA SER A 120 -5.76 -11.71 -13.92
C SER A 120 -6.46 -12.18 -12.65
N ARG A 121 -5.97 -11.69 -11.52
CA ARG A 121 -6.52 -12.04 -10.22
C ARG A 121 -7.05 -10.82 -9.46
N PHE A 122 -6.64 -9.61 -9.88
CA PHE A 122 -7.09 -8.38 -9.23
C PHE A 122 -8.17 -7.69 -10.06
N GLN A 123 -9.34 -7.50 -9.45
CA GLN A 123 -10.47 -6.85 -10.12
C GLN A 123 -11.01 -5.69 -9.29
N VAL A 124 -11.11 -4.52 -9.90
CA VAL A 124 -11.61 -3.33 -9.21
C VAL A 124 -12.99 -2.94 -9.72
N TRP A 125 -14.03 -3.40 -9.02
CA TRP A 125 -15.41 -3.09 -9.40
C TRP A 125 -15.87 -1.78 -8.78
N ASP A 126 -16.65 -1.02 -9.54
CA ASP A 126 -17.17 0.25 -9.06
C ASP A 126 -18.59 0.06 -8.53
N TYR A 127 -18.78 0.36 -7.25
CA TYR A 127 -20.08 0.21 -6.61
C TYR A 127 -20.66 1.54 -6.18
N ALA A 128 -21.99 1.63 -6.22
CA ALA A 128 -22.70 2.83 -5.81
C ALA A 128 -23.39 2.59 -4.47
N GLU A 129 -23.69 3.68 -3.79
CA GLU A 129 -24.35 3.60 -2.49
C GLU A 129 -25.67 2.83 -2.59
N GLY A 130 -25.65 1.58 -2.14
CA GLY A 130 -26.82 0.73 -2.21
C GLY A 130 -26.58 -0.51 -3.07
N GLU A 131 -25.56 -0.43 -3.93
CA GLU A 131 -25.19 -1.53 -4.81
C GLU A 131 -24.05 -2.36 -4.23
N VAL A 132 -23.45 -1.88 -3.12
CA VAL A 132 -22.35 -2.59 -2.47
C VAL A 132 -22.80 -3.99 -2.04
N GLU A 133 -24.05 -4.10 -1.62
CA GLU A 133 -24.61 -5.38 -1.20
C GLU A 133 -24.72 -6.32 -2.41
N THR A 134 -25.18 -5.76 -3.54
CA THR A 134 -25.30 -6.53 -4.78
C THR A 134 -23.93 -6.94 -5.29
N MET A 135 -22.96 -6.04 -5.17
CA MET A 135 -21.60 -6.29 -5.62
C MET A 135 -20.93 -7.39 -4.79
N LEU A 136 -21.18 -7.37 -3.47
CA LEU A 136 -20.61 -8.36 -2.58
C LEU A 136 -21.20 -9.75 -2.85
N ASP A 137 -22.50 -9.80 -3.13
CA ASP A 137 -23.17 -11.06 -3.43
C ASP A 137 -22.75 -11.59 -4.80
N ARG A 138 -22.57 -10.67 -5.76
CA ARG A 138 -22.16 -11.04 -7.10
C ARG A 138 -20.70 -11.49 -7.13
N TYR A 139 -19.86 -10.86 -6.32
CA TYR A 139 -18.45 -11.20 -6.25
C TYR A 139 -18.25 -12.59 -5.64
N PHE A 140 -19.05 -12.91 -4.62
CA PHE A 140 -18.95 -14.21 -3.96
C PHE A 140 -19.60 -15.31 -4.81
N GLU A 141 -20.67 -14.96 -5.52
CA GLU A 141 -21.37 -15.91 -6.38
C GLU A 141 -20.62 -16.14 -7.69
N ALA A 142 -19.99 -15.08 -8.20
CA ALA A 142 -19.23 -15.17 -9.45
C ALA A 142 -17.91 -15.91 -9.24
N TYR A 143 -17.35 -15.81 -8.03
CA TYR A 143 -16.09 -16.47 -7.70
C TYR A 143 -16.28 -17.98 -7.64
N LEU A 144 -17.40 -18.42 -7.05
CA LEU A 144 -17.71 -19.84 -6.93
C LEU A 144 -17.99 -20.46 -8.30
N VAL A 145 -18.66 -19.70 -9.17
CA VAL A 145 -18.99 -20.16 -10.51
C VAL A 145 -17.74 -20.29 -11.39
N GLU A 146 -16.80 -19.36 -11.22
CA GLU A 146 -15.56 -19.37 -11.99
C GLU A 146 -14.51 -20.29 -11.36
N HIS A 147 -14.68 -20.56 -10.05
CA HIS A 147 -13.75 -21.41 -9.31
C HIS A 147 -12.28 -21.09 -9.63
N HIS A 148 -12.01 -19.81 -9.91
CA HIS A 148 -10.65 -19.36 -10.23
C HIS A 148 -10.54 -17.84 -10.15
N HIS A 149 -11.22 -17.14 -11.07
CA HIS A 149 -11.20 -15.68 -11.11
C HIS A 149 -12.16 -15.16 -12.17
N HIS A 150 -13.24 -14.52 -11.74
CA HIS A 150 -14.24 -13.98 -12.65
C HIS A 150 -13.72 -12.73 -13.37
N HIS A 151 -14.11 -12.57 -14.63
CA HIS A 151 -13.68 -11.42 -15.43
C HIS A 151 -14.85 -10.48 -15.70
N HIS A 152 -14.54 -9.19 -15.84
CA HIS A 152 -15.55 -8.17 -16.11
C HIS A 152 -15.34 -7.52 -17.47
N MET B 1 26.83 -4.90 -3.24
CA MET B 1 27.63 -4.53 -4.44
C MET B 1 27.09 -3.25 -5.10
N ARG B 2 25.78 -3.24 -5.39
CA ARG B 2 25.14 -2.08 -6.01
C ARG B 2 24.09 -1.47 -5.08
N ARG B 3 24.31 -0.22 -4.66
CA ARG B 3 23.38 0.47 -3.78
C ARG B 3 22.39 1.29 -4.59
N SER B 4 21.10 1.11 -4.29
CA SER B 4 20.04 1.82 -5.00
C SER B 4 18.99 2.36 -4.03
N VAL B 5 18.59 3.61 -4.24
CA VAL B 5 17.57 4.26 -3.40
C VAL B 5 16.35 4.66 -4.23
N TYR B 6 15.18 4.20 -3.81
CA TYR B 6 13.94 4.52 -4.52
C TYR B 6 13.18 5.64 -3.81
N PHE B 7 12.92 6.73 -4.53
CA PHE B 7 12.19 7.88 -3.98
C PHE B 7 10.77 7.93 -4.54
N CYS B 8 9.78 7.85 -3.64
CA CYS B 8 8.38 7.91 -4.05
C CYS B 8 7.60 8.97 -3.26
N GLY B 9 6.93 9.87 -3.97
CA GLY B 9 6.16 10.92 -3.33
C GLY B 9 4.85 11.23 -4.03
N SER B 10 4.31 10.24 -4.76
CA SER B 10 3.05 10.39 -5.49
C SER B 10 3.17 11.45 -6.58
N ILE B 11 3.23 11.00 -7.83
CA ILE B 11 3.34 11.90 -8.94
C ILE B 11 1.98 12.09 -9.59
N ARG B 12 1.26 10.98 -9.72
CA ARG B 12 -0.07 10.97 -10.30
C ARG B 12 -0.08 11.68 -11.66
N GLY B 13 0.95 11.38 -12.45
CA GLY B 13 1.09 12.01 -13.76
C GLY B 13 1.19 13.53 -13.67
N GLY B 14 1.73 14.03 -12.54
CA GLY B 14 1.86 15.46 -12.36
C GLY B 14 3.21 16.00 -12.78
N ARG B 15 3.25 17.29 -13.09
CA ARG B 15 4.49 17.95 -13.50
C ARG B 15 5.13 18.68 -12.32
N GLU B 16 4.59 18.49 -11.12
CA GLU B 16 5.13 19.12 -9.92
C GLU B 16 6.07 18.17 -9.18
N ASP B 17 6.07 16.90 -9.58
CA ASP B 17 6.93 15.90 -8.96
C ASP B 17 8.24 15.74 -9.73
N GLN B 18 8.18 15.96 -11.05
CA GLN B 18 9.38 15.84 -11.90
C GLN B 18 10.50 16.73 -11.39
N ALA B 19 10.17 17.96 -11.01
CA ALA B 19 11.16 18.91 -10.50
C ALA B 19 11.72 18.45 -9.15
N LEU B 20 10.86 17.88 -8.30
CA LEU B 20 11.28 17.40 -6.99
C LEU B 20 12.06 16.09 -7.12
N TYR B 21 11.65 15.26 -8.08
CA TYR B 21 12.31 13.98 -8.33
C TYR B 21 13.69 14.16 -8.94
N ALA B 22 13.84 15.20 -9.76
CA ALA B 22 15.11 15.49 -10.41
C ALA B 22 16.17 15.91 -9.38
N ARG B 23 15.75 16.74 -8.42
CA ARG B 23 16.66 17.22 -7.38
C ARG B 23 17.03 16.09 -6.41
N ILE B 24 16.07 15.22 -6.10
CA ILE B 24 16.31 14.10 -5.20
C ILE B 24 17.10 12.99 -5.90
N VAL B 25 16.91 12.87 -7.22
CA VAL B 25 17.60 11.86 -8.00
C VAL B 25 19.10 12.17 -8.08
N SER B 26 19.44 13.46 -8.19
CA SER B 26 20.83 13.87 -8.25
C SER B 26 21.56 13.53 -6.95
N ARG B 27 20.89 13.78 -5.83
CA ARG B 27 21.46 13.49 -4.52
C ARG B 27 21.51 11.98 -4.25
N LEU B 28 20.50 11.27 -4.73
CA LEU B 28 20.41 9.82 -4.56
C LEU B 28 21.43 9.10 -5.43
N ARG B 29 21.65 9.62 -6.65
CA ARG B 29 22.60 9.02 -7.59
C ARG B 29 24.02 9.17 -7.07
N ARG B 30 24.29 10.26 -6.35
CA ARG B 30 25.62 10.53 -5.79
C ARG B 30 26.07 9.41 -4.85
N TYR B 31 25.10 8.75 -4.20
CA TYR B 31 25.40 7.66 -3.28
C TYR B 31 25.50 6.34 -4.03
N GLY B 32 24.48 6.05 -4.84
CA GLY B 32 24.46 4.82 -5.63
C GLY B 32 23.70 4.97 -6.93
N LYS B 33 22.41 4.62 -6.91
CA LYS B 33 21.56 4.70 -8.08
C LYS B 33 20.10 4.91 -7.70
N VAL B 34 19.45 5.87 -8.36
CA VAL B 34 18.03 6.16 -8.09
C VAL B 34 17.13 5.25 -8.91
N LEU B 35 16.04 4.78 -8.31
CA LEU B 35 15.10 3.89 -9.00
C LEU B 35 13.88 4.65 -9.53
N THR B 36 13.91 5.98 -9.44
CA THR B 36 12.80 6.79 -9.92
C THR B 36 13.32 7.87 -10.89
N GLU B 37 13.95 7.41 -11.95
CA GLU B 37 14.51 8.29 -12.98
C GLU B 37 13.48 8.57 -14.08
N HIS B 38 12.57 7.62 -14.30
CA HIS B 38 11.50 7.76 -15.31
C HIS B 38 10.65 8.99 -15.02
N VAL B 39 10.48 9.31 -13.74
CA VAL B 39 9.68 10.45 -13.31
C VAL B 39 10.25 11.78 -13.84
N ALA B 40 11.56 11.78 -14.11
CA ALA B 40 12.23 12.97 -14.63
C ALA B 40 13.33 12.57 -15.62
N ASP B 41 12.95 11.90 -16.71
CA ASP B 41 13.89 11.44 -17.74
C ASP B 41 13.74 12.25 -19.03
N ALA B 42 14.88 12.71 -19.56
CA ALA B 42 14.89 13.48 -20.80
C ALA B 42 15.72 12.76 -21.85
N GLU B 43 15.30 11.53 -22.15
CA GLU B 43 15.96 10.68 -23.14
C GLU B 43 15.39 9.26 -23.07
N LEU B 44 14.13 9.11 -23.48
CA LEU B 44 13.46 7.81 -23.47
C LEU B 44 14.34 6.72 -24.08
N GLU B 45 14.86 5.84 -23.23
CA GLU B 45 15.72 4.75 -23.69
C GLU B 45 15.09 3.38 -23.42
N PRO B 46 14.21 2.91 -24.32
CA PRO B 46 13.55 1.61 -24.18
C PRO B 46 14.42 0.45 -24.68
N LEU B 47 15.34 0.00 -23.82
CA LEU B 47 16.23 -1.10 -24.16
C LEU B 47 15.52 -2.45 -24.05
N GLY B 48 15.82 -3.34 -25.00
CA GLY B 48 15.20 -4.65 -25.01
C GLY B 48 13.83 -4.66 -25.66
N GLU B 49 13.10 -5.76 -25.51
CA GLU B 49 11.76 -5.89 -26.08
C GLU B 49 10.78 -4.95 -25.40
N GLU B 50 10.05 -4.18 -26.21
CA GLU B 50 9.07 -3.23 -25.68
C GLU B 50 7.71 -3.42 -26.37
N ALA B 51 6.65 -3.33 -25.58
CA ALA B 51 5.28 -3.49 -26.10
C ALA B 51 4.38 -2.33 -25.66
N ALA B 52 3.17 -2.28 -26.23
CA ALA B 52 2.21 -1.23 -25.91
C ALA B 52 1.58 -1.47 -24.53
N GLY B 53 2.16 -0.83 -23.51
CA GLY B 53 1.65 -0.98 -22.16
C GLY B 53 1.23 0.34 -21.54
N GLY B 54 1.17 0.38 -20.22
CA GLY B 54 0.78 1.60 -19.52
C GLY B 54 0.83 1.45 -18.01
N ASP B 55 -0.35 1.36 -17.39
CA ASP B 55 -0.44 1.21 -15.93
C ASP B 55 0.25 -0.07 -15.46
N GLN B 56 0.03 -1.17 -16.18
CA GLN B 56 0.63 -2.46 -15.85
C GLN B 56 2.17 -2.34 -15.79
N PHE B 57 2.73 -1.57 -16.72
CA PHE B 57 4.17 -1.36 -16.78
C PHE B 57 4.66 -0.59 -15.55
N ILE B 58 3.84 0.32 -15.05
CA ILE B 58 4.19 1.11 -13.86
C ILE B 58 4.37 0.20 -12.65
N HIS B 59 3.49 -0.78 -12.52
CA HIS B 59 3.53 -1.72 -11.41
C HIS B 59 4.71 -2.68 -11.55
N GLU B 60 5.00 -3.07 -12.78
CA GLU B 60 6.10 -3.99 -13.04
C GLU B 60 7.46 -3.30 -12.89
N GLN B 61 7.54 -2.03 -13.28
CA GLN B 61 8.77 -1.27 -13.18
C GLN B 61 9.09 -0.91 -11.74
N ALA B 62 8.06 -0.61 -10.95
CA ALA B 62 8.23 -0.25 -9.55
C ALA B 62 8.63 -1.48 -8.71
N LEU B 63 8.05 -2.64 -9.05
CA LEU B 63 8.33 -3.87 -8.34
C LEU B 63 9.75 -4.36 -8.64
N ASN B 64 10.18 -4.20 -9.89
CA ASN B 64 11.52 -4.63 -10.30
C ASN B 64 12.59 -3.74 -9.67
N TRP B 65 12.31 -2.44 -9.59
CA TRP B 65 13.24 -1.48 -9.00
C TRP B 65 13.37 -1.68 -7.50
N LEU B 66 12.24 -2.00 -6.86
CA LEU B 66 12.21 -2.23 -5.41
C LEU B 66 13.09 -3.42 -5.02
N GLN B 67 13.14 -4.43 -5.89
CA GLN B 67 13.95 -5.62 -5.65
C GLN B 67 15.43 -5.27 -5.54
N GLN B 68 15.88 -4.30 -6.34
CA GLN B 68 17.26 -3.85 -6.34
C GLN B 68 17.49 -2.72 -5.34
N ALA B 69 16.43 -1.94 -5.07
CA ALA B 69 16.51 -0.82 -4.14
C ALA B 69 16.84 -1.28 -2.73
N ASP B 70 18.06 -0.98 -2.30
CA ASP B 70 18.53 -1.35 -0.96
C ASP B 70 17.84 -0.52 0.12
N VAL B 71 17.28 0.63 -0.27
CA VAL B 71 16.59 1.50 0.67
C VAL B 71 15.48 2.30 -0.04
N VAL B 72 14.32 2.37 0.59
CA VAL B 72 13.19 3.09 0.03
C VAL B 72 12.91 4.36 0.84
N VAL B 73 12.67 5.45 0.13
CA VAL B 73 12.39 6.73 0.77
C VAL B 73 11.12 7.35 0.18
N ALA B 74 10.25 7.88 1.04
CA ALA B 74 9.00 8.47 0.59
C ALA B 74 8.84 9.89 1.14
N GLU B 75 8.21 10.76 0.34
CA GLU B 75 7.97 12.15 0.73
C GLU B 75 6.59 12.61 0.28
N VAL B 76 5.62 12.58 1.21
CA VAL B 76 4.25 12.98 0.91
C VAL B 76 3.64 13.77 2.06
N THR B 77 2.91 14.83 1.73
CA THR B 77 2.25 15.67 2.74
C THR B 77 0.78 15.28 2.94
N GLN B 78 0.44 14.03 2.63
CA GLN B 78 -0.93 13.54 2.77
C GLN B 78 -1.02 12.05 2.43
N PRO B 79 -2.00 11.34 3.02
CA PRO B 79 -2.20 9.90 2.77
C PRO B 79 -2.36 9.58 1.28
N SER B 80 -1.30 9.06 0.68
CA SER B 80 -1.30 8.71 -0.74
C SER B 80 -1.52 7.21 -0.93
N LEU B 81 -2.51 6.87 -1.76
CA LEU B 81 -2.83 5.48 -2.03
C LEU B 81 -1.73 4.80 -2.85
N GLY B 82 -1.36 5.43 -3.97
CA GLY B 82 -0.31 4.88 -4.82
C GLY B 82 1.03 4.77 -4.11
N VAL B 83 1.38 5.81 -3.37
CA VAL B 83 2.64 5.83 -2.63
C VAL B 83 2.62 4.82 -1.47
N GLY B 84 1.46 4.71 -0.81
CA GLY B 84 1.31 3.76 0.27
C GLY B 84 1.44 2.33 -0.22
N TYR B 85 0.95 2.11 -1.45
CA TYR B 85 1.03 0.80 -2.07
C TYR B 85 2.48 0.40 -2.31
N GLU B 86 3.27 1.34 -2.83
CA GLU B 86 4.68 1.11 -3.10
C GLU B 86 5.44 0.86 -1.79
N LEU B 87 5.06 1.61 -0.74
CA LEU B 87 5.68 1.47 0.57
C LEU B 87 5.40 0.08 1.15
N GLY B 88 4.15 -0.39 0.97
CA GLY B 88 3.77 -1.70 1.47
C GLY B 88 4.61 -2.80 0.85
N ARG B 89 4.83 -2.70 -0.47
CA ARG B 89 5.64 -3.68 -1.19
C ARG B 89 7.10 -3.57 -0.77
N ALA B 90 7.55 -2.34 -0.46
CA ALA B 90 8.92 -2.10 -0.04
C ALA B 90 9.24 -2.80 1.27
N VAL B 91 8.25 -2.90 2.17
CA VAL B 91 8.44 -3.55 3.45
C VAL B 91 8.46 -5.08 3.30
N ALA B 92 7.65 -5.59 2.37
CA ALA B 92 7.58 -7.02 2.13
C ALA B 92 8.79 -7.50 1.32
N LEU B 93 9.26 -6.66 0.40
CA LEU B 93 10.40 -7.00 -0.45
C LEU B 93 11.72 -6.62 0.22
N GLY B 94 11.83 -5.36 0.64
CA GLY B 94 13.05 -4.90 1.29
C GLY B 94 12.95 -4.90 2.80
N LYS B 95 13.30 -3.76 3.41
CA LYS B 95 13.26 -3.63 4.86
C LYS B 95 13.42 -2.17 5.30
N PRO B 96 14.57 -1.54 4.98
CA PRO B 96 14.85 -0.15 5.35
C PRO B 96 13.99 0.86 4.58
N ILE B 97 12.89 1.28 5.20
CA ILE B 97 11.97 2.23 4.57
C ILE B 97 12.01 3.59 5.27
N LEU B 98 11.75 4.65 4.51
CA LEU B 98 11.73 6.01 5.03
C LEU B 98 10.45 6.73 4.58
N CYS B 99 9.84 7.49 5.48
CA CYS B 99 8.62 8.22 5.17
C CYS B 99 8.71 9.67 5.63
N LEU B 100 8.29 10.60 4.78
CA LEU B 100 8.32 12.02 5.09
C LEU B 100 6.91 12.61 5.06
N PHE B 101 6.30 12.72 6.24
CA PHE B 101 4.94 13.25 6.36
C PHE B 101 4.97 14.65 6.96
N ARG B 102 4.20 15.56 6.38
CA ARG B 102 4.13 16.93 6.88
C ARG B 102 3.23 16.99 8.11
N PRO B 103 3.80 17.38 9.28
CA PRO B 103 3.03 17.49 10.53
C PRO B 103 2.14 18.73 10.59
N GLN B 104 2.10 19.50 9.50
CA GLN B 104 1.28 20.71 9.43
C GLN B 104 0.33 20.67 8.23
N SER B 105 0.37 19.57 7.45
CA SER B 105 -0.50 19.43 6.29
C SER B 105 -1.97 19.40 6.70
N GLY B 106 -2.26 18.80 7.86
CA GLY B 106 -3.61 18.72 8.35
C GLY B 106 -4.10 17.29 8.49
N ARG B 107 -3.73 16.45 7.53
CA ARG B 107 -4.13 15.06 7.53
C ARG B 107 -3.22 14.22 8.42
N VAL B 108 -3.43 12.92 8.39
CA VAL B 108 -2.66 11.98 9.21
C VAL B 108 -2.64 10.58 8.58
N LEU B 109 -1.70 9.75 9.05
CA LEU B 109 -1.58 8.38 8.57
C LEU B 109 -2.49 7.45 9.37
N SER B 110 -3.04 6.44 8.71
CA SER B 110 -3.95 5.49 9.37
C SER B 110 -3.19 4.50 10.25
N ALA B 111 -3.93 3.56 10.84
CA ALA B 111 -3.34 2.54 11.72
C ALA B 111 -2.39 1.61 10.98
N MET B 112 -2.68 1.34 9.70
CA MET B 112 -1.84 0.44 8.89
C MET B 112 -0.43 1.03 8.73
N ILE B 113 -0.36 2.34 8.50
CA ILE B 113 0.92 3.03 8.33
C ILE B 113 1.68 3.08 9.65
N ARG B 114 0.98 3.46 10.73
CA ARG B 114 1.59 3.53 12.06
C ARG B 114 2.15 2.17 12.48
N GLY B 115 1.38 1.12 12.21
CA GLY B 115 1.79 -0.23 12.55
C GLY B 115 3.04 -0.66 11.80
N ALA B 116 3.13 -0.25 10.53
CA ALA B 116 4.28 -0.58 9.69
C ALA B 116 5.57 -0.05 10.29
N ALA B 117 5.50 1.16 10.88
CA ALA B 117 6.66 1.78 11.48
C ALA B 117 6.99 1.15 12.84
N ASP B 118 7.87 0.15 12.80
CA ASP B 118 8.29 -0.55 14.03
C ASP B 118 9.51 0.13 14.65
N GLY B 119 10.20 0.96 13.86
CA GLY B 119 11.38 1.65 14.34
C GLY B 119 12.67 0.93 14.02
N SER B 120 12.56 -0.32 13.55
CA SER B 120 13.73 -1.11 13.21
C SER B 120 14.40 -0.59 11.94
N ARG B 121 13.69 -0.73 10.82
CA ARG B 121 14.18 -0.29 9.53
C ARG B 121 13.28 0.79 8.90
N PHE B 122 12.04 0.91 9.39
CA PHE B 122 11.11 1.91 8.87
C PHE B 122 11.01 3.11 9.80
N GLN B 123 11.33 4.29 9.27
CA GLN B 123 11.28 5.53 10.05
C GLN B 123 10.45 6.59 9.33
N VAL B 124 9.48 7.15 10.05
CA VAL B 124 8.59 8.17 9.49
C VAL B 124 8.89 9.55 10.10
N TRP B 125 9.72 10.33 9.41
CA TRP B 125 10.08 11.66 9.87
C TRP B 125 9.09 12.70 9.39
N ASP B 126 8.78 13.67 10.25
CA ASP B 126 7.86 14.74 9.91
C ASP B 126 8.63 15.96 9.43
N TYR B 127 8.39 16.37 8.19
CA TYR B 127 9.08 17.51 7.60
C TYR B 127 8.11 18.66 7.31
N ALA B 128 8.63 19.88 7.43
CA ALA B 128 7.84 21.08 7.16
C ALA B 128 8.29 21.70 5.85
N GLU B 129 7.42 22.51 5.25
CA GLU B 129 7.72 23.17 3.99
C GLU B 129 9.00 24.00 4.10
N GLY B 130 10.08 23.46 3.55
CA GLY B 130 11.38 24.14 3.61
C GLY B 130 12.41 23.30 4.35
N GLU B 131 11.93 22.35 5.16
CA GLU B 131 12.80 21.47 5.94
C GLU B 131 13.00 20.14 5.22
N VAL B 132 12.25 19.90 4.13
CA VAL B 132 12.38 18.65 3.37
C VAL B 132 13.79 18.47 2.85
N GLU B 133 14.43 19.58 2.49
CA GLU B 133 15.81 19.56 2.00
C GLU B 133 16.75 19.14 3.13
N THR B 134 16.52 19.69 4.32
CA THR B 134 17.31 19.38 5.50
C THR B 134 17.10 17.93 5.91
N MET B 135 15.86 17.47 5.82
CA MET B 135 15.51 16.09 6.17
C MET B 135 16.16 15.09 5.22
N LEU B 136 16.18 15.42 3.93
CA LEU B 136 16.77 14.55 2.92
C LEU B 136 18.28 14.44 3.11
N ASP B 137 18.92 15.56 3.46
CA ASP B 137 20.36 15.59 3.68
C ASP B 137 20.72 14.87 4.98
N ARG B 138 19.86 15.03 6.00
CA ARG B 138 20.07 14.40 7.29
C ARG B 138 19.84 12.89 7.21
N TYR B 139 18.86 12.48 6.41
CA TYR B 139 18.53 11.07 6.24
C TYR B 139 19.66 10.33 5.52
N PHE B 140 20.24 10.98 4.51
CA PHE B 140 21.33 10.39 3.75
C PHE B 140 22.64 10.41 4.54
N GLU B 141 22.83 11.46 5.33
CA GLU B 141 24.04 11.60 6.14
C GLU B 141 23.98 10.73 7.38
N ALA B 142 22.77 10.59 7.95
CA ALA B 142 22.58 9.77 9.15
C ALA B 142 22.66 8.28 8.81
N TYR B 143 22.25 7.93 7.58
CA TYR B 143 22.27 6.54 7.15
C TYR B 143 23.70 6.04 6.97
N LEU B 144 24.55 6.90 6.41
CA LEU B 144 25.96 6.57 6.19
C LEU B 144 26.70 6.42 7.52
N VAL B 145 26.37 7.29 8.47
CA VAL B 145 27.00 7.27 9.79
C VAL B 145 26.60 6.02 10.59
N GLU B 146 25.34 5.61 10.45
CA GLU B 146 24.84 4.43 11.16
C GLU B 146 25.16 3.15 10.40
N HIS B 147 25.41 3.28 9.09
CA HIS B 147 25.73 2.13 8.23
C HIS B 147 24.80 0.94 8.50
N HIS B 148 23.55 1.24 8.86
CA HIS B 148 22.56 0.20 9.16
C HIS B 148 21.14 0.77 9.19
N HIS B 149 20.87 1.60 10.20
CA HIS B 149 19.55 2.22 10.35
C HIS B 149 19.56 3.23 11.50
N HIS B 150 19.47 4.51 11.17
CA HIS B 150 19.46 5.57 12.18
C HIS B 150 18.15 5.59 12.97
N HIS B 151 18.25 5.91 14.26
CA HIS B 151 17.08 5.97 15.13
C HIS B 151 16.76 7.41 15.52
N HIS B 152 15.47 7.68 15.76
CA HIS B 152 15.02 9.02 16.14
C HIS B 152 14.43 9.00 17.55
N MET A 1 -6.33 -26.58 1.64
CA MET A 1 -7.74 -27.05 1.72
C MET A 1 -8.55 -26.21 2.72
N ARG A 2 -8.38 -24.89 2.66
CA ARG A 2 -9.09 -23.98 3.56
C ARG A 2 -9.45 -22.67 2.86
N ARG A 3 -10.70 -22.24 3.02
CA ARG A 3 -11.17 -21.00 2.41
C ARG A 3 -11.13 -19.85 3.41
N SER A 4 -10.34 -18.83 3.10
CA SER A 4 -10.19 -17.66 3.97
C SER A 4 -10.28 -16.37 3.18
N VAL A 5 -11.31 -15.56 3.47
CA VAL A 5 -11.50 -14.29 2.78
C VAL A 5 -11.25 -13.10 3.72
N TYR A 6 -10.21 -12.31 3.43
CA TYR A 6 -9.88 -11.15 4.25
C TYR A 6 -10.51 -9.89 3.67
N PHE A 7 -11.33 -9.22 4.48
CA PHE A 7 -11.99 -7.99 4.05
C PHE A 7 -11.19 -6.77 4.51
N CYS A 8 -10.58 -6.08 3.56
CA CYS A 8 -9.77 -4.90 3.85
C CYS A 8 -10.56 -3.61 3.70
N GLY A 9 -11.08 -3.11 4.83
CA GLY A 9 -11.86 -1.88 4.82
C GLY A 9 -11.44 -0.93 5.92
N SER A 10 -11.23 0.34 5.57
CA SER A 10 -10.81 1.36 6.55
C SER A 10 -11.89 1.53 7.61
N ILE A 11 -11.49 1.33 8.88
CA ILE A 11 -12.39 1.45 9.99
C ILE A 11 -12.28 2.82 10.66
N ARG A 12 -11.07 3.36 10.68
CA ARG A 12 -10.79 4.66 11.27
C ARG A 12 -11.19 4.68 12.75
N GLY A 13 -10.72 3.69 13.49
CA GLY A 13 -11.03 3.61 14.91
C GLY A 13 -12.30 2.82 15.20
N GLY A 14 -13.15 2.60 14.20
CA GLY A 14 -14.37 1.86 14.41
C GLY A 14 -15.63 2.69 14.37
N ARG A 15 -16.73 2.02 14.72
CA ARG A 15 -18.08 2.62 14.73
C ARG A 15 -18.70 2.51 13.34
N GLU A 16 -17.88 2.62 12.31
CA GLU A 16 -18.34 2.49 10.94
C GLU A 16 -17.81 1.19 10.33
N ASP A 17 -17.22 0.34 11.18
CA ASP A 17 -16.68 -0.92 10.77
C ASP A 17 -17.51 -2.07 11.34
N GLN A 18 -17.97 -1.91 12.58
CA GLN A 18 -18.76 -2.94 13.24
C GLN A 18 -20.00 -3.30 12.43
N ALA A 19 -20.68 -2.29 11.89
CA ALA A 19 -21.88 -2.53 11.10
C ALA A 19 -21.56 -3.08 9.71
N LEU A 20 -20.42 -2.67 9.15
CA LEU A 20 -20.01 -3.14 7.84
C LEU A 20 -19.30 -4.49 7.92
N TYR A 21 -18.58 -4.72 9.02
CA TYR A 21 -17.86 -5.98 9.21
C TYR A 21 -18.81 -7.08 9.64
N ALA A 22 -19.91 -6.72 10.30
CA ALA A 22 -20.89 -7.70 10.74
C ALA A 22 -21.63 -8.31 9.56
N ARG A 23 -21.99 -7.47 8.59
CA ARG A 23 -22.70 -7.94 7.40
C ARG A 23 -21.76 -8.66 6.42
N ILE A 24 -20.50 -8.21 6.36
CA ILE A 24 -19.53 -8.84 5.47
C ILE A 24 -18.99 -10.14 6.06
N VAL A 25 -18.92 -10.22 7.39
CA VAL A 25 -18.43 -11.41 8.07
C VAL A 25 -19.39 -12.58 7.90
N SER A 26 -20.69 -12.29 7.90
CA SER A 26 -21.70 -13.34 7.75
C SER A 26 -21.64 -13.95 6.34
N ARG A 27 -21.45 -13.08 5.34
CA ARG A 27 -21.37 -13.52 3.95
C ARG A 27 -20.02 -14.19 3.67
N LEU A 28 -18.96 -13.69 4.32
CA LEU A 28 -17.62 -14.23 4.13
C LEU A 28 -17.46 -15.59 4.82
N ARG A 29 -18.10 -15.75 5.98
CA ARG A 29 -18.02 -17.01 6.72
C ARG A 29 -18.90 -18.08 6.07
N ARG A 30 -19.98 -17.66 5.41
CA ARG A 30 -20.89 -18.57 4.74
C ARG A 30 -20.18 -19.39 3.66
N TYR A 31 -19.13 -18.81 3.07
CA TYR A 31 -18.36 -19.49 2.04
C TYR A 31 -17.18 -20.25 2.65
N GLY A 32 -16.39 -19.55 3.46
CA GLY A 32 -15.24 -20.17 4.10
C GLY A 32 -14.99 -19.63 5.49
N LYS A 33 -14.08 -18.66 5.59
CA LYS A 33 -13.73 -18.07 6.87
C LYS A 33 -13.27 -16.63 6.71
N VAL A 34 -13.82 -15.75 7.54
CA VAL A 34 -13.45 -14.33 7.50
C VAL A 34 -12.13 -14.10 8.22
N LEU A 35 -11.28 -13.24 7.65
CA LEU A 35 -9.98 -12.94 8.25
C LEU A 35 -9.95 -11.56 8.90
N THR A 36 -11.12 -11.02 9.24
CA THR A 36 -11.20 -9.71 9.88
C THR A 36 -12.25 -9.72 11.00
N GLU A 37 -11.99 -10.54 12.01
CA GLU A 37 -12.90 -10.67 13.16
C GLU A 37 -12.56 -9.68 14.28
N HIS A 38 -11.27 -9.30 14.40
CA HIS A 38 -10.84 -8.36 15.43
C HIS A 38 -11.70 -7.09 15.43
N VAL A 39 -12.00 -6.59 14.23
CA VAL A 39 -12.81 -5.38 14.06
C VAL A 39 -14.23 -5.59 14.56
N ALA A 40 -14.82 -6.74 14.22
CA ALA A 40 -16.18 -7.06 14.65
C ALA A 40 -16.14 -7.96 15.89
N ASP A 41 -15.52 -7.46 16.97
CA ASP A 41 -15.40 -8.21 18.22
C ASP A 41 -16.62 -8.01 19.12
N ALA A 42 -17.16 -9.12 19.62
CA ALA A 42 -18.32 -9.09 20.51
C ALA A 42 -17.89 -9.40 21.95
N GLU A 43 -17.03 -8.53 22.48
CA GLU A 43 -16.50 -8.68 23.84
C GLU A 43 -15.44 -9.77 23.90
N LEU A 44 -14.43 -9.64 23.03
CA LEU A 44 -13.33 -10.61 22.97
C LEU A 44 -12.16 -10.05 22.17
N GLU A 45 -11.23 -9.38 22.86
CA GLU A 45 -10.06 -8.79 22.22
C GLU A 45 -8.79 -9.03 23.05
N PRO A 46 -8.33 -10.29 23.11
CA PRO A 46 -7.13 -10.66 23.87
C PRO A 46 -5.84 -10.25 23.16
N LEU A 47 -4.72 -10.79 23.65
CA LEU A 47 -3.40 -10.52 23.09
C LEU A 47 -2.93 -9.09 23.42
N GLY A 48 -1.64 -8.85 23.25
CA GLY A 48 -1.07 -7.55 23.53
C GLY A 48 -0.18 -7.54 24.76
N GLU A 49 0.93 -6.81 24.68
CA GLU A 49 1.86 -6.71 25.80
C GLU A 49 2.88 -5.58 25.58
N GLU A 50 3.46 -5.11 26.69
CA GLU A 50 4.44 -4.03 26.65
C GLU A 50 3.79 -2.68 26.34
N ALA A 51 4.52 -1.60 26.62
CA ALA A 51 4.03 -0.24 26.37
C ALA A 51 4.04 0.07 24.87
N ALA A 52 2.88 -0.08 24.24
CA ALA A 52 2.75 0.19 22.80
C ALA A 52 1.35 0.72 22.48
N GLY A 53 1.18 1.27 21.27
CA GLY A 53 -0.11 1.80 20.87
C GLY A 53 -0.94 0.84 20.04
N GLY A 54 -0.48 -0.39 20.03
CA GLY A 54 -1.16 -1.45 19.30
C GLY A 54 -0.97 -1.39 17.78
N ASP A 55 -0.37 -0.29 17.27
CA ASP A 55 -0.14 -0.14 15.84
C ASP A 55 0.72 -1.27 15.28
N GLN A 56 1.82 -1.57 15.98
CA GLN A 56 2.73 -2.64 15.56
C GLN A 56 1.98 -3.98 15.47
N PHE A 57 1.15 -4.24 16.48
CA PHE A 57 0.37 -5.47 16.52
C PHE A 57 -0.63 -5.52 15.36
N ILE A 58 -1.24 -4.37 15.06
CA ILE A 58 -2.21 -4.26 13.96
C ILE A 58 -1.57 -4.69 12.64
N HIS A 59 -0.35 -4.22 12.41
CA HIS A 59 0.38 -4.52 11.19
C HIS A 59 0.77 -5.99 11.11
N GLU A 60 1.15 -6.56 12.25
CA GLU A 60 1.57 -7.96 12.30
C GLU A 60 0.37 -8.90 12.19
N GLN A 61 -0.77 -8.49 12.74
CA GLN A 61 -1.97 -9.32 12.71
C GLN A 61 -2.61 -9.36 11.32
N ALA A 62 -2.55 -8.23 10.59
CA ALA A 62 -3.14 -8.16 9.26
C ALA A 62 -2.30 -8.92 8.23
N LEU A 63 -0.98 -8.91 8.40
CA LEU A 63 -0.08 -9.61 7.49
C LEU A 63 -0.17 -11.12 7.67
N ASN A 64 -0.36 -11.56 8.91
CA ASN A 64 -0.45 -12.98 9.22
C ASN A 64 -1.71 -13.62 8.62
N TRP A 65 -2.84 -12.89 8.66
CA TRP A 65 -4.10 -13.39 8.13
C TRP A 65 -4.06 -13.51 6.60
N LEU A 66 -3.39 -12.55 5.95
CA LEU A 66 -3.29 -12.55 4.49
C LEU A 66 -2.37 -13.68 4.00
N GLN A 67 -1.49 -14.16 4.88
CA GLN A 67 -0.57 -15.25 4.53
C GLN A 67 -1.36 -16.50 4.09
N GLN A 68 -2.52 -16.72 4.70
CA GLN A 68 -3.37 -17.86 4.37
C GLN A 68 -4.74 -17.40 3.89
N ALA A 69 -4.77 -16.33 3.10
CA ALA A 69 -6.01 -15.79 2.57
C ALA A 69 -6.23 -16.24 1.13
N ASP A 70 -7.24 -17.10 0.93
CA ASP A 70 -7.58 -17.59 -0.40
C ASP A 70 -8.08 -16.46 -1.30
N VAL A 71 -8.55 -15.37 -0.70
CA VAL A 71 -9.04 -14.21 -1.45
C VAL A 71 -9.11 -12.98 -0.54
N VAL A 72 -8.65 -11.84 -1.07
CA VAL A 72 -8.67 -10.60 -0.30
C VAL A 72 -9.54 -9.54 -0.97
N VAL A 73 -10.67 -9.23 -0.34
CA VAL A 73 -11.60 -8.24 -0.87
C VAL A 73 -11.51 -6.93 -0.07
N ALA A 74 -11.40 -5.81 -0.78
CA ALA A 74 -11.28 -4.50 -0.13
C ALA A 74 -12.45 -3.59 -0.50
N GLU A 75 -12.78 -2.66 0.39
CA GLU A 75 -13.86 -1.72 0.17
C GLU A 75 -13.50 -0.32 0.68
N VAL A 76 -13.26 0.60 -0.26
CA VAL A 76 -12.89 1.98 0.09
C VAL A 76 -13.45 2.98 -0.93
N THR A 77 -14.01 4.09 -0.42
CA THR A 77 -14.57 5.13 -1.27
C THR A 77 -13.63 6.33 -1.40
N GLN A 78 -12.32 6.10 -1.23
CA GLN A 78 -11.32 7.17 -1.33
C GLN A 78 -9.91 6.64 -1.11
N PRO A 79 -8.88 7.39 -1.56
CA PRO A 79 -7.48 6.99 -1.42
C PRO A 79 -7.08 6.80 0.05
N SER A 80 -7.19 5.56 0.53
CA SER A 80 -6.85 5.22 1.91
C SER A 80 -5.43 4.70 2.00
N LEU A 81 -4.62 5.33 2.85
CA LEU A 81 -3.22 4.93 3.02
C LEU A 81 -3.09 3.60 3.75
N GLY A 82 -3.88 3.41 4.81
CA GLY A 82 -3.82 2.17 5.56
C GLY A 82 -4.40 1.01 4.78
N VAL A 83 -5.55 1.24 4.13
CA VAL A 83 -6.19 0.20 3.35
C VAL A 83 -5.39 -0.07 2.06
N GLY A 84 -4.78 0.98 1.51
CA GLY A 84 -3.97 0.82 0.31
C GLY A 84 -2.79 -0.09 0.56
N TYR A 85 -2.23 -0.01 1.78
CA TYR A 85 -1.11 -0.84 2.19
C TYR A 85 -1.53 -2.31 2.23
N GLU A 86 -2.71 -2.56 2.80
CA GLU A 86 -3.24 -3.93 2.89
C GLU A 86 -3.41 -4.53 1.50
N LEU A 87 -3.90 -3.73 0.56
CA LEU A 87 -4.10 -4.17 -0.82
C LEU A 87 -2.80 -4.64 -1.44
N GLY A 88 -1.72 -3.87 -1.19
CA GLY A 88 -0.42 -4.24 -1.72
C GLY A 88 0.08 -5.55 -1.16
N ARG A 89 -0.14 -5.76 0.14
CA ARG A 89 0.28 -6.98 0.81
C ARG A 89 -0.46 -8.20 0.24
N ALA A 90 -1.73 -8.01 -0.07
CA ALA A 90 -2.56 -9.09 -0.62
C ALA A 90 -2.12 -9.50 -2.02
N VAL A 91 -1.67 -8.52 -2.81
CA VAL A 91 -1.23 -8.78 -4.18
C VAL A 91 0.08 -9.56 -4.21
N ALA A 92 0.99 -9.25 -3.29
CA ALA A 92 2.29 -9.92 -3.23
C ALA A 92 2.24 -11.20 -2.40
N LEU A 93 1.31 -11.25 -1.44
CA LEU A 93 1.18 -12.43 -0.58
C LEU A 93 0.26 -13.48 -1.20
N GLY A 94 -0.85 -13.02 -1.79
CA GLY A 94 -1.79 -13.94 -2.42
C GLY A 94 -1.84 -13.79 -3.92
N LYS A 95 -3.02 -13.44 -4.44
CA LYS A 95 -3.21 -13.24 -5.88
C LYS A 95 -4.61 -12.72 -6.18
N PRO A 96 -5.67 -13.49 -5.84
CA PRO A 96 -7.06 -13.08 -6.08
C PRO A 96 -7.49 -11.93 -5.18
N ILE A 97 -7.33 -10.69 -5.68
CA ILE A 97 -7.68 -9.50 -4.92
C ILE A 97 -8.90 -8.80 -5.52
N LEU A 98 -9.66 -8.13 -4.65
CA LEU A 98 -10.85 -7.40 -5.05
C LEU A 98 -10.83 -6.00 -4.45
N CYS A 99 -11.28 -5.02 -5.23
CA CYS A 99 -11.30 -3.62 -4.77
C CYS A 99 -12.66 -3.00 -5.05
N LEU A 100 -13.27 -2.43 -4.00
CA LEU A 100 -14.57 -1.79 -4.11
C LEU A 100 -14.44 -0.27 -3.97
N PHE A 101 -14.37 0.41 -5.11
CA PHE A 101 -14.23 1.87 -5.13
C PHE A 101 -15.55 2.54 -5.51
N ARG A 102 -15.78 3.72 -4.95
CA ARG A 102 -17.00 4.47 -5.24
C ARG A 102 -16.83 5.36 -6.48
N PRO A 103 -17.61 5.10 -7.55
CA PRO A 103 -17.53 5.89 -8.79
C PRO A 103 -18.17 7.28 -8.66
N GLN A 104 -18.61 7.65 -7.44
CA GLN A 104 -19.23 8.94 -7.20
C GLN A 104 -18.71 9.58 -5.89
N SER A 105 -17.63 9.00 -5.33
CA SER A 105 -17.04 9.52 -4.09
C SER A 105 -16.37 10.86 -4.33
N GLY A 106 -15.85 11.06 -5.54
CA GLY A 106 -15.17 12.29 -5.85
C GLY A 106 -13.68 12.07 -6.13
N ARG A 107 -13.10 11.14 -5.38
CA ARG A 107 -11.69 10.83 -5.54
C ARG A 107 -11.47 9.90 -6.73
N VAL A 108 -10.25 9.42 -6.85
CA VAL A 108 -9.87 8.53 -7.95
C VAL A 108 -8.66 7.67 -7.59
N LEU A 109 -8.45 6.60 -8.37
CA LEU A 109 -7.32 5.71 -8.16
C LEU A 109 -6.09 6.23 -8.90
N SER A 110 -4.96 6.28 -8.20
CA SER A 110 -3.71 6.78 -8.78
C SER A 110 -3.12 5.77 -9.78
N ALA A 111 -1.99 6.14 -10.40
CA ALA A 111 -1.33 5.29 -11.38
C ALA A 111 -0.90 3.94 -10.79
N MET A 112 -0.40 3.96 -9.56
CA MET A 112 0.04 2.73 -8.90
C MET A 112 -1.13 1.78 -8.66
N ILE A 113 -2.24 2.32 -8.15
CA ILE A 113 -3.44 1.51 -7.88
C ILE A 113 -4.02 0.96 -9.17
N ARG A 114 -4.15 1.81 -10.18
CA ARG A 114 -4.70 1.39 -11.48
C ARG A 114 -3.78 0.35 -12.13
N GLY A 115 -2.46 0.56 -11.99
CA GLY A 115 -1.50 -0.38 -12.55
C GLY A 115 -1.59 -1.74 -11.90
N ALA A 116 -1.81 -1.77 -10.58
CA ALA A 116 -1.94 -3.02 -9.85
C ALA A 116 -3.05 -3.89 -10.44
N ALA A 117 -4.16 -3.24 -10.84
CA ALA A 117 -5.28 -3.95 -11.43
C ALA A 117 -5.02 -4.27 -12.89
N ASP A 118 -4.39 -5.41 -13.13
CA ASP A 118 -4.07 -5.85 -14.49
C ASP A 118 -5.24 -6.63 -15.10
N GLY A 119 -6.17 -7.09 -14.25
CA GLY A 119 -7.31 -7.86 -14.72
C GLY A 119 -7.14 -9.35 -14.55
N SER A 120 -5.92 -9.79 -14.20
CA SER A 120 -5.64 -11.21 -14.00
C SER A 120 -6.35 -11.73 -12.76
N ARG A 121 -5.78 -11.44 -11.60
CA ARG A 121 -6.34 -11.87 -10.32
C ARG A 121 -6.85 -10.70 -9.48
N PHE A 122 -6.57 -9.46 -9.92
CA PHE A 122 -7.01 -8.27 -9.19
C PHE A 122 -8.08 -7.52 -9.98
N GLN A 123 -9.24 -7.32 -9.36
CA GLN A 123 -10.34 -6.61 -10.00
C GLN A 123 -10.84 -5.46 -9.13
N VAL A 124 -11.09 -4.31 -9.77
CA VAL A 124 -11.57 -3.13 -9.06
C VAL A 124 -12.96 -2.72 -9.55
N TRP A 125 -13.99 -3.15 -8.82
CA TRP A 125 -15.37 -2.84 -9.18
C TRP A 125 -15.84 -1.54 -8.52
N ASP A 126 -16.63 -0.77 -9.25
CA ASP A 126 -17.15 0.48 -8.73
C ASP A 126 -18.55 0.24 -8.13
N TYR A 127 -18.67 0.50 -6.83
CA TYR A 127 -19.94 0.28 -6.13
C TYR A 127 -20.53 1.59 -5.63
N ALA A 128 -21.86 1.63 -5.56
CA ALA A 128 -22.59 2.78 -5.06
C ALA A 128 -23.14 2.49 -3.67
N GLU A 129 -23.43 3.56 -2.94
CA GLU A 129 -23.97 3.43 -1.59
C GLU A 129 -25.26 2.60 -1.61
N GLY A 130 -25.15 1.35 -1.16
CA GLY A 130 -26.29 0.45 -1.16
C GLY A 130 -26.10 -0.73 -2.09
N GLU A 131 -25.18 -0.58 -3.05
CA GLU A 131 -24.88 -1.63 -4.02
C GLU A 131 -23.73 -2.53 -3.53
N VAL A 132 -23.03 -2.09 -2.48
CA VAL A 132 -21.92 -2.89 -1.94
C VAL A 132 -22.40 -4.26 -1.47
N GLU A 133 -23.61 -4.31 -0.92
CA GLU A 133 -24.19 -5.56 -0.46
C GLU A 133 -24.51 -6.47 -1.65
N THR A 134 -25.04 -5.86 -2.72
CA THR A 134 -25.38 -6.59 -3.93
C THR A 134 -24.11 -7.06 -4.64
N MET A 135 -23.08 -6.21 -4.62
CA MET A 135 -21.81 -6.53 -5.26
C MET A 135 -21.09 -7.64 -4.50
N LEU A 136 -21.21 -7.63 -3.17
CA LEU A 136 -20.58 -8.65 -2.33
C LEU A 136 -21.14 -10.03 -2.63
N ASP A 137 -22.47 -10.12 -2.80
CA ASP A 137 -23.13 -11.38 -3.11
C ASP A 137 -22.78 -11.85 -4.53
N ARG A 138 -22.68 -10.90 -5.45
CA ARG A 138 -22.34 -11.21 -6.84
C ARG A 138 -20.86 -11.56 -6.98
N TYR A 139 -20.02 -10.90 -6.19
CA TYR A 139 -18.58 -11.13 -6.21
C TYR A 139 -18.25 -12.52 -5.65
N PHE A 140 -18.97 -12.92 -4.60
CA PHE A 140 -18.74 -14.23 -3.98
C PHE A 140 -19.33 -15.34 -4.84
N GLU A 141 -20.47 -15.07 -5.48
CA GLU A 141 -21.14 -16.04 -6.34
C GLU A 141 -20.40 -16.22 -7.66
N ALA A 142 -19.85 -15.12 -8.18
CA ALA A 142 -19.12 -15.14 -9.45
C ALA A 142 -17.72 -15.74 -9.28
N TYR A 143 -17.21 -15.72 -8.04
CA TYR A 143 -15.89 -16.25 -7.75
C TYR A 143 -15.95 -17.78 -7.64
N LEU A 144 -17.01 -18.27 -7.03
CA LEU A 144 -17.21 -19.71 -6.85
C LEU A 144 -17.56 -20.38 -8.17
N VAL A 145 -18.35 -19.68 -9.01
CA VAL A 145 -18.76 -20.21 -10.29
C VAL A 145 -17.61 -20.24 -11.30
N GLU A 146 -16.71 -19.25 -11.22
CA GLU A 146 -15.56 -19.18 -12.10
C GLU A 146 -14.46 -20.12 -11.64
N HIS A 147 -14.35 -20.30 -10.32
CA HIS A 147 -13.32 -21.16 -9.72
C HIS A 147 -11.90 -20.65 -10.00
N HIS A 148 -11.80 -19.36 -10.38
CA HIS A 148 -10.51 -18.74 -10.67
C HIS A 148 -10.69 -17.27 -11.05
N HIS A 149 -9.59 -16.62 -11.45
CA HIS A 149 -9.63 -15.22 -11.84
C HIS A 149 -8.80 -14.98 -13.10
N HIS A 150 -9.47 -14.63 -14.19
CA HIS A 150 -8.81 -14.37 -15.47
C HIS A 150 -9.78 -13.72 -16.46
N HIS A 151 -10.28 -12.53 -16.09
CA HIS A 151 -11.22 -11.80 -16.94
C HIS A 151 -11.24 -10.31 -16.60
N HIS A 152 -11.72 -9.50 -17.55
CA HIS A 152 -11.80 -8.05 -17.35
C HIS A 152 -12.93 -7.69 -16.38
N MET B 1 26.51 -5.89 -3.48
CA MET B 1 27.55 -4.83 -3.51
C MET B 1 27.11 -3.66 -4.40
N ARG B 2 25.85 -3.23 -4.24
CA ARG B 2 25.31 -2.13 -5.02
C ARG B 2 24.33 -1.29 -4.19
N ARG B 3 24.49 0.04 -4.27
CA ARG B 3 23.63 0.96 -3.53
C ARG B 3 22.53 1.51 -4.44
N SER B 4 21.28 1.22 -4.09
CA SER B 4 20.13 1.68 -4.87
C SER B 4 19.05 2.26 -3.96
N VAL B 5 18.77 3.56 -4.14
CA VAL B 5 17.74 4.23 -3.35
C VAL B 5 16.53 4.60 -4.20
N TYR B 6 15.38 4.00 -3.90
CA TYR B 6 14.16 4.28 -4.64
C TYR B 6 13.33 5.36 -3.92
N PHE B 7 13.06 6.44 -4.63
CA PHE B 7 12.27 7.53 -4.08
C PHE B 7 10.81 7.39 -4.48
N CYS B 8 9.96 7.08 -3.50
CA CYS B 8 8.53 6.89 -3.74
C CYS B 8 7.74 8.17 -3.44
N GLY B 9 7.46 8.93 -4.50
CA GLY B 9 6.72 10.17 -4.36
C GLY B 9 5.62 10.30 -5.40
N SER B 10 4.41 10.64 -4.96
CA SER B 10 3.26 10.80 -5.87
C SER B 10 3.53 11.92 -6.86
N ILE B 11 3.47 11.59 -8.15
CA ILE B 11 3.71 12.53 -9.21
C ILE B 11 2.39 13.09 -9.77
N ARG B 12 1.37 12.23 -9.80
CA ARG B 12 0.05 12.61 -10.31
C ARG B 12 0.13 13.10 -11.75
N GLY B 13 0.79 12.30 -12.60
CA GLY B 13 0.93 12.66 -13.99
C GLY B 13 2.19 13.47 -14.29
N GLY B 14 2.80 14.06 -13.26
CA GLY B 14 4.00 14.83 -13.46
C GLY B 14 3.83 16.32 -13.30
N ARG B 15 4.89 17.05 -13.65
CA ARG B 15 4.95 18.51 -13.54
C ARG B 15 5.39 18.92 -12.14
N GLU B 16 4.99 18.14 -11.15
CA GLU B 16 5.37 18.38 -9.77
C GLU B 16 6.33 17.28 -9.30
N ASP B 17 6.78 16.45 -10.24
CA ASP B 17 7.71 15.38 -9.95
C ASP B 17 9.06 15.67 -10.57
N GLN B 18 9.06 16.26 -11.77
CA GLN B 18 10.30 16.57 -12.47
C GLN B 18 11.21 17.45 -11.63
N ALA B 19 10.64 18.46 -10.99
CA ALA B 19 11.43 19.36 -10.15
C ALA B 19 11.85 18.72 -8.84
N LEU B 20 11.01 17.83 -8.30
CA LEU B 20 11.31 17.15 -7.05
C LEU B 20 12.20 15.94 -7.27
N TYR B 21 12.03 15.27 -8.42
CA TYR B 21 12.82 14.09 -8.75
C TYR B 21 14.22 14.50 -9.21
N ALA B 22 14.34 15.69 -9.80
CA ALA B 22 15.63 16.17 -10.26
C ALA B 22 16.56 16.46 -9.10
N ARG B 23 16.02 17.08 -8.05
CA ARG B 23 16.81 17.41 -6.87
C ARG B 23 17.08 16.18 -6.00
N ILE B 24 16.14 15.24 -5.97
CA ILE B 24 16.31 14.03 -5.17
C ILE B 24 17.20 13.03 -5.89
N VAL B 25 17.17 13.04 -7.24
CA VAL B 25 17.98 12.12 -8.02
C VAL B 25 19.47 12.45 -7.90
N SER B 26 19.79 13.75 -7.82
CA SER B 26 21.19 14.17 -7.69
C SER B 26 21.77 13.74 -6.34
N ARG B 27 20.96 13.87 -5.29
CA ARG B 27 21.39 13.49 -3.95
C ARG B 27 21.40 11.96 -3.78
N LEU B 28 20.46 11.29 -4.44
CA LEU B 28 20.35 9.84 -4.37
C LEU B 28 21.46 9.15 -5.18
N ARG B 29 21.83 9.75 -6.31
CA ARG B 29 22.89 9.19 -7.16
C ARG B 29 24.27 9.44 -6.54
N ARG B 30 24.40 10.55 -5.81
CA ARG B 30 25.66 10.91 -5.17
C ARG B 30 26.12 9.81 -4.20
N TYR B 31 25.17 9.08 -3.62
CA TYR B 31 25.49 8.01 -2.68
C TYR B 31 25.61 6.68 -3.41
N GLY B 32 24.59 6.34 -4.20
CA GLY B 32 24.61 5.10 -4.94
C GLY B 32 23.95 5.22 -6.30
N LYS B 33 22.67 4.84 -6.37
CA LYS B 33 21.92 4.90 -7.61
C LYS B 33 20.43 5.11 -7.36
N VAL B 34 19.85 6.05 -8.09
CA VAL B 34 18.42 6.34 -7.95
C VAL B 34 17.59 5.32 -8.71
N LEU B 35 16.48 4.89 -8.12
CA LEU B 35 15.61 3.90 -8.76
C LEU B 35 14.31 4.53 -9.29
N THR B 36 14.34 5.85 -9.53
CA THR B 36 13.17 6.56 -10.06
C THR B 36 13.58 7.57 -11.11
N GLU B 37 14.16 7.06 -12.20
CA GLU B 37 14.61 7.91 -13.31
C GLU B 37 13.52 8.14 -14.36
N HIS B 38 12.61 7.16 -14.51
CA HIS B 38 11.52 7.28 -15.49
C HIS B 38 10.77 8.60 -15.34
N VAL B 39 10.52 8.99 -14.10
CA VAL B 39 9.80 10.23 -13.78
C VAL B 39 10.60 11.45 -14.23
N ALA B 40 11.90 11.45 -13.96
CA ALA B 40 12.77 12.56 -14.34
C ALA B 40 13.50 12.22 -15.65
N ASP B 41 12.73 11.99 -16.71
CA ASP B 41 13.29 11.64 -18.03
C ASP B 41 13.60 12.89 -18.84
N ALA B 42 14.80 12.93 -19.40
CA ALA B 42 15.24 14.05 -20.23
C ALA B 42 15.26 13.65 -21.70
N GLU B 43 14.08 13.30 -22.21
CA GLU B 43 13.91 12.88 -23.60
C GLU B 43 14.40 11.44 -23.80
N LEU B 44 13.88 10.53 -22.97
CA LEU B 44 14.26 9.12 -23.04
C LEU B 44 13.28 8.26 -22.26
N GLU B 45 12.24 7.77 -22.96
CA GLU B 45 11.22 6.93 -22.32
C GLU B 45 10.83 5.77 -23.24
N PRO B 46 11.75 4.80 -23.42
CA PRO B 46 11.51 3.62 -24.26
C PRO B 46 10.61 2.59 -23.59
N LEU B 47 10.58 1.40 -24.18
CA LEU B 47 9.77 0.29 -23.68
C LEU B 47 8.27 0.53 -23.90
N GLY B 48 7.48 -0.55 -23.78
CA GLY B 48 6.05 -0.46 -23.97
C GLY B 48 5.59 -1.14 -25.25
N GLU B 49 4.45 -1.82 -25.17
CA GLU B 49 3.89 -2.54 -26.32
C GLU B 49 2.44 -2.95 -26.08
N GLU B 50 1.70 -3.17 -27.16
CA GLU B 50 0.30 -3.59 -27.09
C GLU B 50 -0.61 -2.44 -26.63
N ALA B 51 -1.90 -2.59 -26.87
CA ALA B 51 -2.88 -1.58 -26.47
C ALA B 51 -3.10 -1.57 -24.97
N ALA B 52 -2.42 -0.65 -24.28
CA ALA B 52 -2.52 -0.52 -22.83
C ALA B 52 -2.36 0.93 -22.39
N GLY B 53 -2.72 1.22 -21.14
CA GLY B 53 -2.60 2.58 -20.63
C GLY B 53 -1.34 2.83 -19.84
N GLY B 54 -0.43 1.89 -19.95
CA GLY B 54 0.85 1.97 -19.27
C GLY B 54 0.78 1.69 -17.77
N ASP B 55 -0.43 1.60 -17.21
CA ASP B 55 -0.60 1.35 -15.78
C ASP B 55 0.06 0.03 -15.36
N GLN B 56 -0.20 -1.03 -16.13
CA GLN B 56 0.37 -2.35 -15.84
C GLN B 56 1.90 -2.26 -15.83
N PHE B 57 2.46 -1.56 -16.80
CA PHE B 57 3.91 -1.39 -16.91
C PHE B 57 4.46 -0.62 -15.71
N ILE B 58 3.71 0.41 -15.28
CA ILE B 58 4.10 1.23 -14.13
C ILE B 58 4.25 0.37 -12.88
N HIS B 59 3.31 -0.54 -12.68
CA HIS B 59 3.32 -1.42 -11.52
C HIS B 59 4.46 -2.43 -11.59
N GLU B 60 4.75 -2.92 -12.79
CA GLU B 60 5.81 -3.91 -12.97
C GLU B 60 7.20 -3.26 -12.88
N GLN B 61 7.31 -2.01 -13.33
CA GLN B 61 8.58 -1.29 -13.31
C GLN B 61 8.96 -0.86 -11.91
N ALA B 62 7.97 -0.48 -11.10
CA ALA B 62 8.23 -0.03 -9.73
C ALA B 62 8.59 -1.19 -8.80
N LEU B 63 7.98 -2.37 -9.05
CA LEU B 63 8.25 -3.54 -8.23
C LEU B 63 9.64 -4.12 -8.53
N ASN B 64 10.06 -4.03 -9.79
CA ASN B 64 11.36 -4.55 -10.21
C ASN B 64 12.51 -3.75 -9.59
N TRP B 65 12.36 -2.43 -9.53
CA TRP B 65 13.40 -1.56 -8.97
C TRP B 65 13.56 -1.78 -7.46
N LEU B 66 12.43 -2.00 -6.77
CA LEU B 66 12.46 -2.21 -5.32
C LEU B 66 13.10 -3.57 -4.97
N GLN B 67 13.09 -4.51 -5.93
CA GLN B 67 13.68 -5.82 -5.72
C GLN B 67 15.16 -5.71 -5.34
N GLN B 68 15.85 -4.72 -5.91
CA GLN B 68 17.26 -4.49 -5.63
C GLN B 68 17.48 -3.10 -5.04
N ALA B 69 16.58 -2.66 -4.16
CA ALA B 69 16.67 -1.36 -3.52
C ALA B 69 17.24 -1.47 -2.12
N ASP B 70 18.46 -0.96 -1.94
CA ASP B 70 19.12 -0.99 -0.64
C ASP B 70 18.38 -0.12 0.38
N VAL B 71 17.58 0.84 -0.12
CA VAL B 71 16.80 1.71 0.75
C VAL B 71 15.68 2.40 -0.05
N VAL B 72 14.49 2.45 0.54
CA VAL B 72 13.35 3.06 -0.12
C VAL B 72 12.82 4.25 0.67
N VAL B 73 13.01 5.45 0.13
CA VAL B 73 12.57 6.68 0.78
C VAL B 73 11.32 7.24 0.08
N ALA B 74 10.30 7.58 0.87
CA ALA B 74 9.05 8.11 0.33
C ALA B 74 8.77 9.51 0.84
N GLU B 75 8.03 10.29 0.03
CA GLU B 75 7.68 11.66 0.38
C GLU B 75 6.25 11.99 -0.02
N VAL B 76 5.35 12.10 0.98
CA VAL B 76 3.95 12.41 0.71
C VAL B 76 3.35 13.27 1.83
N THR B 77 2.58 14.29 1.45
CA THR B 77 1.95 15.19 2.41
C THR B 77 0.46 14.86 2.60
N GLN B 78 0.08 13.60 2.34
CA GLN B 78 -1.31 13.17 2.47
C GLN B 78 -1.48 11.69 2.13
N PRO B 79 -2.59 11.07 2.59
CA PRO B 79 -2.87 9.65 2.34
C PRO B 79 -2.94 9.33 0.85
N SER B 80 -1.80 8.91 0.28
CA SER B 80 -1.72 8.57 -1.14
C SER B 80 -1.89 7.07 -1.34
N LEU B 81 -2.85 6.70 -2.18
CA LEU B 81 -3.13 5.29 -2.45
C LEU B 81 -2.03 4.65 -3.29
N GLY B 82 -1.57 5.36 -4.32
CA GLY B 82 -0.52 4.82 -5.17
C GLY B 82 0.82 4.77 -4.46
N VAL B 83 1.15 5.84 -3.74
CA VAL B 83 2.41 5.89 -3.00
C VAL B 83 2.36 4.96 -1.80
N GLY B 84 1.18 4.82 -1.18
CA GLY B 84 1.01 3.94 -0.05
C GLY B 84 1.29 2.49 -0.43
N TYR B 85 0.91 2.13 -1.67
CA TYR B 85 1.14 0.80 -2.19
C TYR B 85 2.63 0.53 -2.33
N GLU B 86 3.36 1.52 -2.87
CA GLU B 86 4.80 1.40 -3.04
C GLU B 86 5.50 1.17 -1.69
N LEU B 87 5.04 1.89 -0.66
CA LEU B 87 5.60 1.76 0.68
C LEU B 87 5.47 0.34 1.19
N GLY B 88 4.29 -0.27 0.96
CA GLY B 88 4.07 -1.63 1.38
C GLY B 88 4.99 -2.62 0.69
N ARG B 89 5.21 -2.40 -0.60
CA ARG B 89 6.09 -3.25 -1.39
C ARG B 89 7.53 -3.17 -0.89
N ALA B 90 7.95 -1.97 -0.49
CA ALA B 90 9.30 -1.75 0.00
C ALA B 90 9.54 -2.43 1.35
N VAL B 91 8.51 -2.48 2.19
CA VAL B 91 8.62 -3.10 3.51
C VAL B 91 8.73 -4.62 3.41
N ALA B 92 8.00 -5.22 2.47
CA ALA B 92 8.02 -6.67 2.30
C ALA B 92 9.15 -7.12 1.37
N LEU B 93 9.57 -6.24 0.46
CA LEU B 93 10.62 -6.56 -0.49
C LEU B 93 12.00 -6.25 0.09
N GLY B 94 12.13 -5.12 0.77
CA GLY B 94 13.38 -4.73 1.37
C GLY B 94 13.34 -4.74 2.88
N LYS B 95 13.59 -3.57 3.49
CA LYS B 95 13.57 -3.44 4.94
C LYS B 95 13.74 -1.97 5.36
N PRO B 96 14.88 -1.34 5.00
CA PRO B 96 15.14 0.07 5.36
C PRO B 96 14.25 1.04 4.57
N ILE B 97 13.11 1.39 5.16
CA ILE B 97 12.15 2.29 4.52
C ILE B 97 12.11 3.65 5.23
N LEU B 98 11.80 4.69 4.46
CA LEU B 98 11.70 6.04 4.98
C LEU B 98 10.40 6.69 4.49
N CYS B 99 9.76 7.45 5.37
CA CYS B 99 8.51 8.13 5.02
C CYS B 99 8.56 9.60 5.42
N LEU B 100 8.27 10.48 4.45
CA LEU B 100 8.28 11.91 4.69
C LEU B 100 6.86 12.47 4.66
N PHE B 101 6.27 12.61 5.84
CA PHE B 101 4.91 13.13 5.98
C PHE B 101 4.92 14.57 6.47
N ARG B 102 3.93 15.36 6.03
CA ARG B 102 3.82 16.75 6.44
C ARG B 102 3.01 16.88 7.73
N PRO B 103 3.64 17.38 8.81
CA PRO B 103 2.96 17.56 10.11
C PRO B 103 1.99 18.76 10.12
N GLN B 104 1.80 19.41 8.97
CA GLN B 104 0.90 20.55 8.85
C GLN B 104 0.03 20.46 7.59
N SER B 105 0.05 19.30 6.92
CA SER B 105 -0.73 19.09 5.70
C SER B 105 -2.23 19.06 6.01
N GLY B 106 -2.58 18.59 7.20
CA GLY B 106 -3.97 18.49 7.58
C GLY B 106 -4.42 17.06 7.76
N ARG B 107 -3.88 16.17 6.92
CA ARG B 107 -4.22 14.76 6.97
C ARG B 107 -3.43 14.07 8.06
N VAL B 108 -3.53 12.75 8.09
CA VAL B 108 -2.86 11.93 9.10
C VAL B 108 -2.64 10.50 8.61
N LEU B 109 -1.73 9.78 9.29
CA LEU B 109 -1.45 8.39 8.95
C LEU B 109 -2.42 7.46 9.66
N SER B 110 -3.01 6.53 8.91
CA SER B 110 -3.98 5.58 9.48
C SER B 110 -3.29 4.54 10.36
N ALA B 111 -4.09 3.64 10.93
CA ALA B 111 -3.57 2.59 11.82
C ALA B 111 -2.59 1.66 11.11
N MET B 112 -2.88 1.33 9.85
CA MET B 112 -2.02 0.45 9.07
C MET B 112 -0.66 1.09 8.81
N ILE B 113 -0.67 2.37 8.40
CA ILE B 113 0.56 3.09 8.13
C ILE B 113 1.39 3.27 9.41
N ARG B 114 0.73 3.69 10.49
CA ARG B 114 1.41 3.88 11.76
C ARG B 114 1.97 2.55 12.29
N GLY B 115 1.19 1.48 12.10
CA GLY B 115 1.62 0.16 12.52
C GLY B 115 2.86 -0.31 11.78
N ALA B 116 2.92 -0.01 10.48
CA ALA B 116 4.05 -0.39 9.65
C ALA B 116 5.35 0.17 10.23
N ALA B 117 5.28 1.41 10.73
CA ALA B 117 6.44 2.06 11.32
C ALA B 117 6.69 1.57 12.74
N ASP B 118 7.44 0.48 12.85
CA ASP B 118 7.77 -0.10 14.15
C ASP B 118 9.02 0.55 14.76
N GLY B 119 9.80 1.24 13.92
CA GLY B 119 11.00 1.89 14.38
C GLY B 119 12.26 1.10 14.08
N SER B 120 12.10 -0.16 13.64
CA SER B 120 13.22 -1.02 13.31
C SER B 120 13.95 -0.51 12.06
N ARG B 121 13.38 -0.81 10.91
CA ARG B 121 13.96 -0.38 9.63
C ARG B 121 13.08 0.66 8.91
N PHE B 122 11.88 0.91 9.44
CA PHE B 122 10.97 1.88 8.84
C PHE B 122 10.81 3.11 9.74
N GLN B 123 11.11 4.28 9.19
CA GLN B 123 11.02 5.53 9.94
C GLN B 123 10.15 6.55 9.19
N VAL B 124 9.26 7.23 9.92
CA VAL B 124 8.38 8.24 9.34
C VAL B 124 8.66 9.62 9.94
N TRP B 125 9.48 10.41 9.23
CA TRP B 125 9.82 11.76 9.68
C TRP B 125 8.84 12.79 9.15
N ASP B 126 8.52 13.78 9.98
CA ASP B 126 7.62 14.86 9.59
C ASP B 126 8.43 16.03 9.05
N TYR B 127 8.18 16.37 7.78
CA TYR B 127 8.90 17.46 7.13
C TYR B 127 7.98 18.61 6.77
N ALA B 128 8.53 19.81 6.77
CA ALA B 128 7.80 21.02 6.40
C ALA B 128 8.22 21.49 5.02
N GLU B 129 7.37 22.29 4.39
CA GLU B 129 7.65 22.82 3.06
C GLU B 129 8.96 23.61 3.08
N GLY B 130 10.02 23.00 2.53
CA GLY B 130 11.33 23.62 2.51
C GLY B 130 12.35 22.86 3.34
N GLU B 131 11.86 22.02 4.26
CA GLU B 131 12.70 21.20 5.13
C GLU B 131 12.98 19.84 4.51
N VAL B 132 12.23 19.47 3.47
CA VAL B 132 12.41 18.19 2.80
C VAL B 132 13.83 18.04 2.25
N GLU B 133 14.39 19.15 1.76
CA GLU B 133 15.74 19.15 1.23
C GLU B 133 16.75 18.95 2.35
N THR B 134 16.49 19.60 3.50
CA THR B 134 17.36 19.49 4.66
C THR B 134 17.25 18.08 5.27
N MET B 135 16.03 17.54 5.27
CA MET B 135 15.78 16.21 5.80
C MET B 135 16.43 15.14 4.92
N LEU B 136 16.41 15.37 3.61
CA LEU B 136 17.00 14.42 2.66
C LEU B 136 18.50 14.28 2.88
N ASP B 137 19.16 15.42 3.11
CA ASP B 137 20.60 15.43 3.34
C ASP B 137 20.94 14.80 4.69
N ARG B 138 20.09 15.05 5.69
CA ARG B 138 20.29 14.50 7.03
C ARG B 138 19.96 13.01 7.07
N TYR B 139 18.94 12.62 6.29
CA TYR B 139 18.53 11.23 6.22
C TYR B 139 19.59 10.36 5.53
N PHE B 140 20.21 10.91 4.49
CA PHE B 140 21.25 10.19 3.76
C PHE B 140 22.55 10.15 4.55
N GLU B 141 22.84 11.24 5.27
CA GLU B 141 24.05 11.34 6.08
C GLU B 141 23.95 10.49 7.35
N ALA B 142 22.74 10.45 7.93
CA ALA B 142 22.51 9.68 9.15
C ALA B 142 22.41 8.18 8.85
N TYR B 143 22.10 7.83 7.61
CA TYR B 143 21.98 6.44 7.21
C TYR B 143 23.36 5.83 6.98
N LEU B 144 24.26 6.61 6.38
CA LEU B 144 25.62 6.17 6.10
C LEU B 144 26.44 6.10 7.38
N VAL B 145 26.20 7.03 8.30
CA VAL B 145 26.92 7.07 9.57
C VAL B 145 26.49 5.93 10.50
N GLU B 146 25.20 5.58 10.46
CA GLU B 146 24.68 4.51 11.29
C GLU B 146 25.00 3.14 10.69
N HIS B 147 25.04 3.07 9.36
CA HIS B 147 25.33 1.83 8.65
C HIS B 147 24.26 0.76 8.89
N HIS B 148 23.08 1.20 9.36
CA HIS B 148 21.97 0.29 9.64
C HIS B 148 20.75 1.07 10.13
N HIS B 149 19.70 0.34 10.54
CA HIS B 149 18.48 0.96 11.05
C HIS B 149 17.96 0.22 12.27
N HIS B 150 18.00 0.89 13.42
CA HIS B 150 17.53 0.32 14.68
C HIS B 150 17.44 1.39 15.77
N HIS B 151 16.57 2.37 15.53
CA HIS B 151 16.38 3.47 16.48
C HIS B 151 15.04 4.17 16.25
N HIS B 152 14.57 4.88 17.29
CA HIS B 152 13.31 5.61 17.20
C HIS B 152 13.43 6.86 16.33
N MET A 1 -6.02 -27.63 3.98
CA MET A 1 -6.99 -27.09 2.99
C MET A 1 -8.07 -26.26 3.67
N ARG A 2 -7.92 -24.93 3.60
CA ARG A 2 -8.89 -24.02 4.22
C ARG A 2 -8.96 -22.70 3.46
N ARG A 3 -10.15 -22.09 3.45
CA ARG A 3 -10.37 -20.82 2.77
C ARG A 3 -10.44 -19.67 3.76
N SER A 4 -9.68 -18.61 3.50
CA SER A 4 -9.65 -17.45 4.37
C SER A 4 -9.80 -16.16 3.56
N VAL A 5 -10.91 -15.46 3.76
CA VAL A 5 -11.17 -14.21 3.03
C VAL A 5 -10.95 -13.00 3.95
N TYR A 6 -10.15 -12.04 3.50
CA TYR A 6 -9.87 -10.84 4.27
C TYR A 6 -10.54 -9.63 3.65
N PHE A 7 -11.38 -8.94 4.44
CA PHE A 7 -12.07 -7.74 3.97
C PHE A 7 -11.24 -6.49 4.25
N CYS A 8 -11.11 -5.63 3.25
CA CYS A 8 -10.33 -4.40 3.39
C CYS A 8 -11.21 -3.16 3.33
N GLY A 9 -11.51 -2.61 4.50
CA GLY A 9 -12.32 -1.41 4.61
C GLY A 9 -11.79 -0.47 5.67
N SER A 10 -11.46 0.75 5.28
CA SER A 10 -10.93 1.74 6.22
C SER A 10 -11.86 1.93 7.40
N ILE A 11 -11.34 1.76 8.63
CA ILE A 11 -12.16 1.91 9.80
C ILE A 11 -11.87 3.23 10.49
N ARG A 12 -10.58 3.55 10.63
CA ARG A 12 -10.13 4.79 11.27
C ARG A 12 -10.86 5.00 12.59
N GLY A 13 -11.10 3.90 13.30
CA GLY A 13 -11.80 3.96 14.56
C GLY A 13 -13.22 4.49 14.40
N GLY A 14 -13.80 4.29 13.21
CA GLY A 14 -15.15 4.77 12.96
C GLY A 14 -16.22 3.78 13.35
N ARG A 15 -17.46 4.26 13.40
CA ARG A 15 -18.61 3.42 13.74
C ARG A 15 -19.49 3.16 12.52
N GLU A 16 -18.96 3.44 11.33
CA GLU A 16 -19.69 3.24 10.09
C GLU A 16 -19.18 2.01 9.32
N ASP A 17 -18.03 1.49 9.75
CA ASP A 17 -17.42 0.32 9.12
C ASP A 17 -17.83 -0.95 9.86
N GLN A 18 -18.02 -0.85 11.17
CA GLN A 18 -18.40 -2.00 12.00
C GLN A 18 -19.66 -2.66 11.45
N ALA A 19 -20.64 -1.84 11.05
CA ALA A 19 -21.89 -2.37 10.49
C ALA A 19 -21.64 -3.11 9.19
N LEU A 20 -20.74 -2.57 8.36
CA LEU A 20 -20.40 -3.19 7.09
C LEU A 20 -19.56 -4.45 7.32
N TYR A 21 -18.68 -4.39 8.32
CA TYR A 21 -17.80 -5.51 8.65
C TYR A 21 -18.58 -6.69 9.22
N ALA A 22 -19.62 -6.40 9.99
CA ALA A 22 -20.45 -7.45 10.59
C ALA A 22 -21.21 -8.22 9.51
N ARG A 23 -21.73 -7.48 8.52
CA ARG A 23 -22.48 -8.09 7.43
C ARG A 23 -21.57 -8.84 6.46
N ILE A 24 -20.36 -8.32 6.24
CA ILE A 24 -19.40 -8.96 5.34
C ILE A 24 -18.75 -10.18 6.01
N VAL A 25 -18.54 -10.09 7.33
CA VAL A 25 -17.94 -11.19 8.08
C VAL A 25 -18.86 -12.41 8.09
N SER A 26 -20.17 -12.17 8.15
CA SER A 26 -21.15 -13.26 8.15
C SER A 26 -21.14 -13.99 6.81
N ARG A 27 -21.04 -13.23 5.73
CA ARG A 27 -21.00 -13.79 4.38
C ARG A 27 -19.66 -14.48 4.12
N LEU A 28 -18.58 -13.88 4.63
CA LEU A 28 -17.24 -14.43 4.46
C LEU A 28 -17.06 -15.72 5.26
N ARG A 29 -17.64 -15.76 6.46
CA ARG A 29 -17.55 -16.94 7.32
C ARG A 29 -18.38 -18.09 6.74
N ARG A 30 -19.49 -17.75 6.08
CA ARG A 30 -20.37 -18.74 5.48
C ARG A 30 -19.63 -19.57 4.41
N TYR A 31 -18.63 -18.97 3.77
CA TYR A 31 -17.86 -19.65 2.74
C TYR A 31 -16.68 -20.40 3.35
N GLY A 32 -15.88 -19.70 4.15
CA GLY A 32 -14.73 -20.33 4.78
C GLY A 32 -14.39 -19.71 6.13
N LYS A 33 -13.51 -18.71 6.11
CA LYS A 33 -13.09 -18.04 7.34
C LYS A 33 -12.75 -16.57 7.07
N VAL A 34 -13.25 -15.69 7.93
CA VAL A 34 -12.99 -14.26 7.81
C VAL A 34 -11.70 -13.89 8.55
N LEU A 35 -10.99 -12.88 8.06
CA LEU A 35 -9.75 -12.45 8.70
C LEU A 35 -9.86 -11.05 9.31
N THR A 36 -11.04 -10.43 9.23
CA THR A 36 -11.25 -9.11 9.80
C THR A 36 -12.42 -9.14 10.78
N GLU A 37 -12.33 -10.03 11.75
CA GLU A 37 -13.37 -10.20 12.78
C GLU A 37 -13.12 -9.30 13.99
N HIS A 38 -11.86 -8.91 14.21
CA HIS A 38 -11.47 -8.04 15.33
C HIS A 38 -12.32 -6.76 15.36
N VAL A 39 -12.51 -6.15 14.18
CA VAL A 39 -13.29 -4.92 14.06
C VAL A 39 -14.65 -5.05 14.73
N ALA A 40 -15.22 -6.25 14.69
CA ALA A 40 -16.51 -6.53 15.32
C ALA A 40 -16.42 -7.77 16.19
N ASP A 41 -15.40 -7.82 17.06
CA ASP A 41 -15.18 -8.95 17.96
C ASP A 41 -16.17 -8.95 19.11
N ALA A 42 -16.88 -10.07 19.29
CA ALA A 42 -17.83 -10.22 20.38
C ALA A 42 -17.13 -10.84 21.58
N GLU A 43 -16.16 -10.09 22.13
CA GLU A 43 -15.38 -10.53 23.28
C GLU A 43 -14.24 -11.45 22.80
N LEU A 44 -13.43 -10.94 21.88
CA LEU A 44 -12.31 -11.71 21.33
C LEU A 44 -10.99 -10.95 21.50
N GLU A 45 -9.89 -11.68 21.44
CA GLU A 45 -8.55 -11.10 21.58
C GLU A 45 -7.47 -12.19 21.58
N PRO A 46 -6.43 -12.05 20.75
CA PRO A 46 -5.33 -13.02 20.64
C PRO A 46 -4.38 -12.94 21.83
N LEU A 47 -3.23 -13.59 21.67
CA LEU A 47 -2.19 -13.62 22.71
C LEU A 47 -0.90 -14.24 22.19
N GLY A 48 0.20 -14.03 22.92
CA GLY A 48 1.48 -14.58 22.53
C GLY A 48 2.56 -13.51 22.39
N GLU A 49 3.82 -13.95 22.40
CA GLU A 49 4.96 -13.05 22.28
C GLU A 49 5.00 -12.40 20.89
N GLU A 50 5.65 -11.23 20.81
CA GLU A 50 5.77 -10.49 19.56
C GLU A 50 4.39 -10.17 18.98
N ALA A 51 3.53 -9.58 19.80
CA ALA A 51 2.18 -9.21 19.40
C ALA A 51 1.58 -8.20 20.37
N ALA A 52 2.05 -6.96 20.30
CA ALA A 52 1.57 -5.89 21.18
C ALA A 52 1.84 -4.51 20.58
N GLY A 53 1.28 -3.48 21.20
CA GLY A 53 1.47 -2.12 20.72
C GLY A 53 0.20 -1.53 20.12
N GLY A 54 0.25 -0.23 19.80
CA GLY A 54 -0.90 0.43 19.22
C GLY A 54 -1.08 0.10 17.75
N ASP A 55 -0.60 1.01 16.89
CA ASP A 55 -0.70 0.81 15.44
C ASP A 55 0.21 -0.31 14.96
N GLN A 56 1.38 -0.43 15.57
CA GLN A 56 2.35 -1.48 15.22
C GLN A 56 1.71 -2.87 15.31
N PHE A 57 0.86 -3.06 16.33
CA PHE A 57 0.17 -4.33 16.52
C PHE A 57 -0.87 -4.55 15.44
N ILE A 58 -1.50 -3.46 14.98
CA ILE A 58 -2.50 -3.52 13.94
C ILE A 58 -1.92 -4.04 12.63
N HIS A 59 -0.75 -3.53 12.28
CA HIS A 59 -0.07 -3.95 11.06
C HIS A 59 0.45 -5.38 11.20
N GLU A 60 0.92 -5.73 12.38
CA GLU A 60 1.46 -7.06 12.62
C GLU A 60 0.35 -8.11 12.53
N GLN A 61 -0.83 -7.80 13.08
CA GLN A 61 -1.97 -8.72 13.05
C GLN A 61 -2.49 -8.92 11.63
N ALA A 62 -2.51 -7.83 10.86
CA ALA A 62 -2.99 -7.88 9.48
C ALA A 62 -2.05 -8.68 8.60
N LEU A 63 -0.74 -8.53 8.83
CA LEU A 63 0.27 -9.25 8.05
C LEU A 63 0.10 -10.76 8.22
N ASN A 64 -0.17 -11.20 9.45
CA ASN A 64 -0.35 -12.62 9.74
C ASN A 64 -1.64 -13.15 9.07
N TRP A 65 -2.68 -12.31 9.08
CA TRP A 65 -3.96 -12.69 8.48
C TRP A 65 -3.85 -12.80 6.95
N LEU A 66 -3.08 -11.89 6.34
CA LEU A 66 -2.90 -11.87 4.89
C LEU A 66 -2.14 -13.11 4.41
N GLN A 67 -1.20 -13.58 5.22
CA GLN A 67 -0.40 -14.75 4.88
C GLN A 67 -1.29 -15.98 4.64
N GLN A 68 -2.31 -16.14 5.48
CA GLN A 68 -3.25 -17.25 5.37
C GLN A 68 -4.43 -16.91 4.47
N ALA A 69 -4.64 -15.61 4.21
CA ALA A 69 -5.74 -15.15 3.37
C ALA A 69 -5.65 -15.73 1.96
N ASP A 70 -6.62 -16.57 1.60
CA ASP A 70 -6.67 -17.19 0.29
C ASP A 70 -7.24 -16.23 -0.76
N VAL A 71 -7.93 -15.18 -0.29
CA VAL A 71 -8.52 -14.18 -1.19
C VAL A 71 -8.84 -12.89 -0.43
N VAL A 72 -8.51 -11.76 -1.05
CA VAL A 72 -8.76 -10.46 -0.44
C VAL A 72 -9.85 -9.70 -1.17
N VAL A 73 -10.66 -8.96 -0.41
CA VAL A 73 -11.75 -8.17 -0.98
C VAL A 73 -11.85 -6.82 -0.26
N ALA A 74 -11.78 -5.73 -1.02
CA ALA A 74 -11.83 -4.39 -0.45
C ALA A 74 -13.05 -3.61 -0.94
N GLU A 75 -13.56 -2.73 -0.07
CA GLU A 75 -14.72 -1.90 -0.41
C GLU A 75 -14.55 -0.48 0.13
N VAL A 76 -14.07 0.43 -0.72
CA VAL A 76 -13.84 1.82 -0.34
C VAL A 76 -14.21 2.78 -1.47
N THR A 77 -14.82 3.91 -1.10
CA THR A 77 -15.23 4.91 -2.09
C THR A 77 -14.25 6.10 -2.12
N GLN A 78 -13.05 5.91 -1.57
CA GLN A 78 -12.04 6.97 -1.52
C GLN A 78 -10.64 6.38 -1.36
N PRO A 79 -9.60 7.10 -1.82
CA PRO A 79 -8.21 6.65 -1.72
C PRO A 79 -7.77 6.46 -0.27
N SER A 80 -7.85 5.21 0.20
CA SER A 80 -7.46 4.88 1.57
C SER A 80 -6.03 4.36 1.61
N LEU A 81 -5.22 4.98 2.48
CA LEU A 81 -3.83 4.59 2.62
C LEU A 81 -3.70 3.24 3.32
N GLY A 82 -4.28 3.12 4.51
CA GLY A 82 -4.23 1.87 5.25
C GLY A 82 -4.87 0.73 4.50
N VAL A 83 -6.03 0.99 3.92
CA VAL A 83 -6.76 -0.01 3.15
C VAL A 83 -6.01 -0.35 1.86
N GLY A 84 -5.44 0.67 1.22
CA GLY A 84 -4.69 0.46 0.01
C GLY A 84 -3.46 -0.39 0.24
N TYR A 85 -2.92 -0.32 1.45
CA TYR A 85 -1.74 -1.10 1.83
C TYR A 85 -2.11 -2.57 1.98
N GLU A 86 -3.29 -2.84 2.55
CA GLU A 86 -3.76 -4.21 2.75
C GLU A 86 -3.95 -4.92 1.41
N LEU A 87 -4.53 -4.22 0.44
CA LEU A 87 -4.75 -4.80 -0.89
C LEU A 87 -3.44 -4.92 -1.64
N GLY A 88 -2.54 -3.94 -1.44
CA GLY A 88 -1.25 -3.96 -2.09
C GLY A 88 -0.37 -5.08 -1.57
N ARG A 89 -0.42 -5.29 -0.25
CA ARG A 89 0.35 -6.36 0.39
C ARG A 89 -0.19 -7.72 -0.04
N ALA A 90 -1.51 -7.79 -0.27
CA ALA A 90 -2.16 -9.01 -0.70
C ALA A 90 -1.78 -9.37 -2.13
N VAL A 91 -1.49 -8.37 -2.95
CA VAL A 91 -1.10 -8.59 -4.34
C VAL A 91 0.30 -9.21 -4.42
N ALA A 92 1.20 -8.72 -3.58
CA ALA A 92 2.57 -9.22 -3.54
C ALA A 92 2.68 -10.51 -2.73
N LEU A 93 1.83 -10.65 -1.72
CA LEU A 93 1.84 -11.83 -0.85
C LEU A 93 0.97 -12.95 -1.42
N GLY A 94 -0.25 -12.62 -1.82
CA GLY A 94 -1.16 -13.62 -2.37
C GLY A 94 -1.26 -13.55 -3.88
N LYS A 95 -2.48 -13.33 -4.38
CA LYS A 95 -2.72 -13.24 -5.81
C LYS A 95 -4.14 -12.76 -6.12
N PRO A 96 -5.18 -13.51 -5.69
CA PRO A 96 -6.58 -13.14 -5.94
C PRO A 96 -7.04 -11.97 -5.06
N ILE A 97 -6.92 -10.76 -5.60
CA ILE A 97 -7.32 -9.55 -4.88
C ILE A 97 -8.57 -8.92 -5.50
N LEU A 98 -9.42 -8.36 -4.64
CA LEU A 98 -10.64 -7.71 -5.07
C LEU A 98 -10.70 -6.29 -4.52
N CYS A 99 -11.17 -5.35 -5.35
CA CYS A 99 -11.27 -3.96 -4.95
C CYS A 99 -12.58 -3.35 -5.44
N LEU A 100 -13.26 -2.63 -4.55
CA LEU A 100 -14.53 -2.00 -4.89
C LEU A 100 -14.45 -0.48 -4.71
N PHE A 101 -14.33 0.24 -5.82
CA PHE A 101 -14.26 1.70 -5.80
C PHE A 101 -15.49 2.30 -6.46
N ARG A 102 -16.17 3.20 -5.75
CA ARG A 102 -17.37 3.85 -6.27
C ARG A 102 -17.06 4.65 -7.53
N PRO A 103 -17.74 4.34 -8.66
CA PRO A 103 -17.55 5.05 -9.92
C PRO A 103 -18.10 6.47 -9.84
N GLN A 104 -17.21 7.45 -10.02
CA GLN A 104 -17.57 8.86 -9.95
C GLN A 104 -17.84 9.28 -8.50
N SER A 105 -17.12 8.63 -7.56
CA SER A 105 -17.27 8.93 -6.13
C SER A 105 -16.80 10.35 -5.82
N GLY A 106 -15.89 10.88 -6.66
CA GLY A 106 -15.36 12.20 -6.46
C GLY A 106 -13.85 12.20 -6.32
N ARG A 107 -13.33 11.18 -5.63
CA ARG A 107 -11.90 11.05 -5.42
C ARG A 107 -11.31 10.03 -6.39
N VAL A 108 -10.03 9.78 -6.23
CA VAL A 108 -9.30 8.82 -7.06
C VAL A 108 -8.16 8.17 -6.28
N LEU A 109 -7.91 6.89 -6.56
CA LEU A 109 -6.86 6.14 -5.88
C LEU A 109 -5.47 6.64 -6.30
N SER A 110 -4.96 6.11 -7.42
CA SER A 110 -3.64 6.49 -7.94
C SER A 110 -3.24 5.60 -9.11
N ALA A 111 -2.01 5.79 -9.61
CA ALA A 111 -1.50 5.00 -10.72
C ALA A 111 -0.84 3.71 -10.24
N MET A 112 -0.43 3.67 -8.97
CA MET A 112 0.22 2.49 -8.39
C MET A 112 -0.78 1.36 -8.15
N ILE A 113 -1.90 1.68 -7.51
CA ILE A 113 -2.92 0.68 -7.22
C ILE A 113 -3.63 0.22 -8.49
N ARG A 114 -3.98 1.18 -9.36
CA ARG A 114 -4.64 0.86 -10.62
C ARG A 114 -3.73 -0.01 -11.49
N GLY A 115 -2.43 0.27 -11.44
CA GLY A 115 -1.47 -0.50 -12.21
C GLY A 115 -1.38 -1.94 -11.74
N ALA A 116 -1.45 -2.15 -10.43
CA ALA A 116 -1.39 -3.49 -9.86
C ALA A 116 -2.46 -4.39 -10.47
N ALA A 117 -3.64 -3.82 -10.73
CA ALA A 117 -4.74 -4.59 -11.31
C ALA A 117 -4.44 -4.99 -12.75
N ASP A 118 -4.05 -6.25 -12.93
CA ASP A 118 -3.74 -6.79 -14.24
C ASP A 118 -4.94 -7.51 -14.86
N GLY A 119 -5.88 -7.92 -14.00
CA GLY A 119 -7.06 -8.62 -14.47
C GLY A 119 -6.95 -10.13 -14.31
N SER A 120 -5.75 -10.61 -13.98
CA SER A 120 -5.52 -12.04 -13.79
C SER A 120 -6.17 -12.51 -12.50
N ARG A 121 -5.71 -11.95 -11.39
CA ARG A 121 -6.23 -12.29 -10.07
C ARG A 121 -6.69 -11.05 -9.29
N PHE A 122 -6.21 -9.86 -9.70
CA PHE A 122 -6.59 -8.61 -9.03
C PHE A 122 -7.53 -7.79 -9.92
N GLN A 123 -8.72 -7.51 -9.39
CA GLN A 123 -9.71 -6.72 -10.13
C GLN A 123 -10.29 -5.60 -9.28
N VAL A 124 -10.71 -4.52 -9.94
CA VAL A 124 -11.29 -3.36 -9.25
C VAL A 124 -12.67 -3.03 -9.80
N TRP A 125 -13.71 -3.55 -9.15
CA TRP A 125 -15.09 -3.31 -9.58
C TRP A 125 -15.61 -1.98 -9.05
N ASP A 126 -16.52 -1.39 -9.81
CA ASP A 126 -17.12 -0.11 -9.43
C ASP A 126 -18.53 -0.32 -8.88
N TYR A 127 -18.71 0.02 -7.60
CA TYR A 127 -20.01 -0.14 -6.94
C TYR A 127 -20.60 1.21 -6.54
N ALA A 128 -21.93 1.31 -6.66
CA ALA A 128 -22.64 2.52 -6.28
C ALA A 128 -23.27 2.33 -4.92
N GLU A 129 -23.62 3.44 -4.28
CA GLU A 129 -24.23 3.39 -2.95
C GLU A 129 -25.51 2.56 -3.01
N GLY A 130 -25.43 1.34 -2.48
CA GLY A 130 -26.56 0.43 -2.49
C GLY A 130 -26.27 -0.83 -3.30
N GLU A 131 -25.27 -0.75 -4.17
CA GLU A 131 -24.86 -1.88 -5.02
C GLU A 131 -23.72 -2.68 -4.38
N VAL A 132 -23.13 -2.14 -3.30
CA VAL A 132 -22.03 -2.82 -2.61
C VAL A 132 -22.47 -4.18 -2.07
N GLU A 133 -23.73 -4.28 -1.68
CA GLU A 133 -24.29 -5.52 -1.17
C GLU A 133 -24.47 -6.53 -2.32
N THR A 134 -24.91 -6.03 -3.46
CA THR A 134 -25.11 -6.86 -4.65
C THR A 134 -23.78 -7.29 -5.23
N MET A 135 -22.79 -6.40 -5.19
CA MET A 135 -21.46 -6.68 -5.71
C MET A 135 -20.73 -7.69 -4.84
N LEU A 136 -20.91 -7.59 -3.52
CA LEU A 136 -20.26 -8.50 -2.58
C LEU A 136 -20.82 -9.91 -2.73
N ASP A 137 -22.14 -10.00 -2.92
CA ASP A 137 -22.82 -11.28 -3.08
C ASP A 137 -22.47 -11.90 -4.44
N ARG A 138 -22.37 -11.05 -5.46
CA ARG A 138 -22.05 -11.51 -6.82
C ARG A 138 -20.60 -11.98 -6.90
N TYR A 139 -19.70 -11.29 -6.20
CA TYR A 139 -18.28 -11.64 -6.19
C TYR A 139 -18.06 -12.99 -5.50
N PHE A 140 -18.79 -13.22 -4.42
CA PHE A 140 -18.67 -14.48 -3.67
C PHE A 140 -19.34 -15.63 -4.42
N GLU A 141 -20.46 -15.33 -5.09
CA GLU A 141 -21.20 -16.34 -5.84
C GLU A 141 -20.47 -16.70 -7.12
N ALA A 142 -19.85 -15.72 -7.77
CA ALA A 142 -19.11 -15.94 -9.00
C ALA A 142 -17.80 -16.67 -8.74
N TYR A 143 -17.23 -16.45 -7.55
CA TYR A 143 -15.97 -17.07 -7.17
C TYR A 143 -16.17 -18.57 -6.95
N LEU A 144 -17.27 -18.93 -6.30
CA LEU A 144 -17.59 -20.33 -6.02
C LEU A 144 -17.88 -21.09 -7.31
N VAL A 145 -18.56 -20.43 -8.25
CA VAL A 145 -18.91 -21.04 -9.52
C VAL A 145 -17.67 -21.25 -10.40
N GLU A 146 -16.74 -20.30 -10.36
CA GLU A 146 -15.51 -20.39 -11.14
C GLU A 146 -14.50 -21.32 -10.48
N HIS A 147 -14.51 -21.35 -9.14
CA HIS A 147 -13.59 -22.19 -8.36
C HIS A 147 -12.12 -21.81 -8.64
N HIS A 148 -11.91 -20.60 -9.16
CA HIS A 148 -10.55 -20.11 -9.46
C HIS A 148 -10.58 -18.69 -10.02
N HIS A 149 -9.39 -18.13 -10.26
CA HIS A 149 -9.27 -16.78 -10.80
C HIS A 149 -7.96 -16.62 -11.57
N HIS A 150 -8.08 -16.46 -12.90
CA HIS A 150 -6.91 -16.31 -13.76
C HIS A 150 -7.28 -15.67 -15.09
N HIS A 151 -6.31 -15.00 -15.73
CA HIS A 151 -6.54 -14.35 -17.01
C HIS A 151 -5.31 -14.47 -17.91
N HIS A 152 -4.21 -13.87 -17.47
CA HIS A 152 -2.95 -13.91 -18.23
C HIS A 152 -2.29 -15.28 -18.12
N MET B 1 27.19 -6.44 -5.89
CA MET B 1 27.19 -5.42 -4.81
C MET B 1 26.89 -4.02 -5.37
N ARG B 2 25.65 -3.58 -5.21
CA ARG B 2 25.22 -2.27 -5.70
C ARG B 2 24.11 -1.68 -4.82
N ARG B 3 24.10 -0.35 -4.71
CA ARG B 3 23.09 0.35 -3.91
C ARG B 3 22.05 1.00 -4.82
N SER B 4 20.77 0.75 -4.49
CA SER B 4 19.67 1.32 -5.28
C SER B 4 18.62 1.95 -4.36
N VAL B 5 18.48 3.27 -4.44
CA VAL B 5 17.51 3.99 -3.61
C VAL B 5 16.30 4.40 -4.43
N TYR B 6 15.11 4.06 -3.94
CA TYR B 6 13.87 4.41 -4.63
C TYR B 6 13.10 5.50 -3.88
N PHE B 7 12.83 6.60 -4.57
CA PHE B 7 12.08 7.71 -3.97
C PHE B 7 10.59 7.54 -4.19
N CYS B 8 9.80 7.73 -3.13
CA CYS B 8 8.35 7.58 -3.21
C CYS B 8 7.63 8.91 -3.01
N GLY B 9 7.21 9.50 -4.11
CA GLY B 9 6.51 10.77 -4.08
C GLY B 9 5.37 10.80 -5.09
N SER B 10 4.15 11.01 -4.62
CA SER B 10 2.98 11.05 -5.51
C SER B 10 3.18 12.06 -6.62
N ILE B 11 3.04 11.62 -7.88
CA ILE B 11 3.21 12.51 -8.99
C ILE B 11 1.85 12.89 -9.58
N ARG B 12 0.99 11.89 -9.76
CA ARG B 12 -0.35 12.09 -10.32
C ARG B 12 -0.29 12.93 -11.58
N GLY B 13 0.77 12.72 -12.37
CA GLY B 13 0.97 13.48 -13.59
C GLY B 13 1.13 14.96 -13.31
N GLY B 14 1.62 15.30 -12.12
CA GLY B 14 1.80 16.69 -11.76
C GLY B 14 3.16 17.26 -12.16
N ARG B 15 3.27 18.57 -12.12
CA ARG B 15 4.51 19.26 -12.47
C ARG B 15 5.21 19.83 -11.23
N GLU B 16 4.77 19.39 -10.04
CA GLU B 16 5.35 19.85 -8.79
C GLU B 16 6.25 18.80 -8.16
N ASP B 17 6.19 17.57 -8.69
CA ASP B 17 7.00 16.47 -8.18
C ASP B 17 8.28 16.32 -8.99
N GLN B 18 8.20 16.64 -10.29
CA GLN B 18 9.36 16.56 -11.18
C GLN B 18 10.53 17.34 -10.62
N ALA B 19 10.26 18.55 -10.11
CA ALA B 19 11.31 19.40 -9.54
C ALA B 19 11.94 18.73 -8.31
N LEU B 20 11.09 18.10 -7.49
CA LEU B 20 11.56 17.41 -6.29
C LEU B 20 12.29 16.13 -6.65
N TYR B 21 11.80 15.45 -7.70
CA TYR B 21 12.39 14.20 -8.17
C TYR B 21 13.77 14.42 -8.79
N ALA B 22 13.94 15.55 -9.49
CA ALA B 22 15.22 15.87 -10.11
C ALA B 22 16.29 16.14 -9.06
N ARG B 23 15.91 16.84 -7.99
CA ARG B 23 16.85 17.16 -6.92
C ARG B 23 17.16 15.92 -6.07
N ILE B 24 16.17 15.06 -5.87
CA ILE B 24 16.37 13.85 -5.07
C ILE B 24 17.14 12.78 -5.87
N VAL B 25 16.89 12.74 -7.18
CA VAL B 25 17.57 11.77 -8.05
C VAL B 25 19.07 12.06 -8.11
N SER B 26 19.44 13.35 -8.08
CA SER B 26 20.84 13.75 -8.13
C SER B 26 21.56 13.30 -6.85
N ARG B 27 20.89 13.47 -5.71
CA ARG B 27 21.45 13.08 -4.43
C ARG B 27 21.47 11.56 -4.28
N LEU B 28 20.45 10.89 -4.81
CA LEU B 28 20.34 9.44 -4.75
C LEU B 28 21.38 8.78 -5.65
N ARG B 29 21.61 9.37 -6.82
CA ARG B 29 22.58 8.85 -7.77
C ARG B 29 24.01 9.03 -7.25
N ARG B 30 24.22 10.12 -6.52
CA ARG B 30 25.54 10.43 -5.93
C ARG B 30 26.01 9.32 -4.99
N TYR B 31 25.05 8.63 -4.35
CA TYR B 31 25.37 7.57 -3.42
C TYR B 31 25.50 6.22 -4.15
N GLY B 32 24.47 5.88 -4.93
CA GLY B 32 24.48 4.63 -5.66
C GLY B 32 23.71 4.70 -6.97
N LYS B 33 22.44 4.35 -6.92
CA LYS B 33 21.58 4.37 -8.10
C LYS B 33 20.13 4.69 -7.75
N VAL B 34 19.53 5.60 -8.49
CA VAL B 34 18.13 5.97 -8.27
C VAL B 34 17.20 5.05 -9.05
N LEU B 35 16.00 4.82 -8.51
CA LEU B 35 15.03 3.94 -9.17
C LEU B 35 13.79 4.71 -9.66
N THR B 36 13.77 6.03 -9.47
CA THR B 36 12.65 6.86 -9.92
C THR B 36 13.15 7.97 -10.85
N GLU B 37 13.86 7.56 -11.89
CA GLU B 37 14.42 8.51 -12.88
C GLU B 37 13.44 8.78 -14.02
N HIS B 38 12.52 7.83 -14.27
CA HIS B 38 11.52 7.96 -15.33
C HIS B 38 10.75 9.28 -15.22
N VAL B 39 10.35 9.63 -13.99
CA VAL B 39 9.59 10.85 -13.72
C VAL B 39 10.29 12.08 -14.34
N ALA B 40 11.62 12.05 -14.37
CA ALA B 40 12.41 13.13 -14.95
C ALA B 40 13.43 12.58 -15.93
N ASP B 41 12.98 11.71 -16.84
CA ASP B 41 13.85 11.09 -17.83
C ASP B 41 14.23 12.07 -18.94
N ALA B 42 15.53 12.22 -19.16
CA ALA B 42 16.03 13.10 -20.21
C ALA B 42 16.22 12.30 -21.51
N GLU B 43 15.09 11.81 -22.04
CA GLU B 43 15.07 11.00 -23.25
C GLU B 43 15.42 9.55 -22.92
N LEU B 44 14.65 8.97 -21.99
CA LEU B 44 14.87 7.59 -21.56
C LEU B 44 13.60 6.76 -21.74
N GLU B 45 13.77 5.44 -21.79
CA GLU B 45 12.64 4.50 -21.96
C GLU B 45 13.14 3.06 -22.10
N PRO B 46 12.59 2.13 -21.30
CA PRO B 46 12.98 0.72 -21.34
C PRO B 46 12.43 -0.01 -22.56
N LEU B 47 12.50 -1.34 -22.51
CA LEU B 47 12.02 -2.19 -23.60
C LEU B 47 12.03 -3.66 -23.19
N GLY B 48 11.31 -4.48 -23.96
CA GLY B 48 11.25 -5.91 -23.68
C GLY B 48 9.83 -6.42 -23.51
N GLU B 49 9.66 -7.74 -23.63
CA GLU B 49 8.34 -8.37 -23.48
C GLU B 49 7.81 -8.24 -22.05
N GLU B 50 6.50 -8.31 -21.91
CA GLU B 50 5.83 -8.19 -20.60
C GLU B 50 6.20 -6.87 -19.93
N ALA B 51 6.00 -5.77 -20.67
CA ALA B 51 6.29 -4.43 -20.17
C ALA B 51 5.61 -3.37 -21.03
N ALA B 52 4.29 -3.26 -20.87
CA ALA B 52 3.51 -2.29 -21.63
C ALA B 52 2.19 -1.97 -20.94
N GLY B 53 1.48 -0.96 -21.45
CA GLY B 53 0.20 -0.57 -20.88
C GLY B 53 0.27 0.77 -20.16
N GLY B 54 -0.90 1.27 -19.75
CA GLY B 54 -0.95 2.55 -19.06
C GLY B 54 -0.51 2.44 -17.61
N ASP B 55 -1.48 2.34 -16.70
CA ASP B 55 -1.20 2.24 -15.27
C ASP B 55 -0.56 0.88 -14.93
N GLN B 56 -1.01 -0.18 -15.61
CA GLN B 56 -0.49 -1.53 -15.38
C GLN B 56 1.03 -1.56 -15.56
N PHE B 57 1.53 -0.80 -16.54
CA PHE B 57 2.96 -0.73 -16.81
C PHE B 57 3.69 0.02 -15.68
N ILE B 58 3.01 1.02 -15.12
CA ILE B 58 3.56 1.82 -14.04
C ILE B 58 3.84 0.96 -12.80
N HIS B 59 2.87 0.11 -12.46
CA HIS B 59 3.02 -0.78 -11.32
C HIS B 59 4.04 -1.87 -11.60
N GLU B 60 4.08 -2.35 -12.84
CA GLU B 60 5.04 -3.39 -13.21
C GLU B 60 6.48 -2.87 -13.15
N GLN B 61 6.69 -1.62 -13.61
CA GLN B 61 8.02 -1.03 -13.60
C GLN B 61 8.50 -0.75 -12.18
N ALA B 62 7.57 -0.32 -11.32
CA ALA B 62 7.89 -0.02 -9.93
C ALA B 62 8.24 -1.29 -9.16
N LEU B 63 7.52 -2.38 -9.44
CA LEU B 63 7.75 -3.66 -8.79
C LEU B 63 9.17 -4.15 -9.05
N ASN B 64 9.62 -4.02 -10.31
CA ASN B 64 10.96 -4.45 -10.70
C ASN B 64 12.02 -3.58 -10.01
N TRP B 65 11.76 -2.28 -9.90
CA TRP B 65 12.68 -1.36 -9.26
C TRP B 65 12.81 -1.61 -7.76
N LEU B 66 11.68 -1.95 -7.12
CA LEU B 66 11.66 -2.23 -5.68
C LEU B 66 12.46 -3.49 -5.34
N GLN B 67 12.42 -4.48 -6.24
CA GLN B 67 13.13 -5.75 -6.03
C GLN B 67 14.63 -5.49 -5.85
N GLN B 68 15.19 -4.59 -6.65
CA GLN B 68 16.60 -4.25 -6.58
C GLN B 68 16.87 -3.10 -5.58
N ALA B 69 15.81 -2.37 -5.22
CA ALA B 69 15.93 -1.26 -4.29
C ALA B 69 16.47 -1.71 -2.93
N ASP B 70 17.68 -1.24 -2.61
CA ASP B 70 18.32 -1.58 -1.34
C ASP B 70 17.77 -0.72 -0.19
N VAL B 71 17.11 0.40 -0.54
CA VAL B 71 16.54 1.29 0.46
C VAL B 71 15.48 2.20 -0.17
N VAL B 72 14.36 2.36 0.53
CA VAL B 72 13.27 3.19 0.02
C VAL B 72 13.10 4.45 0.88
N VAL B 73 12.77 5.56 0.22
CA VAL B 73 12.57 6.84 0.89
C VAL B 73 11.38 7.58 0.30
N ALA B 74 10.41 7.93 1.15
CA ALA B 74 9.20 8.62 0.69
C ALA B 74 9.07 10.02 1.30
N GLU B 75 8.47 10.92 0.54
CA GLU B 75 8.26 12.30 0.99
C GLU B 75 6.88 12.81 0.56
N VAL B 76 5.90 12.71 1.46
CA VAL B 76 4.54 13.15 1.18
C VAL B 76 3.90 13.81 2.40
N THR B 77 3.14 14.88 2.16
CA THR B 77 2.48 15.60 3.24
C THR B 77 0.98 15.25 3.32
N GLN B 78 0.58 14.15 2.68
CA GLN B 78 -0.81 13.71 2.69
C GLN B 78 -0.92 12.21 2.41
N PRO B 79 -2.00 11.56 2.88
CA PRO B 79 -2.22 10.13 2.67
C PRO B 79 -2.32 9.77 1.19
N SER B 80 -1.19 9.33 0.62
CA SER B 80 -1.13 8.95 -0.79
C SER B 80 -1.31 7.44 -0.95
N LEU B 81 -2.25 7.06 -1.80
CA LEU B 81 -2.54 5.66 -2.06
C LEU B 81 -1.42 5.00 -2.86
N GLY B 82 -1.12 5.57 -4.02
CA GLY B 82 -0.07 5.02 -4.87
C GLY B 82 1.28 5.03 -4.17
N VAL B 83 1.59 6.15 -3.52
CA VAL B 83 2.86 6.29 -2.80
C VAL B 83 2.89 5.38 -1.58
N GLY B 84 1.75 5.26 -0.89
CA GLY B 84 1.66 4.40 0.27
C GLY B 84 1.88 2.94 -0.10
N TYR B 85 1.51 2.59 -1.32
CA TYR B 85 1.67 1.22 -1.82
C TYR B 85 3.14 0.92 -2.07
N GLU B 86 3.88 1.90 -2.60
CA GLU B 86 5.30 1.73 -2.88
C GLU B 86 6.09 1.48 -1.60
N LEU B 87 5.77 2.23 -0.55
CA LEU B 87 6.44 2.08 0.73
C LEU B 87 6.00 0.77 1.41
N GLY B 88 4.73 0.42 1.25
CA GLY B 88 4.20 -0.79 1.83
C GLY B 88 4.79 -2.03 1.17
N ARG B 89 4.94 -1.97 -0.15
CA ARG B 89 5.51 -3.07 -0.92
C ARG B 89 7.00 -3.23 -0.57
N ALA B 90 7.64 -2.10 -0.28
CA ALA B 90 9.05 -2.09 0.08
C ALA B 90 9.28 -2.70 1.45
N VAL B 91 8.29 -2.58 2.34
CA VAL B 91 8.40 -3.14 3.68
C VAL B 91 8.33 -4.67 3.64
N ALA B 92 7.44 -5.20 2.79
CA ALA B 92 7.28 -6.64 2.65
C ALA B 92 8.34 -7.24 1.73
N LEU B 93 8.80 -6.45 0.75
CA LEU B 93 9.80 -6.91 -0.20
C LEU B 93 11.23 -6.68 0.33
N GLY B 94 11.49 -5.47 0.81
CA GLY B 94 12.81 -5.14 1.32
C GLY B 94 12.87 -5.14 2.83
N LYS B 95 13.25 -3.99 3.41
CA LYS B 95 13.34 -3.86 4.86
C LYS B 95 13.56 -2.40 5.27
N PRO B 96 14.67 -1.77 4.83
CA PRO B 96 14.97 -0.37 5.18
C PRO B 96 14.10 0.63 4.43
N ILE B 97 12.98 1.01 5.05
CA ILE B 97 12.04 1.95 4.45
C ILE B 97 12.06 3.30 5.18
N LEU B 98 11.89 4.37 4.41
CA LEU B 98 11.88 5.72 4.95
C LEU B 98 10.60 6.45 4.53
N CYS B 99 10.02 7.20 5.45
CA CYS B 99 8.79 7.94 5.18
C CYS B 99 8.85 9.34 5.77
N LEU B 100 8.46 10.33 4.98
CA LEU B 100 8.48 11.72 5.44
C LEU B 100 7.09 12.33 5.38
N PHE B 101 6.45 12.47 6.53
CA PHE B 101 5.11 13.04 6.63
C PHE B 101 5.15 14.34 7.40
N ARG B 102 4.60 15.40 6.79
CA ARG B 102 4.59 16.72 7.43
C ARG B 102 3.78 16.70 8.73
N PRO B 103 4.44 17.08 9.86
CA PRO B 103 3.78 17.12 11.17
C PRO B 103 2.74 18.24 11.24
N GLN B 104 1.48 17.86 11.44
CA GLN B 104 0.38 18.82 11.50
C GLN B 104 0.05 19.36 10.11
N SER B 105 0.26 18.51 9.08
CA SER B 105 -0.02 18.88 7.70
C SER B 105 -1.51 19.10 7.47
N GLY B 106 -2.33 18.46 8.31
CA GLY B 106 -3.76 18.59 8.19
C GLY B 106 -4.44 17.24 7.97
N ARG B 107 -3.80 16.38 7.17
CA ARG B 107 -4.33 15.07 6.89
C ARG B 107 -3.63 14.02 7.75
N VAL B 108 -3.98 12.76 7.49
CA VAL B 108 -3.41 11.63 8.21
C VAL B 108 -3.36 10.39 7.32
N LEU B 109 -2.31 9.58 7.49
CA LEU B 109 -2.16 8.35 6.69
C LEU B 109 -3.20 7.30 7.08
N SER B 110 -2.89 6.52 8.13
CA SER B 110 -3.80 5.47 8.61
C SER B 110 -3.11 4.62 9.68
N ALA B 111 -3.80 3.57 10.13
CA ALA B 111 -3.27 2.67 11.14
C ALA B 111 -2.44 1.55 10.54
N MET B 112 -2.64 1.27 9.25
CA MET B 112 -1.91 0.23 8.55
C MET B 112 -0.46 0.63 8.27
N ILE B 113 -0.28 1.83 7.71
CA ILE B 113 1.05 2.33 7.38
C ILE B 113 1.84 2.66 8.66
N ARG B 114 1.18 3.32 9.61
CA ARG B 114 1.83 3.67 10.87
C ARG B 114 2.25 2.41 11.62
N GLY B 115 1.41 1.37 11.53
CA GLY B 115 1.71 0.11 12.19
C GLY B 115 2.93 -0.57 11.61
N ALA B 116 3.09 -0.49 10.28
CA ALA B 116 4.24 -1.09 9.60
C ALA B 116 5.55 -0.59 10.19
N ALA B 117 5.57 0.70 10.55
CA ALA B 117 6.77 1.32 11.13
C ALA B 117 7.08 0.75 12.51
N ASP B 118 8.04 -0.17 12.56
CA ASP B 118 8.44 -0.80 13.83
C ASP B 118 9.66 -0.08 14.43
N GLY B 119 10.40 0.65 13.59
CA GLY B 119 11.58 1.36 14.06
C GLY B 119 12.87 0.61 13.77
N SER B 120 12.75 -0.66 13.34
CA SER B 120 13.91 -1.47 13.02
C SER B 120 14.56 -0.99 11.74
N ARG B 121 13.80 -1.07 10.66
CA ARG B 121 14.26 -0.64 9.34
C ARG B 121 13.32 0.38 8.69
N PHE B 122 12.06 0.45 9.17
CA PHE B 122 11.09 1.38 8.62
C PHE B 122 10.81 2.51 9.61
N GLN B 123 11.06 3.74 9.18
CA GLN B 123 10.83 4.91 10.04
C GLN B 123 10.04 6.00 9.30
N VAL B 124 9.30 6.79 10.06
CA VAL B 124 8.49 7.87 9.50
C VAL B 124 8.83 9.22 10.15
N TRP B 125 9.73 9.97 9.52
CA TRP B 125 10.15 11.27 10.02
C TRP B 125 9.16 12.36 9.64
N ASP B 126 9.07 13.38 10.49
CA ASP B 126 8.18 14.50 10.23
C ASP B 126 8.96 15.71 9.74
N TYR B 127 8.67 16.13 8.51
CA TYR B 127 9.36 17.27 7.90
C TYR B 127 8.41 18.43 7.63
N ALA B 128 8.90 19.65 7.84
CA ALA B 128 8.12 20.86 7.60
C ALA B 128 8.49 21.45 6.25
N GLU B 129 7.62 22.29 5.73
CA GLU B 129 7.87 22.93 4.44
C GLU B 129 9.19 23.71 4.48
N GLY B 130 10.22 23.13 3.86
CA GLY B 130 11.54 23.74 3.85
C GLY B 130 12.58 22.87 4.54
N GLU B 131 12.11 21.93 5.36
CA GLU B 131 12.99 21.01 6.08
C GLU B 131 13.15 19.69 5.33
N VAL B 132 12.36 19.48 4.27
CA VAL B 132 12.44 18.26 3.47
C VAL B 132 13.83 18.09 2.86
N GLU B 133 14.45 19.22 2.52
CA GLU B 133 15.80 19.20 1.94
C GLU B 133 16.82 18.83 3.00
N THR B 134 16.63 19.36 4.21
CA THR B 134 17.52 19.08 5.34
C THR B 134 17.35 17.64 5.82
N MET B 135 16.11 17.16 5.80
CA MET B 135 15.78 15.80 6.22
C MET B 135 16.33 14.77 5.24
N LEU B 136 16.25 15.08 3.94
CA LEU B 136 16.73 14.18 2.91
C LEU B 136 18.25 14.05 2.96
N ASP B 137 18.92 15.17 3.21
CA ASP B 137 20.38 15.20 3.30
C ASP B 137 20.85 14.51 4.59
N ARG B 138 20.10 14.71 5.67
CA ARG B 138 20.42 14.11 6.96
C ARG B 138 20.21 12.60 6.93
N TYR B 139 19.15 12.15 6.25
CA TYR B 139 18.85 10.74 6.14
C TYR B 139 19.91 9.99 5.34
N PHE B 140 20.40 10.63 4.27
CA PHE B 140 21.42 10.04 3.43
C PHE B 140 22.79 10.08 4.11
N GLU B 141 23.06 11.15 4.84
CA GLU B 141 24.33 11.31 5.56
C GLU B 141 24.39 10.39 6.77
N ALA B 142 23.26 10.22 7.45
CA ALA B 142 23.20 9.36 8.63
C ALA B 142 23.25 7.89 8.24
N TYR B 143 22.74 7.57 7.06
CA TYR B 143 22.73 6.20 6.55
C TYR B 143 24.14 5.73 6.23
N LEU B 144 24.92 6.62 5.61
CA LEU B 144 26.30 6.31 5.23
C LEU B 144 27.18 6.13 6.47
N VAL B 145 26.93 6.96 7.50
CA VAL B 145 27.70 6.90 8.73
C VAL B 145 27.39 5.62 9.52
N GLU B 146 26.11 5.20 9.51
CA GLU B 146 25.69 4.01 10.22
C GLU B 146 26.04 2.74 9.43
N HIS B 147 26.00 2.85 8.10
CA HIS B 147 26.30 1.72 7.22
C HIS B 147 25.33 0.57 7.44
N HIS B 148 24.17 0.85 8.05
CA HIS B 148 23.16 -0.17 8.32
C HIS B 148 21.92 0.43 9.00
N HIS B 149 20.90 -0.39 9.22
CA HIS B 149 19.67 0.04 9.85
C HIS B 149 18.98 -1.12 10.58
N HIS B 150 18.97 -1.06 11.91
CA HIS B 150 18.34 -2.10 12.73
C HIS B 150 18.01 -1.59 14.12
N HIS B 151 17.02 -2.22 14.76
CA HIS B 151 16.60 -1.83 16.11
C HIS B 151 16.20 -3.06 16.92
N HIS B 152 15.15 -3.75 16.49
CA HIS B 152 14.66 -4.95 17.17
C HIS B 152 15.60 -6.13 16.92
N MET A 1 -5.96 -27.49 2.63
CA MET A 1 -7.05 -26.88 1.81
C MET A 1 -8.06 -26.13 2.68
N ARG A 2 -8.01 -24.80 2.63
CA ARG A 2 -8.92 -23.98 3.43
C ARG A 2 -9.21 -22.65 2.73
N ARG A 3 -10.42 -22.13 2.93
CA ARG A 3 -10.83 -20.87 2.33
C ARG A 3 -10.68 -19.71 3.31
N SER A 4 -9.95 -18.67 2.90
CA SER A 4 -9.72 -17.51 3.76
C SER A 4 -9.84 -16.21 2.96
N VAL A 5 -10.77 -15.34 3.36
CA VAL A 5 -10.98 -14.07 2.68
C VAL A 5 -10.73 -12.89 3.61
N TYR A 6 -9.76 -12.04 3.27
CA TYR A 6 -9.42 -10.86 4.07
C TYR A 6 -10.11 -9.62 3.51
N PHE A 7 -10.89 -8.95 4.35
CA PHE A 7 -11.60 -7.73 3.95
C PHE A 7 -10.79 -6.49 4.35
N CYS A 8 -10.40 -5.71 3.35
CA CYS A 8 -9.61 -4.50 3.58
C CYS A 8 -10.49 -3.24 3.50
N GLY A 9 -10.61 -2.56 4.64
CA GLY A 9 -11.42 -1.35 4.70
C GLY A 9 -10.89 -0.38 5.74
N SER A 10 -10.56 0.84 5.33
CA SER A 10 -10.05 1.85 6.24
C SER A 10 -11.05 2.13 7.35
N ILE A 11 -10.70 1.76 8.59
CA ILE A 11 -11.56 1.96 9.71
C ILE A 11 -11.16 3.22 10.48
N ARG A 12 -9.85 3.39 10.67
CA ARG A 12 -9.29 4.55 11.36
C ARG A 12 -9.99 4.76 12.70
N GLY A 13 -10.24 3.64 13.38
CA GLY A 13 -10.93 3.68 14.66
C GLY A 13 -12.34 4.25 14.55
N GLY A 14 -12.96 4.10 13.37
CA GLY A 14 -14.28 4.61 13.15
C GLY A 14 -15.38 3.61 13.46
N ARG A 15 -16.59 4.11 13.70
CA ARG A 15 -17.74 3.27 14.01
C ARG A 15 -18.60 3.02 12.75
N GLU A 16 -18.09 3.44 11.58
CA GLU A 16 -18.81 3.25 10.33
C GLU A 16 -18.28 2.04 9.56
N ASP A 17 -17.22 1.42 10.07
CA ASP A 17 -16.63 0.26 9.44
C ASP A 17 -17.09 -1.03 10.12
N GLN A 18 -17.32 -0.96 11.43
CA GLN A 18 -17.77 -2.12 12.20
C GLN A 18 -19.07 -2.69 11.63
N ALA A 19 -19.99 -1.80 11.22
CA ALA A 19 -21.26 -2.22 10.65
C ALA A 19 -21.06 -2.91 9.30
N LEU A 20 -20.14 -2.37 8.50
CA LEU A 20 -19.83 -2.94 7.19
C LEU A 20 -19.04 -4.24 7.35
N TYR A 21 -18.16 -4.26 8.35
CA TYR A 21 -17.34 -5.43 8.63
C TYR A 21 -18.17 -6.59 9.15
N ALA A 22 -19.20 -6.27 9.94
CA ALA A 22 -20.07 -7.30 10.50
C ALA A 22 -20.86 -8.01 9.40
N ARG A 23 -21.34 -7.24 8.42
CA ARG A 23 -22.12 -7.79 7.32
C ARG A 23 -21.22 -8.54 6.33
N ILE A 24 -19.99 -8.04 6.14
CA ILE A 24 -19.05 -8.69 5.22
C ILE A 24 -18.42 -9.92 5.86
N VAL A 25 -18.22 -9.87 7.17
CA VAL A 25 -17.63 -10.99 7.91
C VAL A 25 -18.56 -12.20 7.87
N SER A 26 -19.88 -11.96 7.93
CA SER A 26 -20.85 -13.04 7.89
C SER A 26 -20.83 -13.73 6.53
N ARG A 27 -20.72 -12.93 5.46
CA ARG A 27 -20.67 -13.45 4.10
C ARG A 27 -19.33 -14.12 3.81
N LEU A 28 -18.26 -13.54 4.37
CA LEU A 28 -16.91 -14.07 4.18
C LEU A 28 -16.74 -15.41 4.91
N ARG A 29 -17.32 -15.51 6.11
CA ARG A 29 -17.24 -16.74 6.89
C ARG A 29 -18.12 -17.83 6.28
N ARG A 30 -19.24 -17.42 5.66
CA ARG A 30 -20.16 -18.34 5.03
C ARG A 30 -19.47 -19.19 3.96
N TYR A 31 -18.44 -18.63 3.31
CA TYR A 31 -17.70 -19.33 2.27
C TYR A 31 -16.52 -20.07 2.87
N GLY A 32 -15.73 -19.37 3.70
CA GLY A 32 -14.58 -19.99 4.32
C GLY A 32 -14.28 -19.41 5.69
N LYS A 33 -13.37 -18.46 5.74
CA LYS A 33 -12.97 -17.82 6.98
C LYS A 33 -12.54 -16.37 6.77
N VAL A 34 -13.06 -15.46 7.60
CA VAL A 34 -12.72 -14.05 7.50
C VAL A 34 -11.39 -13.76 8.20
N LEU A 35 -10.58 -12.90 7.60
CA LEU A 35 -9.29 -12.54 8.16
C LEU A 35 -9.34 -11.24 8.95
N THR A 36 -10.39 -10.44 8.73
CA THR A 36 -10.57 -9.17 9.43
C THR A 36 -11.57 -9.31 10.56
N GLU A 37 -11.45 -10.39 11.33
CA GLU A 37 -12.34 -10.64 12.45
C GLU A 37 -11.76 -9.99 13.71
N HIS A 38 -12.12 -8.72 13.92
CA HIS A 38 -11.64 -7.94 15.06
C HIS A 38 -12.30 -6.56 15.10
N VAL A 39 -12.45 -5.96 13.90
CA VAL A 39 -13.06 -4.63 13.77
C VAL A 39 -14.42 -4.55 14.47
N ALA A 40 -15.06 -5.72 14.68
CA ALA A 40 -16.36 -5.76 15.35
C ALA A 40 -16.32 -6.63 16.61
N ASP A 41 -15.26 -6.46 17.43
CA ASP A 41 -15.14 -7.23 18.67
C ASP A 41 -15.48 -6.38 19.89
N ALA A 42 -15.98 -7.03 20.94
CA ALA A 42 -16.34 -6.33 22.17
C ALA A 42 -15.70 -7.02 23.37
N GLU A 43 -14.39 -7.19 23.26
CA GLU A 43 -13.57 -7.83 24.30
C GLU A 43 -12.21 -8.23 23.71
N LEU A 44 -11.37 -7.24 23.41
CA LEU A 44 -10.05 -7.48 22.85
C LEU A 44 -9.25 -8.45 23.72
N GLU A 45 -9.22 -9.72 23.31
CA GLU A 45 -8.52 -10.77 24.05
C GLU A 45 -7.08 -10.36 24.38
N PRO A 46 -6.82 -10.09 25.67
CA PRO A 46 -5.48 -9.70 26.15
C PRO A 46 -4.51 -10.87 26.21
N LEU A 47 -3.40 -10.66 26.91
CA LEU A 47 -2.37 -11.68 27.08
C LEU A 47 -1.65 -11.97 25.76
N GLY A 48 -0.48 -12.61 25.86
CA GLY A 48 0.30 -12.95 24.67
C GLY A 48 1.51 -12.04 24.50
N GLU A 49 1.98 -11.95 23.26
CA GLU A 49 3.15 -11.12 22.94
C GLU A 49 2.89 -9.66 23.27
N GLU A 50 3.97 -8.90 23.47
CA GLU A 50 3.87 -7.48 23.79
C GLU A 50 4.71 -6.64 22.84
N ALA A 51 4.14 -5.52 22.38
CA ALA A 51 4.84 -4.62 21.45
C ALA A 51 4.61 -3.16 21.83
N ALA A 52 5.58 -2.31 21.48
CA ALA A 52 5.48 -0.88 21.78
C ALA A 52 4.37 -0.23 20.96
N GLY A 53 3.23 0.02 21.61
CA GLY A 53 2.09 0.62 20.94
C GLY A 53 1.23 -0.40 20.21
N GLY A 54 -0.08 -0.19 20.24
CA GLY A 54 -1.00 -1.10 19.58
C GLY A 54 -0.90 -1.08 18.07
N ASP A 55 -0.37 0.02 17.53
CA ASP A 55 -0.21 0.17 16.08
C ASP A 55 0.65 -0.95 15.49
N GLN A 56 1.80 -1.21 16.11
CA GLN A 56 2.71 -2.26 15.65
C GLN A 56 2.02 -3.62 15.68
N PHE A 57 1.22 -3.86 16.71
CA PHE A 57 0.49 -5.12 16.85
C PHE A 57 -0.54 -5.29 15.73
N ILE A 58 -1.17 -4.19 15.34
CA ILE A 58 -2.16 -4.19 14.27
C ILE A 58 -1.54 -4.61 12.95
N HIS A 59 -0.35 -4.08 12.67
CA HIS A 59 0.37 -4.40 11.44
C HIS A 59 0.77 -5.87 11.38
N GLU A 60 1.19 -6.41 12.53
CA GLU A 60 1.60 -7.81 12.61
C GLU A 60 0.41 -8.75 12.39
N GLN A 61 -0.75 -8.38 12.93
CA GLN A 61 -1.96 -9.19 12.80
C GLN A 61 -2.39 -9.28 11.34
N ALA A 62 -2.31 -8.14 10.63
CA ALA A 62 -2.69 -8.09 9.21
C ALA A 62 -1.74 -8.91 8.35
N LEU A 63 -0.45 -8.88 8.69
CA LEU A 63 0.57 -9.61 7.96
C LEU A 63 0.35 -11.13 8.08
N ASN A 64 0.00 -11.58 9.28
CA ASN A 64 -0.24 -12.99 9.53
C ASN A 64 -1.55 -13.45 8.89
N TRP A 65 -2.54 -12.55 8.87
CA TRP A 65 -3.84 -12.86 8.28
C TRP A 65 -3.76 -13.02 6.77
N LEU A 66 -2.95 -12.18 6.10
CA LEU A 66 -2.80 -12.26 4.66
C LEU A 66 -1.86 -13.39 4.24
N GLN A 67 -1.05 -13.90 5.18
CA GLN A 67 -0.13 -14.99 4.91
C GLN A 67 -0.88 -16.23 4.43
N GLN A 68 -2.09 -16.44 4.96
CA GLN A 68 -2.91 -17.59 4.59
C GLN A 68 -4.23 -17.14 3.96
N ALA A 69 -4.25 -15.95 3.34
CA ALA A 69 -5.43 -15.42 2.70
C ALA A 69 -5.55 -15.88 1.26
N ASP A 70 -6.50 -16.78 1.01
CA ASP A 70 -6.74 -17.31 -0.33
C ASP A 70 -7.26 -16.22 -1.27
N VAL A 71 -7.88 -15.18 -0.68
CA VAL A 71 -8.42 -14.07 -1.47
C VAL A 71 -8.56 -12.82 -0.59
N VAL A 72 -8.22 -11.67 -1.15
CA VAL A 72 -8.31 -10.42 -0.40
C VAL A 72 -9.23 -9.42 -1.10
N VAL A 73 -10.32 -9.07 -0.43
CA VAL A 73 -11.29 -8.11 -0.98
C VAL A 73 -11.13 -6.75 -0.30
N ALA A 74 -11.47 -5.68 -1.02
CA ALA A 74 -11.34 -4.33 -0.48
C ALA A 74 -12.57 -3.47 -0.76
N GLU A 75 -12.94 -2.64 0.21
CA GLU A 75 -14.09 -1.75 0.08
C GLU A 75 -13.79 -0.37 0.67
N VAL A 76 -13.40 0.57 -0.19
CA VAL A 76 -13.07 1.92 0.27
C VAL A 76 -13.53 2.97 -0.75
N THR A 77 -14.06 4.09 -0.26
CA THR A 77 -14.53 5.16 -1.13
C THR A 77 -13.57 6.36 -1.12
N GLN A 78 -12.32 6.13 -0.68
CA GLN A 78 -11.31 7.19 -0.63
C GLN A 78 -9.90 6.61 -0.53
N PRO A 79 -8.90 7.32 -1.09
CA PRO A 79 -7.50 6.88 -1.06
C PRO A 79 -6.94 6.81 0.35
N SER A 80 -6.96 5.60 0.93
CA SER A 80 -6.46 5.39 2.29
C SER A 80 -5.06 4.80 2.25
N LEU A 81 -4.13 5.44 2.95
CA LEU A 81 -2.74 4.98 2.99
C LEU A 81 -2.62 3.62 3.68
N GLY A 82 -3.30 3.45 4.81
CA GLY A 82 -3.26 2.20 5.55
C GLY A 82 -3.80 1.04 4.74
N VAL A 83 -4.96 1.26 4.09
CA VAL A 83 -5.59 0.24 3.27
C VAL A 83 -4.75 -0.02 2.01
N GLY A 84 -4.14 1.04 1.48
CA GLY A 84 -3.30 0.90 0.29
C GLY A 84 -2.13 -0.03 0.55
N TYR A 85 -1.52 0.09 1.72
CA TYR A 85 -0.39 -0.76 2.11
C TYR A 85 -0.83 -2.22 2.13
N GLU A 86 -2.00 -2.48 2.72
CA GLU A 86 -2.55 -3.83 2.81
C GLU A 86 -2.71 -4.43 1.42
N LEU A 87 -3.14 -3.60 0.46
CA LEU A 87 -3.32 -4.04 -0.92
C LEU A 87 -1.99 -4.49 -1.51
N GLY A 88 -0.93 -3.71 -1.25
CA GLY A 88 0.39 -4.04 -1.74
C GLY A 88 0.89 -5.36 -1.19
N ARG A 89 0.63 -5.59 0.10
CA ARG A 89 1.05 -6.84 0.75
C ARG A 89 0.22 -8.02 0.22
N ALA A 90 -1.08 -7.78 -0.01
CA ALA A 90 -1.96 -8.81 -0.52
C ALA A 90 -1.57 -9.27 -1.92
N VAL A 91 -1.18 -8.33 -2.76
CA VAL A 91 -0.78 -8.65 -4.13
C VAL A 91 0.62 -9.27 -4.16
N ALA A 92 1.48 -8.83 -3.25
CA ALA A 92 2.85 -9.35 -3.18
C ALA A 92 2.89 -10.73 -2.52
N LEU A 93 2.03 -10.95 -1.52
CA LEU A 93 1.97 -12.22 -0.81
C LEU A 93 1.03 -13.19 -1.51
N GLY A 94 -0.21 -12.75 -1.76
CA GLY A 94 -1.18 -13.58 -2.42
C GLY A 94 -1.22 -13.39 -3.92
N LYS A 95 -2.41 -13.10 -4.45
CA LYS A 95 -2.59 -12.88 -5.89
C LYS A 95 -4.00 -12.40 -6.21
N PRO A 96 -5.04 -13.19 -5.87
CA PRO A 96 -6.44 -12.82 -6.14
C PRO A 96 -6.93 -11.69 -5.23
N ILE A 97 -6.83 -10.45 -5.73
CA ILE A 97 -7.25 -9.28 -4.97
C ILE A 97 -8.50 -8.64 -5.55
N LEU A 98 -9.28 -7.99 -4.70
CA LEU A 98 -10.50 -7.31 -5.10
C LEU A 98 -10.56 -5.91 -4.49
N CYS A 99 -10.97 -4.94 -5.29
CA CYS A 99 -11.06 -3.55 -4.83
C CYS A 99 -12.41 -2.93 -5.21
N LEU A 100 -13.04 -2.26 -4.25
CA LEU A 100 -14.33 -1.62 -4.48
C LEU A 100 -14.26 -0.12 -4.20
N PHE A 101 -14.18 0.68 -5.26
CA PHE A 101 -14.11 2.13 -5.14
C PHE A 101 -15.39 2.76 -5.66
N ARG A 102 -16.06 3.54 -4.81
CA ARG A 102 -17.31 4.20 -5.19
C ARG A 102 -17.08 5.17 -6.35
N PRO A 103 -17.79 4.95 -7.48
CA PRO A 103 -17.67 5.80 -8.66
C PRO A 103 -18.22 7.20 -8.40
N GLN A 104 -17.38 8.21 -8.60
CA GLN A 104 -17.76 9.60 -8.38
C GLN A 104 -17.86 9.92 -6.88
N SER A 105 -17.06 9.19 -6.07
CA SER A 105 -17.04 9.39 -4.63
C SER A 105 -16.48 10.76 -4.26
N GLY A 106 -15.66 11.34 -5.15
CA GLY A 106 -15.06 12.63 -4.90
C GLY A 106 -13.55 12.57 -4.99
N ARG A 107 -12.97 11.47 -4.52
CA ARG A 107 -11.54 11.26 -4.55
C ARG A 107 -11.15 10.37 -5.72
N VAL A 108 -9.88 10.01 -5.76
CA VAL A 108 -9.33 9.17 -6.81
C VAL A 108 -8.25 8.23 -6.25
N LEU A 109 -8.12 7.05 -6.86
CA LEU A 109 -7.14 6.07 -6.43
C LEU A 109 -5.72 6.52 -6.81
N SER A 110 -5.28 6.16 -8.02
CA SER A 110 -3.94 6.53 -8.51
C SER A 110 -3.55 5.69 -9.73
N ALA A 111 -2.36 5.95 -10.27
CA ALA A 111 -1.87 5.21 -11.42
C ALA A 111 -1.26 3.87 -10.99
N MET A 112 -0.61 3.84 -9.83
CA MET A 112 -0.02 2.61 -9.31
C MET A 112 -1.09 1.57 -9.00
N ILE A 113 -2.14 2.00 -8.30
CA ILE A 113 -3.24 1.10 -7.94
C ILE A 113 -3.94 0.59 -9.21
N ARG A 114 -4.24 1.51 -10.13
CA ARG A 114 -4.89 1.14 -11.39
C ARG A 114 -4.00 0.17 -12.16
N GLY A 115 -2.69 0.44 -12.17
CA GLY A 115 -1.74 -0.42 -12.85
C GLY A 115 -1.69 -1.80 -12.23
N ALA A 116 -1.79 -1.86 -10.90
CA ALA A 116 -1.77 -3.14 -10.18
C ALA A 116 -2.88 -4.06 -10.68
N ALA A 117 -4.05 -3.48 -10.95
CA ALA A 117 -5.18 -4.25 -11.44
C ALA A 117 -4.99 -4.64 -12.90
N ASP A 118 -4.32 -5.76 -13.13
CA ASP A 118 -4.06 -6.26 -14.48
C ASP A 118 -5.29 -6.97 -15.05
N GLY A 119 -6.20 -7.39 -14.16
CA GLY A 119 -7.42 -8.07 -14.59
C GLY A 119 -7.33 -9.58 -14.44
N SER A 120 -6.12 -10.11 -14.22
CA SER A 120 -5.92 -11.55 -14.06
C SER A 120 -6.50 -12.03 -12.73
N ARG A 121 -5.93 -11.54 -11.65
CA ARG A 121 -6.37 -11.90 -10.29
C ARG A 121 -6.82 -10.69 -9.48
N PHE A 122 -6.40 -9.49 -9.90
CA PHE A 122 -6.78 -8.26 -9.21
C PHE A 122 -7.82 -7.48 -10.00
N GLN A 123 -9.00 -7.32 -9.41
CA GLN A 123 -10.09 -6.58 -10.06
C GLN A 123 -10.54 -5.39 -9.21
N VAL A 124 -11.10 -4.38 -9.87
CA VAL A 124 -11.56 -3.18 -9.18
C VAL A 124 -12.96 -2.77 -9.66
N TRP A 125 -13.98 -3.07 -8.85
CA TRP A 125 -15.36 -2.74 -9.17
C TRP A 125 -15.77 -1.42 -8.53
N ASP A 126 -16.70 -0.73 -9.18
CA ASP A 126 -17.20 0.54 -8.68
C ASP A 126 -18.62 0.38 -8.13
N TYR A 127 -18.77 0.63 -6.83
CA TYR A 127 -20.08 0.50 -6.17
C TYR A 127 -20.61 1.86 -5.71
N ALA A 128 -21.83 2.18 -6.13
CA ALA A 128 -22.46 3.44 -5.76
C ALA A 128 -23.32 3.24 -4.51
N GLU A 129 -23.06 4.04 -3.48
CA GLU A 129 -23.78 3.97 -2.19
C GLU A 129 -25.11 3.22 -2.31
N GLY A 130 -25.02 1.91 -2.11
CA GLY A 130 -26.18 1.04 -2.20
C GLY A 130 -25.89 -0.20 -3.06
N GLU A 131 -24.77 -0.15 -3.79
CA GLU A 131 -24.35 -1.26 -4.66
C GLU A 131 -23.27 -2.11 -4.00
N VAL A 132 -22.75 -1.65 -2.85
CA VAL A 132 -21.70 -2.38 -2.13
C VAL A 132 -22.16 -3.80 -1.77
N GLU A 133 -23.43 -3.93 -1.45
CA GLU A 133 -24.02 -5.22 -1.09
C GLU A 133 -24.16 -6.11 -2.33
N THR A 134 -24.52 -5.50 -3.45
CA THR A 134 -24.68 -6.22 -4.71
C THR A 134 -23.32 -6.66 -5.26
N MET A 135 -22.31 -5.81 -5.10
CA MET A 135 -20.97 -6.10 -5.57
C MET A 135 -20.31 -7.19 -4.73
N LEU A 136 -20.57 -7.16 -3.41
CA LEU A 136 -19.99 -8.14 -2.51
C LEU A 136 -20.62 -9.52 -2.71
N ASP A 137 -21.93 -9.54 -2.96
CA ASP A 137 -22.66 -10.79 -3.19
C ASP A 137 -22.34 -11.37 -4.56
N ARG A 138 -22.18 -10.49 -5.55
CA ARG A 138 -21.86 -10.91 -6.91
C ARG A 138 -20.41 -11.37 -7.01
N TYR A 139 -19.53 -10.74 -6.23
CA TYR A 139 -18.12 -11.08 -6.23
C TYR A 139 -17.89 -12.47 -5.63
N PHE A 140 -18.62 -12.78 -4.56
CA PHE A 140 -18.52 -14.08 -3.90
C PHE A 140 -19.21 -15.17 -4.72
N GLU A 141 -20.31 -14.81 -5.38
CA GLU A 141 -21.07 -15.75 -6.19
C GLU A 141 -20.35 -16.03 -7.51
N ALA A 142 -19.72 -15.00 -8.07
CA ALA A 142 -18.99 -15.14 -9.32
C ALA A 142 -17.68 -15.89 -9.12
N TYR A 143 -17.09 -15.76 -7.93
CA TYR A 143 -15.84 -16.43 -7.61
C TYR A 143 -16.06 -17.93 -7.48
N LEU A 144 -17.16 -18.32 -6.84
CA LEU A 144 -17.49 -19.73 -6.66
C LEU A 144 -17.73 -20.40 -8.01
N VAL A 145 -18.43 -19.69 -8.90
CA VAL A 145 -18.72 -20.19 -10.23
C VAL A 145 -17.44 -20.28 -11.07
N GLU A 146 -16.56 -19.29 -10.91
CA GLU A 146 -15.30 -19.25 -11.65
C GLU A 146 -14.39 -20.41 -11.27
N HIS A 147 -14.41 -20.78 -9.98
CA HIS A 147 -13.59 -21.88 -9.47
C HIS A 147 -13.94 -23.20 -10.17
N HIS A 148 -15.22 -23.39 -10.50
CA HIS A 148 -15.67 -24.61 -11.16
C HIS A 148 -15.72 -24.43 -12.68
N HIS A 149 -16.63 -23.57 -13.15
CA HIS A 149 -16.78 -23.32 -14.58
C HIS A 149 -16.10 -22.01 -14.99
N HIS A 150 -15.93 -21.83 -16.30
CA HIS A 150 -15.30 -20.63 -16.84
C HIS A 150 -16.31 -19.78 -17.63
N HIS A 151 -15.97 -18.50 -17.81
CA HIS A 151 -16.83 -17.57 -18.55
C HIS A 151 -18.11 -17.25 -17.78
N HIS A 152 -19.05 -18.19 -17.77
CA HIS A 152 -20.33 -18.02 -17.07
C HIS A 152 -21.23 -17.00 -17.78
N MET B 1 27.11 -6.53 -4.53
CA MET B 1 27.09 -5.36 -3.61
C MET B 1 26.83 -4.07 -4.37
N ARG B 2 25.62 -3.53 -4.22
CA ARG B 2 25.23 -2.28 -4.89
C ARG B 2 24.21 -1.50 -4.08
N ARG B 3 24.28 -0.17 -4.17
CA ARG B 3 23.36 0.71 -3.45
C ARG B 3 22.21 1.15 -4.36
N SER B 4 20.98 0.92 -3.90
CA SER B 4 19.79 1.31 -4.67
C SER B 4 18.72 1.91 -3.77
N VAL B 5 18.35 3.16 -4.04
CA VAL B 5 17.34 3.86 -3.25
C VAL B 5 16.12 4.23 -4.10
N TYR B 6 14.95 3.70 -3.73
CA TYR B 6 13.71 3.98 -4.45
C TYR B 6 12.93 5.10 -3.76
N PHE B 7 12.63 6.16 -4.51
CA PHE B 7 11.87 7.29 -3.97
C PHE B 7 10.38 7.15 -4.30
N CYS B 8 9.56 7.06 -3.26
CA CYS B 8 8.11 6.90 -3.44
C CYS B 8 7.38 8.23 -3.22
N GLY B 9 6.78 8.75 -4.29
CA GLY B 9 6.04 10.00 -4.21
C GLY B 9 4.90 10.04 -5.21
N SER B 10 3.68 10.24 -4.71
CA SER B 10 2.50 10.31 -5.57
C SER B 10 2.64 11.42 -6.60
N ILE B 11 2.75 11.04 -7.88
CA ILE B 11 2.90 11.99 -8.94
C ILE B 11 1.55 12.24 -9.62
N ARG B 12 0.82 11.16 -9.85
CA ARG B 12 -0.50 11.23 -10.49
C ARG B 12 -0.44 12.05 -11.76
N GLY B 13 0.63 11.84 -12.52
CA GLY B 13 0.84 12.59 -13.75
C GLY B 13 0.96 14.08 -13.52
N GLY B 14 1.44 14.47 -12.33
CA GLY B 14 1.58 15.88 -12.01
C GLY B 14 2.94 16.44 -12.33
N ARG B 15 3.01 17.76 -12.47
CA ARG B 15 4.27 18.45 -12.78
C ARG B 15 4.93 19.01 -11.51
N GLU B 16 4.38 18.64 -10.35
CA GLU B 16 4.93 19.10 -9.07
C GLU B 16 5.83 18.03 -8.43
N ASP B 17 5.88 16.85 -9.04
CA ASP B 17 6.69 15.76 -8.54
C ASP B 17 8.02 15.66 -9.29
N GLN B 18 7.99 16.00 -10.58
CA GLN B 18 9.19 15.96 -11.42
C GLN B 18 10.30 16.82 -10.83
N ALA B 19 9.93 18.00 -10.31
CA ALA B 19 10.91 18.91 -9.71
C ALA B 19 11.49 18.32 -8.43
N LEU B 20 10.64 17.66 -7.63
CA LEU B 20 11.08 17.03 -6.39
C LEU B 20 11.88 15.77 -6.69
N TYR B 21 11.46 15.05 -7.73
CA TYR B 21 12.13 13.83 -8.15
C TYR B 21 13.51 14.10 -8.72
N ALA B 22 13.66 15.23 -9.43
CA ALA B 22 14.93 15.60 -10.02
C ALA B 22 15.97 15.90 -8.95
N ARG B 23 15.54 16.60 -7.89
CA ARG B 23 16.43 16.95 -6.79
C ARG B 23 16.75 15.74 -5.92
N ILE B 24 15.76 14.84 -5.74
CA ILE B 24 15.97 13.65 -4.93
C ILE B 24 16.77 12.60 -5.70
N VAL B 25 16.56 12.55 -7.02
CA VAL B 25 17.28 11.59 -7.87
C VAL B 25 18.77 11.88 -7.88
N SER B 26 19.13 13.17 -7.86
CA SER B 26 20.54 13.56 -7.85
C SER B 26 21.21 13.13 -6.54
N ARG B 27 20.50 13.29 -5.43
CA ARG B 27 21.02 12.92 -4.12
C ARG B 27 21.03 11.39 -3.96
N LEU B 28 20.01 10.73 -4.52
CA LEU B 28 19.89 9.28 -4.45
C LEU B 28 20.97 8.60 -5.28
N ARG B 29 21.27 9.17 -6.45
CA ARG B 29 22.29 8.62 -7.34
C ARG B 29 23.69 8.89 -6.77
N ARG B 30 23.85 10.01 -6.06
CA ARG B 30 25.12 10.38 -5.46
C ARG B 30 25.62 9.30 -4.50
N TYR B 31 24.69 8.58 -3.86
CA TYR B 31 25.04 7.53 -2.92
C TYR B 31 25.15 6.18 -3.64
N GLY B 32 24.13 5.86 -4.45
CA GLY B 32 24.15 4.61 -5.17
C GLY B 32 23.43 4.70 -6.50
N LYS B 33 22.16 4.31 -6.52
CA LYS B 33 21.35 4.33 -7.73
C LYS B 33 19.88 4.57 -7.42
N VAL B 34 19.26 5.50 -8.16
CA VAL B 34 17.85 5.81 -7.96
C VAL B 34 16.97 4.81 -8.69
N LEU B 35 15.87 4.40 -8.07
CA LEU B 35 14.95 3.45 -8.67
C LEU B 35 13.76 4.14 -9.35
N THR B 36 13.53 5.41 -9.01
CA THR B 36 12.44 6.17 -9.59
C THR B 36 12.94 7.12 -10.68
N GLU B 37 13.82 6.59 -11.53
CA GLU B 37 14.38 7.37 -12.63
C GLU B 37 13.48 7.24 -13.87
N HIS B 38 12.50 8.13 -13.95
CA HIS B 38 11.53 8.14 -15.05
C HIS B 38 10.58 9.34 -14.93
N VAL B 39 10.17 9.65 -13.70
CA VAL B 39 9.27 10.76 -13.43
C VAL B 39 9.75 12.07 -14.05
N ALA B 40 11.07 12.16 -14.32
CA ALA B 40 11.66 13.35 -14.91
C ALA B 40 12.36 13.03 -16.25
N ASP B 41 11.70 12.23 -17.10
CA ASP B 41 12.28 11.88 -18.41
C ASP B 41 11.60 12.66 -19.53
N ALA B 42 12.35 12.90 -20.61
CA ALA B 42 11.82 13.63 -21.76
C ALA B 42 12.10 12.85 -23.03
N GLU B 43 11.68 11.60 -23.01
CA GLU B 43 11.83 10.66 -24.13
C GLU B 43 11.61 9.23 -23.65
N LEU B 44 10.37 8.90 -23.32
CA LEU B 44 10.03 7.56 -22.84
C LEU B 44 10.49 6.49 -23.83
N GLU B 45 11.64 5.87 -23.52
CA GLU B 45 12.23 4.84 -24.37
C GLU B 45 11.22 3.75 -24.76
N PRO B 46 10.78 3.75 -26.03
CA PRO B 46 9.82 2.77 -26.55
C PRO B 46 10.44 1.39 -26.75
N LEU B 47 9.71 0.55 -27.48
CA LEU B 47 10.16 -0.82 -27.78
C LEU B 47 10.18 -1.70 -26.53
N GLY B 48 10.22 -3.02 -26.74
CA GLY B 48 10.23 -3.95 -25.63
C GLY B 48 8.91 -4.66 -25.44
N GLU B 49 8.67 -5.14 -24.23
CA GLU B 49 7.43 -5.84 -23.90
C GLU B 49 6.21 -4.94 -24.10
N GLU B 50 5.04 -5.55 -24.29
CA GLU B 50 3.80 -4.81 -24.50
C GLU B 50 2.72 -5.27 -23.52
N ALA B 51 2.00 -4.32 -22.94
CA ALA B 51 0.93 -4.61 -21.98
C ALA B 51 -0.30 -3.74 -22.23
N ALA B 52 -1.47 -4.25 -21.87
CA ALA B 52 -2.72 -3.52 -22.04
C ALA B 52 -2.77 -2.30 -21.12
N GLY B 53 -2.51 -1.12 -21.69
CA GLY B 53 -2.52 0.10 -20.91
C GLY B 53 -1.19 0.36 -20.22
N GLY B 54 -0.80 1.63 -20.17
CA GLY B 54 0.47 2.00 -19.55
C GLY B 54 0.47 1.80 -18.04
N ASP B 55 -0.72 1.76 -17.44
CA ASP B 55 -0.85 1.58 -15.99
C ASP B 55 -0.21 0.27 -15.54
N GLN B 56 -0.51 -0.83 -16.24
CA GLN B 56 0.04 -2.14 -15.91
C GLN B 56 1.57 -2.13 -16.01
N PHE B 57 2.09 -1.43 -17.02
CA PHE B 57 3.53 -1.33 -17.23
C PHE B 57 4.20 -0.57 -16.07
N ILE B 58 3.50 0.45 -15.56
CA ILE B 58 4.00 1.25 -14.45
C ILE B 58 4.17 0.39 -13.20
N HIS B 59 3.18 -0.45 -12.93
CA HIS B 59 3.21 -1.34 -11.78
C HIS B 59 4.35 -2.33 -11.86
N GLU B 60 4.59 -2.86 -13.06
CA GLU B 60 5.66 -3.84 -13.27
C GLU B 60 7.03 -3.22 -13.07
N GLN B 61 7.19 -1.97 -13.53
CA GLN B 61 8.46 -1.25 -13.39
C GLN B 61 8.80 -1.01 -11.91
N ALA B 62 7.79 -0.65 -11.13
CA ALA B 62 7.99 -0.40 -9.70
C ALA B 62 8.33 -1.68 -8.95
N LEU B 63 7.71 -2.79 -9.36
CA LEU B 63 7.96 -4.10 -8.74
C LEU B 63 9.39 -4.55 -8.96
N ASN B 64 9.90 -4.34 -10.18
CA ASN B 64 11.26 -4.72 -10.53
C ASN B 64 12.29 -3.80 -9.86
N TRP B 65 11.91 -2.52 -9.71
CA TRP B 65 12.80 -1.54 -9.10
C TRP B 65 12.98 -1.81 -7.60
N LEU B 66 11.91 -2.23 -6.92
CA LEU B 66 11.99 -2.51 -5.49
C LEU B 66 12.60 -3.89 -5.22
N GLN B 67 12.64 -4.75 -6.23
CA GLN B 67 13.23 -6.08 -6.09
C GLN B 67 14.70 -5.99 -5.69
N GLN B 68 15.40 -4.96 -6.17
CA GLN B 68 16.79 -4.75 -5.85
C GLN B 68 17.02 -3.42 -5.11
N ALA B 69 15.99 -2.95 -4.41
CA ALA B 69 16.07 -1.70 -3.66
C ALA B 69 16.62 -1.91 -2.26
N ASP B 70 17.86 -1.48 -2.04
CA ASP B 70 18.50 -1.61 -0.73
C ASP B 70 17.80 -0.74 0.32
N VAL B 71 17.12 0.32 -0.14
CA VAL B 71 16.40 1.23 0.75
C VAL B 71 15.31 1.98 -0.02
N VAL B 72 14.14 2.13 0.61
CA VAL B 72 13.02 2.82 -0.02
C VAL B 72 12.58 4.02 0.80
N VAL B 73 12.72 5.21 0.22
CA VAL B 73 12.32 6.45 0.88
C VAL B 73 11.00 6.95 0.32
N ALA B 74 10.23 7.68 1.13
CA ALA B 74 8.93 8.20 0.69
C ALA B 74 8.73 9.65 1.11
N GLU B 75 8.10 10.43 0.23
CA GLU B 75 7.82 11.85 0.49
C GLU B 75 6.43 12.22 -0.01
N VAL B 76 5.45 12.21 0.90
CA VAL B 76 4.06 12.55 0.55
C VAL B 76 3.39 13.33 1.67
N THR B 77 2.60 14.35 1.30
CA THR B 77 1.89 15.17 2.27
C THR B 77 0.39 14.84 2.31
N GLN B 78 0.03 13.66 1.79
CA GLN B 78 -1.38 13.23 1.77
C GLN B 78 -1.49 11.72 1.56
N PRO B 79 -2.54 11.08 2.12
CA PRO B 79 -2.77 9.64 1.99
C PRO B 79 -3.02 9.22 0.53
N SER B 80 -1.97 8.76 -0.13
CA SER B 80 -2.06 8.34 -1.53
C SER B 80 -2.16 6.81 -1.61
N LEU B 81 -3.17 6.32 -2.29
CA LEU B 81 -3.39 4.89 -2.45
C LEU B 81 -2.26 4.23 -3.26
N GLY B 82 -1.86 4.86 -4.36
CA GLY B 82 -0.80 4.33 -5.18
C GLY B 82 0.52 4.25 -4.45
N VAL B 83 0.87 5.31 -3.73
CA VAL B 83 2.10 5.37 -2.96
C VAL B 83 2.03 4.40 -1.77
N GLY B 84 0.84 4.27 -1.18
CA GLY B 84 0.65 3.37 -0.06
C GLY B 84 0.94 1.93 -0.45
N TYR B 85 0.51 1.54 -1.64
CA TYR B 85 0.75 0.19 -2.14
C TYR B 85 2.25 -0.06 -2.27
N GLU B 86 2.97 0.93 -2.82
CA GLU B 86 4.42 0.83 -2.99
C GLU B 86 5.10 0.59 -1.64
N LEU B 87 4.60 1.27 -0.60
CA LEU B 87 5.14 1.12 0.75
C LEU B 87 4.98 -0.32 1.24
N GLY B 88 3.79 -0.90 0.97
CA GLY B 88 3.53 -2.27 1.38
C GLY B 88 4.46 -3.25 0.70
N ARG B 89 4.73 -3.02 -0.58
CA ARG B 89 5.62 -3.88 -1.36
C ARG B 89 7.06 -3.71 -0.88
N ALA B 90 7.44 -2.46 -0.57
CA ALA B 90 8.79 -2.16 -0.11
C ALA B 90 9.09 -2.82 1.23
N VAL B 91 8.11 -2.84 2.13
CA VAL B 91 8.30 -3.45 3.44
C VAL B 91 8.24 -4.97 3.36
N ALA B 92 7.40 -5.48 2.45
CA ALA B 92 7.25 -6.92 2.26
C ALA B 92 8.44 -7.51 1.49
N LEU B 93 8.97 -6.75 0.52
CA LEU B 93 10.10 -7.21 -0.28
C LEU B 93 11.42 -6.84 0.38
N GLY B 94 11.58 -5.57 0.73
CA GLY B 94 12.80 -5.10 1.36
C GLY B 94 12.71 -5.11 2.88
N LYS B 95 13.01 -3.97 3.49
CA LYS B 95 12.97 -3.83 4.95
C LYS B 95 13.17 -2.38 5.38
N PRO B 96 14.33 -1.77 5.03
CA PRO B 96 14.63 -0.38 5.40
C PRO B 96 13.78 0.62 4.61
N ILE B 97 12.67 1.04 5.20
CA ILE B 97 11.77 1.99 4.55
C ILE B 97 11.78 3.35 5.26
N LEU B 98 11.49 4.40 4.50
CA LEU B 98 11.46 5.76 5.01
C LEU B 98 10.20 6.47 4.53
N CYS B 99 9.55 7.22 5.42
CA CYS B 99 8.33 7.94 5.07
C CYS B 99 8.39 9.38 5.57
N LEU B 100 8.02 10.32 4.70
CA LEU B 100 8.04 11.73 5.05
C LEU B 100 6.65 12.35 4.88
N PHE B 101 5.95 12.55 6.00
CA PHE B 101 4.62 13.13 6.00
C PHE B 101 4.65 14.52 6.63
N ARG B 102 4.21 15.53 5.88
CA ARG B 102 4.19 16.91 6.38
C ARG B 102 3.28 17.03 7.61
N PRO B 103 3.85 17.47 8.75
CA PRO B 103 3.08 17.64 9.98
C PRO B 103 2.07 18.78 9.86
N GLN B 104 0.80 18.45 10.10
CA GLN B 104 -0.29 19.42 10.01
C GLN B 104 -0.61 19.76 8.54
N SER B 105 -0.35 18.80 7.64
CA SER B 105 -0.60 18.99 6.22
C SER B 105 -2.10 19.12 5.93
N GLY B 106 -2.93 18.57 6.83
CA GLY B 106 -4.36 18.62 6.65
C GLY B 106 -4.97 17.24 6.66
N ARG B 107 -4.27 16.27 6.07
CA ARG B 107 -4.73 14.90 6.01
C ARG B 107 -4.05 14.06 7.09
N VAL B 108 -4.29 12.77 7.03
CA VAL B 108 -3.73 11.81 7.99
C VAL B 108 -3.39 10.49 7.29
N LEU B 109 -2.36 9.80 7.79
CA LEU B 109 -1.94 8.53 7.23
C LEU B 109 -2.96 7.43 7.57
N SER B 110 -2.78 6.78 8.73
CA SER B 110 -3.67 5.70 9.18
C SER B 110 -3.03 4.88 10.30
N ALA B 111 -3.77 3.89 10.81
CA ALA B 111 -3.27 3.02 11.87
C ALA B 111 -2.36 1.93 11.31
N MET B 112 -2.68 1.44 10.11
CA MET B 112 -1.87 0.40 9.47
C MET B 112 -0.47 0.93 9.13
N ILE B 113 -0.42 2.12 8.52
CA ILE B 113 0.85 2.74 8.15
C ILE B 113 1.68 3.03 9.40
N ARG B 114 1.04 3.63 10.40
CA ARG B 114 1.71 3.94 11.66
C ARG B 114 2.23 2.66 12.31
N GLY B 115 1.40 1.61 12.27
CA GLY B 115 1.79 0.33 12.83
C GLY B 115 2.97 -0.28 12.11
N ALA B 116 3.00 -0.11 10.78
CA ALA B 116 4.09 -0.63 9.96
C ALA B 116 5.44 -0.09 10.44
N ALA B 117 5.45 1.20 10.82
CA ALA B 117 6.67 1.84 11.31
C ALA B 117 7.00 1.38 12.72
N ASP B 118 7.72 0.25 12.81
CA ASP B 118 8.12 -0.29 14.10
C ASP B 118 9.34 0.45 14.67
N GLY B 119 10.07 1.15 13.81
CA GLY B 119 11.24 1.89 14.24
C GLY B 119 12.55 1.16 13.97
N SER B 120 12.46 -0.12 13.64
CA SER B 120 13.65 -0.92 13.35
C SER B 120 14.29 -0.51 12.03
N ARG B 121 13.54 -0.73 10.95
CA ARG B 121 13.99 -0.38 9.61
C ARG B 121 13.06 0.63 8.92
N PHE B 122 11.83 0.75 9.41
CA PHE B 122 10.86 1.68 8.83
C PHE B 122 10.66 2.89 9.74
N GLN B 123 11.00 4.07 9.23
CA GLN B 123 10.87 5.31 9.99
C GLN B 123 9.96 6.30 9.27
N VAL B 124 9.33 7.20 10.03
CA VAL B 124 8.43 8.21 9.46
C VAL B 124 8.71 9.59 10.04
N TRP B 125 9.40 10.43 9.26
CA TRP B 125 9.73 11.78 9.69
C TRP B 125 8.70 12.79 9.16
N ASP B 126 8.52 13.87 9.92
CA ASP B 126 7.59 14.92 9.55
C ASP B 126 8.33 16.16 9.06
N TYR B 127 8.11 16.51 7.80
CA TYR B 127 8.77 17.67 7.20
C TYR B 127 7.77 18.79 6.87
N ALA B 128 8.04 19.98 7.38
CA ALA B 128 7.18 21.13 7.13
C ALA B 128 7.68 21.91 5.93
N GLU B 129 6.79 22.12 4.95
CA GLU B 129 7.12 22.84 3.71
C GLU B 129 8.38 23.68 3.83
N GLY B 130 9.51 23.05 3.52
CA GLY B 130 10.81 23.69 3.61
C GLY B 130 11.81 22.83 4.34
N GLU B 131 11.32 21.78 5.02
CA GLU B 131 12.17 20.86 5.77
C GLU B 131 12.42 19.56 4.99
N VAL B 132 11.72 19.38 3.86
CA VAL B 132 11.87 18.18 3.03
C VAL B 132 13.33 18.00 2.58
N GLU B 133 14.00 19.11 2.31
CA GLU B 133 15.39 19.11 1.88
C GLU B 133 16.30 18.73 3.05
N THR B 134 15.97 19.24 4.24
CA THR B 134 16.76 18.96 5.44
C THR B 134 16.59 17.51 5.87
N MET B 135 15.36 16.99 5.74
CA MET B 135 15.05 15.62 6.12
C MET B 135 15.69 14.61 5.16
N LEU B 136 15.71 14.96 3.87
CA LEU B 136 16.30 14.09 2.85
C LEU B 136 17.81 14.05 2.98
N ASP B 137 18.42 15.19 3.30
CA ASP B 137 19.87 15.27 3.45
C ASP B 137 20.31 14.60 4.75
N ARG B 138 19.50 14.77 5.80
CA ARG B 138 19.82 14.19 7.11
C ARG B 138 19.58 12.68 7.10
N TYR B 139 18.59 12.24 6.33
CA TYR B 139 18.27 10.83 6.22
C TYR B 139 19.38 10.06 5.50
N PHE B 140 19.93 10.67 4.45
CA PHE B 140 21.01 10.05 3.69
C PHE B 140 22.34 10.12 4.45
N GLU B 141 22.54 11.22 5.19
CA GLU B 141 23.75 11.42 5.96
C GLU B 141 23.75 10.54 7.21
N ALA B 142 22.57 10.39 7.83
CA ALA B 142 22.44 9.57 9.03
C ALA B 142 22.53 8.08 8.69
N TYR B 143 22.09 7.72 7.49
CA TYR B 143 22.11 6.33 7.05
C TYR B 143 23.53 5.87 6.81
N LEU B 144 24.35 6.74 6.20
CA LEU B 144 25.75 6.43 5.92
C LEU B 144 26.52 6.24 7.23
N VAL B 145 26.23 7.10 8.21
CA VAL B 145 26.88 7.03 9.51
C VAL B 145 26.43 5.79 10.28
N GLU B 146 25.16 5.45 10.14
CA GLU B 146 24.59 4.28 10.83
C GLU B 146 25.21 2.98 10.30
N HIS B 147 25.49 2.94 8.99
CA HIS B 147 26.08 1.77 8.36
C HIS B 147 27.44 1.44 8.96
N HIS B 148 28.20 2.48 9.34
CA HIS B 148 29.53 2.29 9.92
C HIS B 148 29.46 2.29 11.45
N HIS B 149 29.12 3.44 12.03
CA HIS B 149 29.04 3.58 13.49
C HIS B 149 27.58 3.51 13.96
N HIS B 150 27.41 3.33 15.28
CA HIS B 150 26.08 3.25 15.87
C HIS B 150 25.81 4.45 16.78
N HIS B 151 24.52 4.70 17.05
CA HIS B 151 24.11 5.82 17.91
C HIS B 151 24.35 7.17 17.22
N HIS B 152 25.61 7.61 17.18
CA HIS B 152 25.99 8.88 16.56
C HIS B 152 25.51 10.06 17.41
N MET A 1 -6.82 -27.71 2.65
CA MET A 1 -8.18 -27.29 2.18
C MET A 1 -8.81 -26.30 3.17
N ARG A 2 -8.34 -25.06 3.11
CA ARG A 2 -8.86 -24.00 3.98
C ARG A 2 -9.00 -22.68 3.23
N ARG A 3 -10.21 -22.11 3.27
CA ARG A 3 -10.49 -20.85 2.59
C ARG A 3 -10.43 -19.69 3.58
N SER A 4 -9.75 -18.62 3.19
CA SER A 4 -9.60 -17.44 4.04
C SER A 4 -9.70 -16.15 3.22
N VAL A 5 -10.67 -15.31 3.56
CA VAL A 5 -10.86 -14.04 2.85
C VAL A 5 -10.64 -12.85 3.79
N TYR A 6 -9.71 -11.98 3.43
CA TYR A 6 -9.40 -10.81 4.24
C TYR A 6 -10.04 -9.56 3.63
N PHE A 7 -10.97 -8.95 4.38
CA PHE A 7 -11.66 -7.75 3.92
C PHE A 7 -10.94 -6.50 4.42
N CYS A 8 -10.61 -5.60 3.48
CA CYS A 8 -9.91 -4.37 3.81
C CYS A 8 -10.80 -3.15 3.60
N GLY A 9 -11.29 -2.59 4.70
CA GLY A 9 -12.16 -1.43 4.64
C GLY A 9 -11.76 -0.39 5.69
N SER A 10 -10.95 0.58 5.27
CA SER A 10 -10.45 1.65 6.16
C SER A 10 -11.41 1.93 7.30
N ILE A 11 -10.97 1.63 8.53
CA ILE A 11 -11.78 1.85 9.69
C ILE A 11 -11.44 3.19 10.34
N ARG A 12 -10.15 3.49 10.40
CA ARG A 12 -9.66 4.75 10.97
C ARG A 12 -10.29 4.99 12.35
N GLY A 13 -10.47 3.89 13.10
CA GLY A 13 -11.08 3.97 14.41
C GLY A 13 -12.50 4.49 14.33
N GLY A 14 -13.18 4.25 13.20
CA GLY A 14 -14.53 4.73 13.04
C GLY A 14 -15.58 3.72 13.49
N ARG A 15 -16.75 4.24 13.83
CA ARG A 15 -17.87 3.41 14.27
C ARG A 15 -18.91 3.26 13.16
N GLU A 16 -18.53 3.59 11.93
CA GLU A 16 -19.43 3.49 10.79
C GLU A 16 -19.09 2.28 9.92
N ASP A 17 -17.81 1.92 9.90
CA ASP A 17 -17.33 0.78 9.13
C ASP A 17 -17.51 -0.52 9.92
N GLN A 18 -17.55 -0.41 11.25
CA GLN A 18 -17.73 -1.58 12.11
C GLN A 18 -19.00 -2.33 11.74
N ALA A 19 -20.05 -1.58 11.39
CA ALA A 19 -21.33 -2.19 10.99
C ALA A 19 -21.15 -2.96 9.67
N LEU A 20 -20.40 -2.36 8.74
CA LEU A 20 -20.12 -3.00 7.46
C LEU A 20 -19.25 -4.23 7.66
N TYR A 21 -18.31 -4.14 8.60
CA TYR A 21 -17.40 -5.23 8.92
C TYR A 21 -18.15 -6.44 9.47
N ALA A 22 -19.15 -6.18 10.32
CA ALA A 22 -19.93 -7.26 10.91
C ALA A 22 -20.75 -7.99 9.85
N ARG A 23 -21.29 -7.24 8.90
CA ARG A 23 -22.09 -7.81 7.82
C ARG A 23 -21.21 -8.55 6.80
N ILE A 24 -20.01 -8.02 6.53
CA ILE A 24 -19.10 -8.64 5.57
C ILE A 24 -18.42 -9.86 6.19
N VAL A 25 -18.17 -9.80 7.50
CA VAL A 25 -17.54 -10.91 8.21
C VAL A 25 -18.44 -12.15 8.20
N SER A 26 -19.75 -11.94 8.37
CA SER A 26 -20.70 -13.05 8.37
C SER A 26 -20.75 -13.73 7.00
N ARG A 27 -20.70 -12.92 5.94
CA ARG A 27 -20.73 -13.44 4.58
C ARG A 27 -19.41 -14.13 4.22
N LEU A 28 -18.30 -13.57 4.71
CA LEU A 28 -16.97 -14.13 4.47
C LEU A 28 -16.79 -15.47 5.16
N ARG A 29 -17.31 -15.58 6.39
CA ARG A 29 -17.21 -16.81 7.16
C ARG A 29 -18.08 -17.92 6.56
N ARG A 30 -19.19 -17.51 5.95
CA ARG A 30 -20.12 -18.46 5.32
C ARG A 30 -19.43 -19.25 4.20
N TYR A 31 -18.44 -18.64 3.55
CA TYR A 31 -17.72 -19.30 2.47
C TYR A 31 -16.56 -20.13 3.02
N GLY A 32 -15.67 -19.48 3.78
CA GLY A 32 -14.54 -20.18 4.35
C GLY A 32 -14.18 -19.68 5.73
N LYS A 33 -13.28 -18.70 5.79
CA LYS A 33 -12.84 -18.12 7.05
C LYS A 33 -12.53 -16.63 6.90
N VAL A 34 -13.02 -15.83 7.84
CA VAL A 34 -12.79 -14.39 7.81
C VAL A 34 -11.43 -14.06 8.45
N LEU A 35 -10.70 -13.14 7.83
CA LEU A 35 -9.38 -12.75 8.34
C LEU A 35 -9.41 -11.37 9.00
N THR A 36 -10.57 -10.73 9.04
CA THR A 36 -10.70 -9.41 9.66
C THR A 36 -11.53 -9.50 10.95
N GLU A 37 -11.20 -10.50 11.78
CA GLU A 37 -11.90 -10.70 13.05
C GLU A 37 -11.20 -9.92 14.16
N HIS A 38 -11.64 -8.68 14.38
CA HIS A 38 -11.08 -7.81 15.40
C HIS A 38 -11.76 -6.44 15.39
N VAL A 39 -11.99 -5.90 14.18
CA VAL A 39 -12.63 -4.60 14.01
C VAL A 39 -13.96 -4.54 14.76
N ALA A 40 -14.62 -5.70 14.93
CA ALA A 40 -15.89 -5.78 15.63
C ALA A 40 -15.78 -6.72 16.84
N ASP A 41 -14.76 -6.50 17.68
CA ASP A 41 -14.54 -7.35 18.86
C ASP A 41 -15.44 -6.91 20.02
N ALA A 42 -16.10 -7.89 20.66
CA ALA A 42 -16.98 -7.61 21.79
C ALA A 42 -16.56 -8.43 23.00
N GLU A 43 -15.31 -8.22 23.41
CA GLU A 43 -14.72 -8.91 24.56
C GLU A 43 -13.23 -8.56 24.65
N LEU A 44 -12.93 -7.31 24.97
CA LEU A 44 -11.55 -6.84 25.08
C LEU A 44 -10.69 -7.81 25.90
N GLU A 45 -9.88 -8.61 25.20
CA GLU A 45 -9.01 -9.59 25.85
C GLU A 45 -8.10 -8.95 26.90
N PRO A 46 -8.38 -9.20 28.19
CA PRO A 46 -7.60 -8.66 29.30
C PRO A 46 -6.23 -9.32 29.45
N LEU A 47 -5.59 -9.08 30.58
CA LEU A 47 -4.27 -9.64 30.91
C LEU A 47 -3.18 -9.02 30.03
N GLY A 48 -1.96 -8.95 30.57
CA GLY A 48 -0.84 -8.39 29.84
C GLY A 48 -0.35 -7.08 30.45
N GLU A 49 0.96 -6.87 30.41
CA GLU A 49 1.57 -5.66 30.94
C GLU A 49 2.92 -5.38 30.27
N GLU A 50 3.41 -4.15 30.43
CA GLU A 50 4.68 -3.72 29.84
C GLU A 50 4.57 -3.55 28.33
N ALA A 51 5.52 -2.80 27.74
CA ALA A 51 5.54 -2.54 26.31
C ALA A 51 4.30 -1.76 25.86
N ALA A 52 4.39 -0.44 25.93
CA ALA A 52 3.29 0.43 25.54
C ALA A 52 3.20 0.58 24.03
N GLY A 53 1.98 0.44 23.49
CA GLY A 53 1.78 0.56 22.06
C GLY A 53 1.11 -0.66 21.46
N GLY A 54 0.19 -0.43 20.51
CA GLY A 54 -0.52 -1.51 19.87
C GLY A 54 -0.49 -1.44 18.35
N ASP A 55 -0.01 -0.33 17.79
CA ASP A 55 0.05 -0.14 16.34
C ASP A 55 0.87 -1.25 15.68
N GLN A 56 2.06 -1.51 16.23
CA GLN A 56 2.94 -2.56 15.70
C GLN A 56 2.23 -3.91 15.68
N PHE A 57 1.39 -4.15 16.68
CA PHE A 57 0.64 -5.40 16.77
C PHE A 57 -0.42 -5.47 15.67
N ILE A 58 -1.03 -4.31 15.37
CA ILE A 58 -2.05 -4.22 14.33
C ILE A 58 -1.49 -4.66 12.99
N HIS A 59 -0.28 -4.18 12.67
CA HIS A 59 0.38 -4.52 11.43
C HIS A 59 0.74 -6.00 11.36
N GLU A 60 1.18 -6.54 12.50
CA GLU A 60 1.55 -7.95 12.57
C GLU A 60 0.33 -8.85 12.39
N GLN A 61 -0.80 -8.45 12.99
CA GLN A 61 -2.03 -9.21 12.88
C GLN A 61 -2.47 -9.34 11.43
N ALA A 62 -2.38 -8.23 10.68
CA ALA A 62 -2.77 -8.22 9.27
C ALA A 62 -1.81 -9.08 8.44
N LEU A 63 -0.52 -9.04 8.80
CA LEU A 63 0.49 -9.82 8.08
C LEU A 63 0.28 -11.31 8.26
N ASN A 64 -0.09 -11.73 9.47
CA ASN A 64 -0.33 -13.13 9.77
C ASN A 64 -1.61 -13.62 9.10
N TRP A 65 -2.62 -12.76 9.06
CA TRP A 65 -3.90 -13.10 8.45
C TRP A 65 -3.77 -13.24 6.93
N LEU A 66 -2.97 -12.35 6.32
CA LEU A 66 -2.77 -12.38 4.87
C LEU A 66 -1.95 -13.59 4.45
N GLN A 67 -1.08 -14.08 5.35
CA GLN A 67 -0.25 -15.24 5.06
C GLN A 67 -1.13 -16.44 4.66
N GLN A 68 -2.22 -16.64 5.39
CA GLN A 68 -3.16 -17.72 5.11
C GLN A 68 -4.27 -17.27 4.16
N ALA A 69 -4.44 -15.95 4.01
CA ALA A 69 -5.48 -15.38 3.14
C ALA A 69 -5.39 -15.92 1.71
N ASP A 70 -6.41 -16.67 1.33
CA ASP A 70 -6.49 -17.23 -0.03
C ASP A 70 -6.90 -16.14 -1.01
N VAL A 71 -7.62 -15.13 -0.51
CA VAL A 71 -8.07 -14.01 -1.33
C VAL A 71 -8.33 -12.78 -0.47
N VAL A 72 -7.95 -11.61 -0.98
CA VAL A 72 -8.15 -10.36 -0.25
C VAL A 72 -9.13 -9.46 -1.01
N VAL A 73 -10.16 -9.01 -0.29
CA VAL A 73 -11.17 -8.13 -0.88
C VAL A 73 -11.16 -6.77 -0.19
N ALA A 74 -11.25 -5.69 -0.97
CA ALA A 74 -11.22 -4.34 -0.43
C ALA A 74 -12.45 -3.54 -0.84
N GLU A 75 -12.91 -2.68 0.06
CA GLU A 75 -14.09 -1.83 -0.20
C GLU A 75 -13.88 -0.43 0.37
N VAL A 76 -13.55 0.52 -0.52
CA VAL A 76 -13.32 1.90 -0.10
C VAL A 76 -13.87 2.89 -1.13
N THR A 77 -14.43 4.00 -0.65
CA THR A 77 -14.99 5.02 -1.53
C THR A 77 -14.11 6.26 -1.58
N GLN A 78 -12.81 6.09 -1.29
CA GLN A 78 -11.86 7.21 -1.31
C GLN A 78 -10.43 6.72 -1.12
N PRO A 79 -9.44 7.50 -1.59
CA PRO A 79 -8.02 7.14 -1.48
C PRO A 79 -7.58 6.96 -0.02
N SER A 80 -7.50 5.71 0.42
CA SER A 80 -7.10 5.38 1.78
C SER A 80 -5.64 4.95 1.83
N LEU A 81 -4.88 5.57 2.74
CA LEU A 81 -3.46 5.27 2.89
C LEU A 81 -3.26 3.89 3.54
N GLY A 82 -3.93 3.67 4.68
CA GLY A 82 -3.82 2.40 5.37
C GLY A 82 -4.31 1.23 4.55
N VAL A 83 -5.43 1.43 3.86
CA VAL A 83 -6.01 0.39 3.01
C VAL A 83 -5.15 0.17 1.77
N GLY A 84 -4.65 1.26 1.18
CA GLY A 84 -3.79 1.16 0.01
C GLY A 84 -2.55 0.35 0.31
N TYR A 85 -2.01 0.56 1.51
CA TYR A 85 -0.82 -0.16 1.97
C TYR A 85 -1.12 -1.65 2.11
N GLU A 86 -2.26 -1.97 2.73
CA GLU A 86 -2.68 -3.36 2.91
C GLU A 86 -2.89 -4.04 1.56
N LEU A 87 -3.43 -3.29 0.60
CA LEU A 87 -3.67 -3.82 -0.74
C LEU A 87 -2.34 -4.16 -1.42
N GLY A 88 -1.35 -3.29 -1.24
CA GLY A 88 -0.03 -3.52 -1.82
C GLY A 88 0.62 -4.76 -1.25
N ARG A 89 0.47 -4.95 0.06
CA ARG A 89 1.02 -6.12 0.74
C ARG A 89 0.32 -7.39 0.30
N ALA A 90 -0.99 -7.28 0.04
CA ALA A 90 -1.79 -8.43 -0.38
C ALA A 90 -1.40 -8.92 -1.77
N VAL A 91 -1.07 -8.00 -2.67
CA VAL A 91 -0.67 -8.37 -4.02
C VAL A 91 0.76 -8.92 -4.04
N ALA A 92 1.62 -8.38 -3.19
CA ALA A 92 3.01 -8.82 -3.11
C ALA A 92 3.13 -10.16 -2.36
N LEU A 93 2.27 -10.34 -1.34
CA LEU A 93 2.28 -11.56 -0.55
C LEU A 93 1.39 -12.63 -1.17
N GLY A 94 0.13 -12.28 -1.44
CA GLY A 94 -0.80 -13.22 -2.04
C GLY A 94 -0.84 -13.14 -3.55
N LYS A 95 -2.04 -13.05 -4.11
CA LYS A 95 -2.21 -12.97 -5.57
C LYS A 95 -3.60 -12.45 -5.94
N PRO A 96 -4.67 -13.20 -5.60
CA PRO A 96 -6.04 -12.80 -5.94
C PRO A 96 -6.56 -11.68 -5.04
N ILE A 97 -6.47 -10.45 -5.54
CA ILE A 97 -6.92 -9.27 -4.80
C ILE A 97 -8.17 -8.66 -5.43
N LEU A 98 -9.02 -8.07 -4.60
CA LEU A 98 -10.24 -7.43 -5.05
C LEU A 98 -10.33 -6.00 -4.52
N CYS A 99 -10.82 -5.09 -5.35
CA CYS A 99 -10.96 -3.68 -4.95
C CYS A 99 -12.34 -3.15 -5.32
N LEU A 100 -12.97 -2.46 -4.38
CA LEU A 100 -14.31 -1.90 -4.60
C LEU A 100 -14.31 -0.39 -4.41
N PHE A 101 -14.34 0.35 -5.52
CA PHE A 101 -14.36 1.80 -5.49
C PHE A 101 -15.69 2.34 -5.99
N ARG A 102 -16.30 3.23 -5.22
CA ARG A 102 -17.59 3.83 -5.59
C ARG A 102 -17.43 4.77 -6.78
N PRO A 103 -18.10 4.44 -7.92
CA PRO A 103 -18.04 5.26 -9.13
C PRO A 103 -18.96 6.49 -9.02
N GLN A 104 -18.58 7.41 -8.13
CA GLN A 104 -19.35 8.65 -7.89
C GLN A 104 -19.00 9.29 -6.53
N SER A 105 -18.27 8.58 -5.66
CA SER A 105 -17.90 9.10 -4.35
C SER A 105 -17.31 10.51 -4.44
N GLY A 106 -16.63 10.80 -5.56
CA GLY A 106 -16.02 12.09 -5.75
C GLY A 106 -14.51 12.02 -5.80
N ARG A 107 -13.94 11.13 -4.98
CA ARG A 107 -12.51 10.96 -4.93
C ARG A 107 -12.05 10.02 -6.04
N VAL A 108 -10.77 9.70 -6.02
CA VAL A 108 -10.17 8.82 -7.01
C VAL A 108 -8.93 8.12 -6.45
N LEU A 109 -8.49 7.06 -7.13
CA LEU A 109 -7.33 6.31 -6.70
C LEU A 109 -6.04 6.96 -7.26
N SER A 110 -5.32 6.25 -8.15
CA SER A 110 -4.09 6.79 -8.72
C SER A 110 -3.53 5.86 -9.80
N ALA A 111 -2.44 6.30 -10.45
CA ALA A 111 -1.78 5.53 -11.49
C ALA A 111 -1.21 4.22 -10.94
N MET A 112 -0.64 4.28 -9.74
CA MET A 112 -0.07 3.10 -9.10
C MET A 112 -1.12 2.02 -8.91
N ILE A 113 -2.30 2.41 -8.41
CA ILE A 113 -3.39 1.48 -8.19
C ILE A 113 -3.94 0.93 -9.52
N ARG A 114 -4.11 1.83 -10.49
CA ARG A 114 -4.61 1.45 -11.82
C ARG A 114 -3.67 0.43 -12.45
N GLY A 115 -2.36 0.68 -12.33
CA GLY A 115 -1.36 -0.22 -12.87
C GLY A 115 -1.40 -1.58 -12.19
N ALA A 116 -1.63 -1.58 -10.88
CA ALA A 116 -1.71 -2.80 -10.10
C ALA A 116 -2.79 -3.72 -10.66
N ALA A 117 -3.93 -3.12 -11.05
CA ALA A 117 -5.04 -3.88 -11.61
C ALA A 117 -4.80 -4.18 -13.08
N ASP A 118 -3.93 -5.16 -13.34
CA ASP A 118 -3.60 -5.55 -14.72
C ASP A 118 -4.66 -6.50 -15.29
N GLY A 119 -5.47 -7.09 -14.41
CA GLY A 119 -6.52 -8.01 -14.84
C GLY A 119 -6.19 -9.47 -14.56
N SER A 120 -4.96 -9.76 -14.14
CA SER A 120 -4.54 -11.13 -13.86
C SER A 120 -5.27 -11.67 -12.63
N ARG A 121 -4.82 -11.25 -11.45
CA ARG A 121 -5.42 -11.70 -10.19
C ARG A 121 -6.02 -10.53 -9.42
N PHE A 122 -5.83 -9.30 -9.90
CA PHE A 122 -6.37 -8.12 -9.24
C PHE A 122 -7.56 -7.54 -10.02
N GLN A 123 -8.71 -7.46 -9.35
CA GLN A 123 -9.91 -6.92 -9.97
C GLN A 123 -10.41 -5.70 -9.19
N VAL A 124 -10.86 -4.67 -9.91
CA VAL A 124 -11.34 -3.45 -9.28
C VAL A 124 -12.76 -3.12 -9.73
N TRP A 125 -13.75 -3.61 -8.98
CA TRP A 125 -15.15 -3.37 -9.30
C TRP A 125 -15.65 -2.07 -8.69
N ASP A 126 -16.63 -1.47 -9.35
CA ASP A 126 -17.21 -0.21 -8.88
C ASP A 126 -18.59 -0.43 -8.27
N TYR A 127 -18.77 -0.01 -7.02
CA TYR A 127 -20.05 -0.16 -6.33
C TYR A 127 -20.62 1.20 -5.93
N ALA A 128 -21.77 1.53 -6.51
CA ALA A 128 -22.43 2.81 -6.22
C ALA A 128 -23.44 2.67 -5.09
N GLU A 129 -22.98 2.93 -3.86
CA GLU A 129 -23.81 2.85 -2.66
C GLU A 129 -24.63 1.59 -2.59
N GLY A 130 -25.84 1.68 -3.06
CA GLY A 130 -26.76 0.56 -3.07
C GLY A 130 -26.23 -0.63 -3.87
N GLU A 131 -25.06 -0.48 -4.50
CA GLU A 131 -24.48 -1.56 -5.29
C GLU A 131 -23.40 -2.31 -4.50
N VAL A 132 -23.21 -1.95 -3.23
CA VAL A 132 -22.21 -2.60 -2.38
C VAL A 132 -22.63 -4.04 -2.07
N GLU A 133 -23.94 -4.25 -1.91
CA GLU A 133 -24.48 -5.58 -1.62
C GLU A 133 -24.42 -6.45 -2.88
N THR A 134 -24.70 -5.84 -4.02
CA THR A 134 -24.68 -6.54 -5.31
C THR A 134 -23.26 -6.93 -5.68
N MET A 135 -22.31 -6.03 -5.41
CA MET A 135 -20.90 -6.28 -5.71
C MET A 135 -20.32 -7.36 -4.81
N LEU A 136 -20.74 -7.38 -3.55
CA LEU A 136 -20.27 -8.37 -2.60
C LEU A 136 -20.84 -9.75 -2.91
N ASP A 137 -22.10 -9.78 -3.32
CA ASP A 137 -22.76 -11.04 -3.68
C ASP A 137 -22.25 -11.57 -5.01
N ARG A 138 -21.99 -10.66 -5.94
CA ARG A 138 -21.50 -11.03 -7.27
C ARG A 138 -20.06 -11.53 -7.22
N TYR A 139 -19.26 -10.92 -6.33
CA TYR A 139 -17.86 -11.30 -6.19
C TYR A 139 -17.73 -12.70 -5.57
N PHE A 140 -18.58 -12.99 -4.60
CA PHE A 140 -18.57 -14.30 -3.94
C PHE A 140 -19.24 -15.35 -4.83
N GLU A 141 -20.28 -14.93 -5.57
CA GLU A 141 -21.00 -15.84 -6.47
C GLU A 141 -20.15 -16.18 -7.68
N ALA A 142 -19.42 -15.18 -8.20
CA ALA A 142 -18.57 -15.38 -9.36
C ALA A 142 -17.34 -16.22 -9.00
N TYR A 143 -16.86 -16.07 -7.76
CA TYR A 143 -15.70 -16.80 -7.28
C TYR A 143 -16.02 -18.28 -7.17
N LEU A 144 -17.21 -18.59 -6.65
CA LEU A 144 -17.65 -19.98 -6.48
C LEU A 144 -17.88 -20.64 -7.84
N VAL A 145 -18.42 -19.87 -8.79
CA VAL A 145 -18.70 -20.39 -10.13
C VAL A 145 -17.39 -20.71 -10.87
N GLU A 146 -16.39 -19.84 -10.70
CA GLU A 146 -15.10 -20.03 -11.34
C GLU A 146 -14.29 -21.12 -10.64
N HIS A 147 -14.46 -21.22 -9.32
CA HIS A 147 -13.73 -22.21 -8.52
C HIS A 147 -12.22 -21.92 -8.50
N HIS A 148 -11.85 -20.70 -8.87
CA HIS A 148 -10.45 -20.28 -8.90
C HIS A 148 -10.31 -18.84 -9.39
N HIS A 149 -9.08 -18.33 -9.42
CA HIS A 149 -8.82 -16.97 -9.87
C HIS A 149 -7.81 -16.96 -11.02
N HIS A 150 -8.29 -16.62 -12.22
CA HIS A 150 -7.43 -16.58 -13.40
C HIS A 150 -8.01 -15.63 -14.46
N HIS A 151 -8.15 -14.36 -14.10
CA HIS A 151 -8.68 -13.35 -15.01
C HIS A 151 -7.60 -12.87 -15.98
N HIS A 152 -8.03 -12.16 -17.02
CA HIS A 152 -7.10 -11.63 -18.03
C HIS A 152 -6.83 -10.15 -17.82
N MET B 1 27.67 -5.87 -4.53
CA MET B 1 27.94 -4.51 -3.96
C MET B 1 27.28 -3.43 -4.83
N ARG B 2 25.96 -3.30 -4.70
CA ARG B 2 25.20 -2.31 -5.46
C ARG B 2 24.13 -1.66 -4.59
N ARG B 3 24.15 -0.33 -4.52
CA ARG B 3 23.18 0.42 -3.73
C ARG B 3 22.06 0.96 -4.63
N SER B 4 20.82 0.79 -4.18
CA SER B 4 19.67 1.24 -4.95
C SER B 4 18.59 1.83 -4.03
N VAL B 5 18.25 3.11 -4.24
CA VAL B 5 17.25 3.77 -3.43
C VAL B 5 16.04 4.18 -4.28
N TYR B 6 14.85 3.69 -3.90
CA TYR B 6 13.63 4.00 -4.62
C TYR B 6 12.82 5.08 -3.89
N PHE B 7 12.67 6.24 -4.53
CA PHE B 7 11.91 7.35 -3.94
C PHE B 7 10.45 7.29 -4.37
N CYS B 8 9.55 7.31 -3.38
CA CYS B 8 8.12 7.25 -3.66
C CYS B 8 7.43 8.57 -3.29
N GLY B 9 7.10 9.35 -4.33
CA GLY B 9 6.44 10.63 -4.13
C GLY B 9 5.29 10.82 -5.10
N SER B 10 4.08 10.47 -4.65
CA SER B 10 2.86 10.58 -5.47
C SER B 10 2.98 11.65 -6.55
N ILE B 11 2.99 11.23 -7.81
CA ILE B 11 3.10 12.15 -8.91
C ILE B 11 1.72 12.48 -9.46
N ARG B 12 0.86 11.47 -9.57
CA ARG B 12 -0.50 11.63 -10.06
C ARG B 12 -0.50 12.40 -11.38
N GLY B 13 0.52 12.13 -12.20
CA GLY B 13 0.66 12.83 -13.47
C GLY B 13 0.83 14.32 -13.28
N GLY B 14 1.39 14.74 -12.14
CA GLY B 14 1.58 16.13 -11.86
C GLY B 14 2.92 16.67 -12.34
N ARG B 15 2.96 17.98 -12.58
CA ARG B 15 4.18 18.64 -13.03
C ARG B 15 4.83 19.43 -11.89
N GLU B 16 4.43 19.12 -10.65
CA GLU B 16 4.97 19.80 -9.48
C GLU B 16 5.95 18.89 -8.74
N ASP B 17 5.69 17.58 -8.80
CA ASP B 17 6.54 16.59 -8.15
C ASP B 17 7.75 16.25 -9.03
N GLN B 18 7.60 16.43 -10.35
CA GLN B 18 8.68 16.15 -11.29
C GLN B 18 9.94 16.93 -10.92
N ALA B 19 9.76 18.16 -10.46
CA ALA B 19 10.88 19.01 -10.03
C ALA B 19 11.56 18.40 -8.80
N LEU B 20 10.74 17.92 -7.87
CA LEU B 20 11.25 17.29 -6.65
C LEU B 20 11.95 15.98 -6.99
N TYR B 21 11.41 15.25 -7.98
CA TYR B 21 11.97 13.99 -8.42
C TYR B 21 13.35 14.17 -9.04
N ALA B 22 13.53 15.24 -9.81
CA ALA B 22 14.81 15.53 -10.44
C ALA B 22 15.88 15.84 -9.40
N ARG B 23 15.49 16.59 -8.36
CA ARG B 23 16.42 16.95 -7.30
C ARG B 23 16.73 15.76 -6.38
N ILE B 24 15.73 14.91 -6.14
CA ILE B 24 15.94 13.74 -5.28
C ILE B 24 16.70 12.64 -6.03
N VAL B 25 16.48 12.56 -7.34
CA VAL B 25 17.15 11.56 -8.17
C VAL B 25 18.65 11.81 -8.21
N SER B 26 19.04 13.09 -8.30
CA SER B 26 20.45 13.46 -8.34
C SER B 26 21.15 13.10 -7.03
N ARG B 27 20.46 13.32 -5.91
CA ARG B 27 21.00 13.00 -4.59
C ARG B 27 21.05 11.48 -4.36
N LEU B 28 20.04 10.79 -4.86
CA LEU B 28 19.95 9.33 -4.73
C LEU B 28 21.04 8.63 -5.54
N ARG B 29 21.30 9.15 -6.74
CA ARG B 29 22.33 8.58 -7.62
C ARG B 29 23.73 8.82 -7.05
N ARG B 30 23.89 9.95 -6.37
CA ARG B 30 25.19 10.31 -5.76
C ARG B 30 25.64 9.26 -4.75
N TYR B 31 24.69 8.58 -4.10
CA TYR B 31 25.01 7.56 -3.12
C TYR B 31 25.21 6.21 -3.79
N GLY B 32 24.21 5.76 -4.55
CA GLY B 32 24.29 4.48 -5.23
C GLY B 32 23.62 4.50 -6.58
N LYS B 33 22.34 4.13 -6.60
CA LYS B 33 21.56 4.09 -7.84
C LYS B 33 20.10 4.45 -7.58
N VAL B 34 19.55 5.32 -8.43
CA VAL B 34 18.17 5.74 -8.30
C VAL B 34 17.23 4.73 -8.97
N LEU B 35 16.11 4.42 -8.31
CA LEU B 35 15.16 3.46 -8.85
C LEU B 35 13.90 4.15 -9.41
N THR B 36 13.85 5.48 -9.33
CA THR B 36 12.69 6.22 -9.84
C THR B 36 13.07 7.02 -11.08
N GLU B 37 13.78 6.37 -12.00
CA GLU B 37 14.21 6.99 -13.25
C GLU B 37 13.15 6.80 -14.33
N HIS B 38 12.23 7.77 -14.42
CA HIS B 38 11.13 7.72 -15.39
C HIS B 38 10.22 8.95 -15.24
N VAL B 39 9.91 9.29 -13.99
CA VAL B 39 9.03 10.42 -13.68
C VAL B 39 9.53 11.70 -14.36
N ALA B 40 10.85 11.78 -14.58
CA ALA B 40 11.45 12.94 -15.23
C ALA B 40 12.19 12.53 -16.51
N ASP B 41 11.50 11.78 -17.38
CA ASP B 41 12.10 11.31 -18.64
C ASP B 41 12.05 12.41 -19.72
N ALA B 42 13.18 12.61 -20.38
CA ALA B 42 13.27 13.61 -21.44
C ALA B 42 13.76 12.98 -22.74
N GLU B 43 12.99 11.98 -23.19
CA GLU B 43 13.28 11.25 -24.42
C GLU B 43 12.32 10.07 -24.56
N LEU B 44 11.05 10.38 -24.79
CA LEU B 44 10.00 9.36 -24.93
C LEU B 44 10.44 8.24 -25.88
N GLU B 45 10.85 7.11 -25.29
CA GLU B 45 11.30 5.95 -26.06
C GLU B 45 10.27 5.50 -27.09
N PRO B 46 10.56 5.74 -28.39
CA PRO B 46 9.67 5.37 -29.49
C PRO B 46 9.64 3.86 -29.75
N LEU B 47 9.09 3.50 -30.90
CA LEU B 47 8.98 2.10 -31.33
C LEU B 47 7.99 1.32 -30.47
N GLY B 48 7.36 0.30 -31.07
CA GLY B 48 6.40 -0.50 -30.35
C GLY B 48 4.98 -0.32 -30.86
N GLU B 49 4.21 -1.41 -30.88
CA GLU B 49 2.83 -1.38 -31.35
C GLU B 49 2.01 -2.52 -30.73
N GLU B 50 0.69 -2.39 -30.81
CA GLU B 50 -0.24 -3.40 -30.26
C GLU B 50 -0.27 -3.34 -28.72
N ALA B 51 -1.32 -3.91 -28.14
CA ALA B 51 -1.49 -3.94 -26.69
C ALA B 51 -1.62 -2.52 -26.12
N ALA B 52 -2.85 -2.01 -26.08
CA ALA B 52 -3.11 -0.67 -25.57
C ALA B 52 -3.13 -0.64 -24.05
N GLY B 53 -2.44 0.33 -23.46
CA GLY B 53 -2.39 0.46 -22.02
C GLY B 53 -0.96 0.46 -21.48
N GLY B 54 -0.72 1.31 -20.48
CA GLY B 54 0.59 1.42 -19.88
C GLY B 54 0.59 1.31 -18.37
N ASP B 55 -0.59 1.32 -17.75
CA ASP B 55 -0.71 1.22 -16.29
C ASP B 55 -0.05 -0.06 -15.77
N GLN B 56 -0.37 -1.19 -16.39
CA GLN B 56 0.19 -2.48 -15.99
C GLN B 56 1.73 -2.44 -16.04
N PHE B 57 2.27 -1.72 -17.03
CA PHE B 57 3.72 -1.58 -17.17
C PHE B 57 4.30 -0.76 -16.02
N ILE B 58 3.55 0.28 -15.60
CA ILE B 58 3.98 1.14 -14.51
C ILE B 58 4.19 0.33 -13.24
N HIS B 59 3.24 -0.55 -12.95
CA HIS B 59 3.30 -1.39 -11.76
C HIS B 59 4.47 -2.37 -11.84
N GLU B 60 4.71 -2.91 -13.04
CA GLU B 60 5.79 -3.86 -13.24
C GLU B 60 7.15 -3.18 -13.07
N GLN B 61 7.26 -1.94 -13.57
CA GLN B 61 8.50 -1.18 -13.47
C GLN B 61 8.88 -0.97 -12.01
N ALA B 62 7.89 -0.61 -11.19
CA ALA B 62 8.12 -0.39 -9.76
C ALA B 62 8.50 -1.69 -9.05
N LEU B 63 7.88 -2.80 -9.46
CA LEU B 63 8.15 -4.10 -8.87
C LEU B 63 9.59 -4.55 -9.15
N ASN B 64 10.05 -4.30 -10.38
CA ASN B 64 11.40 -4.68 -10.78
C ASN B 64 12.45 -3.81 -10.09
N TRP B 65 12.12 -2.53 -9.92
CA TRP B 65 13.03 -1.58 -9.28
C TRP B 65 13.16 -1.88 -7.78
N LEU B 66 12.06 -2.26 -7.14
CA LEU B 66 12.05 -2.57 -5.71
C LEU B 66 12.79 -3.87 -5.43
N GLN B 67 12.81 -4.78 -6.42
CA GLN B 67 13.49 -6.06 -6.26
C GLN B 67 14.97 -5.84 -5.91
N GLN B 68 15.60 -4.89 -6.60
CA GLN B 68 17.00 -4.55 -6.36
C GLN B 68 17.14 -3.44 -5.31
N ALA B 69 16.04 -2.72 -5.06
CA ALA B 69 16.03 -1.62 -4.09
C ALA B 69 16.55 -2.05 -2.72
N ASP B 70 17.69 -1.49 -2.34
CA ASP B 70 18.30 -1.77 -1.05
C ASP B 70 17.55 -1.00 0.05
N VAL B 71 16.94 0.13 -0.33
CA VAL B 71 16.18 0.95 0.60
C VAL B 71 15.16 1.80 -0.15
N VAL B 72 13.97 1.93 0.44
CA VAL B 72 12.90 2.71 -0.18
C VAL B 72 12.56 3.92 0.69
N VAL B 73 12.58 5.10 0.08
CA VAL B 73 12.28 6.35 0.78
C VAL B 73 11.02 6.99 0.20
N ALA B 74 10.14 7.48 1.07
CA ALA B 74 8.89 8.10 0.64
C ALA B 74 8.73 9.51 1.17
N GLU B 75 8.12 10.38 0.38
CA GLU B 75 7.91 11.77 0.76
C GLU B 75 6.53 12.26 0.30
N VAL B 76 5.58 12.30 1.23
CA VAL B 76 4.22 12.74 0.92
C VAL B 76 3.63 13.59 2.06
N THR B 77 2.87 14.61 1.69
CA THR B 77 2.24 15.50 2.68
C THR B 77 0.74 15.25 2.78
N GLN B 78 0.30 14.04 2.42
CA GLN B 78 -1.11 13.68 2.48
C GLN B 78 -1.32 12.20 2.18
N PRO B 79 -2.44 11.61 2.65
CA PRO B 79 -2.76 10.19 2.44
C PRO B 79 -2.86 9.84 0.95
N SER B 80 -1.80 9.25 0.41
CA SER B 80 -1.75 8.87 -0.99
C SER B 80 -2.02 7.37 -1.15
N LEU B 81 -2.95 7.04 -2.03
CA LEU B 81 -3.32 5.65 -2.30
C LEU B 81 -2.20 4.92 -3.05
N GLY B 82 -1.78 5.51 -4.17
CA GLY B 82 -0.72 4.91 -4.97
C GLY B 82 0.58 4.77 -4.21
N VAL B 83 0.94 5.81 -3.46
CA VAL B 83 2.17 5.79 -2.67
C VAL B 83 2.05 4.83 -1.49
N GLY B 84 0.88 4.81 -0.85
CA GLY B 84 0.65 3.91 0.27
C GLY B 84 0.79 2.46 -0.16
N TYR B 85 0.31 2.16 -1.37
CA TYR B 85 0.41 0.83 -1.94
C TYR B 85 1.87 0.45 -2.17
N GLU B 86 2.63 1.39 -2.76
CA GLU B 86 4.05 1.16 -3.04
C GLU B 86 4.81 0.94 -1.75
N LEU B 87 4.44 1.68 -0.69
CA LEU B 87 5.08 1.54 0.61
C LEU B 87 4.83 0.16 1.18
N GLY B 88 3.60 -0.34 1.04
CA GLY B 88 3.25 -1.66 1.52
C GLY B 88 4.04 -2.75 0.82
N ARG B 89 4.22 -2.59 -0.49
CA ARG B 89 4.97 -3.55 -1.29
C ARG B 89 6.45 -3.51 -0.92
N ALA B 90 6.95 -2.31 -0.58
CA ALA B 90 8.35 -2.13 -0.22
C ALA B 90 8.69 -2.82 1.10
N VAL B 91 7.76 -2.78 2.05
CA VAL B 91 7.98 -3.40 3.36
C VAL B 91 7.84 -4.92 3.26
N ALA B 92 6.93 -5.39 2.41
CA ALA B 92 6.70 -6.81 2.22
C ALA B 92 7.80 -7.45 1.36
N LEU B 93 8.30 -6.69 0.38
CA LEU B 93 9.34 -7.17 -0.51
C LEU B 93 10.74 -6.89 0.07
N GLY B 94 11.00 -5.63 0.43
CA GLY B 94 12.28 -5.26 0.99
C GLY B 94 12.29 -5.31 2.51
N LYS B 95 12.79 -4.24 3.14
CA LYS B 95 12.85 -4.18 4.60
C LYS B 95 13.03 -2.74 5.09
N PRO B 96 14.16 -2.08 4.75
CA PRO B 96 14.43 -0.70 5.18
C PRO B 96 13.61 0.33 4.40
N ILE B 97 12.49 0.75 5.00
CA ILE B 97 11.61 1.72 4.37
C ILE B 97 11.64 3.06 5.12
N LEU B 98 11.45 4.15 4.37
CA LEU B 98 11.44 5.50 4.94
C LEU B 98 10.17 6.23 4.53
N CYS B 99 9.61 7.01 5.45
CA CYS B 99 8.40 7.78 5.18
C CYS B 99 8.56 9.23 5.66
N LEU B 100 8.18 10.17 4.80
CA LEU B 100 8.28 11.59 5.14
C LEU B 100 6.92 12.28 5.08
N PHE B 101 6.33 12.53 6.25
CA PHE B 101 5.04 13.19 6.33
C PHE B 101 5.17 14.59 6.95
N ARG B 102 4.61 15.58 6.27
CA ARG B 102 4.67 16.96 6.76
C ARG B 102 3.82 17.14 8.02
N PRO B 103 4.46 17.50 9.15
CA PRO B 103 3.76 17.72 10.43
C PRO B 103 3.07 19.08 10.46
N GLN B 104 2.03 19.22 9.62
CA GLN B 104 1.25 20.47 9.52
C GLN B 104 0.45 20.56 8.22
N SER B 105 0.72 19.66 7.25
CA SER B 105 0.02 19.66 5.96
C SER B 105 -1.50 19.74 6.14
N GLY B 106 -1.99 19.18 7.24
CA GLY B 106 -3.42 19.19 7.50
C GLY B 106 -4.01 17.80 7.46
N ARG B 107 -3.53 16.97 6.55
CA ARG B 107 -4.00 15.61 6.42
C ARG B 107 -3.30 14.70 7.42
N VAL B 108 -3.59 13.42 7.31
CA VAL B 108 -3.02 12.41 8.19
C VAL B 108 -2.98 11.04 7.51
N LEU B 109 -2.18 10.13 8.08
CA LEU B 109 -2.06 8.78 7.54
C LEU B 109 -3.18 7.87 8.08
N SER B 110 -2.83 6.85 8.87
CA SER B 110 -3.83 5.94 9.43
C SER B 110 -3.20 4.94 10.40
N ALA B 111 -4.04 4.11 11.02
CA ALA B 111 -3.58 3.10 11.96
C ALA B 111 -2.70 2.05 11.28
N MET B 112 -3.07 1.67 10.06
CA MET B 112 -2.30 0.68 9.31
C MET B 112 -0.86 1.17 9.07
N ILE B 113 -0.73 2.43 8.68
CA ILE B 113 0.59 3.02 8.44
C ILE B 113 1.38 3.16 9.74
N ARG B 114 0.70 3.64 10.79
CA ARG B 114 1.33 3.80 12.11
C ARG B 114 1.86 2.46 12.60
N GLY B 115 1.05 1.41 12.44
CA GLY B 115 1.43 0.08 12.86
C GLY B 115 2.63 -0.43 12.08
N ALA B 116 2.66 -0.12 10.77
CA ALA B 116 3.77 -0.52 9.91
C ALA B 116 5.09 -0.01 10.45
N ALA B 117 5.08 1.24 10.93
CA ALA B 117 6.28 1.86 11.49
C ALA B 117 6.51 1.39 12.92
N ASP B 118 7.01 0.16 13.06
CA ASP B 118 7.29 -0.41 14.37
C ASP B 118 8.64 0.06 14.92
N GLY B 119 9.49 0.61 14.03
CA GLY B 119 10.79 1.10 14.44
C GLY B 119 11.94 0.19 14.04
N SER B 120 11.63 -1.01 13.53
CA SER B 120 12.65 -1.95 13.12
C SER B 120 13.41 -1.45 11.89
N ARG B 121 12.77 -1.57 10.73
CA ARG B 121 13.37 -1.13 9.47
C ARG B 121 12.56 0.00 8.82
N PHE B 122 11.40 0.32 9.40
CA PHE B 122 10.54 1.38 8.85
C PHE B 122 10.59 2.63 9.74
N GLN B 123 11.00 3.75 9.14
CA GLN B 123 11.08 5.02 9.86
C GLN B 123 10.17 6.06 9.21
N VAL B 124 9.50 6.85 10.03
CA VAL B 124 8.58 7.87 9.52
C VAL B 124 8.94 9.25 10.08
N TRP B 125 9.78 9.99 9.35
CA TRP B 125 10.20 11.32 9.76
C TRP B 125 9.23 12.38 9.27
N ASP B 126 9.17 13.48 10.02
CA ASP B 126 8.28 14.57 9.69
C ASP B 126 9.06 15.77 9.13
N TYR B 127 8.69 16.21 7.93
CA TYR B 127 9.36 17.35 7.29
C TYR B 127 8.37 18.49 7.05
N ALA B 128 8.62 19.62 7.70
CA ALA B 128 7.77 20.80 7.55
C ALA B 128 8.28 21.73 6.46
N GLU B 129 7.78 21.53 5.24
CA GLU B 129 8.16 22.34 4.08
C GLU B 129 9.65 22.52 3.94
N GLY B 130 10.13 23.61 4.49
CA GLY B 130 11.54 23.93 4.45
C GLY B 130 12.41 22.87 5.13
N GLU B 131 11.78 21.85 5.71
CA GLU B 131 12.52 20.78 6.38
C GLU B 131 12.69 19.55 5.47
N VAL B 132 12.21 19.64 4.23
CA VAL B 132 12.32 18.54 3.28
C VAL B 132 13.77 18.30 2.88
N GLU B 133 14.53 19.38 2.77
CA GLU B 133 15.94 19.31 2.40
C GLU B 133 16.76 18.78 3.58
N THR B 134 16.40 19.20 4.79
CA THR B 134 17.08 18.77 6.00
C THR B 134 16.81 17.29 6.27
N MET B 135 15.57 16.86 6.03
CA MET B 135 15.18 15.48 6.23
C MET B 135 15.86 14.55 5.22
N LEU B 136 15.98 15.02 3.98
CA LEU B 136 16.61 14.23 2.93
C LEU B 136 18.12 14.11 3.16
N ASP B 137 18.73 15.19 3.64
CA ASP B 137 20.16 15.21 3.92
C ASP B 137 20.48 14.41 5.18
N ARG B 138 19.59 14.50 6.17
CA ARG B 138 19.78 13.79 7.44
C ARG B 138 19.58 12.29 7.27
N TYR B 139 18.64 11.91 6.40
CA TYR B 139 18.35 10.50 6.14
C TYR B 139 19.51 9.83 5.41
N PHE B 140 20.11 10.54 4.47
CA PHE B 140 21.23 10.00 3.72
C PHE B 140 22.52 10.06 4.54
N GLU B 141 22.64 11.11 5.37
CA GLU B 141 23.81 11.29 6.21
C GLU B 141 23.80 10.28 7.36
N ALA B 142 22.62 10.03 7.92
CA ALA B 142 22.48 9.08 9.02
C ALA B 142 22.66 7.64 8.53
N TYR B 143 22.24 7.38 7.28
CA TYR B 143 22.36 6.06 6.69
C TYR B 143 23.83 5.70 6.47
N LEU B 144 24.61 6.68 6.00
CA LEU B 144 26.03 6.47 5.74
C LEU B 144 26.80 6.28 7.05
N VAL B 145 26.40 7.02 8.08
CA VAL B 145 27.04 6.93 9.39
C VAL B 145 26.78 5.57 10.03
N GLU B 146 25.56 5.06 9.89
CA GLU B 146 25.18 3.78 10.45
C GLU B 146 25.76 2.63 9.61
N HIS B 147 25.87 2.84 8.30
CA HIS B 147 26.39 1.82 7.38
C HIS B 147 25.46 0.61 7.32
N HIS B 148 24.21 0.78 7.76
CA HIS B 148 23.22 -0.30 7.76
C HIS B 148 21.90 0.18 8.35
N HIS B 149 20.90 -0.70 8.36
CA HIS B 149 19.58 -0.38 8.90
C HIS B 149 19.19 -1.36 10.00
N HIS B 150 19.15 -0.88 11.24
CA HIS B 150 18.79 -1.72 12.38
C HIS B 150 18.26 -0.88 13.54
N HIS B 151 17.16 -0.16 13.28
CA HIS B 151 16.54 0.68 14.30
C HIS B 151 15.68 -0.16 15.25
N HIS B 152 15.28 0.46 16.37
CA HIS B 152 14.45 -0.23 17.37
C HIS B 152 12.99 0.21 17.25
N MET A 1 -7.80 -28.68 3.60
CA MET A 1 -8.01 -27.51 2.69
C MET A 1 -9.01 -26.53 3.28
N ARG A 2 -8.58 -25.27 3.43
CA ARG A 2 -9.44 -24.23 3.99
C ARG A 2 -9.24 -22.90 3.26
N ARG A 3 -10.35 -22.16 3.08
CA ARG A 3 -10.29 -20.86 2.41
C ARG A 3 -10.50 -19.72 3.40
N SER A 4 -9.66 -18.69 3.29
CA SER A 4 -9.75 -17.53 4.19
C SER A 4 -9.80 -16.23 3.39
N VAL A 5 -10.84 -15.44 3.61
CA VAL A 5 -11.00 -14.17 2.91
C VAL A 5 -10.78 -12.98 3.85
N TYR A 6 -9.73 -12.21 3.60
CA TYR A 6 -9.41 -11.04 4.41
C TYR A 6 -10.02 -9.78 3.79
N PHE A 7 -10.85 -9.08 4.57
CA PHE A 7 -11.49 -7.86 4.09
C PHE A 7 -10.67 -6.63 4.50
N CYS A 8 -10.56 -5.65 3.60
CA CYS A 8 -9.79 -4.43 3.88
C CYS A 8 -10.63 -3.18 3.63
N GLY A 9 -10.87 -2.42 4.70
CA GLY A 9 -11.65 -1.19 4.60
C GLY A 9 -11.13 -0.10 5.54
N SER A 10 -10.93 1.11 5.00
CA SER A 10 -10.44 2.23 5.80
C SER A 10 -11.44 2.58 6.89
N ILE A 11 -11.01 2.49 8.15
CA ILE A 11 -11.86 2.79 9.26
C ILE A 11 -11.51 4.13 9.91
N ARG A 12 -10.21 4.39 10.05
CA ARG A 12 -9.73 5.64 10.65
C ARG A 12 -10.37 5.88 12.00
N GLY A 13 -10.51 4.80 12.78
CA GLY A 13 -11.12 4.87 14.09
C GLY A 13 -12.59 5.29 14.02
N GLY A 14 -13.24 4.99 12.89
CA GLY A 14 -14.64 5.35 12.72
C GLY A 14 -15.59 4.24 13.13
N ARG A 15 -16.83 4.62 13.44
CA ARG A 15 -17.86 3.66 13.84
C ARG A 15 -18.82 3.36 12.68
N GLU A 16 -18.42 3.74 11.46
CA GLU A 16 -19.25 3.50 10.28
C GLU A 16 -18.80 2.24 9.53
N ASP A 17 -17.60 1.76 9.84
CA ASP A 17 -17.06 0.57 9.21
C ASP A 17 -17.38 -0.68 10.03
N GLN A 18 -17.56 -0.49 11.35
CA GLN A 18 -17.88 -1.61 12.25
C GLN A 18 -19.15 -2.31 11.80
N ALA A 19 -20.19 -1.53 11.46
CA ALA A 19 -21.45 -2.10 11.00
C ALA A 19 -21.27 -2.86 9.69
N LEU A 20 -20.44 -2.31 8.80
CA LEU A 20 -20.16 -2.94 7.52
C LEU A 20 -19.30 -4.20 7.72
N TYR A 21 -18.38 -4.12 8.67
CA TYR A 21 -17.49 -5.24 8.98
C TYR A 21 -18.25 -6.41 9.60
N ALA A 22 -19.26 -6.12 10.41
CA ALA A 22 -20.04 -7.16 11.05
C ALA A 22 -20.86 -7.93 10.03
N ARG A 23 -21.42 -7.22 9.05
CA ARG A 23 -22.23 -7.85 8.01
C ARG A 23 -21.36 -8.60 7.00
N ILE A 24 -20.18 -8.08 6.70
CA ILE A 24 -19.27 -8.73 5.76
C ILE A 24 -18.56 -9.91 6.42
N VAL A 25 -18.30 -9.80 7.72
CA VAL A 25 -17.64 -10.87 8.46
C VAL A 25 -18.50 -12.14 8.45
N SER A 26 -19.82 -11.97 8.58
CA SER A 26 -20.74 -13.11 8.56
C SER A 26 -20.78 -13.75 7.18
N ARG A 27 -20.74 -12.92 6.13
CA ARG A 27 -20.77 -13.41 4.76
C ARG A 27 -19.45 -14.10 4.38
N LEU A 28 -18.34 -13.56 4.87
CA LEU A 28 -17.02 -14.13 4.59
C LEU A 28 -16.84 -15.48 5.30
N ARG A 29 -17.36 -15.57 6.53
CA ARG A 29 -17.27 -16.80 7.30
C ARG A 29 -18.16 -17.90 6.71
N ARG A 30 -19.30 -17.49 6.13
CA ARG A 30 -20.25 -18.42 5.53
C ARG A 30 -19.56 -19.28 4.45
N TYR A 31 -18.72 -18.65 3.64
CA TYR A 31 -18.01 -19.35 2.58
C TYR A 31 -16.92 -20.26 3.17
N GLY A 32 -16.00 -19.65 3.93
CA GLY A 32 -14.94 -20.43 4.55
C GLY A 32 -14.50 -19.83 5.87
N LYS A 33 -13.64 -18.82 5.82
CA LYS A 33 -13.15 -18.16 7.01
C LYS A 33 -12.91 -16.67 6.75
N VAL A 34 -13.30 -15.84 7.71
CA VAL A 34 -13.14 -14.39 7.60
C VAL A 34 -12.03 -13.91 8.54
N LEU A 35 -11.23 -12.95 8.08
CA LEU A 35 -10.16 -12.40 8.90
C LEU A 35 -10.61 -11.09 9.54
N THR A 36 -9.86 -9.99 9.27
CA THR A 36 -10.16 -8.67 9.81
C THR A 36 -10.94 -8.72 11.12
N GLU A 37 -10.47 -9.56 12.03
CA GLU A 37 -11.10 -9.73 13.34
C GLU A 37 -10.51 -8.75 14.36
N HIS A 38 -11.10 -7.55 14.41
CA HIS A 38 -10.64 -6.50 15.31
C HIS A 38 -11.48 -5.23 15.17
N VAL A 39 -11.87 -4.92 13.93
CA VAL A 39 -12.68 -3.73 13.63
C VAL A 39 -14.03 -3.75 14.34
N ALA A 40 -14.43 -4.91 14.89
CA ALA A 40 -15.71 -5.03 15.57
C ALA A 40 -15.56 -5.63 16.98
N ASP A 41 -14.59 -5.12 17.76
CA ASP A 41 -14.40 -5.59 19.13
C ASP A 41 -14.71 -4.50 20.15
N ALA A 42 -15.31 -4.88 21.27
CA ALA A 42 -15.67 -3.93 22.32
C ALA A 42 -15.03 -4.34 23.64
N GLU A 43 -13.71 -4.52 23.58
CA GLU A 43 -12.90 -4.91 24.74
C GLU A 43 -11.51 -5.34 24.27
N LEU A 44 -10.72 -4.37 23.78
CA LEU A 44 -9.37 -4.64 23.29
C LEU A 44 -8.56 -5.38 24.36
N GLU A 45 -8.38 -6.68 24.14
CA GLU A 45 -7.63 -7.52 25.09
C GLU A 45 -6.36 -8.10 24.46
N PRO A 46 -5.26 -7.32 24.42
CA PRO A 46 -3.98 -7.75 23.86
C PRO A 46 -3.22 -8.69 24.79
N LEU A 47 -1.97 -8.93 24.46
CA LEU A 47 -1.11 -9.80 25.26
C LEU A 47 0.31 -9.89 24.68
N GLY A 48 1.29 -10.09 25.55
CA GLY A 48 2.67 -10.18 25.11
C GLY A 48 3.39 -8.84 25.08
N GLU A 49 4.70 -8.87 25.33
CA GLU A 49 5.50 -7.65 25.32
C GLU A 49 5.75 -7.18 23.90
N GLU A 50 5.23 -6.00 23.56
CA GLU A 50 5.39 -5.42 22.23
C GLU A 50 5.86 -3.97 22.30
N ALA A 51 6.09 -3.38 21.13
CA ALA A 51 6.55 -1.99 21.03
C ALA A 51 5.50 -1.03 21.57
N ALA A 52 5.93 0.19 21.92
CA ALA A 52 5.03 1.22 22.44
C ALA A 52 3.89 1.52 21.47
N GLY A 53 2.66 1.33 21.93
CA GLY A 53 1.50 1.58 21.10
C GLY A 53 0.99 0.33 20.41
N GLY A 54 -0.34 0.21 20.32
CA GLY A 54 -0.96 -0.93 19.68
C GLY A 54 -0.88 -0.88 18.16
N ASP A 55 -0.41 0.23 17.60
CA ASP A 55 -0.29 0.40 16.15
C ASP A 55 0.57 -0.72 15.55
N GLN A 56 1.70 -1.01 16.19
CA GLN A 56 2.60 -2.06 15.71
C GLN A 56 1.89 -3.41 15.69
N PHE A 57 1.05 -3.64 16.71
CA PHE A 57 0.28 -4.88 16.81
C PHE A 57 -0.72 -4.99 15.66
N ILE A 58 -1.27 -3.84 15.26
CA ILE A 58 -2.23 -3.79 14.16
C ILE A 58 -1.60 -4.31 12.87
N HIS A 59 -0.36 -3.91 12.62
CA HIS A 59 0.36 -4.32 11.43
C HIS A 59 0.71 -5.81 11.50
N GLU A 60 1.07 -6.28 12.68
CA GLU A 60 1.44 -7.68 12.88
C GLU A 60 0.24 -8.62 12.69
N GLN A 61 -0.93 -8.17 13.15
CA GLN A 61 -2.15 -8.98 13.05
C GLN A 61 -2.60 -9.13 11.59
N ALA A 62 -2.45 -8.06 10.81
CA ALA A 62 -2.84 -8.08 9.40
C ALA A 62 -1.94 -9.00 8.59
N LEU A 63 -0.64 -9.01 8.92
CA LEU A 63 0.33 -9.85 8.21
C LEU A 63 0.06 -11.33 8.44
N ASN A 64 -0.30 -11.69 9.67
CA ASN A 64 -0.58 -13.08 10.03
C ASN A 64 -1.87 -13.58 9.37
N TRP A 65 -2.87 -12.72 9.27
CA TRP A 65 -4.15 -13.08 8.67
C TRP A 65 -4.04 -13.19 7.15
N LEU A 66 -3.23 -12.32 6.55
CA LEU A 66 -3.04 -12.31 5.10
C LEU A 66 -2.27 -13.56 4.65
N GLN A 67 -1.37 -14.05 5.51
CA GLN A 67 -0.57 -15.24 5.19
C GLN A 67 -1.48 -16.43 4.88
N GLN A 68 -2.55 -16.58 5.67
CA GLN A 68 -3.50 -17.67 5.47
C GLN A 68 -4.62 -17.29 4.50
N ALA A 69 -4.90 -15.98 4.40
CA ALA A 69 -5.95 -15.49 3.51
C ALA A 69 -5.68 -15.84 2.06
N ASP A 70 -6.45 -16.79 1.53
CA ASP A 70 -6.31 -17.22 0.14
C ASP A 70 -6.80 -16.14 -0.82
N VAL A 71 -7.67 -15.26 -0.34
CA VAL A 71 -8.21 -14.17 -1.16
C VAL A 71 -8.43 -12.91 -0.34
N VAL A 72 -8.10 -11.76 -0.92
CA VAL A 72 -8.26 -10.48 -0.24
C VAL A 72 -9.30 -9.61 -0.96
N VAL A 73 -10.19 -9.02 -0.19
CA VAL A 73 -11.24 -8.16 -0.74
C VAL A 73 -11.24 -6.80 -0.03
N ALA A 74 -11.25 -5.72 -0.81
CA ALA A 74 -11.24 -4.37 -0.25
C ALA A 74 -12.48 -3.57 -0.65
N GLU A 75 -12.94 -2.71 0.25
CA GLU A 75 -14.11 -1.87 0.00
C GLU A 75 -13.91 -0.46 0.54
N VAL A 76 -13.63 0.48 -0.36
CA VAL A 76 -13.41 1.88 0.04
C VAL A 76 -13.94 2.85 -1.03
N THR A 77 -14.54 3.96 -0.57
CA THR A 77 -15.09 4.96 -1.46
C THR A 77 -14.21 6.21 -1.52
N GLN A 78 -12.91 6.05 -1.26
CA GLN A 78 -11.96 7.17 -1.28
C GLN A 78 -10.53 6.68 -1.14
N PRO A 79 -9.55 7.51 -1.59
CA PRO A 79 -8.12 7.17 -1.52
C PRO A 79 -7.66 6.93 -0.07
N SER A 80 -7.60 5.66 0.32
CA SER A 80 -7.19 5.29 1.66
C SER A 80 -5.71 4.87 1.68
N LEU A 81 -4.93 5.54 2.53
CA LEU A 81 -3.51 5.25 2.65
C LEU A 81 -3.26 3.92 3.34
N GLY A 82 -3.88 3.73 4.51
CA GLY A 82 -3.72 2.49 5.26
C GLY A 82 -4.23 1.28 4.50
N VAL A 83 -5.40 1.43 3.88
CA VAL A 83 -5.99 0.34 3.10
C VAL A 83 -5.14 0.05 1.86
N GLY A 84 -4.64 1.11 1.22
CA GLY A 84 -3.80 0.95 0.06
C GLY A 84 -2.55 0.15 0.39
N TYR A 85 -2.05 0.35 1.61
CA TYR A 85 -0.89 -0.37 2.10
C TYR A 85 -1.19 -1.87 2.20
N GLU A 86 -2.37 -2.19 2.73
CA GLU A 86 -2.81 -3.57 2.87
C GLU A 86 -2.97 -4.23 1.50
N LEU A 87 -3.50 -3.47 0.54
CA LEU A 87 -3.70 -3.97 -0.82
C LEU A 87 -2.35 -4.24 -1.50
N GLY A 88 -1.38 -3.35 -1.27
CA GLY A 88 -0.06 -3.52 -1.84
C GLY A 88 0.65 -4.73 -1.27
N ARG A 89 0.48 -4.94 0.04
CA ARG A 89 1.08 -6.07 0.73
C ARG A 89 0.38 -7.37 0.34
N ALA A 90 -0.91 -7.27 0.04
CA ALA A 90 -1.71 -8.43 -0.35
C ALA A 90 -1.28 -8.98 -1.72
N VAL A 91 -0.93 -8.07 -2.64
CA VAL A 91 -0.50 -8.47 -3.98
C VAL A 91 0.90 -9.08 -3.93
N ALA A 92 1.76 -8.52 -3.07
CA ALA A 92 3.13 -9.02 -2.92
C ALA A 92 3.16 -10.34 -2.16
N LEU A 93 2.27 -10.48 -1.18
CA LEU A 93 2.19 -11.69 -0.37
C LEU A 93 1.34 -12.75 -1.04
N GLY A 94 0.09 -12.40 -1.35
CA GLY A 94 -0.82 -13.34 -2.00
C GLY A 94 -0.85 -13.19 -3.50
N LYS A 95 -2.05 -13.04 -4.07
CA LYS A 95 -2.23 -12.88 -5.51
C LYS A 95 -3.64 -12.42 -5.87
N PRO A 96 -4.69 -13.21 -5.52
CA PRO A 96 -6.08 -12.85 -5.83
C PRO A 96 -6.60 -11.73 -4.94
N ILE A 97 -6.49 -10.49 -5.43
CA ILE A 97 -6.95 -9.32 -4.69
C ILE A 97 -8.18 -8.69 -5.33
N LEU A 98 -9.03 -8.09 -4.50
CA LEU A 98 -10.25 -7.44 -4.95
C LEU A 98 -10.36 -6.02 -4.38
N CYS A 99 -10.83 -5.08 -5.21
CA CYS A 99 -10.98 -3.69 -4.80
C CYS A 99 -12.38 -3.18 -5.16
N LEU A 100 -13.03 -2.52 -4.20
CA LEU A 100 -14.37 -1.99 -4.41
C LEU A 100 -14.40 -0.47 -4.22
N PHE A 101 -14.45 0.26 -5.33
CA PHE A 101 -14.49 1.72 -5.30
C PHE A 101 -15.84 2.23 -5.79
N ARG A 102 -16.33 3.31 -5.18
CA ARG A 102 -17.61 3.89 -5.57
C ARG A 102 -17.43 4.90 -6.70
N PRO A 103 -18.01 4.60 -7.89
CA PRO A 103 -17.93 5.48 -9.06
C PRO A 103 -18.90 6.66 -8.95
N GLN A 104 -18.63 7.55 -7.99
CA GLN A 104 -19.46 8.74 -7.74
C GLN A 104 -19.14 9.39 -6.38
N SER A 105 -18.44 8.67 -5.48
CA SER A 105 -18.09 9.19 -4.16
C SER A 105 -17.50 10.60 -4.25
N GLY A 106 -16.79 10.88 -5.34
CA GLY A 106 -16.18 12.17 -5.53
C GLY A 106 -14.67 12.08 -5.59
N ARG A 107 -14.10 11.18 -4.78
CA ARG A 107 -12.68 10.98 -4.73
C ARG A 107 -12.24 10.01 -5.82
N VAL A 108 -10.96 9.67 -5.79
CA VAL A 108 -10.37 8.76 -6.76
C VAL A 108 -9.19 7.99 -6.16
N LEU A 109 -8.82 6.88 -6.80
CA LEU A 109 -7.70 6.06 -6.33
C LEU A 109 -6.37 6.70 -6.75
N SER A 110 -5.81 6.27 -7.89
CA SER A 110 -4.54 6.79 -8.40
C SER A 110 -4.00 5.95 -9.56
N ALA A 111 -2.88 6.40 -10.13
CA ALA A 111 -2.24 5.69 -11.24
C ALA A 111 -1.65 4.36 -10.78
N MET A 112 -1.11 4.35 -9.56
CA MET A 112 -0.52 3.13 -8.99
C MET A 112 -1.59 2.07 -8.77
N ILE A 113 -2.75 2.49 -8.27
CA ILE A 113 -3.86 1.58 -8.02
C ILE A 113 -4.40 1.01 -9.33
N ARG A 114 -4.63 1.89 -10.31
CA ARG A 114 -5.13 1.47 -11.61
C ARG A 114 -4.13 0.54 -12.27
N GLY A 115 -2.84 0.88 -12.15
CA GLY A 115 -1.78 0.06 -12.71
C GLY A 115 -1.70 -1.30 -12.06
N ALA A 116 -1.96 -1.35 -10.75
CA ALA A 116 -1.94 -2.60 -10.00
C ALA A 116 -2.92 -3.61 -10.61
N ALA A 117 -4.07 -3.11 -11.07
CA ALA A 117 -5.08 -3.96 -11.68
C ALA A 117 -4.64 -4.39 -13.09
N ASP A 118 -3.72 -5.33 -13.14
CA ASP A 118 -3.19 -5.83 -14.42
C ASP A 118 -4.16 -6.82 -15.07
N GLY A 119 -5.13 -7.32 -14.29
CA GLY A 119 -6.09 -8.27 -14.81
C GLY A 119 -5.71 -9.71 -14.50
N SER A 120 -4.49 -9.91 -13.99
CA SER A 120 -4.01 -11.24 -13.65
C SER A 120 -4.80 -11.83 -12.49
N ARG A 121 -4.58 -11.28 -11.30
CA ARG A 121 -5.28 -11.73 -10.10
C ARG A 121 -5.83 -10.56 -9.27
N PHE A 122 -5.81 -9.34 -9.82
CA PHE A 122 -6.31 -8.17 -9.11
C PHE A 122 -7.45 -7.52 -9.91
N GLN A 123 -8.61 -7.40 -9.27
CA GLN A 123 -9.78 -6.79 -9.91
C GLN A 123 -10.33 -5.65 -9.05
N VAL A 124 -10.76 -4.56 -9.71
CA VAL A 124 -11.30 -3.40 -9.01
C VAL A 124 -12.71 -3.06 -9.53
N TRP A 125 -13.73 -3.62 -8.89
CA TRP A 125 -15.12 -3.38 -9.28
C TRP A 125 -15.63 -2.09 -8.67
N ASP A 126 -16.49 -1.40 -9.42
CA ASP A 126 -17.08 -0.16 -8.94
C ASP A 126 -18.47 -0.43 -8.38
N TYR A 127 -18.66 -0.10 -7.11
CA TYR A 127 -19.94 -0.33 -6.44
C TYR A 127 -20.59 0.97 -5.99
N ALA A 128 -21.91 1.02 -6.10
CA ALA A 128 -22.68 2.19 -5.68
C ALA A 128 -23.30 1.92 -4.31
N GLU A 129 -23.68 2.99 -3.64
CA GLU A 129 -24.28 2.88 -2.32
C GLU A 129 -25.54 2.01 -2.38
N GLY A 130 -25.40 0.76 -1.92
CA GLY A 130 -26.52 -0.18 -1.97
C GLY A 130 -26.22 -1.37 -2.86
N GLU A 131 -25.23 -1.20 -3.74
CA GLU A 131 -24.81 -2.26 -4.67
C GLU A 131 -23.67 -3.10 -4.08
N VAL A 132 -23.02 -2.57 -3.03
CA VAL A 132 -21.91 -3.27 -2.38
C VAL A 132 -22.27 -4.71 -2.04
N GLU A 133 -23.49 -4.91 -1.55
CA GLU A 133 -23.98 -6.25 -1.20
C GLU A 133 -24.08 -7.12 -2.44
N THR A 134 -24.51 -6.51 -3.55
CA THR A 134 -24.65 -7.21 -4.82
C THR A 134 -23.28 -7.58 -5.39
N MET A 135 -22.31 -6.68 -5.21
CA MET A 135 -20.94 -6.91 -5.70
C MET A 135 -20.25 -8.01 -4.90
N LEU A 136 -20.50 -8.05 -3.59
CA LEU A 136 -19.91 -9.06 -2.72
C LEU A 136 -20.43 -10.45 -3.06
N ASP A 137 -21.73 -10.54 -3.34
CA ASP A 137 -22.36 -11.82 -3.69
C ASP A 137 -21.94 -12.27 -5.08
N ARG A 138 -21.80 -11.31 -6.00
CA ARG A 138 -21.39 -11.61 -7.37
C ARG A 138 -19.91 -11.95 -7.44
N TYR A 139 -19.12 -11.31 -6.59
CA TYR A 139 -17.68 -11.54 -6.55
C TYR A 139 -17.36 -12.93 -6.01
N PHE A 140 -18.11 -13.36 -5.00
CA PHE A 140 -17.91 -14.68 -4.39
C PHE A 140 -18.46 -15.79 -5.29
N GLU A 141 -19.56 -15.49 -5.98
CA GLU A 141 -20.19 -16.45 -6.87
C GLU A 141 -19.44 -16.56 -8.19
N ALA A 142 -18.90 -15.44 -8.66
CA ALA A 142 -18.15 -15.40 -9.91
C ALA A 142 -16.76 -16.02 -9.74
N TYR A 143 -16.21 -15.92 -8.53
CA TYR A 143 -14.89 -16.47 -8.24
C TYR A 143 -14.93 -17.99 -8.23
N LEU A 144 -16.00 -18.56 -7.66
CA LEU A 144 -16.15 -20.01 -7.59
C LEU A 144 -16.46 -20.59 -8.97
N VAL A 145 -17.24 -19.86 -9.76
CA VAL A 145 -17.61 -20.31 -11.10
C VAL A 145 -16.41 -20.25 -12.05
N GLU A 146 -15.59 -19.20 -11.90
CA GLU A 146 -14.41 -19.01 -12.75
C GLU A 146 -13.25 -19.88 -12.28
N HIS A 147 -13.18 -20.13 -10.96
CA HIS A 147 -12.10 -20.93 -10.37
C HIS A 147 -10.74 -20.26 -10.55
N HIS A 148 -10.75 -18.94 -10.80
CA HIS A 148 -9.53 -18.16 -10.99
C HIS A 148 -9.87 -16.70 -11.30
N HIS A 149 -8.84 -15.88 -11.54
CA HIS A 149 -9.04 -14.48 -11.85
C HIS A 149 -8.50 -14.16 -13.25
N HIS A 150 -9.25 -13.33 -13.99
CA HIS A 150 -8.86 -12.95 -15.34
C HIS A 150 -9.12 -11.46 -15.59
N HIS A 151 -8.59 -10.94 -16.70
CA HIS A 151 -8.75 -9.54 -17.05
C HIS A 151 -10.22 -9.18 -17.23
N HIS A 152 -10.57 -7.94 -16.90
CA HIS A 152 -11.94 -7.45 -17.02
C HIS A 152 -12.35 -7.32 -18.48
N MET B 1 28.94 -5.34 -5.50
CA MET B 1 28.03 -4.72 -4.49
C MET B 1 27.57 -3.33 -4.95
N ARG B 2 26.25 -3.16 -5.03
CA ARG B 2 25.66 -1.88 -5.45
C ARG B 2 24.43 -1.53 -4.63
N ARG B 3 24.26 -0.24 -4.33
CA ARG B 3 23.12 0.23 -3.56
C ARG B 3 22.14 1.00 -4.45
N SER B 4 20.85 0.69 -4.30
CA SER B 4 19.81 1.35 -5.09
C SER B 4 18.71 1.90 -4.19
N VAL B 5 18.44 3.20 -4.30
CA VAL B 5 17.41 3.85 -3.49
C VAL B 5 16.21 4.25 -4.34
N TYR B 6 15.06 3.62 -4.07
CA TYR B 6 13.83 3.92 -4.81
C TYR B 6 13.01 4.96 -4.06
N PHE B 7 12.71 6.08 -4.74
CA PHE B 7 11.92 7.15 -4.13
C PHE B 7 10.45 7.00 -4.48
N CYS B 8 9.56 7.25 -3.51
CA CYS B 8 8.13 7.13 -3.74
C CYS B 8 7.38 8.41 -3.34
N GLY B 9 6.76 9.04 -4.33
CA GLY B 9 6.00 10.26 -4.09
C GLY B 9 4.76 10.36 -4.96
N SER B 10 3.62 10.66 -4.34
CA SER B 10 2.36 10.78 -5.08
C SER B 10 2.43 11.92 -6.08
N ILE B 11 2.25 11.60 -7.37
CA ILE B 11 2.31 12.59 -8.40
C ILE B 11 0.93 12.91 -8.95
N ARG B 12 0.10 11.88 -9.14
CA ARG B 12 -1.25 12.04 -9.66
C ARG B 12 -1.25 12.83 -10.96
N GLY B 13 -0.26 12.54 -11.81
CA GLY B 13 -0.13 13.24 -13.08
C GLY B 13 0.17 14.72 -12.90
N GLY B 14 0.78 15.09 -11.77
CA GLY B 14 1.08 16.48 -11.50
C GLY B 14 2.47 16.88 -11.95
N ARG B 15 2.67 18.17 -12.16
CA ARG B 15 3.97 18.71 -12.58
C ARG B 15 4.72 19.34 -11.40
N GLU B 16 4.27 19.05 -10.18
CA GLU B 16 4.91 19.59 -8.98
C GLU B 16 5.87 18.58 -8.36
N ASP B 17 5.75 17.31 -8.77
CA ASP B 17 6.62 16.25 -8.26
C ASP B 17 7.83 16.06 -9.17
N GLN B 18 7.68 16.41 -10.45
CA GLN B 18 8.77 16.28 -11.42
C GLN B 18 9.99 17.08 -10.97
N ALA B 19 9.76 18.31 -10.52
CA ALA B 19 10.86 19.16 -10.04
C ALA B 19 11.53 18.55 -8.81
N LEU B 20 10.71 17.98 -7.92
CA LEU B 20 11.21 17.35 -6.71
C LEU B 20 11.94 16.05 -7.05
N TYR B 21 11.42 15.32 -8.04
CA TYR B 21 12.01 14.07 -8.48
C TYR B 21 13.36 14.28 -9.15
N ALA B 22 13.50 15.38 -9.89
CA ALA B 22 14.76 15.68 -10.57
C ALA B 22 15.87 15.98 -9.57
N ARG B 23 15.52 16.72 -8.51
CA ARG B 23 16.50 17.08 -7.49
C ARG B 23 16.84 15.89 -6.59
N ILE B 24 15.85 15.03 -6.31
CA ILE B 24 16.07 13.87 -5.47
C ILE B 24 16.79 12.77 -6.25
N VAL B 25 16.51 12.68 -7.56
CA VAL B 25 17.14 11.69 -8.41
C VAL B 25 18.66 11.90 -8.46
N SER B 26 19.08 13.16 -8.50
CA SER B 26 20.51 13.48 -8.53
C SER B 26 21.18 13.12 -7.20
N ARG B 27 20.47 13.36 -6.10
CA ARG B 27 20.98 13.07 -4.77
C ARG B 27 21.04 11.56 -4.52
N LEU B 28 20.04 10.84 -5.02
CA LEU B 28 19.98 9.39 -4.85
C LEU B 28 21.06 8.69 -5.67
N ARG B 29 21.32 9.21 -6.88
CA ARG B 29 22.34 8.65 -7.76
C ARG B 29 23.74 8.92 -7.21
N ARG B 30 23.91 10.08 -6.54
CA ARG B 30 25.20 10.46 -5.96
C ARG B 30 25.71 9.39 -5.00
N TYR B 31 24.81 8.83 -4.19
CA TYR B 31 25.17 7.80 -3.22
C TYR B 31 25.48 6.50 -3.94
N GLY B 32 24.50 5.99 -4.69
CA GLY B 32 24.68 4.75 -5.42
C GLY B 32 23.89 4.73 -6.71
N LYS B 33 22.60 4.40 -6.62
CA LYS B 33 21.73 4.34 -7.78
C LYS B 33 20.31 4.76 -7.42
N VAL B 34 19.70 5.57 -8.29
CA VAL B 34 18.33 6.04 -8.07
C VAL B 34 17.36 5.33 -9.01
N LEU B 35 16.16 5.01 -8.52
CA LEU B 35 15.16 4.36 -9.34
C LEU B 35 14.16 5.39 -9.86
N THR B 36 12.86 5.18 -9.55
CA THR B 36 11.78 6.07 -9.95
C THR B 36 12.11 6.87 -11.22
N GLU B 37 12.61 6.14 -12.22
CA GLU B 37 12.97 6.74 -13.51
C GLU B 37 11.78 6.72 -14.47
N HIS B 38 10.97 7.77 -14.39
CA HIS B 38 9.77 7.90 -15.24
C HIS B 38 9.03 9.21 -14.95
N VAL B 39 8.99 9.59 -13.66
CA VAL B 39 8.29 10.80 -13.23
C VAL B 39 8.88 12.07 -13.87
N ALA B 40 10.07 11.95 -14.48
CA ALA B 40 10.71 13.11 -15.11
C ALA B 40 11.10 12.82 -16.57
N ASP B 41 10.18 12.25 -17.36
CA ASP B 41 10.45 11.97 -18.78
C ASP B 41 9.56 12.82 -19.67
N ALA B 42 10.12 13.28 -20.80
CA ALA B 42 9.37 14.09 -21.75
C ALA B 42 9.38 13.46 -23.13
N GLU B 43 8.96 12.20 -23.15
CA GLU B 43 8.89 11.39 -24.37
C GLU B 43 8.68 9.92 -24.00
N LEU B 44 7.49 9.60 -23.49
CA LEU B 44 7.16 8.23 -23.10
C LEU B 44 7.40 7.26 -24.25
N GLU B 45 8.50 6.50 -24.16
CA GLU B 45 8.86 5.55 -25.20
C GLU B 45 8.85 4.11 -24.68
N PRO B 46 7.66 3.47 -24.63
CA PRO B 46 7.52 2.09 -24.17
C PRO B 46 7.97 1.08 -25.21
N LEU B 47 7.64 -0.19 -24.97
CA LEU B 47 8.01 -1.27 -25.88
C LEU B 47 7.47 -2.62 -25.38
N GLY B 48 7.18 -3.52 -26.32
CA GLY B 48 6.68 -4.84 -25.96
C GLY B 48 5.16 -4.88 -25.85
N GLU B 49 4.58 -6.04 -26.17
CA GLU B 49 3.14 -6.23 -26.12
C GLU B 49 2.68 -6.36 -24.66
N GLU B 50 1.87 -5.40 -24.21
CA GLU B 50 1.36 -5.41 -22.85
C GLU B 50 -0.15 -5.18 -22.83
N ALA B 51 -0.74 -5.22 -21.62
CA ALA B 51 -2.17 -5.03 -21.45
C ALA B 51 -2.60 -3.61 -21.84
N ALA B 52 -3.90 -3.44 -22.11
CA ALA B 52 -4.44 -2.15 -22.51
C ALA B 52 -4.16 -1.07 -21.46
N GLY B 53 -3.46 -0.02 -21.86
CA GLY B 53 -3.13 1.06 -20.96
C GLY B 53 -1.74 0.92 -20.35
N GLY B 54 -1.05 2.05 -20.20
CA GLY B 54 0.28 2.05 -19.62
C GLY B 54 0.28 1.87 -18.11
N ASP B 55 -0.90 1.90 -17.50
CA ASP B 55 -1.03 1.74 -16.04
C ASP B 55 -0.38 0.44 -15.57
N GLN B 56 -0.66 -0.66 -16.28
CA GLN B 56 -0.10 -1.96 -15.93
C GLN B 56 1.43 -1.92 -16.00
N PHE B 57 1.97 -1.18 -16.98
CA PHE B 57 3.41 -1.04 -17.14
C PHE B 57 4.00 -0.29 -15.96
N ILE B 58 3.25 0.69 -15.44
CA ILE B 58 3.68 1.48 -14.29
C ILE B 58 3.93 0.58 -13.08
N HIS B 59 3.02 -0.37 -12.87
CA HIS B 59 3.14 -1.30 -11.76
C HIS B 59 4.31 -2.26 -11.95
N GLU B 60 4.51 -2.69 -13.19
CA GLU B 60 5.59 -3.62 -13.52
C GLU B 60 6.97 -2.97 -13.34
N GLN B 61 7.08 -1.70 -13.72
CA GLN B 61 8.34 -0.97 -13.61
C GLN B 61 8.75 -0.75 -12.15
N ALA B 62 7.76 -0.47 -11.29
CA ALA B 62 8.02 -0.25 -9.87
C ALA B 62 8.49 -1.53 -9.18
N LEU B 63 7.91 -2.66 -9.58
CA LEU B 63 8.26 -3.96 -9.00
C LEU B 63 9.69 -4.35 -9.33
N ASN B 64 10.11 -4.08 -10.56
CA ASN B 64 11.46 -4.41 -11.02
C ASN B 64 12.52 -3.54 -10.34
N TRP B 65 12.19 -2.27 -10.12
CA TRP B 65 13.12 -1.34 -9.48
C TRP B 65 13.24 -1.61 -7.98
N LEU B 66 12.12 -2.00 -7.35
CA LEU B 66 12.12 -2.29 -5.92
C LEU B 66 12.90 -3.56 -5.61
N GLN B 67 12.91 -4.50 -6.56
CA GLN B 67 13.63 -5.77 -6.38
C GLN B 67 15.11 -5.51 -6.11
N GLN B 68 15.68 -4.55 -6.85
CA GLN B 68 17.09 -4.20 -6.70
C GLN B 68 17.29 -3.10 -5.64
N ALA B 69 16.26 -2.28 -5.43
CA ALA B 69 16.32 -1.19 -4.45
C ALA B 69 16.60 -1.72 -3.04
N ASP B 70 17.80 -1.48 -2.55
CA ASP B 70 18.20 -1.92 -1.22
C ASP B 70 17.50 -1.08 -0.15
N VAL B 71 17.07 0.13 -0.51
CA VAL B 71 16.38 1.02 0.43
C VAL B 71 15.32 1.84 -0.29
N VAL B 72 14.16 2.00 0.37
CA VAL B 72 13.06 2.76 -0.20
C VAL B 72 12.78 4.01 0.65
N VAL B 73 12.60 5.14 -0.03
CA VAL B 73 12.33 6.40 0.65
C VAL B 73 11.07 7.06 0.05
N ALA B 74 10.16 7.49 0.92
CA ALA B 74 8.92 8.11 0.46
C ALA B 74 8.78 9.53 0.99
N GLU B 75 8.15 10.40 0.19
CA GLU B 75 7.95 11.80 0.56
C GLU B 75 6.56 12.28 0.12
N VAL B 76 5.64 12.38 1.08
CA VAL B 76 4.27 12.81 0.79
C VAL B 76 3.70 13.64 1.95
N THR B 77 2.95 14.70 1.62
CA THR B 77 2.34 15.56 2.62
C THR B 77 0.83 15.31 2.73
N GLN B 78 0.39 14.10 2.39
CA GLN B 78 -1.03 13.76 2.46
C GLN B 78 -1.25 12.27 2.21
N PRO B 79 -2.39 11.72 2.67
CA PRO B 79 -2.73 10.29 2.49
C PRO B 79 -2.79 9.90 1.01
N SER B 80 -1.70 9.31 0.52
CA SER B 80 -1.62 8.89 -0.87
C SER B 80 -1.91 7.39 -1.01
N LEU B 81 -2.89 7.05 -1.83
CA LEU B 81 -3.28 5.66 -2.05
C LEU B 81 -2.22 4.91 -2.86
N GLY B 82 -1.84 5.47 -4.01
CA GLY B 82 -0.85 4.85 -4.85
C GLY B 82 0.50 4.71 -4.16
N VAL B 83 0.93 5.77 -3.47
CA VAL B 83 2.20 5.75 -2.76
C VAL B 83 2.14 4.77 -1.59
N GLY B 84 1.00 4.74 -0.89
CA GLY B 84 0.84 3.82 0.21
C GLY B 84 0.99 2.38 -0.25
N TYR B 85 0.52 2.11 -1.48
CA TYR B 85 0.62 0.79 -2.07
C TYR B 85 2.09 0.42 -2.28
N GLU B 86 2.87 1.39 -2.78
CA GLU B 86 4.30 1.17 -3.01
C GLU B 86 5.03 0.92 -1.69
N LEU B 87 4.63 1.65 -0.65
CA LEU B 87 5.23 1.49 0.67
C LEU B 87 4.91 0.12 1.26
N GLY B 88 3.68 -0.34 1.06
CA GLY B 88 3.26 -1.65 1.54
C GLY B 88 4.00 -2.77 0.84
N ARG B 89 4.20 -2.60 -0.47
CA ARG B 89 4.90 -3.58 -1.28
C ARG B 89 6.40 -3.55 -0.96
N ALA B 90 6.91 -2.38 -0.58
CA ALA B 90 8.32 -2.21 -0.24
C ALA B 90 8.68 -2.94 1.04
N VAL B 91 7.77 -2.93 2.02
CA VAL B 91 8.01 -3.60 3.30
C VAL B 91 7.92 -5.12 3.13
N ALA B 92 7.00 -5.58 2.27
CA ALA B 92 6.82 -6.99 2.02
C ALA B 92 7.95 -7.55 1.15
N LEU B 93 8.42 -6.73 0.20
CA LEU B 93 9.50 -7.13 -0.69
C LEU B 93 10.88 -6.89 -0.07
N GLY B 94 11.12 -5.64 0.34
CA GLY B 94 12.40 -5.29 0.94
C GLY B 94 12.35 -5.32 2.46
N LYS B 95 12.78 -4.22 3.09
CA LYS B 95 12.79 -4.12 4.55
C LYS B 95 13.01 -2.68 5.01
N PRO B 96 14.17 -2.07 4.67
CA PRO B 96 14.49 -0.69 5.07
C PRO B 96 13.67 0.35 4.30
N ILE B 97 12.55 0.76 4.89
CA ILE B 97 11.66 1.74 4.27
C ILE B 97 11.68 3.07 5.01
N LEU B 98 11.47 4.16 4.27
CA LEU B 98 11.46 5.50 4.85
C LEU B 98 10.21 6.26 4.41
N CYS B 99 9.62 7.03 5.32
CA CYS B 99 8.42 7.81 5.02
C CYS B 99 8.60 9.25 5.50
N LEU B 100 8.25 10.21 4.63
CA LEU B 100 8.37 11.62 4.96
C LEU B 100 7.03 12.33 4.89
N PHE B 101 6.45 12.61 6.06
CA PHE B 101 5.16 13.28 6.15
C PHE B 101 5.33 14.69 6.74
N ARG B 102 4.55 15.64 6.25
CA ARG B 102 4.61 17.00 6.74
C ARG B 102 3.70 17.20 7.95
N PRO B 103 4.28 17.49 9.13
CA PRO B 103 3.51 17.72 10.36
C PRO B 103 2.88 19.11 10.40
N GLN B 104 1.91 19.33 9.50
CA GLN B 104 1.21 20.62 9.39
C GLN B 104 0.41 20.73 8.07
N SER B 105 0.71 19.87 7.08
CA SER B 105 0.02 19.89 5.80
C SER B 105 -1.50 19.96 5.96
N GLY B 106 -2.01 19.37 7.04
CA GLY B 106 -3.42 19.37 7.30
C GLY B 106 -4.02 17.98 7.27
N ARG B 107 -3.49 17.14 6.37
CA ARG B 107 -3.95 15.78 6.23
C ARG B 107 -3.23 14.87 7.22
N VAL B 108 -3.49 13.58 7.09
CA VAL B 108 -2.89 12.57 7.96
C VAL B 108 -2.76 11.23 7.24
N LEU B 109 -1.90 10.36 7.76
CA LEU B 109 -1.69 9.04 7.18
C LEU B 109 -2.83 8.09 7.57
N SER B 110 -2.63 7.31 8.65
CA SER B 110 -3.65 6.36 9.13
C SER B 110 -3.08 5.41 10.19
N ALA B 111 -3.94 4.56 10.74
CA ALA B 111 -3.53 3.59 11.76
C ALA B 111 -2.64 2.51 11.16
N MET B 112 -2.92 2.13 9.91
CA MET B 112 -2.12 1.11 9.23
C MET B 112 -0.71 1.62 8.97
N ILE B 113 -0.60 2.88 8.56
CA ILE B 113 0.70 3.50 8.29
C ILE B 113 1.51 3.63 9.58
N ARG B 114 0.87 4.14 10.64
CA ARG B 114 1.54 4.29 11.93
C ARG B 114 1.96 2.93 12.47
N GLY B 115 1.07 1.94 12.30
CA GLY B 115 1.37 0.58 12.74
C GLY B 115 2.53 -0.02 11.98
N ALA B 116 2.61 0.29 10.68
CA ALA B 116 3.68 -0.22 9.84
C ALA B 116 5.05 0.16 10.41
N ALA B 117 5.14 1.38 10.97
CA ALA B 117 6.38 1.85 11.56
C ALA B 117 6.64 1.17 12.91
N ASP B 118 7.07 -0.09 12.84
CA ASP B 118 7.36 -0.88 14.03
C ASP B 118 8.70 -0.50 14.65
N GLY B 119 9.54 0.21 13.89
CA GLY B 119 10.85 0.61 14.37
C GLY B 119 11.94 -0.34 13.93
N SER B 120 11.56 -1.48 13.35
CA SER B 120 12.52 -2.46 12.88
C SER B 120 13.33 -1.92 11.72
N ARG B 121 12.68 -1.78 10.57
CA ARG B 121 13.34 -1.26 9.37
C ARG B 121 12.49 -0.19 8.66
N PHE B 122 11.43 0.29 9.32
CA PHE B 122 10.57 1.31 8.73
C PHE B 122 10.52 2.55 9.62
N GLN B 123 10.90 3.71 9.06
CA GLN B 123 10.90 4.96 9.80
C GLN B 123 10.08 6.03 9.08
N VAL B 124 9.35 6.83 9.84
CA VAL B 124 8.52 7.88 9.27
C VAL B 124 8.86 9.25 9.87
N TRP B 125 9.78 9.96 9.25
CA TRP B 125 10.19 11.28 9.73
C TRP B 125 9.24 12.36 9.25
N ASP B 126 9.04 13.36 10.09
CA ASP B 126 8.17 14.49 9.75
C ASP B 126 9.00 15.66 9.25
N TYR B 127 8.73 16.06 8.00
CA TYR B 127 9.47 17.16 7.38
C TYR B 127 8.57 18.36 7.08
N ALA B 128 9.12 19.55 7.26
CA ALA B 128 8.41 20.79 6.97
C ALA B 128 8.84 21.34 5.63
N GLU B 129 8.02 22.20 5.05
CA GLU B 129 8.33 22.80 3.75
C GLU B 129 9.67 23.53 3.83
N GLY B 130 10.70 22.91 3.26
CA GLY B 130 12.03 23.48 3.28
C GLY B 130 13.01 22.61 4.06
N GLU B 131 12.47 21.73 4.91
CA GLU B 131 13.27 20.82 5.73
C GLU B 131 13.48 19.48 5.01
N VAL B 132 12.67 19.21 3.98
CA VAL B 132 12.77 17.97 3.22
C VAL B 132 14.21 17.68 2.77
N GLU B 133 14.90 18.73 2.34
CA GLU B 133 16.29 18.60 1.90
C GLU B 133 17.19 18.22 3.08
N THR B 134 16.89 18.78 4.25
CA THR B 134 17.64 18.49 5.47
C THR B 134 17.38 17.05 5.93
N MET B 135 16.14 16.59 5.77
CA MET B 135 15.76 15.24 6.17
C MET B 135 16.41 14.20 5.26
N LEU B 136 16.49 14.51 3.97
CA LEU B 136 17.08 13.60 2.99
C LEU B 136 18.58 13.43 3.24
N ASP B 137 19.26 14.53 3.57
CA ASP B 137 20.68 14.50 3.84
C ASP B 137 20.98 13.82 5.18
N ARG B 138 20.10 14.04 6.16
CA ARG B 138 20.26 13.44 7.48
C ARG B 138 19.91 11.96 7.45
N TYR B 139 18.93 11.60 6.61
CA TYR B 139 18.50 10.21 6.48
C TYR B 139 19.58 9.36 5.81
N PHE B 140 20.25 9.92 4.80
CA PHE B 140 21.30 9.22 4.09
C PHE B 140 22.58 9.15 4.92
N GLU B 141 22.84 10.21 5.69
CA GLU B 141 24.03 10.27 6.53
C GLU B 141 23.86 9.43 7.80
N ALA B 142 22.63 9.42 8.33
CA ALA B 142 22.33 8.66 9.54
C ALA B 142 22.27 7.16 9.25
N TYR B 143 21.86 6.81 8.02
CA TYR B 143 21.76 5.41 7.63
C TYR B 143 23.14 4.78 7.49
N LEU B 144 24.09 5.53 6.94
CA LEU B 144 25.45 5.04 6.76
C LEU B 144 26.18 4.95 8.09
N VAL B 145 25.91 5.89 8.98
CA VAL B 145 26.54 5.92 10.30
C VAL B 145 26.00 4.80 11.19
N GLU B 146 24.69 4.55 11.09
CA GLU B 146 24.05 3.50 11.88
C GLU B 146 24.28 2.11 11.28
N HIS B 147 24.41 2.05 9.95
CA HIS B 147 24.62 0.78 9.25
C HIS B 147 23.42 -0.16 9.41
N HIS B 148 22.26 0.41 9.76
CA HIS B 148 21.03 -0.35 9.95
C HIS B 148 19.89 0.57 10.39
N HIS B 149 18.72 -0.02 10.64
CA HIS B 149 17.56 0.76 11.09
C HIS B 149 17.10 0.31 12.47
N HIS B 150 16.74 1.28 13.32
CA HIS B 150 16.28 0.98 14.68
C HIS B 150 15.08 1.85 15.05
N HIS B 151 14.44 1.51 16.16
CA HIS B 151 13.27 2.25 16.65
C HIS B 151 13.61 3.72 16.92
N HIS B 152 12.63 4.59 16.72
CA HIS B 152 12.82 6.02 16.94
C HIS B 152 12.95 6.34 18.42
N MET A 1 -6.62 -26.59 1.20
CA MET A 1 -7.51 -27.17 2.24
C MET A 1 -8.64 -26.19 2.61
N ARG A 2 -8.26 -25.02 3.10
CA ARG A 2 -9.24 -24.00 3.49
C ARG A 2 -8.91 -22.65 2.86
N ARG A 3 -9.94 -21.99 2.32
CA ARG A 3 -9.77 -20.69 1.68
C ARG A 3 -10.13 -19.56 2.64
N SER A 4 -9.22 -18.60 2.81
CA SER A 4 -9.44 -17.47 3.71
C SER A 4 -9.54 -16.16 2.94
N VAL A 5 -10.66 -15.46 3.12
CA VAL A 5 -10.90 -14.19 2.45
C VAL A 5 -10.67 -13.02 3.42
N TYR A 6 -9.75 -12.13 3.06
CA TYR A 6 -9.46 -10.96 3.90
C TYR A 6 -10.13 -9.73 3.34
N PHE A 7 -11.05 -9.15 4.12
CA PHE A 7 -11.77 -7.96 3.71
C PHE A 7 -11.18 -6.71 4.36
N CYS A 8 -11.02 -5.65 3.57
CA CYS A 8 -10.46 -4.39 4.06
C CYS A 8 -11.36 -3.21 3.70
N GLY A 9 -11.59 -2.31 4.65
CA GLY A 9 -12.44 -1.16 4.39
C GLY A 9 -12.07 0.08 5.20
N SER A 10 -10.80 0.18 5.61
CA SER A 10 -10.29 1.33 6.39
C SER A 10 -11.16 1.60 7.61
N ILE A 11 -10.68 1.20 8.79
CA ILE A 11 -11.42 1.40 10.00
C ILE A 11 -10.95 2.66 10.73
N ARG A 12 -9.63 2.88 10.73
CA ARG A 12 -9.02 4.03 11.38
C ARG A 12 -9.53 4.17 12.81
N GLY A 13 -9.64 3.03 13.49
CA GLY A 13 -10.14 3.01 14.85
C GLY A 13 -11.57 3.53 14.96
N GLY A 14 -12.35 3.41 13.88
CA GLY A 14 -13.70 3.88 13.88
C GLY A 14 -14.71 2.81 14.24
N ARG A 15 -15.86 3.25 14.76
CA ARG A 15 -16.94 2.35 15.14
C ARG A 15 -18.02 2.28 14.07
N GLU A 16 -17.72 2.82 12.87
CA GLU A 16 -18.66 2.81 11.77
C GLU A 16 -18.30 1.72 10.75
N ASP A 17 -17.12 1.13 10.92
CA ASP A 17 -16.64 0.07 10.03
C ASP A 17 -16.92 -1.31 10.64
N GLN A 18 -16.97 -1.37 11.98
CA GLN A 18 -17.24 -2.62 12.69
C GLN A 18 -18.55 -3.23 12.23
N ALA A 19 -19.59 -2.39 12.11
CA ALA A 19 -20.91 -2.86 11.68
C ALA A 19 -20.83 -3.47 10.27
N LEU A 20 -20.07 -2.82 9.39
CA LEU A 20 -19.89 -3.31 8.03
C LEU A 20 -19.01 -4.55 8.02
N TYR A 21 -18.01 -4.58 8.90
CA TYR A 21 -17.08 -5.69 9.01
C TYR A 21 -17.77 -6.95 9.54
N ALA A 22 -18.72 -6.76 10.46
CA ALA A 22 -19.45 -7.89 11.03
C ALA A 22 -20.35 -8.55 9.99
N ARG A 23 -20.99 -7.74 9.16
CA ARG A 23 -21.88 -8.25 8.12
C ARG A 23 -21.10 -8.94 7.01
N ILE A 24 -19.93 -8.40 6.66
CA ILE A 24 -19.10 -8.98 5.62
C ILE A 24 -18.36 -10.21 6.14
N VAL A 25 -18.07 -10.23 7.45
CA VAL A 25 -17.38 -11.35 8.07
C VAL A 25 -18.26 -12.59 8.08
N SER A 26 -19.57 -12.40 8.31
CA SER A 26 -20.52 -13.51 8.33
C SER A 26 -20.63 -14.14 6.93
N ARG A 27 -20.65 -13.31 5.91
CA ARG A 27 -20.75 -13.78 4.53
C ARG A 27 -19.45 -14.43 4.08
N LEU A 28 -18.32 -13.87 4.52
CA LEU A 28 -17.01 -14.38 4.17
C LEU A 28 -16.75 -15.72 4.85
N ARG A 29 -17.19 -15.85 6.10
CA ARG A 29 -17.02 -17.09 6.86
C ARG A 29 -17.92 -18.20 6.30
N ARG A 30 -19.10 -17.81 5.81
CA ARG A 30 -20.05 -18.76 5.23
C ARG A 30 -19.44 -19.51 4.05
N TYR A 31 -18.61 -18.82 3.27
CA TYR A 31 -17.96 -19.42 2.11
C TYR A 31 -16.76 -20.26 2.54
N GLY A 32 -15.83 -19.63 3.27
CA GLY A 32 -14.65 -20.33 3.74
C GLY A 32 -14.22 -19.87 5.11
N LYS A 33 -13.37 -18.84 5.15
CA LYS A 33 -12.87 -18.30 6.41
C LYS A 33 -12.53 -16.82 6.28
N VAL A 34 -13.03 -16.01 7.21
CA VAL A 34 -12.76 -14.57 7.20
C VAL A 34 -11.44 -14.27 7.89
N LEU A 35 -10.71 -13.27 7.38
CA LEU A 35 -9.43 -12.90 7.96
C LEU A 35 -9.48 -11.52 8.64
N THR A 36 -10.69 -10.98 8.82
CA THR A 36 -10.86 -9.68 9.46
C THR A 36 -11.98 -9.72 10.50
N GLU A 37 -11.82 -10.61 11.48
CA GLU A 37 -12.79 -10.76 12.56
C GLU A 37 -12.47 -9.82 13.73
N HIS A 38 -11.18 -9.57 13.93
CA HIS A 38 -10.69 -8.68 14.99
C HIS A 38 -11.41 -7.33 15.00
N VAL A 39 -11.71 -6.82 13.80
CA VAL A 39 -12.37 -5.52 13.67
C VAL A 39 -13.72 -5.47 14.39
N ALA A 40 -14.26 -6.64 14.75
CA ALA A 40 -15.55 -6.71 15.44
C ALA A 40 -15.48 -7.67 16.64
N ASP A 41 -14.76 -7.27 17.69
CA ASP A 41 -14.64 -8.09 18.90
C ASP A 41 -14.80 -7.23 20.16
N ALA A 42 -15.81 -7.57 20.97
CA ALA A 42 -16.05 -6.83 22.22
C ALA A 42 -15.52 -7.61 23.41
N GLU A 43 -14.23 -7.89 23.37
CA GLU A 43 -13.53 -8.63 24.41
C GLU A 43 -12.10 -8.96 23.98
N LEU A 44 -11.26 -7.94 23.85
CA LEU A 44 -9.87 -8.12 23.43
C LEU A 44 -9.18 -9.18 24.27
N GLU A 45 -8.89 -10.33 23.64
CA GLU A 45 -8.24 -11.44 24.34
C GLU A 45 -6.96 -11.88 23.62
N PRO A 46 -5.86 -11.12 23.80
CA PRO A 46 -4.57 -11.43 23.17
C PRO A 46 -3.85 -12.58 23.87
N LEU A 47 -2.57 -12.73 23.54
CA LEU A 47 -1.74 -13.80 24.12
C LEU A 47 -0.25 -13.45 24.04
N GLY A 48 0.52 -13.95 25.00
CA GLY A 48 1.94 -13.69 25.02
C GLY A 48 2.33 -12.55 25.95
N GLU A 49 3.60 -12.15 25.92
CA GLU A 49 4.09 -11.07 26.75
C GLU A 49 5.25 -10.35 26.07
N GLU A 50 5.06 -9.05 25.79
CA GLU A 50 6.09 -8.24 25.15
C GLU A 50 6.18 -6.87 25.82
N ALA A 51 7.27 -6.15 25.52
CA ALA A 51 7.49 -4.82 26.10
C ALA A 51 6.65 -3.78 25.38
N ALA A 52 5.36 -3.71 25.75
CA ALA A 52 4.42 -2.74 25.16
C ALA A 52 4.07 -3.11 23.72
N GLY A 53 2.80 -3.43 23.49
CA GLY A 53 2.34 -3.78 22.15
C GLY A 53 1.07 -3.05 21.75
N GLY A 54 0.93 -2.76 20.47
CA GLY A 54 -0.25 -2.06 19.98
C GLY A 54 -0.29 -1.95 18.47
N ASP A 55 0.17 -0.81 17.95
CA ASP A 55 0.18 -0.57 16.50
C ASP A 55 1.02 -1.63 15.78
N GLN A 56 2.21 -1.92 16.30
CA GLN A 56 3.10 -2.92 15.70
C GLN A 56 2.40 -4.28 15.65
N PHE A 57 1.71 -4.64 16.73
CA PHE A 57 0.98 -5.90 16.80
C PHE A 57 -0.08 -5.97 15.71
N ILE A 58 -0.72 -4.83 15.42
CA ILE A 58 -1.74 -4.75 14.38
C ILE A 58 -1.17 -5.13 13.03
N HIS A 59 0.05 -4.65 12.77
CA HIS A 59 0.73 -4.93 11.50
C HIS A 59 1.10 -6.41 11.41
N GLU A 60 1.53 -6.98 12.53
CA GLU A 60 1.92 -8.39 12.58
C GLU A 60 0.73 -9.32 12.33
N GLN A 61 -0.43 -8.95 12.88
CA GLN A 61 -1.64 -9.74 12.72
C GLN A 61 -2.13 -9.74 11.27
N ALA A 62 -2.02 -8.58 10.63
CA ALA A 62 -2.45 -8.42 9.24
C ALA A 62 -1.61 -9.26 8.28
N LEU A 63 -0.30 -9.34 8.53
CA LEU A 63 0.60 -10.12 7.69
C LEU A 63 0.32 -11.62 7.82
N ASN A 64 0.02 -12.07 9.03
CA ASN A 64 -0.27 -13.47 9.29
C ASN A 64 -1.59 -13.90 8.65
N TRP A 65 -2.58 -13.01 8.69
CA TRP A 65 -3.89 -13.31 8.12
C TRP A 65 -3.83 -13.38 6.59
N LEU A 66 -3.03 -12.52 5.97
CA LEU A 66 -2.90 -12.49 4.52
C LEU A 66 -1.95 -13.59 4.03
N GLN A 67 -1.13 -14.14 4.93
CA GLN A 67 -0.18 -15.19 4.58
C GLN A 67 -0.91 -16.40 3.98
N GLN A 68 -2.13 -16.66 4.45
CA GLN A 68 -2.92 -17.78 3.96
C GLN A 68 -4.26 -17.29 3.39
N ALA A 69 -4.27 -16.09 2.81
CA ALA A 69 -5.48 -15.52 2.23
C ALA A 69 -5.63 -15.92 0.77
N ASP A 70 -6.64 -16.74 0.51
CA ASP A 70 -6.94 -17.21 -0.84
C ASP A 70 -7.41 -16.05 -1.73
N VAL A 71 -7.91 -14.98 -1.11
CA VAL A 71 -8.38 -13.81 -1.85
C VAL A 71 -8.68 -12.64 -0.91
N VAL A 72 -8.33 -11.43 -1.35
CA VAL A 72 -8.56 -10.23 -0.56
C VAL A 72 -9.57 -9.31 -1.26
N VAL A 73 -10.54 -8.82 -0.49
CA VAL A 73 -11.56 -7.93 -1.04
C VAL A 73 -11.59 -6.61 -0.26
N ALA A 74 -11.57 -5.49 -0.98
CA ALA A 74 -11.55 -4.17 -0.34
C ALA A 74 -12.78 -3.35 -0.69
N GLU A 75 -13.14 -2.43 0.22
CA GLU A 75 -14.29 -1.55 0.04
C GLU A 75 -13.96 -0.15 0.54
N VAL A 76 -13.48 0.71 -0.36
CA VAL A 76 -13.11 2.07 -0.01
C VAL A 76 -13.49 3.05 -1.11
N THR A 77 -14.18 4.13 -0.74
CA THR A 77 -14.63 5.14 -1.70
C THR A 77 -13.65 6.31 -1.77
N GLN A 78 -12.38 6.07 -1.40
CA GLN A 78 -11.36 7.13 -1.42
C GLN A 78 -9.97 6.54 -1.21
N PRO A 79 -8.92 7.25 -1.65
CA PRO A 79 -7.52 6.80 -1.49
C PRO A 79 -7.14 6.61 -0.02
N SER A 80 -7.26 5.36 0.45
CA SER A 80 -6.94 5.04 1.84
C SER A 80 -5.49 4.55 1.96
N LEU A 81 -4.72 5.22 2.80
CA LEU A 81 -3.31 4.87 3.01
C LEU A 81 -3.17 3.50 3.67
N GLY A 82 -3.92 3.28 4.75
CA GLY A 82 -3.86 2.01 5.46
C GLY A 82 -4.38 0.85 4.63
N VAL A 83 -5.48 1.07 3.93
CA VAL A 83 -6.07 0.03 3.09
C VAL A 83 -5.22 -0.20 1.85
N GLY A 84 -4.63 0.87 1.31
CA GLY A 84 -3.77 0.74 0.14
C GLY A 84 -2.51 -0.03 0.49
N TYR A 85 -2.06 0.13 1.73
CA TYR A 85 -0.87 -0.55 2.24
C TYR A 85 -1.12 -2.06 2.33
N GLU A 86 -2.29 -2.43 2.85
CA GLU A 86 -2.68 -3.83 2.97
C GLU A 86 -2.95 -4.44 1.60
N LEU A 87 -3.52 -3.64 0.70
CA LEU A 87 -3.83 -4.10 -0.65
C LEU A 87 -2.56 -4.34 -1.47
N GLY A 88 -1.56 -3.46 -1.28
CA GLY A 88 -0.31 -3.62 -2.00
C GLY A 88 0.43 -4.86 -1.59
N ARG A 89 0.43 -5.16 -0.29
CA ARG A 89 1.09 -6.36 0.21
C ARG A 89 0.27 -7.61 -0.13
N ALA A 90 -1.03 -7.44 -0.31
CA ALA A 90 -1.92 -8.54 -0.65
C ALA A 90 -1.63 -9.07 -2.07
N VAL A 91 -1.29 -8.16 -2.99
CA VAL A 91 -0.98 -8.54 -4.36
C VAL A 91 0.38 -9.23 -4.43
N ALA A 92 1.34 -8.73 -3.64
CA ALA A 92 2.68 -9.30 -3.59
C ALA A 92 2.70 -10.64 -2.88
N LEU A 93 1.88 -10.77 -1.84
CA LEU A 93 1.79 -12.00 -1.06
C LEU A 93 0.88 -13.02 -1.76
N GLY A 94 -0.37 -12.62 -2.00
CA GLY A 94 -1.32 -13.49 -2.66
C GLY A 94 -1.37 -13.26 -4.16
N LYS A 95 -2.53 -12.82 -4.66
CA LYS A 95 -2.71 -12.55 -6.09
C LYS A 95 -4.11 -12.02 -6.39
N PRO A 96 -5.17 -12.82 -6.10
CA PRO A 96 -6.56 -12.41 -6.35
C PRO A 96 -7.04 -11.30 -5.40
N ILE A 97 -6.94 -10.06 -5.86
CA ILE A 97 -7.37 -8.91 -5.06
C ILE A 97 -8.62 -8.24 -5.64
N LEU A 98 -9.43 -7.67 -4.75
CA LEU A 98 -10.65 -6.98 -5.16
C LEU A 98 -10.70 -5.59 -4.54
N CYS A 99 -11.20 -4.62 -5.30
CA CYS A 99 -11.30 -3.23 -4.82
C CYS A 99 -12.65 -2.63 -5.17
N LEU A 100 -13.33 -2.09 -4.15
CA LEU A 100 -14.64 -1.46 -4.35
C LEU A 100 -14.55 0.05 -4.18
N PHE A 101 -14.50 0.77 -5.29
CA PHE A 101 -14.41 2.23 -5.26
C PHE A 101 -15.74 2.84 -5.71
N ARG A 102 -16.40 3.55 -4.79
CA ARG A 102 -17.68 4.18 -5.10
C ARG A 102 -17.57 5.17 -6.26
N PRO A 103 -18.35 4.95 -7.33
CA PRO A 103 -18.35 5.84 -8.49
C PRO A 103 -18.90 7.22 -8.14
N GLN A 104 -18.15 8.26 -8.51
CA GLN A 104 -18.53 9.64 -8.22
C GLN A 104 -18.37 9.95 -6.73
N SER A 105 -17.47 9.23 -6.05
CA SER A 105 -17.22 9.43 -4.63
C SER A 105 -16.65 10.82 -4.36
N GLY A 106 -15.92 11.35 -5.34
CA GLY A 106 -15.32 12.66 -5.20
C GLY A 106 -13.80 12.60 -5.29
N ARG A 107 -13.22 11.53 -4.73
CA ARG A 107 -11.79 11.35 -4.74
C ARG A 107 -11.38 10.36 -5.83
N VAL A 108 -10.08 10.08 -5.87
CA VAL A 108 -9.52 9.16 -6.86
C VAL A 108 -8.27 8.46 -6.29
N LEU A 109 -8.01 7.25 -6.77
CA LEU A 109 -6.86 6.47 -6.30
C LEU A 109 -5.56 7.02 -6.92
N SER A 110 -5.09 6.42 -8.02
CA SER A 110 -3.86 6.85 -8.69
C SER A 110 -3.46 5.88 -9.80
N ALA A 111 -2.31 6.14 -10.42
CA ALA A 111 -1.79 5.28 -11.49
C ALA A 111 -1.29 3.94 -10.96
N MET A 112 -0.81 3.93 -9.71
CA MET A 112 -0.31 2.70 -9.09
C MET A 112 -1.41 1.64 -9.03
N ILE A 113 -2.62 2.05 -8.62
CA ILE A 113 -3.74 1.13 -8.51
C ILE A 113 -4.23 0.69 -9.90
N ARG A 114 -4.19 1.61 -10.86
CA ARG A 114 -4.60 1.30 -12.23
C ARG A 114 -3.66 0.27 -12.83
N GLY A 115 -2.35 0.49 -12.62
CA GLY A 115 -1.35 -0.43 -13.12
C GLY A 115 -1.41 -1.77 -12.42
N ALA A 116 -1.70 -1.75 -11.12
CA ALA A 116 -1.81 -2.96 -10.33
C ALA A 116 -2.98 -3.82 -10.82
N ALA A 117 -4.12 -3.16 -11.08
CA ALA A 117 -5.31 -3.87 -11.55
C ALA A 117 -5.20 -4.16 -13.04
N ASP A 118 -4.49 -5.24 -13.36
CA ASP A 118 -4.30 -5.66 -14.75
C ASP A 118 -5.55 -6.37 -15.29
N GLY A 119 -6.42 -6.83 -14.39
CA GLY A 119 -7.64 -7.52 -14.81
C GLY A 119 -7.59 -9.02 -14.58
N SER A 120 -6.38 -9.57 -14.38
CA SER A 120 -6.23 -11.01 -14.16
C SER A 120 -6.83 -11.43 -12.84
N ARG A 121 -6.10 -11.16 -11.76
CA ARG A 121 -6.56 -11.51 -10.41
C ARG A 121 -6.98 -10.26 -9.62
N PHE A 122 -6.66 -9.07 -10.13
CA PHE A 122 -7.02 -7.83 -9.46
C PHE A 122 -8.16 -7.13 -10.20
N GLN A 123 -9.30 -6.95 -9.50
CA GLN A 123 -10.46 -6.29 -10.09
C GLN A 123 -10.93 -5.13 -9.22
N VAL A 124 -11.44 -4.07 -9.86
CA VAL A 124 -11.91 -2.90 -9.14
C VAL A 124 -13.31 -2.49 -9.61
N TRP A 125 -14.33 -2.84 -8.81
CA TRP A 125 -15.71 -2.51 -9.14
C TRP A 125 -16.16 -1.23 -8.47
N ASP A 126 -17.13 -0.57 -9.09
CA ASP A 126 -17.68 0.68 -8.56
C ASP A 126 -19.03 0.43 -7.91
N TYR A 127 -19.15 0.75 -6.61
CA TYR A 127 -20.39 0.56 -5.88
C TYR A 127 -20.93 1.89 -5.33
N ALA A 128 -22.16 2.21 -5.71
CA ALA A 128 -22.80 3.43 -5.26
C ALA A 128 -23.69 3.17 -4.04
N GLU A 129 -23.11 3.35 -2.85
CA GLU A 129 -23.82 3.16 -1.57
C GLU A 129 -24.58 1.86 -1.51
N GLY A 130 -25.84 1.94 -1.81
CA GLY A 130 -26.71 0.78 -1.80
C GLY A 130 -26.27 -0.31 -2.76
N GLU A 131 -25.19 -0.06 -3.51
CA GLU A 131 -24.68 -1.06 -4.47
C GLU A 131 -23.59 -1.94 -3.85
N VAL A 132 -23.09 -1.57 -2.67
CA VAL A 132 -22.05 -2.35 -1.99
C VAL A 132 -22.50 -3.79 -1.73
N GLU A 133 -23.80 -3.95 -1.48
CA GLU A 133 -24.38 -5.28 -1.23
C GLU A 133 -24.48 -6.06 -2.53
N THR A 134 -24.84 -5.38 -3.61
CA THR A 134 -24.97 -6.01 -4.92
C THR A 134 -23.59 -6.38 -5.48
N MET A 135 -22.60 -5.52 -5.24
CA MET A 135 -21.24 -5.75 -5.72
C MET A 135 -20.60 -6.93 -4.98
N LEU A 136 -20.87 -7.02 -3.68
CA LEU A 136 -20.32 -8.10 -2.86
C LEU A 136 -20.98 -9.43 -3.19
N ASP A 137 -22.29 -9.38 -3.47
CA ASP A 137 -23.04 -10.59 -3.81
C ASP A 137 -22.60 -11.12 -5.18
N ARG A 138 -22.37 -10.20 -6.12
CA ARG A 138 -21.94 -10.58 -7.46
C ARG A 138 -20.50 -11.06 -7.46
N TYR A 139 -19.67 -10.47 -6.60
CA TYR A 139 -18.26 -10.84 -6.49
C TYR A 139 -18.10 -12.23 -5.88
N PHE A 140 -18.94 -12.54 -4.87
CA PHE A 140 -18.91 -13.83 -4.22
C PHE A 140 -19.60 -14.89 -5.06
N GLU A 141 -20.65 -14.48 -5.77
CA GLU A 141 -21.40 -15.39 -6.64
C GLU A 141 -20.60 -15.74 -7.89
N ALA A 142 -19.87 -14.75 -8.43
CA ALA A 142 -19.05 -14.96 -9.62
C ALA A 142 -17.79 -15.75 -9.28
N TYR A 143 -17.36 -15.67 -8.03
CA TYR A 143 -16.17 -16.37 -7.57
C TYR A 143 -16.44 -17.87 -7.44
N LEU A 144 -17.62 -18.20 -6.92
CA LEU A 144 -18.01 -19.60 -6.72
C LEU A 144 -18.26 -20.29 -8.06
N VAL A 145 -18.84 -19.55 -9.01
CA VAL A 145 -19.13 -20.10 -10.34
C VAL A 145 -17.87 -20.27 -11.18
N GLU A 146 -16.92 -19.35 -11.02
CA GLU A 146 -15.67 -19.39 -11.77
C GLU A 146 -14.70 -20.40 -11.15
N HIS A 147 -14.74 -20.52 -9.81
CA HIS A 147 -13.87 -21.44 -9.09
C HIS A 147 -12.39 -21.06 -9.24
N HIS A 148 -12.13 -19.81 -9.67
CA HIS A 148 -10.76 -19.32 -9.85
C HIS A 148 -10.75 -17.88 -10.36
N HIS A 149 -9.56 -17.30 -10.47
CA HIS A 149 -9.41 -15.92 -10.95
C HIS A 149 -8.36 -15.85 -12.06
N HIS A 150 -8.81 -15.60 -13.29
CA HIS A 150 -7.91 -15.52 -14.44
C HIS A 150 -8.14 -14.21 -15.22
N HIS A 151 -7.39 -14.04 -16.31
CA HIS A 151 -7.49 -12.84 -17.15
C HIS A 151 -8.96 -12.47 -17.40
N HIS A 152 -9.36 -11.30 -16.91
CA HIS A 152 -10.72 -10.82 -17.07
C HIS A 152 -10.75 -9.37 -17.56
N MET B 1 26.66 -5.67 -3.00
CA MET B 1 27.52 -5.04 -4.04
C MET B 1 27.13 -3.58 -4.28
N ARG B 2 25.89 -3.36 -4.69
CA ARG B 2 25.40 -2.00 -4.95
C ARG B 2 24.07 -1.76 -4.23
N ARG B 3 23.97 -0.59 -3.58
CA ARG B 3 22.75 -0.22 -2.85
C ARG B 3 21.87 0.68 -3.71
N SER B 4 20.59 0.30 -3.84
CA SER B 4 19.64 1.06 -4.63
C SER B 4 18.55 1.67 -3.75
N VAL B 5 18.41 3.00 -3.82
CA VAL B 5 17.40 3.71 -3.04
C VAL B 5 16.21 4.10 -3.91
N TYR B 6 15.02 3.64 -3.54
CA TYR B 6 13.81 3.96 -4.30
C TYR B 6 13.03 5.07 -3.60
N PHE B 7 12.89 6.20 -4.28
CA PHE B 7 12.16 7.33 -3.74
C PHE B 7 10.74 7.40 -4.32
N CYS B 8 9.76 7.66 -3.45
CA CYS B 8 8.36 7.76 -3.87
C CYS B 8 7.74 9.05 -3.37
N GLY B 9 6.98 9.73 -4.23
CA GLY B 9 6.34 10.98 -3.84
C GLY B 9 5.03 11.26 -4.55
N SER B 10 4.35 10.19 -5.03
CA SER B 10 3.07 10.31 -5.74
C SER B 10 3.15 11.31 -6.89
N ILE B 11 3.23 10.80 -8.12
CA ILE B 11 3.32 11.64 -9.27
C ILE B 11 1.95 11.83 -9.92
N ARG B 12 1.18 10.75 -9.97
CA ARG B 12 -0.17 10.75 -10.56
C ARG B 12 -0.13 11.40 -11.94
N GLY B 13 0.90 11.06 -12.70
CA GLY B 13 1.07 11.60 -14.04
C GLY B 13 1.23 13.12 -14.03
N GLY B 14 1.75 13.67 -12.93
CA GLY B 14 1.93 15.10 -12.82
C GLY B 14 3.31 15.56 -13.21
N ARG B 15 3.40 16.82 -13.63
CA ARG B 15 4.67 17.42 -14.04
C ARG B 15 5.27 18.26 -12.91
N GLU B 16 4.71 18.14 -11.70
CA GLU B 16 5.20 18.88 -10.54
C GLU B 16 6.05 17.99 -9.65
N ASP B 17 6.06 16.69 -9.92
CA ASP B 17 6.83 15.73 -9.15
C ASP B 17 8.16 15.43 -9.85
N GLN B 18 8.16 15.55 -11.18
CA GLN B 18 9.37 15.30 -11.98
C GLN B 18 10.52 16.18 -11.51
N ALA B 19 10.24 17.45 -11.27
CA ALA B 19 11.27 18.39 -10.80
C ALA B 19 11.84 17.94 -9.47
N LEU B 20 10.97 17.48 -8.57
CA LEU B 20 11.40 17.00 -7.26
C LEU B 20 12.12 15.65 -7.39
N TYR B 21 11.64 14.82 -8.32
CA TYR B 21 12.23 13.51 -8.57
C TYR B 21 13.63 13.61 -9.16
N ALA B 22 13.84 14.63 -10.01
CA ALA B 22 15.15 14.83 -10.63
C ALA B 22 16.19 15.26 -9.61
N ARG B 23 15.79 16.12 -8.68
CA ARG B 23 16.69 16.61 -7.64
C ARG B 23 17.02 15.50 -6.63
N ILE B 24 16.03 14.68 -6.31
CA ILE B 24 16.23 13.58 -5.35
C ILE B 24 16.99 12.43 -6.01
N VAL B 25 16.80 12.27 -7.33
CA VAL B 25 17.47 11.21 -8.08
C VAL B 25 18.98 11.46 -8.13
N SER B 26 19.37 12.72 -8.28
CA SER B 26 20.78 13.08 -8.35
C SER B 26 21.47 12.80 -7.01
N ARG B 27 20.78 13.10 -5.90
CA ARG B 27 21.31 12.87 -4.58
C ARG B 27 21.34 11.38 -4.24
N LEU B 28 20.31 10.66 -4.70
CA LEU B 28 20.21 9.22 -4.46
C LEU B 28 21.27 8.46 -5.25
N ARG B 29 21.51 8.90 -6.49
CA ARG B 29 22.51 8.27 -7.35
C ARG B 29 23.92 8.54 -6.83
N ARG B 30 24.13 9.72 -6.25
CA ARG B 30 25.43 10.11 -5.71
C ARG B 30 25.88 9.14 -4.62
N TYR B 31 24.94 8.63 -3.83
CA TYR B 31 25.24 7.70 -2.76
C TYR B 31 25.44 6.29 -3.32
N GLY B 32 24.42 5.80 -4.03
CA GLY B 32 24.51 4.47 -4.62
C GLY B 32 23.83 4.40 -5.97
N LYS B 33 22.53 4.09 -5.97
CA LYS B 33 21.76 3.97 -7.20
C LYS B 33 20.29 4.32 -6.98
N VAL B 34 19.75 5.20 -7.81
CA VAL B 34 18.34 5.59 -7.70
C VAL B 34 17.44 4.60 -8.44
N LEU B 35 16.26 4.35 -7.88
CA LEU B 35 15.33 3.40 -8.49
C LEU B 35 14.09 4.12 -9.05
N THR B 36 14.13 5.45 -9.12
CA THR B 36 13.02 6.23 -9.64
C THR B 36 13.50 7.30 -10.64
N GLU B 37 14.16 6.84 -11.69
CA GLU B 37 14.68 7.73 -12.73
C GLU B 37 13.65 7.95 -13.84
N HIS B 38 12.83 6.92 -14.07
CA HIS B 38 11.77 6.97 -15.09
C HIS B 38 10.88 8.20 -14.95
N VAL B 39 10.61 8.60 -13.71
CA VAL B 39 9.75 9.75 -13.43
C VAL B 39 10.26 11.04 -14.08
N ALA B 40 11.54 11.04 -14.49
CA ALA B 40 12.14 12.21 -15.13
C ALA B 40 12.90 11.83 -16.40
N ASP B 41 12.17 11.45 -17.45
CA ASP B 41 12.80 11.09 -18.73
C ASP B 41 12.04 11.69 -19.90
N ALA B 42 12.75 12.51 -20.69
CA ALA B 42 12.13 13.16 -21.86
C ALA B 42 12.55 12.44 -23.13
N GLU B 43 12.21 11.15 -23.18
CA GLU B 43 12.51 10.29 -24.33
C GLU B 43 12.20 8.83 -23.98
N LEU B 44 10.92 8.52 -23.82
CA LEU B 44 10.49 7.17 -23.48
C LEU B 44 11.09 6.14 -24.44
N GLU B 45 12.02 5.33 -23.93
CA GLU B 45 12.69 4.32 -24.73
C GLU B 45 12.54 2.92 -24.12
N PRO B 46 11.37 2.29 -24.30
CA PRO B 46 11.10 0.94 -23.77
C PRO B 46 11.78 -0.15 -24.58
N LEU B 47 11.36 -1.39 -24.33
CA LEU B 47 11.91 -2.55 -25.03
C LEU B 47 10.94 -3.73 -25.00
N GLY B 48 11.00 -4.56 -26.05
CA GLY B 48 10.13 -5.73 -26.12
C GLY B 48 8.90 -5.49 -26.97
N GLU B 49 7.98 -6.46 -26.96
CA GLU B 49 6.75 -6.35 -27.73
C GLU B 49 5.61 -7.13 -27.06
N GLU B 50 4.57 -6.42 -26.67
CA GLU B 50 3.42 -7.02 -26.01
C GLU B 50 2.11 -6.45 -26.58
N ALA B 51 1.00 -7.13 -26.28
CA ALA B 51 -0.31 -6.70 -26.75
C ALA B 51 -0.85 -5.54 -25.91
N ALA B 52 -0.35 -4.33 -26.21
CA ALA B 52 -0.76 -3.12 -25.50
C ALA B 52 -0.20 -3.09 -24.07
N GLY B 53 0.65 -2.10 -23.81
CA GLY B 53 1.25 -1.95 -22.48
C GLY B 53 1.17 -0.53 -21.97
N GLY B 54 1.03 -0.37 -20.65
CA GLY B 54 0.95 0.95 -20.05
C GLY B 54 0.95 0.91 -18.54
N ASP B 55 -0.24 0.95 -17.95
CA ASP B 55 -0.39 0.92 -16.50
C ASP B 55 0.22 -0.34 -15.89
N GLN B 56 -0.08 -1.50 -16.49
CA GLN B 56 0.45 -2.77 -16.03
C GLN B 56 1.98 -2.76 -16.05
N PHE B 57 2.56 -2.21 -17.12
CA PHE B 57 4.00 -2.11 -17.25
C PHE B 57 4.60 -1.27 -16.12
N ILE B 58 3.87 -0.23 -15.71
CA ILE B 58 4.30 0.64 -14.63
C ILE B 58 4.46 -0.15 -13.33
N HIS B 59 3.50 -1.05 -13.09
CA HIS B 59 3.51 -1.89 -11.90
C HIS B 59 4.67 -2.88 -11.94
N GLU B 60 4.95 -3.42 -13.13
CA GLU B 60 6.02 -4.39 -13.30
C GLU B 60 7.39 -3.74 -13.07
N GLN B 61 7.55 -2.51 -13.53
CA GLN B 61 8.82 -1.78 -13.37
C GLN B 61 9.09 -1.47 -11.90
N ALA B 62 8.04 -1.10 -11.16
CA ALA B 62 8.16 -0.76 -9.76
C ALA B 62 8.59 -1.95 -8.91
N LEU B 63 8.06 -3.14 -9.24
CA LEU B 63 8.40 -4.35 -8.51
C LEU B 63 9.85 -4.76 -8.73
N ASN B 64 10.33 -4.58 -9.96
CA ASN B 64 11.70 -4.93 -10.33
C ASN B 64 12.71 -3.99 -9.65
N TRP B 65 12.35 -2.71 -9.56
CA TRP B 65 13.22 -1.71 -8.95
C TRP B 65 13.34 -1.92 -7.44
N LEU B 66 12.24 -2.30 -6.81
CA LEU B 66 12.23 -2.53 -5.37
C LEU B 66 12.81 -3.90 -5.01
N GLN B 67 12.90 -4.80 -6.00
CA GLN B 67 13.44 -6.14 -5.78
C GLN B 67 14.87 -6.07 -5.24
N GLN B 68 15.63 -5.05 -5.68
CA GLN B 68 17.01 -4.87 -5.24
C GLN B 68 17.19 -3.51 -4.56
N ALA B 69 16.14 -3.02 -3.89
CA ALA B 69 16.20 -1.75 -3.20
C ALA B 69 16.70 -1.90 -1.77
N ASP B 70 17.90 -1.37 -1.52
CA ASP B 70 18.51 -1.42 -0.20
C ASP B 70 17.73 -0.58 0.80
N VAL B 71 16.97 0.40 0.28
CA VAL B 71 16.16 1.28 1.14
C VAL B 71 15.21 2.13 0.32
N VAL B 72 13.99 2.32 0.84
CA VAL B 72 12.97 3.12 0.17
C VAL B 72 12.64 4.37 0.98
N VAL B 73 12.58 5.52 0.31
CA VAL B 73 12.28 6.78 0.97
C VAL B 73 11.07 7.45 0.30
N ALA B 74 10.09 7.85 1.11
CA ALA B 74 8.88 8.47 0.57
C ALA B 74 8.70 9.91 1.05
N GLU B 75 8.00 10.70 0.25
CA GLU B 75 7.73 12.11 0.55
C GLU B 75 6.30 12.47 0.15
N VAL B 76 5.38 12.34 1.09
CA VAL B 76 3.97 12.64 0.83
C VAL B 76 3.32 13.32 2.04
N THR B 77 2.65 14.45 1.79
CA THR B 77 1.98 15.21 2.84
C THR B 77 0.50 14.85 2.96
N GLN B 78 0.13 13.64 2.50
CA GLN B 78 -1.26 13.18 2.56
C GLN B 78 -1.36 11.70 2.22
N PRO B 79 -2.46 11.03 2.67
CA PRO B 79 -2.67 9.60 2.40
C PRO B 79 -2.74 9.30 0.91
N SER B 80 -1.60 8.89 0.34
CA SER B 80 -1.52 8.57 -1.08
C SER B 80 -1.73 7.07 -1.31
N LEU B 81 -2.71 6.74 -2.14
CA LEU B 81 -3.04 5.35 -2.45
C LEU B 81 -1.91 4.68 -3.22
N GLY B 82 -1.43 5.34 -4.27
CA GLY B 82 -0.36 4.78 -5.09
C GLY B 82 0.95 4.66 -4.34
N VAL B 83 1.28 5.69 -3.55
CA VAL B 83 2.50 5.70 -2.77
C VAL B 83 2.41 4.73 -1.60
N GLY B 84 1.21 4.63 -1.00
CA GLY B 84 1.01 3.71 0.10
C GLY B 84 1.11 2.26 -0.36
N TYR B 85 0.71 2.04 -1.62
CA TYR B 85 0.77 0.73 -2.24
C TYR B 85 2.22 0.28 -2.43
N GLU B 86 3.04 1.21 -2.92
CA GLU B 86 4.46 0.95 -3.14
C GLU B 86 5.20 0.81 -1.81
N LEU B 87 4.79 1.61 -0.81
CA LEU B 87 5.40 1.57 0.50
C LEU B 87 5.09 0.27 1.23
N GLY B 88 3.85 -0.22 1.07
CA GLY B 88 3.46 -1.47 1.70
C GLY B 88 4.24 -2.66 1.17
N ARG B 89 4.44 -2.68 -0.15
CA ARG B 89 5.19 -3.74 -0.78
C ARG B 89 6.68 -3.60 -0.51
N ALA B 90 7.12 -2.36 -0.24
CA ALA B 90 8.53 -2.09 0.05
C ALA B 90 8.93 -2.69 1.40
N VAL B 91 8.01 -2.67 2.38
CA VAL B 91 8.29 -3.23 3.70
C VAL B 91 8.29 -4.75 3.64
N ALA B 92 7.39 -5.32 2.84
CA ALA B 92 7.30 -6.78 2.68
C ALA B 92 8.46 -7.33 1.87
N LEU B 93 8.88 -6.56 0.86
CA LEU B 93 9.99 -6.97 -0.01
C LEU B 93 11.33 -6.65 0.65
N GLY B 94 11.54 -5.38 0.99
CA GLY B 94 12.78 -4.97 1.62
C GLY B 94 12.66 -4.94 3.14
N LYS B 95 12.82 -3.75 3.72
CA LYS B 95 12.74 -3.59 5.18
C LYS B 95 12.90 -2.12 5.59
N PRO B 96 14.06 -1.50 5.29
CA PRO B 96 14.32 -0.10 5.65
C PRO B 96 13.50 0.88 4.82
N ILE B 97 12.37 1.32 5.37
CA ILE B 97 11.48 2.26 4.68
C ILE B 97 11.48 3.63 5.38
N LEU B 98 11.28 4.68 4.58
CA LEU B 98 11.23 6.05 5.10
C LEU B 98 9.98 6.75 4.60
N CYS B 99 9.37 7.56 5.47
CA CYS B 99 8.15 8.29 5.11
C CYS B 99 8.23 9.75 5.57
N LEU B 100 7.99 10.67 4.64
CA LEU B 100 8.03 12.10 4.95
C LEU B 100 6.63 12.70 4.89
N PHE B 101 6.01 12.87 6.05
CA PHE B 101 4.67 13.45 6.15
C PHE B 101 4.73 14.87 6.70
N ARG B 102 4.35 15.84 5.88
CA ARG B 102 4.37 17.25 6.30
C ARG B 102 3.49 17.48 7.52
N PRO B 103 4.09 18.01 8.62
CA PRO B 103 3.35 18.30 9.84
C PRO B 103 2.34 19.42 9.64
N GLN B 104 1.10 19.17 10.05
CA GLN B 104 0.02 20.15 9.89
C GLN B 104 -0.41 20.27 8.42
N SER B 105 -0.19 19.20 7.65
CA SER B 105 -0.55 19.18 6.23
C SER B 105 -2.07 19.30 6.05
N GLY B 106 -2.82 18.81 7.03
CA GLY B 106 -4.26 18.84 6.97
C GLY B 106 -4.87 17.47 6.97
N ARG B 107 -4.22 16.52 6.30
CA ARG B 107 -4.68 15.16 6.22
C ARG B 107 -3.93 14.27 7.20
N VAL B 108 -4.25 12.98 7.16
CA VAL B 108 -3.63 11.98 8.04
C VAL B 108 -3.59 10.62 7.34
N LEU B 109 -2.60 9.80 7.72
CA LEU B 109 -2.44 8.48 7.14
C LEU B 109 -3.48 7.50 7.72
N SER B 110 -3.09 6.73 8.75
CA SER B 110 -3.99 5.77 9.39
C SER B 110 -3.24 4.89 10.39
N ALA B 111 -3.95 3.92 10.98
CA ALA B 111 -3.36 3.00 11.95
C ALA B 111 -2.41 2.01 11.28
N MET B 112 -2.68 1.67 10.01
CA MET B 112 -1.82 0.73 9.28
C MET B 112 -0.39 1.26 9.18
N ILE B 113 -0.25 2.54 8.87
CA ILE B 113 1.07 3.16 8.75
C ILE B 113 1.75 3.28 10.12
N ARG B 114 0.95 3.58 11.15
CA ARG B 114 1.48 3.69 12.50
C ARG B 114 2.02 2.35 12.97
N GLY B 115 1.23 1.30 12.72
CA GLY B 115 1.63 -0.05 13.09
C GLY B 115 2.83 -0.52 12.28
N ALA B 116 2.87 -0.14 11.01
CA ALA B 116 3.97 -0.52 10.13
C ALA B 116 5.27 0.11 10.61
N ALA B 117 5.21 1.40 10.97
CA ALA B 117 6.38 2.12 11.44
C ALA B 117 6.68 1.76 12.90
N ASP B 118 7.34 0.62 13.10
CA ASP B 118 7.70 0.17 14.44
C ASP B 118 8.92 0.92 14.98
N GLY B 119 9.67 1.57 14.09
CA GLY B 119 10.85 2.33 14.51
C GLY B 119 12.17 1.64 14.17
N SER B 120 12.11 0.34 13.86
CA SER B 120 13.32 -0.42 13.52
C SER B 120 13.90 0.04 12.20
N ARG B 121 13.28 -0.40 11.11
CA ARG B 121 13.71 -0.05 9.76
C ARG B 121 12.76 0.95 9.09
N PHE B 122 11.57 1.15 9.69
CA PHE B 122 10.59 2.08 9.13
C PHE B 122 10.50 3.35 9.98
N GLN B 123 10.81 4.48 9.36
CA GLN B 123 10.77 5.77 10.06
C GLN B 123 9.90 6.77 9.31
N VAL B 124 9.22 7.64 10.06
CA VAL B 124 8.34 8.64 9.46
C VAL B 124 8.62 10.03 10.03
N TRP B 125 9.33 10.86 9.26
CA TRP B 125 9.68 12.21 9.69
C TRP B 125 8.70 13.23 9.14
N ASP B 126 8.56 14.34 9.86
CA ASP B 126 7.67 15.42 9.47
C ASP B 126 8.47 16.58 8.87
N TYR B 127 8.16 16.92 7.61
CA TYR B 127 8.85 18.00 6.92
C TYR B 127 7.88 19.12 6.51
N ALA B 128 8.15 20.33 6.98
CA ALA B 128 7.32 21.49 6.65
C ALA B 128 7.89 22.25 5.47
N GLU B 129 7.41 21.92 4.27
CA GLU B 129 7.83 22.56 3.02
C GLU B 129 9.34 22.68 2.88
N GLY B 130 9.83 23.82 3.26
CA GLY B 130 11.26 24.10 3.20
C GLY B 130 12.09 23.14 4.05
N GLU B 131 11.43 22.22 4.76
CA GLU B 131 12.14 21.26 5.60
C GLU B 131 12.40 19.94 4.87
N VAL B 132 11.80 19.76 3.69
CA VAL B 132 12.00 18.53 2.90
C VAL B 132 13.47 18.33 2.55
N GLU B 133 14.18 19.43 2.36
CA GLU B 133 15.61 19.39 2.03
C GLU B 133 16.42 19.02 3.27
N THR B 134 16.03 19.57 4.42
CA THR B 134 16.71 19.29 5.68
C THR B 134 16.46 17.86 6.13
N MET B 135 15.24 17.37 5.90
CA MET B 135 14.86 16.01 6.30
C MET B 135 15.59 14.98 5.44
N LEU B 136 15.73 15.28 4.14
CA LEU B 136 16.41 14.38 3.21
C LEU B 136 17.92 14.37 3.48
N ASP B 137 18.47 15.53 3.82
CA ASP B 137 19.90 15.65 4.11
C ASP B 137 20.24 14.91 5.40
N ARG B 138 19.37 15.03 6.40
CA ARG B 138 19.58 14.37 7.69
C ARG B 138 19.38 12.86 7.57
N TYR B 139 18.43 12.45 6.72
CA TYR B 139 18.13 11.04 6.51
C TYR B 139 19.28 10.34 5.77
N PHE B 140 19.86 11.04 4.79
CA PHE B 140 20.98 10.48 4.03
C PHE B 140 22.28 10.58 4.83
N GLU B 141 22.41 11.63 5.63
CA GLU B 141 23.60 11.84 6.45
C GLU B 141 23.62 10.87 7.63
N ALA B 142 22.44 10.61 8.21
CA ALA B 142 22.32 9.69 9.33
C ALA B 142 22.45 8.24 8.87
N TYR B 143 22.12 7.99 7.60
CA TYR B 143 22.20 6.65 7.03
C TYR B 143 23.65 6.25 6.79
N LEU B 144 24.45 7.19 6.30
CA LEU B 144 25.86 6.95 6.02
C LEU B 144 26.67 6.76 7.31
N VAL B 145 26.31 7.52 8.35
CA VAL B 145 27.00 7.44 9.63
C VAL B 145 26.62 6.17 10.40
N GLU B 146 25.36 5.73 10.26
CA GLU B 146 24.90 4.54 10.94
C GLU B 146 25.34 3.28 10.19
N HIS B 147 25.39 3.37 8.86
CA HIS B 147 25.79 2.25 8.02
C HIS B 147 24.79 1.07 8.13
N HIS B 148 23.59 1.36 8.64
CA HIS B 148 22.55 0.33 8.79
C HIS B 148 21.29 0.92 9.42
N HIS B 149 20.23 0.10 9.51
CA HIS B 149 18.96 0.53 10.09
C HIS B 149 18.48 -0.47 11.14
N HIS B 150 18.53 -0.06 12.41
CA HIS B 150 18.10 -0.91 13.52
C HIS B 150 17.08 -0.21 14.41
N HIS B 151 16.65 -0.89 15.47
CA HIS B 151 15.66 -0.34 16.41
C HIS B 151 15.99 1.11 16.77
N HIS B 152 15.10 2.03 16.39
CA HIS B 152 15.29 3.45 16.66
C HIS B 152 14.02 4.06 17.27
#